data_3TYH
#
_entry.id   3TYH
#
_cell.length_a   146.514
_cell.length_b   146.514
_cell.length_c   114.590
_cell.angle_alpha   90.00
_cell.angle_beta   90.00
_cell.angle_gamma   120.00
#
_symmetry.space_group_name_H-M   'P 32'
#
loop_
_entity.id
_entity.type
_entity.pdbx_description
1 polymer 'FbpA protein'
2 non-polymer 'COPPER (II) ION'
3 water water
#
_entity_poly.entity_id   1
_entity_poly.type   'polypeptide(L)'
_entity_poly.pdbx_seq_one_letter_code
;DITVYNGQHKEAAQAVADAFTRATGIKVKLNSAKGDQLAGQIKEEGSRSPADVFYSEQIPALATLSAANLLEPLPASTIN
ETRGKGVPVAAKKDWVALSGRSRVVVYDTRKLSEKDLEKSVLNYATPKWKNRIGYVPTSGAFLEQIVAIVKLKGEAAALK
WLKGLKEYGKPYAKNSVALQAVENGEIDAALINNYYWHAFAREKGVQNVHTRLNFVRHRDPGALVTYSGAAVLKSSQNKD
EAKKFVAFLAGKEGQRALTAVRAEYPLNPHVVSTFNLEPIAKLEAPQVSATTVSEKEHATRLLEQAGMK
;
_entity_poly.pdbx_strand_id   A,B,C,D,E,F,G,H,I
#
# COMPACT_ATOMS: atom_id res chain seq x y z
N ASP A 1 26.72 -53.76 34.31
CA ASP A 1 27.55 -52.81 35.10
C ASP A 1 26.60 -51.77 35.70
N ILE A 2 25.91 -50.98 34.90
CA ILE A 2 24.93 -50.06 35.49
C ILE A 2 23.62 -49.96 34.74
N THR A 3 22.60 -49.51 35.46
CA THR A 3 21.26 -49.34 34.89
C THR A 3 20.74 -47.93 35.12
N VAL A 4 20.37 -47.27 34.02
CA VAL A 4 19.91 -45.89 34.13
C VAL A 4 18.45 -45.78 33.80
N TYR A 5 17.73 -45.05 34.61
CA TYR A 5 16.32 -44.75 34.34
C TYR A 5 16.26 -43.50 33.47
N ASN A 6 15.73 -43.65 32.28
CA ASN A 6 15.77 -42.61 31.27
C ASN A 6 14.45 -41.98 30.85
N GLY A 7 14.23 -40.77 31.35
CA GLY A 7 13.13 -39.94 30.96
C GLY A 7 13.56 -38.95 29.89
N GLN A 8 14.65 -39.25 29.18
CA GLN A 8 15.04 -38.39 28.08
C GLN A 8 14.92 -39.15 26.80
N HIS A 9 15.16 -38.45 25.70
CA HIS A 9 15.02 -39.04 24.38
C HIS A 9 15.96 -40.25 24.29
N LYS A 10 15.38 -41.39 23.98
CA LYS A 10 16.14 -42.66 23.81
C LYS A 10 17.38 -42.55 22.91
N GLU A 11 17.29 -41.81 21.82
CA GLU A 11 18.38 -41.69 20.88
C GLU A 11 19.51 -40.93 21.58
N ALA A 12 19.19 -39.77 22.16
CA ALA A 12 20.05 -39.03 23.06
C ALA A 12 20.74 -39.93 24.08
N ALA A 13 19.96 -40.49 24.99
CA ALA A 13 20.43 -41.42 25.99
C ALA A 13 21.40 -42.49 25.45
N GLN A 14 21.03 -43.11 24.32
CA GLN A 14 21.79 -44.23 23.79
C GLN A 14 23.13 -43.70 23.34
N ALA A 15 23.11 -42.53 22.71
CA ALA A 15 24.34 -41.88 22.24
C ALA A 15 25.32 -41.69 23.39
N VAL A 16 24.77 -41.25 24.52
CA VAL A 16 25.59 -40.98 25.68
C VAL A 16 26.08 -42.24 26.42
N ALA A 17 25.19 -43.23 26.50
CA ALA A 17 25.55 -44.52 27.08
C ALA A 17 26.63 -45.23 26.23
N ASP A 18 26.42 -45.25 24.92
CA ASP A 18 27.43 -45.80 24.03
C ASP A 18 28.76 -45.10 24.13
N ALA A 19 28.74 -43.77 24.21
CA ALA A 19 29.98 -43.01 24.37
C ALA A 19 30.66 -43.31 25.71
N PHE A 20 29.87 -43.49 26.75
CA PHE A 20 30.41 -43.84 28.07
C PHE A 20 31.09 -45.18 28.12
N THR A 21 30.35 -46.19 27.64
CA THR A 21 30.87 -47.55 27.58
C THR A 21 32.21 -47.57 26.80
N ARG A 22 32.21 -46.96 25.63
CA ARG A 22 33.42 -46.93 24.81
C ARG A 22 34.61 -46.38 25.58
N ALA A 23 34.36 -45.44 26.51
CA ALA A 23 35.41 -44.69 27.18
C ALA A 23 35.91 -45.36 28.47
N THR A 24 35.01 -46.08 29.15
CA THR A 24 35.38 -46.71 30.40
C THR A 24 35.30 -48.20 30.24
N GLY A 25 34.44 -48.67 29.34
CA GLY A 25 34.17 -50.10 29.26
C GLY A 25 32.99 -50.50 30.13
N ILE A 26 32.37 -49.58 30.83
CA ILE A 26 31.25 -49.93 31.69
C ILE A 26 29.96 -50.03 30.84
N LYS A 27 29.27 -51.17 30.97
CA LYS A 27 27.98 -51.41 30.34
C LYS A 27 26.87 -50.60 31.00
N VAL A 28 25.88 -50.22 30.20
CA VAL A 28 24.75 -49.42 30.67
C VAL A 28 23.46 -49.96 30.06
N LYS A 29 22.52 -50.27 30.94
CA LYS A 29 21.22 -50.69 30.48
C LYS A 29 20.31 -49.52 30.83
N LEU A 30 19.35 -49.25 29.95
CA LEU A 30 18.46 -48.12 30.10
C LEU A 30 17.04 -48.58 30.36
N ASN A 31 16.40 -47.92 31.30
CA ASN A 31 14.97 -48.10 31.50
C ASN A 31 14.30 -46.82 31.01
N SER A 32 13.72 -46.84 29.82
CA SER A 32 13.19 -45.62 29.22
C SER A 32 11.71 -45.37 29.45
N ALA A 33 11.37 -44.38 30.25
CA ALA A 33 9.99 -43.86 30.37
C ALA A 33 9.95 -42.35 30.56
N LYS A 34 8.73 -41.82 30.55
CA LYS A 34 8.54 -40.40 30.85
C LYS A 34 9.07 -40.17 32.26
N GLY A 35 9.87 -39.11 32.43
CA GLY A 35 10.49 -38.89 33.72
C GLY A 35 9.55 -39.06 34.88
N ASP A 36 8.35 -38.45 34.75
CA ASP A 36 7.35 -38.50 35.81
C ASP A 36 7.14 -39.90 36.37
N GLN A 37 6.84 -40.86 35.52
CA GLN A 37 6.63 -42.24 35.92
C GLN A 37 7.88 -42.92 36.48
N LEU A 38 9.05 -42.42 36.15
CA LEU A 38 10.26 -43.06 36.61
C LEU A 38 10.62 -42.57 37.99
N ALA A 39 10.36 -41.28 38.26
CA ALA A 39 10.45 -40.72 39.59
C ALA A 39 9.49 -41.47 40.51
N GLY A 40 8.26 -41.63 40.03
CA GLY A 40 7.20 -42.30 40.78
C GLY A 40 7.66 -43.70 41.11
N GLN A 41 8.05 -44.43 40.07
CA GLN A 41 8.50 -45.81 40.23
C GLN A 41 9.71 -45.95 41.13
N ILE A 42 10.57 -44.94 41.13
CA ILE A 42 11.69 -44.99 42.04
C ILE A 42 11.24 -44.88 43.49
N LYS A 43 10.39 -43.89 43.76
CA LYS A 43 9.85 -43.68 45.10
C LYS A 43 9.37 -45.01 45.70
N GLU A 44 8.72 -45.84 44.89
CA GLU A 44 7.96 -46.95 45.44
C GLU A 44 8.83 -48.16 45.73
N GLU A 45 9.99 -48.23 45.08
CA GLU A 45 10.91 -49.28 45.46
C GLU A 45 11.86 -48.78 46.54
N GLY A 46 11.60 -47.56 47.00
CA GLY A 46 12.35 -46.86 48.03
C GLY A 46 13.83 -46.96 47.72
N SER A 47 14.53 -47.67 48.60
CA SER A 47 15.94 -47.95 48.42
C SER A 47 16.21 -49.43 48.13
N ARG A 48 15.26 -50.09 47.44
CA ARG A 48 15.59 -51.35 46.79
C ARG A 48 15.42 -51.27 45.25
N SER A 49 15.35 -50.06 44.71
CA SER A 49 15.22 -49.86 43.28
C SER A 49 16.47 -50.31 42.56
N PRO A 50 16.32 -50.92 41.39
CA PRO A 50 17.47 -51.31 40.57
C PRO A 50 18.18 -50.12 39.91
N ALA A 51 17.64 -48.92 40.08
CA ALA A 51 18.16 -47.78 39.33
C ALA A 51 19.45 -47.37 40.03
N ASP A 52 20.44 -47.12 39.19
CA ASP A 52 21.69 -46.53 39.63
C ASP A 52 21.70 -45.02 39.40
N VAL A 53 21.19 -44.61 38.25
CA VAL A 53 21.17 -43.25 37.80
C VAL A 53 19.79 -42.86 37.28
N PHE A 54 19.39 -41.65 37.64
CA PHE A 54 18.13 -41.15 37.07
C PHE A 54 18.47 -40.02 36.08
N TYR A 55 18.15 -40.27 34.81
CA TYR A 55 18.48 -39.36 33.74
C TYR A 55 17.25 -38.61 33.23
N SER A 56 17.04 -37.40 33.73
CA SER A 56 15.71 -36.80 33.67
C SER A 56 15.63 -35.66 32.68
N GLU A 57 14.54 -35.61 31.94
CA GLU A 57 14.26 -34.46 31.07
C GLU A 57 13.61 -33.39 31.93
N GLN A 58 13.24 -33.73 33.17
CA GLN A 58 12.47 -32.86 34.06
C GLN A 58 13.19 -32.68 35.39
N ILE A 59 13.50 -31.42 35.71
CA ILE A 59 14.16 -31.09 36.94
C ILE A 59 13.18 -31.34 38.11
N PRO A 60 11.88 -31.06 37.91
CA PRO A 60 10.90 -31.29 38.97
C PRO A 60 10.94 -32.73 39.45
N ALA A 61 11.20 -33.68 38.56
CA ALA A 61 11.31 -35.07 38.94
C ALA A 61 12.56 -35.29 39.78
N LEU A 62 13.63 -34.60 39.41
CA LEU A 62 14.86 -34.67 40.21
C LEU A 62 14.57 -34.10 41.60
N ALA A 63 13.70 -33.08 41.67
CA ALA A 63 13.43 -32.44 42.96
C ALA A 63 12.54 -33.29 43.88
N THR A 64 11.63 -34.07 43.30
CA THR A 64 10.86 -34.96 44.15
C THR A 64 11.78 -36.05 44.72
N LEU A 65 12.70 -36.53 43.91
CA LEU A 65 13.54 -37.63 44.35
C LEU A 65 14.55 -37.11 45.34
N SER A 66 14.62 -35.80 45.48
CA SER A 66 15.62 -35.19 46.33
C SER A 66 15.00 -34.91 47.69
N ALA A 67 13.83 -34.26 47.64
CA ALA A 67 13.03 -33.98 48.83
C ALA A 67 12.71 -35.29 49.57
N ALA A 68 12.90 -36.42 48.90
CA ALA A 68 12.53 -37.70 49.43
C ALA A 68 13.77 -38.44 49.92
N ASN A 69 14.89 -37.74 50.03
CA ASN A 69 16.13 -38.30 50.53
C ASN A 69 16.59 -39.53 49.75
N LEU A 70 16.37 -39.51 48.44
CA LEU A 70 16.70 -40.72 47.68
C LEU A 70 17.93 -40.50 46.81
N LEU A 71 18.42 -39.27 46.75
CA LEU A 71 19.53 -38.95 45.81
C LEU A 71 20.85 -38.80 46.53
N GLU A 72 21.93 -39.27 45.89
CA GLU A 72 23.27 -39.19 46.45
C GLU A 72 23.92 -37.85 46.13
N PRO A 73 24.40 -37.14 47.14
CA PRO A 73 25.18 -35.90 46.94
C PRO A 73 26.36 -36.10 46.02
N LEU A 74 26.61 -35.19 45.08
CA LEU A 74 27.62 -35.39 44.01
C LEU A 74 28.89 -34.58 44.24
N PRO A 75 30.03 -35.01 43.67
CA PRO A 75 31.23 -34.20 43.85
C PRO A 75 31.02 -32.76 43.35
N ALA A 76 31.66 -31.80 44.01
CA ALA A 76 31.63 -30.43 43.52
C ALA A 76 32.07 -30.29 42.06
N SER A 77 33.07 -31.05 41.69
CA SER A 77 33.65 -31.06 40.36
C SER A 77 32.59 -31.41 39.33
N THR A 78 31.74 -32.39 39.65
CA THR A 78 30.64 -32.71 38.75
C THR A 78 29.68 -31.55 38.61
N ILE A 79 29.19 -31.05 39.73
CA ILE A 79 28.19 -29.99 39.72
C ILE A 79 28.80 -28.80 39.01
N ASN A 80 30.10 -28.61 39.21
CA ASN A 80 30.81 -27.43 38.77
C ASN A 80 30.90 -27.41 37.24
N GLU A 81 30.82 -28.59 36.65
CA GLU A 81 31.02 -28.74 35.22
C GLU A 81 30.04 -27.90 34.39
N THR A 82 28.80 -27.81 34.87
CA THR A 82 27.77 -27.17 34.07
C THR A 82 27.26 -25.91 34.74
N ARG A 83 28.02 -25.45 35.72
CA ARG A 83 27.60 -24.22 36.38
C ARG A 83 27.65 -23.03 35.40
N GLY A 84 26.66 -22.16 35.51
CA GLY A 84 26.65 -20.93 34.69
C GLY A 84 25.60 -20.08 35.37
N LYS A 85 25.60 -18.77 35.15
CA LYS A 85 24.55 -17.95 35.71
C LYS A 85 23.27 -18.41 35.05
N GLY A 86 22.23 -18.63 35.84
CA GLY A 86 20.97 -19.01 35.25
C GLY A 86 20.70 -20.48 35.36
N VAL A 87 21.77 -21.26 35.46
CA VAL A 87 21.67 -22.72 35.55
C VAL A 87 21.12 -23.19 36.91
N PRO A 88 20.06 -24.02 36.91
CA PRO A 88 19.48 -24.50 38.17
C PRO A 88 20.50 -25.23 39.04
N VAL A 89 20.51 -24.93 40.34
CA VAL A 89 21.44 -25.59 41.27
C VAL A 89 20.62 -26.33 42.29
N ALA A 90 21.01 -27.59 42.51
CA ALA A 90 20.39 -28.39 43.55
C ALA A 90 20.83 -27.82 44.91
N ALA A 91 19.85 -27.50 45.74
CA ALA A 91 20.15 -26.99 47.07
C ALA A 91 21.00 -28.01 47.85
N LYS A 92 20.66 -29.28 47.63
CA LYS A 92 21.31 -30.36 48.37
C LYS A 92 22.52 -30.95 47.66
N LYS A 93 22.80 -30.52 46.43
CA LYS A 93 23.93 -30.98 45.63
C LYS A 93 23.81 -32.45 45.29
N ASP A 94 22.59 -32.88 45.05
CA ASP A 94 22.26 -34.26 44.79
C ASP A 94 21.68 -34.53 43.40
N TRP A 95 21.68 -33.51 42.55
CA TRP A 95 21.47 -33.67 41.10
C TRP A 95 22.21 -32.53 40.37
N VAL A 96 22.40 -32.70 39.07
CA VAL A 96 23.08 -31.67 38.29
C VAL A 96 22.37 -31.46 36.94
N ALA A 97 22.24 -30.20 36.56
CA ALA A 97 21.68 -29.85 35.25
C ALA A 97 22.67 -30.12 34.10
N LEU A 98 22.14 -30.52 32.94
CA LEU A 98 22.95 -31.04 31.85
C LEU A 98 22.76 -30.32 30.53
N SER A 99 21.49 -29.97 30.26
CA SER A 99 21.20 -29.31 29.02
C SER A 99 19.84 -28.63 29.11
N GLY A 100 19.55 -27.81 28.10
CA GLY A 100 18.23 -27.16 28.08
C GLY A 100 17.65 -27.14 26.70
N ARG A 101 16.36 -26.88 26.62
CA ARG A 101 15.65 -26.83 25.35
C ARG A 101 14.72 -25.63 25.48
N SER A 102 14.58 -24.88 24.40
CA SER A 102 14.00 -23.55 24.45
C SER A 102 12.68 -23.43 23.72
N ARG A 103 11.90 -22.46 24.19
CA ARG A 103 10.76 -21.98 23.44
C ARG A 103 11.23 -21.17 22.24
N VAL A 104 10.64 -21.42 21.08
CA VAL A 104 10.98 -20.56 19.93
C VAL A 104 9.78 -20.15 19.12
N VAL A 105 9.99 -19.28 18.15
CA VAL A 105 8.96 -19.05 17.14
C VAL A 105 9.57 -19.60 15.84
N VAL A 106 8.84 -20.46 15.15
CA VAL A 106 9.19 -20.81 13.76
C VAL A 106 8.35 -19.99 12.80
N TYR A 107 8.96 -19.41 11.79
CA TYR A 107 8.25 -18.55 10.87
C TYR A 107 8.57 -18.91 9.40
N ASP A 108 7.65 -18.52 8.54
CA ASP A 108 7.71 -18.78 7.10
C ASP A 108 8.55 -17.74 6.33
N THR A 109 9.80 -18.07 6.07
CA THR A 109 10.73 -17.07 5.52
C THR A 109 10.32 -16.66 4.11
N ARG A 110 9.26 -17.27 3.58
CA ARG A 110 8.74 -16.83 2.31
C ARG A 110 7.86 -15.59 2.46
N LYS A 111 7.58 -15.17 3.69
CA LYS A 111 6.73 -14.00 3.85
C LYS A 111 7.06 -13.16 5.07
N LEU A 112 7.91 -13.70 5.95
CA LEU A 112 8.24 -12.93 7.12
C LEU A 112 9.73 -13.00 7.32
N SER A 113 10.28 -11.93 7.85
CA SER A 113 11.66 -11.89 8.24
C SER A 113 11.72 -11.47 9.73
N GLU A 114 12.91 -11.43 10.31
CA GLU A 114 13.11 -11.07 11.70
C GLU A 114 12.42 -9.74 12.00
N LYS A 115 12.63 -8.71 11.19
CA LYS A 115 12.04 -7.39 11.42
C LYS A 115 10.54 -7.51 11.61
N ASP A 116 9.96 -8.63 11.20
CA ASP A 116 8.50 -8.74 11.27
C ASP A 116 7.98 -9.35 12.57
N LEU A 117 8.81 -10.11 13.26
CA LEU A 117 8.35 -10.84 14.44
C LEU A 117 8.17 -9.86 15.59
N GLU A 118 7.76 -10.35 16.76
CA GLU A 118 7.55 -9.49 17.93
C GLU A 118 8.75 -9.51 18.88
N LYS A 119 8.81 -8.53 19.77
CA LYS A 119 9.90 -8.45 20.77
C LYS A 119 9.49 -9.26 22.00
N SER A 120 8.19 -9.51 22.14
CA SER A 120 7.67 -10.30 23.29
C SER A 120 6.67 -11.37 22.84
N VAL A 121 6.83 -12.61 23.32
CA VAL A 121 5.87 -13.64 23.04
C VAL A 121 4.42 -13.28 23.37
N LEU A 122 4.25 -12.40 24.34
CA LEU A 122 2.92 -11.93 24.76
C LEU A 122 2.18 -11.15 23.67
N ASN A 123 2.93 -10.54 22.77
CA ASN A 123 2.42 -9.64 21.74
C ASN A 123 1.72 -10.42 20.65
N TYR A 124 1.93 -11.73 20.58
CA TYR A 124 1.27 -12.56 19.59
C TYR A 124 -0.25 -12.71 19.82
N ALA A 125 -0.69 -12.63 21.07
CA ALA A 125 -2.09 -12.82 21.44
C ALA A 125 -2.98 -11.64 21.03
N THR A 126 -2.79 -11.12 19.81
CA THR A 126 -3.52 -9.90 19.43
C THR A 126 -4.02 -9.94 17.99
N PRO A 127 -4.98 -9.07 17.66
CA PRO A 127 -5.62 -9.02 16.34
C PRO A 127 -4.60 -9.04 15.21
N LYS A 128 -3.50 -8.33 15.38
CA LYS A 128 -2.45 -8.26 14.38
C LYS A 128 -2.03 -9.66 13.93
N TRP A 129 -2.12 -10.65 14.82
CA TRP A 129 -1.63 -12.00 14.53
C TRP A 129 -2.81 -12.91 14.28
N LYS A 130 -3.94 -12.29 14.01
CA LYS A 130 -5.13 -13.09 13.73
C LYS A 130 -4.86 -14.04 12.57
N ASN A 131 -5.13 -15.32 12.81
CA ASN A 131 -4.90 -16.37 11.81
C ASN A 131 -3.46 -16.55 11.32
N ARG A 132 -2.51 -16.02 12.10
CA ARG A 132 -1.14 -15.98 11.64
C ARG A 132 -0.17 -16.60 12.65
N ILE A 133 -0.68 -16.96 13.83
CA ILE A 133 0.11 -17.52 14.88
C ILE A 133 -0.50 -18.83 15.33
N GLY A 134 0.22 -19.94 15.18
CA GLY A 134 -0.25 -21.23 15.68
C GLY A 134 0.25 -21.59 17.07
N TYR A 135 -0.47 -22.44 17.78
CA TYR A 135 -0.05 -22.92 19.07
C TYR A 135 -0.56 -24.30 19.36
N VAL A 136 0.01 -24.94 20.38
CA VAL A 136 -0.36 -26.32 20.71
C VAL A 136 -0.92 -26.38 22.16
N PRO A 137 -2.21 -26.09 22.33
CA PRO A 137 -2.77 -25.92 23.68
C PRO A 137 -2.70 -27.19 24.50
N THR A 138 -2.25 -28.26 23.86
CA THR A 138 -2.29 -29.56 24.49
C THR A 138 -0.92 -30.03 24.91
N SER A 139 0.11 -29.26 24.56
CA SER A 139 1.47 -29.74 24.81
C SER A 139 1.95 -29.39 26.23
N GLY A 140 2.91 -30.18 26.72
CA GLY A 140 3.51 -29.89 28.00
C GLY A 140 4.37 -28.65 27.96
N ALA A 141 5.06 -28.46 26.82
CA ALA A 141 5.86 -27.27 26.65
C ALA A 141 5.03 -25.97 26.63
N PHE A 142 3.81 -26.07 26.12
CA PHE A 142 2.91 -24.94 26.19
C PHE A 142 2.54 -24.69 27.66
N LEU A 143 2.31 -25.75 28.41
CA LEU A 143 1.92 -25.60 29.82
C LEU A 143 3.03 -25.01 30.65
N GLU A 144 4.27 -25.43 30.41
CA GLU A 144 5.45 -24.75 30.96
C GLU A 144 5.44 -23.27 30.65
N GLN A 145 5.16 -22.92 29.40
CA GLN A 145 5.18 -21.53 29.00
C GLN A 145 4.15 -20.75 29.88
N ILE A 146 2.98 -21.32 30.08
CA ILE A 146 1.95 -20.67 30.88
C ILE A 146 2.42 -20.53 32.32
N VAL A 147 3.03 -21.60 32.82
CA VAL A 147 3.59 -21.52 34.14
C VAL A 147 4.53 -20.33 34.25
N ALA A 148 5.41 -20.17 33.25
CA ALA A 148 6.45 -19.18 33.37
C ALA A 148 5.92 -17.74 33.31
N ILE A 149 4.90 -17.49 32.47
CA ILE A 149 4.26 -16.17 32.42
C ILE A 149 3.57 -15.80 33.75
N VAL A 150 2.93 -16.77 34.39
CA VAL A 150 2.31 -16.45 35.68
C VAL A 150 3.40 -16.11 36.70
N LYS A 151 4.55 -16.79 36.68
CA LYS A 151 5.62 -16.50 37.61
C LYS A 151 6.33 -15.20 37.31
N LEU A 152 6.28 -14.79 36.04
CA LEU A 152 7.04 -13.65 35.59
C LEU A 152 6.22 -12.38 35.56
N LYS A 153 4.93 -12.54 35.30
CA LYS A 153 4.12 -11.42 34.92
C LYS A 153 2.83 -11.42 35.74
N GLY A 154 2.53 -12.55 36.36
CA GLY A 154 1.34 -12.69 37.18
C GLY A 154 0.21 -13.33 36.43
N GLU A 155 -0.88 -13.54 37.14
CA GLU A 155 -1.95 -14.39 36.66
C GLU A 155 -2.78 -13.78 35.54
N ALA A 156 -3.11 -12.50 35.66
CA ALA A 156 -3.97 -11.87 34.67
C ALA A 156 -3.28 -11.83 33.33
N ALA A 157 -1.98 -11.56 33.32
CA ALA A 157 -1.17 -11.50 32.09
C ALA A 157 -1.14 -12.85 31.35
N ALA A 158 -1.07 -13.93 32.13
CA ALA A 158 -1.13 -15.26 31.56
C ALA A 158 -2.51 -15.54 30.95
N LEU A 159 -3.56 -15.29 31.72
CA LEU A 159 -4.91 -15.51 31.21
C LEU A 159 -5.24 -14.65 30.02
N LYS A 160 -4.74 -13.44 29.99
CA LYS A 160 -5.01 -12.51 28.91
C LYS A 160 -4.34 -12.95 27.59
N TRP A 161 -3.14 -13.51 27.71
CA TRP A 161 -2.40 -14.09 26.61
C TRP A 161 -3.17 -15.24 26.00
N LEU A 162 -3.71 -16.10 26.83
CA LEU A 162 -4.41 -17.29 26.40
C LEU A 162 -5.76 -16.97 25.77
N LYS A 163 -6.46 -15.96 26.30
CA LYS A 163 -7.72 -15.56 25.66
C LYS A 163 -7.50 -14.90 24.31
N GLY A 164 -6.38 -14.19 24.15
CA GLY A 164 -6.11 -13.61 22.85
C GLY A 164 -5.58 -14.58 21.83
N LEU A 165 -4.75 -15.55 22.23
CA LEU A 165 -4.46 -16.71 21.43
C LEU A 165 -5.70 -17.50 21.03
N LYS A 166 -6.60 -17.71 21.99
CA LYS A 166 -7.84 -18.41 21.66
C LYS A 166 -8.69 -17.66 20.61
N GLU A 167 -8.81 -16.34 20.73
CA GLU A 167 -9.59 -15.60 19.74
C GLU A 167 -8.85 -15.42 18.41
N TYR A 168 -7.52 -15.30 18.45
CA TYR A 168 -6.79 -14.97 17.23
C TYR A 168 -5.97 -16.09 16.66
N GLY A 169 -5.40 -16.92 17.54
CA GLY A 169 -4.38 -17.88 17.10
C GLY A 169 -5.02 -19.10 16.47
N LYS A 170 -4.20 -20.08 16.09
CA LYS A 170 -4.75 -21.29 15.51
C LYS A 170 -4.10 -22.45 16.24
N PRO A 171 -4.91 -23.35 16.81
CA PRO A 171 -4.46 -24.50 17.54
C PRO A 171 -3.96 -25.63 16.65
N TYR A 172 -2.93 -26.37 17.07
CA TYR A 172 -2.57 -27.61 16.44
C TYR A 172 -2.39 -28.67 17.48
N ALA A 173 -2.65 -29.92 17.08
CA ALA A 173 -2.59 -31.04 18.04
C ALA A 173 -1.16 -31.29 18.51
N LYS A 174 -0.18 -31.25 17.61
CA LYS A 174 1.19 -31.63 18.02
C LYS A 174 2.13 -30.51 17.69
N ASN A 175 3.26 -30.45 18.38
CA ASN A 175 4.27 -29.47 17.99
C ASN A 175 4.77 -29.76 16.57
N SER A 176 4.84 -31.03 16.21
CA SER A 176 5.31 -31.43 14.86
C SER A 176 4.26 -31.09 13.83
N VAL A 177 2.99 -31.28 14.17
CA VAL A 177 1.88 -30.88 13.27
C VAL A 177 1.92 -29.42 12.95
N ALA A 178 2.15 -28.60 13.96
CA ALA A 178 2.23 -27.13 13.77
C ALA A 178 3.47 -26.71 12.95
N LEU A 179 4.63 -27.29 13.27
CA LEU A 179 5.85 -27.04 12.50
C LEU A 179 5.57 -27.24 11.00
N GLN A 180 4.97 -28.40 10.73
CA GLN A 180 4.64 -28.74 9.33
C GLN A 180 3.62 -27.79 8.72
N ALA A 181 2.76 -27.19 9.56
CA ALA A 181 1.87 -26.12 9.10
C ALA A 181 2.59 -24.84 8.65
N VAL A 182 3.68 -24.47 9.30
CA VAL A 182 4.43 -23.31 8.84
C VAL A 182 5.20 -23.68 7.58
N GLU A 183 5.77 -24.87 7.57
CA GLU A 183 6.56 -25.30 6.42
C GLU A 183 5.66 -25.52 5.21
N ASN A 184 4.39 -25.85 5.47
CA ASN A 184 3.43 -26.11 4.39
C ASN A 184 2.81 -24.84 3.82
N GLY A 185 2.96 -23.74 4.54
CA GLY A 185 2.48 -22.45 4.01
C GLY A 185 1.04 -22.15 4.43
N GLU A 186 0.63 -22.68 5.57
CA GLU A 186 -0.75 -22.57 6.01
C GLU A 186 -0.87 -21.42 7.03
N ILE A 187 0.21 -21.11 7.74
CA ILE A 187 0.22 -19.97 8.68
C ILE A 187 1.64 -19.42 8.77
N ASP A 188 1.74 -18.13 9.09
CA ASP A 188 3.01 -17.45 9.02
C ASP A 188 4.02 -17.94 10.05
N ALA A 189 3.52 -18.28 11.23
CA ALA A 189 4.37 -18.64 12.37
C ALA A 189 3.65 -19.51 13.40
N ALA A 190 4.41 -20.01 14.35
CA ALA A 190 3.95 -20.90 15.38
C ALA A 190 4.92 -20.98 16.57
N LEU A 191 4.35 -21.17 17.74
CA LEU A 191 5.13 -21.30 18.97
C LEU A 191 5.46 -22.77 19.16
N ILE A 192 6.72 -23.15 19.06
CA ILE A 192 7.14 -24.51 19.36
C ILE A 192 8.41 -24.54 20.20
N ASN A 193 9.01 -25.72 20.32
CA ASN A 193 10.31 -25.91 20.93
C ASN A 193 11.35 -26.00 19.82
N ASN A 194 12.62 -25.76 20.12
CA ASN A 194 13.64 -25.56 19.09
C ASN A 194 14.06 -26.85 18.37
N TYR A 195 14.15 -27.95 19.12
CA TYR A 195 14.75 -29.18 18.62
C TYR A 195 13.97 -29.80 17.46
N TYR A 196 12.66 -29.57 17.39
CA TYR A 196 11.83 -30.10 16.31
C TYR A 196 12.34 -29.56 14.98
N TRP A 197 12.74 -28.28 14.97
CA TRP A 197 13.14 -27.67 13.73
C TRP A 197 14.54 -28.11 13.30
N HIS A 198 15.47 -28.16 14.26
CA HIS A 198 16.86 -28.58 13.99
C HIS A 198 16.92 -30.01 13.46
N ALA A 199 16.11 -30.87 14.05
CA ALA A 199 16.01 -32.26 13.61
C ALA A 199 15.50 -32.34 12.20
N PHE A 200 14.59 -31.44 11.85
CA PHE A 200 13.90 -31.46 10.57
C PHE A 200 14.83 -30.93 9.45
N ALA A 201 15.47 -29.80 9.72
CA ALA A 201 16.52 -29.21 8.91
C ALA A 201 17.63 -30.20 8.67
N ARG A 202 18.04 -30.91 9.72
CA ARG A 202 19.15 -31.87 9.56
C ARG A 202 18.75 -33.03 8.68
N GLU A 203 17.52 -33.51 8.84
CA GLU A 203 17.04 -34.55 7.94
C GLU A 203 16.79 -34.12 6.49
N LYS A 204 16.20 -32.94 6.29
CA LYS A 204 15.79 -32.49 4.96
C LYS A 204 16.95 -31.86 4.21
N GLY A 205 17.80 -31.09 4.89
CA GLY A 205 18.72 -30.24 4.19
C GLY A 205 18.20 -28.83 4.28
N VAL A 206 18.96 -27.96 4.93
CA VAL A 206 18.42 -26.65 5.29
C VAL A 206 18.10 -25.82 4.05
N GLN A 207 18.74 -26.10 2.91
CA GLN A 207 18.47 -25.34 1.69
C GLN A 207 17.07 -25.68 1.23
N ASN A 208 16.59 -26.85 1.63
CA ASN A 208 15.25 -27.33 1.25
C ASN A 208 14.17 -26.94 2.25
N VAL A 209 14.49 -26.18 3.29
CA VAL A 209 13.41 -25.81 4.24
C VAL A 209 13.14 -24.30 4.22
N HIS A 210 11.87 -23.94 4.23
CA HIS A 210 11.44 -22.55 4.11
C HIS A 210 11.16 -21.93 5.48
N THR A 211 11.35 -22.65 6.58
CA THR A 211 11.13 -22.11 7.91
C THR A 211 12.46 -21.79 8.59
N ARG A 212 12.43 -20.77 9.45
CA ARG A 212 13.53 -20.42 10.36
C ARG A 212 13.00 -20.11 11.74
N LEU A 213 13.91 -19.98 12.68
CA LEU A 213 13.52 -19.80 14.08
C LEU A 213 13.81 -18.38 14.55
N ASN A 214 12.98 -17.89 15.47
CA ASN A 214 13.17 -16.61 16.14
C ASN A 214 13.34 -16.93 17.62
N PHE A 215 14.35 -16.30 18.20
CA PHE A 215 14.50 -16.34 19.66
C PHE A 215 14.24 -14.93 20.16
N VAL A 216 13.45 -14.81 21.21
CA VAL A 216 13.07 -13.49 21.69
C VAL A 216 14.14 -12.92 22.59
N ARG A 217 14.78 -13.77 23.41
CA ARG A 217 15.76 -13.25 24.40
C ARG A 217 15.14 -12.21 25.32
N HIS A 218 15.93 -11.25 25.79
CA HIS A 218 15.48 -10.12 26.61
C HIS A 218 14.85 -10.57 27.92
N ARG A 219 15.18 -11.79 28.36
CA ARG A 219 14.59 -12.42 29.54
C ARG A 219 13.10 -12.50 29.41
N ASP A 220 12.61 -12.54 28.19
CA ASP A 220 11.15 -12.60 27.97
C ASP A 220 10.63 -13.98 28.44
N PRO A 221 9.34 -14.07 28.81
CA PRO A 221 8.83 -15.42 29.11
C PRO A 221 9.02 -16.35 27.91
N GLY A 222 9.06 -15.78 26.70
CA GLY A 222 9.15 -16.65 25.53
C GLY A 222 10.58 -17.11 25.29
N ALA A 223 11.53 -16.65 26.08
CA ALA A 223 12.89 -17.17 25.95
C ALA A 223 13.11 -18.35 26.91
N LEU A 224 12.02 -18.93 27.40
CA LEU A 224 12.06 -19.96 28.47
C LEU A 224 12.87 -21.19 28.09
N VAL A 225 13.91 -21.53 28.84
CA VAL A 225 14.68 -22.76 28.68
C VAL A 225 14.26 -23.82 29.72
N THR A 226 13.96 -25.03 29.24
CA THR A 226 13.62 -26.10 30.18
C THR A 226 14.86 -27.02 30.27
N TYR A 227 15.24 -27.37 31.49
CA TYR A 227 16.49 -28.11 31.70
C TYR A 227 16.33 -29.60 31.94
N SER A 228 17.32 -30.34 31.46
CA SER A 228 17.39 -31.75 31.83
C SER A 228 18.47 -31.93 32.89
N GLY A 229 18.53 -33.07 33.57
CA GLY A 229 19.55 -33.25 34.62
C GLY A 229 19.74 -34.73 34.85
N ALA A 230 20.59 -35.03 35.86
CA ALA A 230 20.75 -36.41 36.29
C ALA A 230 21.07 -36.49 37.75
N ALA A 231 20.80 -37.66 38.33
CA ALA A 231 21.14 -37.92 39.74
C ALA A 231 21.46 -39.42 39.94
N VAL A 232 22.24 -39.70 40.98
CA VAL A 232 22.53 -41.07 41.39
C VAL A 232 21.72 -41.36 42.65
N LEU A 233 21.05 -42.51 42.64
CA LEU A 233 20.24 -42.97 43.75
C LEU A 233 21.10 -43.50 44.90
N LYS A 234 20.72 -43.12 46.12
CA LYS A 234 21.44 -43.50 47.33
C LYS A 234 21.32 -44.99 47.60
N SER A 235 20.51 -45.69 46.81
CA SER A 235 20.33 -47.13 46.92
C SER A 235 21.22 -47.90 45.97
N SER A 236 21.79 -47.19 44.99
CA SER A 236 22.64 -47.87 44.05
C SER A 236 23.72 -48.76 44.69
N GLN A 237 23.76 -50.02 44.24
CA GLN A 237 24.86 -50.93 44.57
C GLN A 237 25.99 -50.77 43.56
N ASN A 238 25.91 -49.74 42.72
CA ASN A 238 27.03 -49.34 41.87
C ASN A 238 27.34 -47.84 41.91
N LYS A 239 27.63 -47.33 43.10
CA LYS A 239 27.75 -45.88 43.32
C LYS A 239 28.98 -45.20 42.69
N ASP A 240 30.11 -45.91 42.61
CA ASP A 240 31.31 -45.27 42.04
C ASP A 240 31.16 -45.20 40.52
N GLU A 241 30.55 -46.23 39.94
CA GLU A 241 30.35 -46.32 38.49
C GLU A 241 29.14 -45.52 38.05
N ALA A 242 28.22 -45.30 39.00
CA ALA A 242 27.07 -44.44 38.76
C ALA A 242 27.48 -42.97 38.83
N LYS A 243 28.28 -42.60 39.84
CA LYS A 243 28.83 -41.27 39.91
C LYS A 243 29.73 -41.00 38.70
N LYS A 244 30.47 -42.03 38.24
CA LYS A 244 31.32 -41.84 37.07
C LYS A 244 30.53 -41.40 35.86
N PHE A 245 29.41 -42.08 35.65
CA PHE A 245 28.51 -41.76 34.54
C PHE A 245 27.97 -40.33 34.56
N VAL A 246 27.54 -39.87 35.74
CA VAL A 246 26.98 -38.52 35.83
C VAL A 246 28.05 -37.50 35.55
N ALA A 247 29.24 -37.75 36.08
CA ALA A 247 30.40 -36.92 35.80
C ALA A 247 30.62 -36.94 34.29
N PHE A 248 30.56 -38.12 33.67
CA PHE A 248 30.74 -38.20 32.21
C PHE A 248 29.75 -37.25 31.51
N LEU A 249 28.50 -37.30 31.94
CA LEU A 249 27.39 -36.60 31.29
C LEU A 249 27.57 -35.11 31.41
N ALA A 250 28.17 -34.66 32.50
CA ALA A 250 28.43 -33.24 32.77
C ALA A 250 29.72 -32.84 32.08
N GLY A 251 30.60 -33.81 31.85
CA GLY A 251 31.91 -33.55 31.24
C GLY A 251 31.86 -33.25 29.75
N LYS A 252 33.02 -32.84 29.23
CA LYS A 252 33.15 -32.44 27.84
C LYS A 252 32.72 -33.57 26.93
N GLU A 253 33.31 -34.73 27.18
CA GLU A 253 33.04 -35.85 26.34
C GLU A 253 31.55 -36.17 26.34
N GLY A 254 30.96 -36.33 27.51
CA GLY A 254 29.56 -36.70 27.66
C GLY A 254 28.70 -35.71 26.89
N GLN A 255 29.08 -34.44 27.04
CA GLN A 255 28.29 -33.38 26.49
C GLN A 255 28.36 -33.24 24.98
N ARG A 256 29.54 -33.40 24.37
CA ARG A 256 29.63 -33.44 22.90
C ARG A 256 28.87 -34.62 22.27
N ALA A 257 28.85 -35.75 22.97
CA ALA A 257 28.17 -36.94 22.49
C ALA A 257 26.67 -36.64 22.50
N LEU A 258 26.19 -36.00 23.56
CA LEU A 258 24.79 -35.65 23.65
C LEU A 258 24.47 -34.87 22.38
N THR A 259 25.16 -33.77 22.18
CA THR A 259 24.80 -32.72 21.26
C THR A 259 25.26 -33.10 19.84
N ALA A 260 25.63 -34.38 19.66
CA ALA A 260 25.87 -34.95 18.34
C ALA A 260 24.57 -35.42 17.71
N VAL A 261 23.61 -35.77 18.55
CA VAL A 261 22.40 -36.43 18.10
C VAL A 261 21.14 -35.62 18.41
N ARG A 262 21.26 -34.68 19.34
CA ARG A 262 20.11 -33.92 19.83
C ARG A 262 20.41 -32.43 19.85
N ALA A 263 19.45 -31.64 19.38
CA ALA A 263 19.52 -30.18 19.47
C ALA A 263 19.10 -29.62 20.84
N GLU A 264 19.79 -30.06 21.89
CA GLU A 264 19.66 -29.46 23.21
C GLU A 264 20.87 -28.58 23.44
N TYR A 265 20.68 -27.47 24.18
CA TYR A 265 21.83 -26.64 24.50
C TYR A 265 22.71 -27.17 25.61
N PRO A 266 24.02 -27.35 25.33
CA PRO A 266 24.95 -27.87 26.33
C PRO A 266 25.13 -26.82 27.43
N LEU A 267 25.09 -27.26 28.68
CA LEU A 267 25.45 -26.40 29.81
C LEU A 267 26.96 -26.31 29.97
N ASN A 268 27.66 -27.30 29.42
CA ASN A 268 29.10 -27.28 29.45
C ASN A 268 29.59 -26.31 28.39
N PRO A 269 30.37 -25.29 28.81
CA PRO A 269 30.71 -24.16 27.93
C PRO A 269 31.82 -24.44 26.95
N HIS A 270 32.57 -25.52 27.13
CA HIS A 270 33.62 -25.91 26.17
C HIS A 270 33.03 -26.67 24.96
N VAL A 271 31.74 -26.95 25.02
CA VAL A 271 31.14 -27.82 24.00
C VAL A 271 30.44 -27.04 22.90
N VAL A 272 30.92 -27.23 21.68
CA VAL A 272 30.19 -26.69 20.54
C VAL A 272 29.28 -27.79 19.97
N SER A 273 28.00 -27.47 19.80
CA SER A 273 27.05 -28.41 19.25
C SER A 273 27.29 -28.74 17.76
N THR A 274 26.82 -29.90 17.32
CA THR A 274 26.84 -30.20 15.88
C THR A 274 25.69 -29.49 15.18
N PHE A 275 24.79 -28.91 15.97
CA PHE A 275 23.68 -28.09 15.46
C PHE A 275 24.02 -26.64 15.62
N ASN A 276 23.33 -25.79 14.89
CA ASN A 276 23.61 -24.33 14.83
C ASN A 276 22.96 -23.65 16.01
N LEU A 277 23.47 -23.91 17.20
CA LEU A 277 22.88 -23.34 18.42
C LEU A 277 23.90 -22.29 18.88
N GLU A 278 23.41 -21.17 19.37
CA GLU A 278 24.29 -20.19 19.99
C GLU A 278 24.61 -20.70 21.37
N PRO A 279 25.54 -20.05 22.10
CA PRO A 279 25.70 -20.42 23.49
C PRO A 279 24.45 -20.10 24.25
N ILE A 280 24.09 -20.99 25.17
CA ILE A 280 22.84 -20.83 25.94
C ILE A 280 22.66 -19.45 26.58
N ALA A 281 23.73 -18.92 27.19
CA ALA A 281 23.70 -17.57 27.76
C ALA A 281 23.20 -16.51 26.79
N LYS A 282 23.43 -16.74 25.49
CA LYS A 282 23.01 -15.76 24.48
C LYS A 282 21.49 -15.74 24.23
N LEU A 283 20.84 -16.84 24.59
CA LEU A 283 19.38 -16.95 24.58
C LEU A 283 18.75 -15.96 25.54
N GLU A 284 19.49 -15.64 26.60
CA GLU A 284 18.98 -14.76 27.66
C GLU A 284 17.66 -15.25 28.20
N ALA A 285 17.65 -16.52 28.59
CA ALA A 285 16.43 -17.12 29.22
C ALA A 285 16.15 -16.45 30.56
N PRO A 286 14.86 -16.30 30.91
CA PRO A 286 14.50 -15.65 32.17
C PRO A 286 14.80 -16.60 33.34
N GLN A 287 15.09 -16.02 34.50
CA GLN A 287 15.18 -16.80 35.71
C GLN A 287 13.77 -17.22 36.11
N VAL A 288 13.62 -18.54 36.22
CA VAL A 288 12.36 -19.16 36.58
C VAL A 288 12.58 -20.34 37.52
N SER A 289 11.83 -20.36 38.63
CA SER A 289 11.90 -21.43 39.60
C SER A 289 11.31 -22.73 39.05
N ALA A 290 11.55 -23.81 39.77
CA ALA A 290 11.07 -25.13 39.36
C ALA A 290 9.55 -25.17 39.28
N THR A 291 9.00 -25.93 38.34
CA THR A 291 7.56 -26.02 38.20
C THR A 291 7.05 -27.02 39.24
N THR A 292 5.95 -26.67 39.92
CA THR A 292 5.37 -27.56 40.93
C THR A 292 4.09 -28.13 40.37
N VAL A 293 3.61 -29.17 41.06
CA VAL A 293 2.29 -29.73 40.80
C VAL A 293 1.23 -28.65 40.80
N SER A 294 1.14 -27.88 41.89
CA SER A 294 0.18 -26.74 41.96
C SER A 294 0.16 -25.78 40.78
N GLU A 295 1.34 -25.40 40.33
CA GLU A 295 1.47 -24.57 39.16
C GLU A 295 0.87 -25.18 37.91
N LYS A 296 1.22 -26.45 37.70
CA LYS A 296 0.65 -27.10 36.48
C LYS A 296 -0.87 -27.13 36.62
N GLU A 297 -1.29 -27.37 37.85
CA GLU A 297 -2.68 -27.32 38.26
C GLU A 297 -3.28 -25.96 37.93
N HIS A 298 -2.63 -24.92 38.44
CA HIS A 298 -3.05 -23.57 38.21
C HIS A 298 -3.20 -23.32 36.73
N ALA A 299 -2.20 -23.74 35.97
CA ALA A 299 -2.12 -23.40 34.52
C ALA A 299 -3.25 -24.09 33.74
N THR A 300 -3.53 -25.33 34.10
CA THR A 300 -4.53 -26.13 33.40
C THR A 300 -5.89 -25.48 33.61
N ARG A 301 -6.13 -24.93 34.81
CA ARG A 301 -7.33 -24.12 35.07
C ARG A 301 -7.37 -22.95 34.11
N LEU A 302 -6.29 -22.18 34.08
CA LEU A 302 -6.19 -21.04 33.15
C LEU A 302 -6.55 -21.49 31.72
N LEU A 303 -6.04 -22.63 31.30
CA LEU A 303 -6.35 -23.18 29.96
C LEU A 303 -7.83 -23.39 29.81
N GLU A 304 -8.44 -23.92 30.89
CA GLU A 304 -9.87 -24.21 30.79
C GLU A 304 -10.66 -22.91 30.86
N GLN A 305 -10.09 -21.90 31.49
CA GLN A 305 -10.76 -20.61 31.60
C GLN A 305 -10.79 -19.90 30.27
N ALA A 306 -9.72 -20.08 29.52
CA ALA A 306 -9.54 -19.35 28.28
C ALA A 306 -10.30 -20.03 27.15
N GLY A 307 -10.74 -21.25 27.41
CA GLY A 307 -11.44 -22.06 26.37
C GLY A 307 -10.50 -22.97 25.60
N MET A 308 -9.75 -23.84 26.27
CA MET A 308 -8.76 -24.63 25.55
C MET A 308 -8.74 -26.05 26.11
N LYS A 309 -9.44 -26.28 27.22
CA LYS A 309 -9.36 -27.57 27.89
C LYS A 309 -10.49 -27.88 28.87
N ASP B 1 -46.26 -34.27 -6.64
CA ASP B 1 -47.24 -33.82 -7.66
C ASP B 1 -48.41 -33.07 -7.02
N ILE B 2 -48.79 -31.94 -7.61
CA ILE B 2 -49.77 -31.05 -6.96
C ILE B 2 -51.17 -30.98 -7.59
N THR B 3 -52.14 -30.56 -6.78
CA THR B 3 -53.49 -30.32 -7.26
C THR B 3 -53.79 -28.82 -7.09
N VAL B 4 -54.31 -28.22 -8.15
CA VAL B 4 -54.55 -26.77 -8.12
C VAL B 4 -55.99 -26.41 -8.48
N TYR B 5 -56.61 -25.68 -7.56
CA TYR B 5 -57.96 -25.22 -7.82
C TYR B 5 -57.78 -23.93 -8.61
N ASN B 6 -58.44 -23.84 -9.74
CA ASN B 6 -58.20 -22.80 -10.73
C ASN B 6 -59.45 -22.10 -11.30
N GLY B 7 -59.63 -20.85 -10.90
CA GLY B 7 -60.69 -20.01 -11.46
C GLY B 7 -60.26 -19.22 -12.68
N GLN B 8 -58.94 -19.14 -12.89
CA GLN B 8 -58.40 -18.50 -14.08
C GLN B 8 -58.88 -19.28 -15.31
N HIS B 9 -58.77 -18.67 -16.49
CA HIS B 9 -59.00 -19.36 -17.73
C HIS B 9 -58.37 -20.75 -17.65
N LYS B 10 -59.06 -21.73 -18.22
CA LYS B 10 -58.54 -23.11 -18.23
C LYS B 10 -57.21 -23.15 -18.98
N GLU B 11 -57.30 -22.77 -20.25
CA GLU B 11 -56.18 -22.87 -21.16
C GLU B 11 -55.00 -22.04 -20.68
N ALA B 12 -55.29 -20.86 -20.14
CA ALA B 12 -54.26 -20.05 -19.49
C ALA B 12 -53.48 -20.85 -18.46
N ALA B 13 -54.24 -21.34 -17.48
CA ALA B 13 -53.67 -22.15 -16.41
C ALA B 13 -52.81 -23.28 -16.98
N GLN B 14 -53.19 -23.86 -18.11
CA GLN B 14 -52.52 -25.02 -18.69
C GLN B 14 -51.10 -24.68 -19.13
N ALA B 15 -50.96 -23.54 -19.80
CA ALA B 15 -49.64 -23.01 -20.15
C ALA B 15 -48.73 -22.86 -18.95
N VAL B 16 -49.24 -22.26 -17.89
CA VAL B 16 -48.41 -21.93 -16.74
C VAL B 16 -48.10 -23.23 -16.00
N ALA B 17 -48.90 -24.26 -16.24
CA ALA B 17 -48.67 -25.54 -15.54
C ALA B 17 -47.71 -26.47 -16.30
N ASP B 18 -47.89 -26.49 -17.61
CA ASP B 18 -46.96 -27.23 -18.43
C ASP B 18 -45.63 -26.52 -18.15
N ALA B 19 -45.62 -25.21 -18.36
CA ALA B 19 -44.41 -24.43 -18.05
C ALA B 19 -43.70 -24.78 -16.76
N PHE B 20 -44.46 -25.06 -15.73
CA PHE B 20 -43.93 -25.37 -14.41
C PHE B 20 -43.33 -26.77 -14.37
N THR B 21 -44.01 -27.68 -15.09
CA THR B 21 -43.59 -29.08 -15.16
C THR B 21 -42.25 -29.17 -15.89
N ARG B 22 -42.16 -28.43 -17.00
CA ARG B 22 -40.93 -28.31 -17.78
C ARG B 22 -39.79 -27.95 -16.87
N ALA B 23 -40.08 -27.05 -15.93
CA ALA B 23 -38.99 -26.45 -15.19
C ALA B 23 -38.61 -27.19 -13.93
N THR B 24 -39.52 -28.03 -13.41
CA THR B 24 -39.30 -28.67 -12.11
C THR B 24 -39.57 -30.18 -12.08
N GLY B 25 -40.05 -30.75 -13.17
CA GLY B 25 -40.38 -32.19 -13.17
C GLY B 25 -41.70 -32.49 -12.43
N ILE B 26 -42.29 -31.49 -11.78
CA ILE B 26 -43.47 -31.70 -10.92
C ILE B 26 -44.75 -31.61 -11.71
N LYS B 27 -45.56 -32.67 -11.67
CA LYS B 27 -46.80 -32.74 -12.45
C LYS B 27 -47.95 -32.16 -11.63
N VAL B 28 -48.92 -31.57 -12.30
CA VAL B 28 -49.97 -30.80 -11.62
C VAL B 28 -51.32 -31.14 -12.24
N LYS B 29 -52.32 -31.30 -11.37
CA LYS B 29 -53.71 -31.51 -11.79
C LYS B 29 -54.58 -30.27 -11.58
N LEU B 30 -55.46 -29.97 -12.52
CA LEU B 30 -56.20 -28.72 -12.52
C LEU B 30 -57.63 -28.87 -12.00
N ASN B 31 -57.79 -28.66 -10.69
CA ASN B 31 -59.11 -28.46 -10.15
C ASN B 31 -59.65 -27.11 -10.67
N SER B 32 -60.57 -27.12 -11.63
CA SER B 32 -61.03 -25.85 -12.19
C SER B 32 -62.47 -25.46 -11.88
N ALA B 33 -62.73 -24.16 -11.91
CA ALA B 33 -64.08 -23.56 -11.81
C ALA B 33 -63.95 -22.17 -11.22
N LYS B 34 -64.97 -21.32 -11.36
CA LYS B 34 -64.95 -20.00 -10.73
C LYS B 34 -64.37 -20.07 -9.34
N GLY B 35 -63.73 -18.99 -8.91
CA GLY B 35 -63.02 -18.93 -7.63
C GLY B 35 -63.83 -18.81 -6.35
N ASP B 36 -65.08 -18.39 -6.46
CA ASP B 36 -65.96 -18.23 -5.29
C ASP B 36 -66.59 -19.58 -5.02
N GLN B 37 -66.56 -20.45 -6.03
CA GLN B 37 -66.85 -21.84 -5.81
C GLN B 37 -65.68 -22.63 -5.25
N LEU B 38 -64.55 -22.49 -5.91
CA LEU B 38 -63.40 -23.29 -5.48
C LEU B 38 -63.12 -22.98 -4.01
N ALA B 39 -63.33 -21.72 -3.65
CA ALA B 39 -63.04 -21.33 -2.28
C ALA B 39 -64.05 -21.94 -1.29
N GLY B 40 -65.26 -22.17 -1.77
CA GLY B 40 -66.23 -22.91 -0.96
C GLY B 40 -65.66 -24.30 -0.66
N GLN B 41 -65.51 -25.08 -1.72
CA GLN B 41 -64.89 -26.40 -1.62
C GLN B 41 -63.76 -26.35 -0.63
N ILE B 42 -62.89 -25.36 -0.75
CA ILE B 42 -61.76 -25.25 0.15
C ILE B 42 -62.21 -25.19 1.61
N LYS B 43 -62.96 -24.14 1.98
CA LYS B 43 -63.29 -23.84 3.37
C LYS B 43 -63.90 -25.06 4.07
N GLU B 44 -64.80 -25.75 3.38
CA GLU B 44 -65.46 -26.86 4.04
C GLU B 44 -64.51 -27.98 4.47
N GLU B 45 -63.22 -27.83 4.18
CA GLU B 45 -62.20 -28.76 4.67
C GLU B 45 -61.40 -28.06 5.76
N GLY B 46 -60.49 -27.18 5.35
CA GLY B 46 -59.63 -26.44 6.27
C GLY B 46 -58.41 -27.26 6.63
N SER B 47 -58.66 -28.53 6.94
CA SER B 47 -57.61 -29.48 7.29
C SER B 47 -57.61 -30.68 6.34
N ARG B 48 -58.65 -30.84 5.52
CA ARG B 48 -58.85 -32.04 4.71
C ARG B 48 -59.02 -31.79 3.21
N SER B 49 -58.38 -30.73 2.71
CA SER B 49 -58.51 -30.38 1.29
C SER B 49 -57.64 -31.21 0.34
N PRO B 50 -58.21 -31.57 -0.82
CA PRO B 50 -57.48 -32.21 -1.91
C PRO B 50 -56.41 -31.29 -2.51
N ALA B 51 -56.51 -30.00 -2.19
CA ALA B 51 -55.83 -28.96 -2.94
C ALA B 51 -54.56 -28.42 -2.30
N ASP B 52 -53.65 -27.94 -3.14
CA ASP B 52 -52.36 -27.39 -2.69
C ASP B 52 -52.24 -25.91 -3.02
N VAL B 53 -52.86 -25.55 -4.15
CA VAL B 53 -52.83 -24.16 -4.59
C VAL B 53 -54.18 -23.66 -5.09
N PHE B 54 -54.50 -22.47 -4.57
CA PHE B 54 -55.71 -21.80 -5.01
C PHE B 54 -55.26 -20.70 -5.95
N TYR B 55 -55.64 -20.88 -7.22
CA TYR B 55 -55.32 -19.86 -8.24
C TYR B 55 -56.59 -19.16 -8.61
N SER B 56 -56.75 -17.93 -8.10
CA SER B 56 -58.05 -17.25 -8.22
C SER B 56 -58.11 -16.07 -9.20
N GLU B 57 -59.17 -16.00 -10.00
CA GLU B 57 -59.50 -14.80 -10.78
C GLU B 57 -59.95 -13.68 -9.86
N GLN B 58 -60.18 -14.01 -8.58
CA GLN B 58 -60.84 -13.16 -7.60
C GLN B 58 -60.10 -13.00 -6.28
N ILE B 59 -59.68 -11.79 -5.94
CA ILE B 59 -59.06 -11.53 -4.63
C ILE B 59 -59.96 -11.84 -3.41
N PRO B 60 -61.22 -11.39 -3.48
CA PRO B 60 -62.16 -11.61 -2.37
C PRO B 60 -62.40 -13.10 -2.08
N ALA B 61 -62.29 -13.96 -3.09
CA ALA B 61 -62.34 -15.41 -2.90
C ALA B 61 -61.07 -15.92 -2.21
N LEU B 62 -60.03 -15.10 -2.17
CA LEU B 62 -58.80 -15.39 -1.43
C LEU B 62 -58.91 -14.63 -0.09
N ALA B 63 -59.61 -13.50 -0.07
CA ALA B 63 -59.83 -12.77 1.18
C ALA B 63 -60.53 -13.60 2.27
N THR B 64 -61.52 -14.37 1.82
CA THR B 64 -62.24 -15.19 2.77
C THR B 64 -61.36 -16.22 3.44
N LEU B 65 -60.54 -16.91 2.65
CA LEU B 65 -59.75 -18.01 3.23
C LEU B 65 -58.74 -17.42 4.20
N SER B 66 -58.16 -16.31 3.79
CA SER B 66 -57.35 -15.49 4.67
C SER B 66 -58.09 -15.32 5.98
N ALA B 67 -59.35 -14.88 5.88
CA ALA B 67 -60.20 -14.65 7.05
C ALA B 67 -60.39 -15.92 7.87
N ALA B 68 -60.71 -17.02 7.20
CA ALA B 68 -60.82 -18.30 7.88
C ALA B 68 -59.43 -18.74 8.38
N ASN B 69 -58.44 -17.87 8.22
CA ASN B 69 -57.08 -18.18 8.61
C ASN B 69 -56.64 -19.50 7.98
N LEU B 70 -57.04 -19.76 6.73
CA LEU B 70 -56.94 -21.09 6.12
C LEU B 70 -55.88 -21.09 5.01
N LEU B 71 -55.12 -20.01 4.99
CA LEU B 71 -54.09 -19.89 3.98
C LEU B 71 -52.81 -19.93 4.76
N GLU B 72 -51.86 -20.70 4.22
CA GLU B 72 -50.51 -20.72 4.70
C GLU B 72 -49.78 -19.48 4.16
N PRO B 73 -49.24 -18.63 5.06
CA PRO B 73 -48.42 -17.51 4.65
C PRO B 73 -47.35 -17.83 3.60
N LEU B 74 -46.80 -16.80 2.98
CA LEU B 74 -45.84 -16.93 1.87
C LEU B 74 -44.60 -16.17 2.31
N PRO B 75 -43.44 -16.58 1.78
CA PRO B 75 -42.18 -15.92 2.06
C PRO B 75 -42.23 -14.49 1.53
N ALA B 76 -41.54 -13.55 2.18
CA ALA B 76 -41.56 -12.19 1.72
C ALA B 76 -41.13 -12.07 0.25
N SER B 77 -40.25 -12.97 -0.15
CA SER B 77 -39.60 -12.95 -1.43
C SER B 77 -40.59 -13.31 -2.54
N THR B 78 -41.61 -14.06 -2.17
CA THR B 78 -42.65 -14.35 -3.14
C THR B 78 -43.50 -13.07 -3.29
N ILE B 79 -43.96 -12.60 -2.13
CA ILE B 79 -44.91 -11.50 -2.13
C ILE B 79 -44.37 -10.20 -2.71
N ASN B 80 -43.07 -9.95 -2.53
CA ASN B 80 -42.50 -8.71 -3.01
C ASN B 80 -42.35 -8.65 -4.53
N GLU B 81 -42.35 -9.81 -5.17
CA GLU B 81 -42.11 -9.83 -6.61
C GLU B 81 -43.15 -8.97 -7.39
N THR B 82 -44.41 -9.06 -6.95
CA THR B 82 -45.49 -8.34 -7.63
C THR B 82 -45.80 -7.07 -6.87
N ARG B 83 -45.01 -6.77 -5.85
CA ARG B 83 -45.30 -5.59 -5.06
C ARG B 83 -45.28 -4.34 -5.90
N GLY B 84 -46.21 -3.42 -5.67
CA GLY B 84 -46.25 -2.22 -6.47
C GLY B 84 -47.30 -1.27 -5.95
N LYS B 85 -47.09 0.02 -6.16
CA LYS B 85 -47.88 1.10 -5.59
C LYS B 85 -49.34 0.70 -5.42
N GLY B 86 -50.12 0.72 -6.48
CA GLY B 86 -51.56 0.45 -6.25
C GLY B 86 -51.92 -1.02 -6.11
N VAL B 87 -50.92 -1.89 -6.07
CA VAL B 87 -51.16 -3.31 -5.96
C VAL B 87 -51.67 -3.69 -4.56
N PRO B 88 -52.66 -4.61 -4.49
CA PRO B 88 -53.21 -5.07 -3.22
C PRO B 88 -52.19 -5.88 -2.41
N VAL B 89 -52.31 -5.82 -1.10
CA VAL B 89 -51.45 -6.60 -0.23
C VAL B 89 -52.32 -7.38 0.76
N ALA B 90 -52.00 -8.65 0.92
CA ALA B 90 -52.55 -9.50 1.98
C ALA B 90 -52.04 -9.16 3.37
N ALA B 91 -52.92 -8.82 4.32
CA ALA B 91 -52.46 -8.49 5.69
C ALA B 91 -51.83 -9.67 6.43
N LYS B 92 -52.41 -10.86 6.32
CA LYS B 92 -51.83 -12.04 6.96
C LYS B 92 -50.72 -12.62 6.09
N LYS B 93 -50.18 -11.79 5.18
CA LYS B 93 -49.22 -12.23 4.16
C LYS B 93 -49.48 -13.64 3.68
N ASP B 94 -50.74 -13.99 3.48
CA ASP B 94 -51.07 -15.35 3.05
C ASP B 94 -51.51 -15.49 1.61
N TRP B 95 -51.60 -14.38 0.90
CA TRP B 95 -51.85 -14.41 -0.55
C TRP B 95 -51.05 -13.39 -1.33
N VAL B 96 -50.91 -13.65 -2.63
CA VAL B 96 -50.12 -12.77 -3.47
C VAL B 96 -50.84 -12.47 -4.79
N ALA B 97 -50.85 -11.20 -5.17
CA ALA B 97 -51.44 -10.73 -6.43
C ALA B 97 -50.50 -11.02 -7.63
N LEU B 98 -51.08 -11.42 -8.74
CA LEU B 98 -50.34 -11.91 -9.89
C LEU B 98 -50.58 -11.08 -11.14
N SER B 99 -51.85 -10.77 -11.44
CA SER B 99 -52.14 -10.01 -12.65
C SER B 99 -53.42 -9.21 -12.56
N GLY B 100 -53.55 -8.23 -13.45
CA GLY B 100 -54.71 -7.33 -13.52
C GLY B 100 -55.44 -7.57 -14.82
N ARG B 101 -56.76 -7.37 -14.73
CA ARG B 101 -57.66 -7.30 -15.87
C ARG B 101 -58.32 -5.92 -15.92
N SER B 102 -58.46 -5.32 -17.12
CA SER B 102 -58.97 -3.95 -17.18
C SER B 102 -60.30 -3.69 -17.90
N ARG B 103 -61.10 -2.79 -17.35
CA ARG B 103 -62.25 -2.26 -18.06
C ARG B 103 -61.71 -1.47 -19.24
N VAL B 104 -62.42 -1.55 -20.37
CA VAL B 104 -62.05 -0.70 -21.50
C VAL B 104 -63.24 -0.24 -22.36
N VAL B 105 -62.97 0.80 -23.14
CA VAL B 105 -63.88 1.13 -24.23
C VAL B 105 -63.33 0.72 -25.56
N VAL B 106 -63.99 -0.26 -26.18
CA VAL B 106 -63.60 -0.66 -27.53
C VAL B 106 -64.46 0.17 -28.50
N TYR B 107 -63.82 0.78 -29.50
CA TYR B 107 -64.48 1.65 -30.45
C TYR B 107 -64.09 1.31 -31.90
N ASP B 108 -64.98 1.72 -32.79
CA ASP B 108 -64.76 1.48 -34.23
C ASP B 108 -63.99 2.65 -34.86
N THR B 109 -62.79 2.38 -35.37
CA THR B 109 -61.91 3.42 -35.92
C THR B 109 -62.42 4.01 -37.24
N ARG B 110 -63.42 3.36 -37.82
CA ARG B 110 -64.03 3.93 -39.01
C ARG B 110 -65.03 5.02 -38.63
N LYS B 111 -65.55 4.95 -37.40
CA LYS B 111 -66.54 5.93 -36.94
C LYS B 111 -66.02 6.98 -35.95
N LEU B 112 -64.82 6.77 -35.41
CA LEU B 112 -64.24 7.81 -34.60
C LEU B 112 -62.79 7.60 -34.26
N SER B 113 -62.16 8.62 -33.70
CA SER B 113 -60.78 8.53 -33.26
C SER B 113 -60.75 8.67 -31.74
N GLU B 114 -59.57 8.48 -31.15
CA GLU B 114 -59.35 8.47 -29.69
C GLU B 114 -59.71 9.80 -29.07
N LYS B 115 -59.44 10.90 -29.76
CA LYS B 115 -59.86 12.21 -29.30
C LYS B 115 -61.37 12.35 -29.09
N ASP B 116 -62.15 11.68 -29.94
CA ASP B 116 -63.63 11.75 -29.87
C ASP B 116 -64.25 11.08 -28.63
N LEU B 117 -63.47 10.38 -27.83
CA LEU B 117 -64.02 9.57 -26.74
C LEU B 117 -64.17 10.40 -25.46
N GLU B 118 -64.76 9.81 -24.43
CA GLU B 118 -65.03 10.51 -23.17
C GLU B 118 -63.84 10.40 -22.26
N LYS B 119 -63.68 11.42 -21.41
CA LYS B 119 -62.52 11.45 -20.51
C LYS B 119 -62.90 10.72 -19.21
N SER B 120 -64.17 10.35 -19.08
CA SER B 120 -64.69 9.56 -17.96
C SER B 120 -65.79 8.63 -18.47
N VAL B 121 -65.85 7.40 -17.97
CA VAL B 121 -66.91 6.48 -18.37
C VAL B 121 -68.31 6.96 -17.97
N LEU B 122 -68.42 7.84 -16.99
CA LEU B 122 -69.71 8.29 -16.54
C LEU B 122 -70.30 9.24 -17.57
N ASN B 123 -69.49 9.63 -18.57
CA ASN B 123 -70.00 10.58 -19.55
C ASN B 123 -70.69 9.86 -20.69
N TYR B 124 -70.58 8.54 -20.80
CA TYR B 124 -71.34 7.82 -21.79
C TYR B 124 -72.83 7.71 -21.50
N ALA B 125 -73.19 7.96 -20.25
CA ALA B 125 -74.57 7.85 -19.86
C ALA B 125 -75.37 9.13 -20.23
N THR B 126 -75.22 9.62 -21.45
CA THR B 126 -75.77 10.90 -21.91
C THR B 126 -76.24 10.78 -23.35
N PRO B 127 -77.23 11.60 -23.75
CA PRO B 127 -77.96 11.42 -25.02
C PRO B 127 -77.07 11.56 -26.24
N LYS B 128 -75.93 12.22 -26.09
CA LYS B 128 -74.88 12.23 -27.13
C LYS B 128 -74.51 10.82 -27.58
N TRP B 129 -74.79 9.83 -26.74
CA TRP B 129 -74.35 8.45 -27.00
C TRP B 129 -75.53 7.55 -27.20
N LYS B 130 -76.68 8.19 -27.46
CA LYS B 130 -77.90 7.45 -27.72
C LYS B 130 -77.63 6.49 -28.84
N ASN B 131 -77.88 5.22 -28.57
CA ASN B 131 -77.64 4.16 -29.54
C ASN B 131 -76.23 4.03 -30.07
N ARG B 132 -75.26 4.64 -29.39
CA ARG B 132 -73.86 4.62 -29.83
C ARG B 132 -72.89 4.03 -28.80
N ILE B 133 -73.44 3.55 -27.69
CA ILE B 133 -72.64 2.91 -26.66
C ILE B 133 -73.34 1.61 -26.24
N GLY B 134 -72.58 0.51 -26.24
CA GLY B 134 -73.11 -0.76 -25.78
C GLY B 134 -72.64 -1.13 -24.37
N TYR B 135 -73.39 -2.02 -23.72
CA TYR B 135 -73.00 -2.46 -22.39
C TYR B 135 -73.49 -3.84 -22.12
N VAL B 136 -73.01 -4.44 -21.02
CA VAL B 136 -73.35 -5.83 -20.72
C VAL B 136 -73.93 -5.98 -19.31
N PRO B 137 -75.22 -5.67 -19.14
CA PRO B 137 -75.86 -5.49 -17.85
C PRO B 137 -75.85 -6.79 -17.09
N THR B 138 -75.57 -7.91 -17.75
CA THR B 138 -75.60 -9.21 -17.06
C THR B 138 -74.22 -9.74 -16.69
N SER B 139 -73.19 -9.06 -17.15
CA SER B 139 -71.81 -9.38 -16.87
C SER B 139 -71.33 -9.10 -15.46
N GLY B 140 -70.47 -9.99 -14.94
CA GLY B 140 -69.85 -9.78 -13.65
C GLY B 140 -69.04 -8.52 -13.55
N ALA B 141 -68.37 -8.15 -14.65
CA ALA B 141 -67.47 -7.02 -14.67
C ALA B 141 -68.29 -5.69 -14.75
N PHE B 142 -69.48 -5.74 -15.33
CA PHE B 142 -70.34 -4.54 -15.34
C PHE B 142 -70.72 -4.34 -13.89
N LEU B 143 -70.97 -5.44 -13.17
CA LEU B 143 -71.22 -5.39 -11.73
C LEU B 143 -70.06 -4.83 -10.90
N GLU B 144 -68.85 -5.29 -11.18
CA GLU B 144 -67.68 -4.76 -10.47
C GLU B 144 -67.56 -3.30 -10.83
N GLN B 145 -67.89 -2.93 -12.06
CA GLN B 145 -67.84 -1.53 -12.47
C GLN B 145 -68.85 -0.72 -11.62
N ILE B 146 -70.04 -1.23 -11.40
CA ILE B 146 -71.00 -0.51 -10.55
C ILE B 146 -70.54 -0.29 -9.12
N VAL B 147 -69.95 -1.33 -8.59
CA VAL B 147 -69.39 -1.34 -7.24
C VAL B 147 -68.38 -0.21 -7.10
N ALA B 148 -67.52 -0.06 -8.10
CA ALA B 148 -66.43 0.92 -7.98
C ALA B 148 -66.94 2.34 -8.06
N ILE B 149 -68.03 2.55 -8.82
CA ILE B 149 -68.59 3.88 -8.93
C ILE B 149 -69.11 4.30 -7.58
N VAL B 150 -69.89 3.40 -6.98
CA VAL B 150 -70.42 3.64 -5.61
C VAL B 150 -69.33 3.90 -4.55
N LYS B 151 -68.20 3.20 -4.61
CA LYS B 151 -67.10 3.43 -3.65
C LYS B 151 -66.38 4.75 -3.91
N LEU B 152 -66.26 5.08 -5.20
CA LEU B 152 -65.38 6.15 -5.63
C LEU B 152 -66.12 7.47 -5.77
N LYS B 153 -67.43 7.42 -5.97
CA LYS B 153 -68.22 8.56 -6.40
C LYS B 153 -69.57 8.64 -5.66
N GLY B 154 -69.97 7.57 -4.98
CA GLY B 154 -71.22 7.60 -4.21
C GLY B 154 -72.35 6.97 -5.00
N GLU B 155 -73.36 6.52 -4.27
CA GLU B 155 -74.49 5.81 -4.90
C GLU B 155 -75.31 6.66 -5.88
N ALA B 156 -75.34 7.97 -5.72
CA ALA B 156 -76.18 8.79 -6.62
C ALA B 156 -75.64 8.74 -8.05
N ALA B 157 -74.32 8.80 -8.17
CA ALA B 157 -73.62 8.89 -9.42
C ALA B 157 -73.72 7.56 -10.17
N ALA B 158 -73.63 6.46 -9.42
CA ALA B 158 -73.83 5.14 -9.94
C ALA B 158 -75.24 5.01 -10.52
N LEU B 159 -76.27 5.38 -9.77
CA LEU B 159 -77.63 5.22 -10.26
C LEU B 159 -77.91 6.16 -11.45
N LYS B 160 -77.39 7.37 -11.42
CA LYS B 160 -77.58 8.28 -12.55
C LYS B 160 -76.90 7.69 -13.79
N TRP B 161 -75.76 7.02 -13.63
CA TRP B 161 -75.04 6.42 -14.72
C TRP B 161 -75.83 5.26 -15.32
N LEU B 162 -76.39 4.43 -14.44
CA LEU B 162 -77.18 3.33 -14.96
C LEU B 162 -78.47 3.82 -15.60
N LYS B 163 -79.18 4.74 -14.96
CA LYS B 163 -80.43 5.17 -15.57
C LYS B 163 -80.13 5.75 -16.95
N GLY B 164 -78.98 6.41 -17.06
CA GLY B 164 -78.57 6.99 -18.32
C GLY B 164 -78.07 5.98 -19.36
N LEU B 165 -77.50 4.85 -18.91
CA LEU B 165 -77.13 3.79 -19.84
C LEU B 165 -78.39 3.03 -20.28
N LYS B 166 -79.27 2.81 -19.32
CA LYS B 166 -80.57 2.27 -19.63
C LYS B 166 -81.25 3.10 -20.72
N GLU B 167 -81.25 4.41 -20.52
CA GLU B 167 -81.98 5.33 -21.40
C GLU B 167 -81.33 5.40 -22.79
N TYR B 168 -80.01 5.60 -22.83
CA TYR B 168 -79.30 5.91 -24.07
C TYR B 168 -78.45 4.80 -24.66
N GLY B 169 -78.13 3.81 -23.85
CA GLY B 169 -77.23 2.76 -24.35
C GLY B 169 -77.91 1.57 -24.99
N LYS B 170 -77.11 0.72 -25.61
CA LYS B 170 -77.59 -0.52 -26.17
C LYS B 170 -77.09 -1.70 -25.37
N PRO B 171 -78.00 -2.54 -24.88
CA PRO B 171 -77.62 -3.75 -24.16
C PRO B 171 -77.21 -4.91 -25.09
N TYR B 172 -76.42 -5.84 -24.56
CA TYR B 172 -75.96 -7.01 -25.26
C TYR B 172 -75.81 -8.11 -24.25
N ALA B 173 -75.90 -9.34 -24.71
CA ALA B 173 -75.97 -10.46 -23.77
C ALA B 173 -74.64 -10.75 -23.09
N LYS B 174 -73.55 -10.53 -23.83
CA LYS B 174 -72.20 -10.89 -23.37
C LYS B 174 -71.16 -9.93 -23.94
N ASN B 175 -70.01 -9.88 -23.29
CA ASN B 175 -68.95 -8.98 -23.75
C ASN B 175 -68.48 -9.36 -25.20
N SER B 176 -68.35 -10.66 -25.47
CA SER B 176 -67.94 -11.13 -26.80
C SER B 176 -68.91 -10.66 -27.84
N VAL B 177 -70.19 -10.61 -27.47
CA VAL B 177 -71.22 -10.23 -28.40
C VAL B 177 -71.03 -8.76 -28.72
N ALA B 178 -70.83 -7.98 -27.67
CA ALA B 178 -70.79 -6.54 -27.88
C ALA B 178 -69.55 -6.20 -28.70
N LEU B 179 -68.48 -6.97 -28.51
CA LEU B 179 -67.24 -6.76 -29.25
C LEU B 179 -67.54 -6.86 -30.74
N GLN B 180 -68.17 -7.98 -31.11
CA GLN B 180 -68.62 -8.22 -32.49
C GLN B 180 -69.55 -7.14 -33.01
N ALA B 181 -70.36 -6.53 -32.14
CA ALA B 181 -71.24 -5.51 -32.64
C ALA B 181 -70.51 -4.22 -33.02
N VAL B 182 -69.46 -3.88 -32.28
CA VAL B 182 -68.61 -2.76 -32.60
C VAL B 182 -67.91 -3.10 -33.93
N GLU B 183 -67.32 -4.29 -33.97
CA GLU B 183 -66.48 -4.69 -35.08
C GLU B 183 -67.27 -4.73 -36.38
N ASN B 184 -68.49 -5.26 -36.31
CA ASN B 184 -69.34 -5.30 -37.50
C ASN B 184 -69.92 -3.95 -37.86
N GLY B 185 -69.47 -2.88 -37.22
CA GLY B 185 -69.96 -1.55 -37.60
C GLY B 185 -71.41 -1.33 -37.20
N GLU B 186 -71.90 -2.12 -36.24
CA GLU B 186 -73.28 -2.00 -35.76
C GLU B 186 -73.55 -0.96 -34.67
N ILE B 187 -72.52 -0.68 -33.88
CA ILE B 187 -72.60 0.45 -32.95
C ILE B 187 -71.19 0.95 -32.68
N ASP B 188 -71.06 2.26 -32.50
CA ASP B 188 -69.76 2.92 -32.47
C ASP B 188 -68.76 2.40 -31.43
N ALA B 189 -69.30 2.01 -30.27
CA ALA B 189 -68.43 1.66 -29.14
C ALA B 189 -69.16 0.86 -28.09
N ALA B 190 -68.39 0.20 -27.24
CA ALA B 190 -68.97 -0.54 -26.12
C ALA B 190 -68.02 -0.65 -24.93
N LEU B 191 -68.60 -0.89 -23.75
CA LEU B 191 -67.88 -1.02 -22.48
C LEU B 191 -67.53 -2.50 -22.22
N ILE B 192 -66.26 -2.85 -22.33
CA ILE B 192 -65.91 -4.26 -22.06
C ILE B 192 -64.64 -4.42 -21.21
N ASN B 193 -64.06 -5.61 -21.19
CA ASN B 193 -62.75 -5.89 -20.61
C ASN B 193 -61.69 -6.02 -21.69
N ASN B 194 -60.43 -5.75 -21.39
CA ASN B 194 -59.39 -5.58 -22.41
C ASN B 194 -59.15 -6.85 -23.22
N TYR B 195 -59.10 -7.96 -22.49
CA TYR B 195 -58.63 -9.20 -23.07
C TYR B 195 -59.43 -9.78 -24.25
N TYR B 196 -60.72 -9.48 -24.31
CA TYR B 196 -61.51 -9.98 -25.42
C TYR B 196 -60.98 -9.42 -26.73
N TRP B 197 -60.58 -8.15 -26.71
CA TRP B 197 -60.09 -7.50 -27.92
C TRP B 197 -58.70 -8.01 -28.33
N HIS B 198 -57.80 -8.07 -27.34
CA HIS B 198 -56.47 -8.61 -27.64
C HIS B 198 -56.51 -10.08 -28.11
N ALA B 199 -57.45 -10.86 -27.61
CA ALA B 199 -57.54 -12.27 -28.06
C ALA B 199 -58.07 -12.29 -29.49
N PHE B 200 -59.13 -11.54 -29.72
CA PHE B 200 -59.69 -11.45 -31.06
C PHE B 200 -58.66 -10.97 -32.06
N ALA B 201 -57.99 -9.88 -31.71
CA ALA B 201 -57.00 -9.32 -32.61
C ALA B 201 -55.82 -10.27 -32.88
N ARG B 202 -55.43 -11.05 -31.86
CA ARG B 202 -54.36 -12.03 -32.05
C ARG B 202 -54.73 -13.14 -33.03
N GLU B 203 -55.94 -13.67 -32.87
CA GLU B 203 -56.46 -14.70 -33.78
C GLU B 203 -56.53 -14.12 -35.15
N LYS B 204 -57.22 -13.00 -35.30
CA LYS B 204 -57.48 -12.41 -36.61
C LYS B 204 -56.31 -11.77 -37.34
N GLY B 205 -55.30 -11.31 -36.60
CA GLY B 205 -54.28 -10.44 -37.15
C GLY B 205 -54.75 -9.00 -37.17
N VAL B 206 -54.10 -8.17 -36.37
CA VAL B 206 -54.59 -6.83 -36.06
C VAL B 206 -54.84 -6.03 -37.30
N GLN B 207 -54.17 -6.37 -38.41
CA GLN B 207 -54.24 -5.51 -39.57
C GLN B 207 -55.64 -5.53 -40.10
N ASN B 208 -56.33 -6.64 -39.83
CA ASN B 208 -57.66 -6.92 -40.33
C ASN B 208 -58.76 -6.43 -39.40
N VAL B 209 -58.40 -5.64 -38.42
CA VAL B 209 -59.37 -5.28 -37.37
C VAL B 209 -59.56 -3.77 -37.25
N HIS B 210 -60.79 -3.28 -37.14
CA HIS B 210 -61.05 -1.83 -37.24
C HIS B 210 -61.36 -1.24 -35.87
N THR B 211 -61.45 -2.15 -34.91
CA THR B 211 -61.69 -1.82 -33.50
C THR B 211 -60.40 -1.59 -32.77
N ARG B 212 -60.44 -0.67 -31.81
CA ARG B 212 -59.25 -0.37 -30.97
C ARG B 212 -59.71 -0.03 -29.57
N LEU B 213 -58.81 -0.20 -28.61
CA LEU B 213 -59.08 0.12 -27.20
C LEU B 213 -58.73 1.54 -26.73
N ASN B 214 -59.63 2.04 -25.89
CA ASN B 214 -59.45 3.34 -25.29
C ASN B 214 -59.40 3.13 -23.77
N PHE B 215 -58.39 3.72 -23.17
CA PHE B 215 -58.20 3.66 -21.73
C PHE B 215 -58.41 5.07 -21.17
N VAL B 216 -59.46 5.23 -20.36
CA VAL B 216 -59.67 6.56 -19.82
C VAL B 216 -58.57 6.98 -18.82
N ARG B 217 -58.01 6.03 -18.07
CA ARG B 217 -56.88 6.36 -17.14
C ARG B 217 -57.33 7.36 -16.06
N HIS B 218 -56.34 8.06 -15.49
CA HIS B 218 -56.60 9.13 -14.51
C HIS B 218 -57.46 8.74 -13.30
N ARG B 219 -57.26 7.52 -12.78
CA ARG B 219 -58.05 7.01 -11.64
C ARG B 219 -59.54 7.27 -11.85
N ASP B 220 -59.97 7.38 -13.10
CA ASP B 220 -61.40 7.31 -13.43
C ASP B 220 -62.01 5.94 -13.07
N PRO B 221 -63.25 5.94 -12.60
CA PRO B 221 -63.86 4.65 -12.30
C PRO B 221 -63.77 3.71 -13.49
N GLY B 222 -63.82 4.24 -14.70
CA GLY B 222 -63.68 3.44 -15.93
C GLY B 222 -62.31 2.84 -16.19
N ALA B 223 -61.35 3.32 -15.42
CA ALA B 223 -59.99 2.79 -15.46
C ALA B 223 -59.85 1.53 -14.59
N LEU B 224 -60.89 1.10 -13.94
CA LEU B 224 -60.85 -0.03 -12.98
C LEU B 224 -60.12 -1.30 -13.43
N VAL B 225 -59.14 -1.68 -12.60
CA VAL B 225 -58.42 -2.93 -12.83
C VAL B 225 -58.88 -3.97 -11.84
N THR B 226 -59.10 -5.20 -12.30
CA THR B 226 -59.41 -6.28 -11.40
C THR B 226 -58.26 -7.29 -11.30
N TYR B 227 -57.92 -7.74 -10.08
CA TYR B 227 -56.68 -8.53 -9.89
C TYR B 227 -56.95 -9.99 -9.62
N SER B 228 -55.98 -10.80 -10.04
CA SER B 228 -56.02 -12.23 -9.79
C SER B 228 -54.92 -12.58 -8.79
N GLY B 229 -54.89 -13.86 -8.40
CA GLY B 229 -53.93 -14.23 -7.38
C GLY B 229 -53.90 -15.67 -6.97
N ALA B 230 -52.96 -15.98 -6.09
CA ALA B 230 -52.77 -17.37 -5.69
C ALA B 230 -52.38 -17.50 -4.24
N ALA B 231 -52.76 -18.66 -3.71
CA ALA B 231 -52.29 -18.99 -2.36
C ALA B 231 -51.95 -20.48 -2.21
N VAL B 232 -51.16 -20.77 -1.19
CA VAL B 232 -51.00 -22.14 -0.69
C VAL B 232 -51.99 -22.44 0.45
N LEU B 233 -52.64 -23.59 0.40
CA LEU B 233 -53.52 -24.04 1.47
C LEU B 233 -52.72 -24.59 2.65
N LYS B 234 -53.01 -24.06 3.83
CA LYS B 234 -52.40 -24.49 5.10
C LYS B 234 -52.56 -25.98 5.33
N SER B 235 -53.56 -26.58 4.68
CA SER B 235 -53.80 -28.01 4.82
C SER B 235 -53.20 -28.90 3.73
N SER B 236 -52.28 -28.36 2.94
CA SER B 236 -51.55 -29.15 1.93
C SER B 236 -50.21 -29.64 2.50
N GLN B 237 -50.09 -30.95 2.48
CA GLN B 237 -48.89 -31.62 2.97
C GLN B 237 -47.63 -31.18 2.19
N ASN B 238 -47.86 -30.46 1.08
CA ASN B 238 -46.80 -30.18 0.11
C ASN B 238 -46.05 -28.86 0.18
N LYS B 239 -45.80 -28.40 1.41
CA LYS B 239 -45.13 -27.12 1.63
C LYS B 239 -44.17 -26.80 0.49
N ASP B 240 -43.37 -27.78 0.10
CA ASP B 240 -42.39 -27.59 -0.96
C ASP B 240 -43.00 -27.21 -2.30
N GLU B 241 -43.59 -28.16 -3.02
CA GLU B 241 -44.16 -27.99 -4.36
C GLU B 241 -45.25 -26.90 -4.46
N ALA B 242 -46.03 -26.79 -3.40
CA ALA B 242 -47.07 -25.77 -3.31
C ALA B 242 -46.48 -24.37 -3.25
N LYS B 243 -45.58 -24.12 -2.32
CA LYS B 243 -44.95 -22.79 -2.30
C LYS B 243 -44.10 -22.49 -3.55
N LYS B 244 -43.35 -23.48 -4.06
CA LYS B 244 -42.50 -23.22 -5.23
C LYS B 244 -43.36 -22.72 -6.38
N PHE B 245 -44.44 -23.46 -6.65
CA PHE B 245 -45.38 -23.10 -7.70
C PHE B 245 -45.83 -21.64 -7.61
N VAL B 246 -46.14 -21.15 -6.43
CA VAL B 246 -46.62 -19.79 -6.18
C VAL B 246 -45.46 -18.80 -6.38
N ALA B 247 -44.28 -19.15 -5.87
CA ALA B 247 -43.11 -18.34 -6.17
C ALA B 247 -42.94 -18.23 -7.69
N PHE B 248 -43.18 -19.34 -8.37
CA PHE B 248 -43.06 -19.39 -9.80
C PHE B 248 -44.10 -18.47 -10.46
N LEU B 249 -45.33 -18.59 -10.02
CA LEU B 249 -46.42 -17.74 -10.52
C LEU B 249 -46.08 -16.26 -10.45
N ALA B 250 -45.38 -15.85 -9.40
CA ALA B 250 -45.14 -14.44 -9.18
C ALA B 250 -43.91 -13.91 -9.91
N GLY B 251 -43.00 -14.80 -10.31
CA GLY B 251 -41.67 -14.42 -10.74
C GLY B 251 -41.64 -14.21 -12.24
N LYS B 252 -40.59 -13.52 -12.69
CA LYS B 252 -40.40 -13.15 -14.08
C LYS B 252 -40.88 -14.31 -14.93
N GLU B 253 -40.41 -15.52 -14.62
CA GLU B 253 -40.65 -16.63 -15.51
C GLU B 253 -42.12 -17.05 -15.56
N GLY B 254 -42.70 -17.22 -14.38
CA GLY B 254 -44.11 -17.59 -14.32
C GLY B 254 -44.99 -16.60 -15.06
N GLN B 255 -44.70 -15.32 -14.87
CA GLN B 255 -45.45 -14.25 -15.52
C GLN B 255 -45.32 -14.30 -17.06
N ARG B 256 -44.11 -14.63 -17.52
CA ARG B 256 -43.88 -14.62 -18.96
C ARG B 256 -44.69 -15.80 -19.54
N ALA B 257 -44.71 -16.94 -18.85
CA ALA B 257 -45.58 -18.03 -19.33
C ALA B 257 -47.06 -17.60 -19.47
N LEU B 258 -47.54 -16.84 -18.49
CA LEU B 258 -48.93 -16.38 -18.57
C LEU B 258 -49.14 -15.30 -19.65
N THR B 259 -48.16 -14.42 -19.75
CA THR B 259 -48.18 -13.25 -20.63
C THR B 259 -48.08 -13.64 -22.11
N ALA B 260 -47.76 -14.92 -22.36
CA ALA B 260 -47.73 -15.46 -23.71
C ALA B 260 -49.12 -15.78 -24.24
N VAL B 261 -50.00 -16.24 -23.35
CA VAL B 261 -51.31 -16.76 -23.80
C VAL B 261 -52.49 -15.88 -23.40
N ARG B 262 -52.40 -15.18 -22.26
CA ARG B 262 -53.52 -14.30 -21.88
C ARG B 262 -53.10 -12.83 -21.81
N ALA B 263 -53.99 -11.95 -22.26
CA ALA B 263 -53.74 -10.53 -22.17
C ALA B 263 -54.21 -9.87 -20.88
N GLU B 264 -53.60 -10.30 -19.77
CA GLU B 264 -53.80 -9.63 -18.49
C GLU B 264 -52.54 -8.90 -18.19
N TYR B 265 -52.63 -7.81 -17.44
CA TYR B 265 -51.43 -7.03 -17.10
C TYR B 265 -50.61 -7.75 -16.04
N PRO B 266 -49.33 -8.03 -16.37
CA PRO B 266 -48.38 -8.65 -15.43
C PRO B 266 -48.15 -7.69 -14.29
N LEU B 267 -48.01 -8.20 -13.08
CA LEU B 267 -47.70 -7.34 -11.95
C LEU B 267 -46.20 -7.32 -11.64
N ASN B 268 -45.51 -8.40 -11.97
CA ASN B 268 -44.04 -8.37 -11.90
C ASN B 268 -43.53 -7.35 -12.91
N PRO B 269 -42.78 -6.32 -12.48
CA PRO B 269 -42.46 -5.18 -13.34
C PRO B 269 -41.33 -5.47 -14.36
N HIS B 270 -40.65 -6.60 -14.19
CA HIS B 270 -39.56 -7.01 -15.05
C HIS B 270 -40.11 -7.80 -16.23
N VAL B 271 -41.43 -7.95 -16.33
CA VAL B 271 -42.01 -8.69 -17.45
C VAL B 271 -42.52 -7.72 -18.52
N VAL B 272 -42.40 -8.17 -19.78
CA VAL B 272 -43.00 -7.48 -20.91
C VAL B 272 -44.00 -8.43 -21.53
N SER B 273 -45.23 -7.97 -21.68
CA SER B 273 -46.26 -8.74 -22.31
C SER B 273 -46.04 -8.98 -23.82
N THR B 274 -46.38 -10.17 -24.32
CA THR B 274 -46.43 -10.39 -25.77
C THR B 274 -47.62 -9.68 -26.45
N PHE B 275 -48.45 -9.04 -25.65
CA PHE B 275 -49.59 -8.27 -26.19
C PHE B 275 -49.25 -6.83 -25.99
N ASN B 276 -49.80 -5.97 -26.83
CA ASN B 276 -49.59 -4.55 -26.69
C ASN B 276 -50.21 -3.89 -25.45
N LEU B 277 -49.73 -4.31 -24.29
CA LEU B 277 -50.26 -3.81 -23.04
C LEU B 277 -49.24 -2.84 -22.41
N GLU B 278 -49.66 -1.61 -22.18
CA GLU B 278 -48.79 -0.74 -21.43
C GLU B 278 -48.50 -1.36 -20.04
N PRO B 279 -47.40 -0.91 -19.40
CA PRO B 279 -47.11 -1.39 -18.06
C PRO B 279 -48.28 -0.93 -17.19
N ILE B 280 -48.68 -1.74 -16.20
CA ILE B 280 -49.95 -1.48 -15.50
C ILE B 280 -50.08 -0.13 -14.80
N ALA B 281 -48.96 0.41 -14.34
CA ALA B 281 -49.04 1.67 -13.64
C ALA B 281 -49.54 2.77 -14.55
N LYS B 282 -49.23 2.67 -15.86
CA LYS B 282 -49.68 3.68 -16.82
C LYS B 282 -51.18 3.69 -17.09
N LEU B 283 -51.89 2.66 -16.67
CA LEU B 283 -53.35 2.63 -16.82
C LEU B 283 -53.97 3.63 -15.85
N GLU B 284 -53.22 3.90 -14.78
CA GLU B 284 -53.71 4.80 -13.76
C GLU B 284 -54.98 4.28 -13.10
N ALA B 285 -55.06 2.99 -12.83
CA ALA B 285 -56.24 2.45 -12.13
C ALA B 285 -56.54 3.16 -10.80
N PRO B 286 -57.81 3.42 -10.53
CA PRO B 286 -58.20 3.95 -9.21
C PRO B 286 -58.04 2.90 -8.12
N GLN B 287 -57.68 3.30 -6.90
CA GLN B 287 -57.50 2.31 -5.85
C GLN B 287 -58.86 2.11 -5.16
N VAL B 288 -59.26 0.83 -5.13
CA VAL B 288 -60.56 0.51 -4.59
C VAL B 288 -60.46 -0.76 -3.79
N SER B 289 -61.11 -0.75 -2.63
CA SER B 289 -61.04 -1.87 -1.69
C SER B 289 -61.64 -3.10 -2.35
N ALA B 290 -61.44 -4.24 -1.70
CA ALA B 290 -61.93 -5.48 -2.29
C ALA B 290 -63.46 -5.53 -2.29
N THR B 291 -64.03 -6.29 -3.21
CA THR B 291 -65.46 -6.37 -3.33
C THR B 291 -66.06 -7.36 -2.34
N THR B 292 -67.21 -7.02 -1.77
CA THR B 292 -67.88 -7.85 -0.76
C THR B 292 -69.18 -8.30 -1.34
N VAL B 293 -69.79 -9.29 -0.70
CA VAL B 293 -71.08 -9.78 -1.16
C VAL B 293 -72.19 -8.74 -1.00
N SER B 294 -72.16 -8.01 0.11
CA SER B 294 -73.19 -6.97 0.33
C SER B 294 -73.02 -5.84 -0.69
N GLU B 295 -71.76 -5.57 -1.06
CA GLU B 295 -71.52 -4.60 -2.14
C GLU B 295 -72.11 -5.06 -3.48
N LYS B 296 -71.96 -6.34 -3.89
CA LYS B 296 -72.58 -6.82 -5.13
C LYS B 296 -74.12 -6.79 -5.05
N GLU B 297 -74.62 -7.18 -3.89
CA GLU B 297 -76.05 -7.15 -3.61
C GLU B 297 -76.52 -5.72 -3.75
N HIS B 298 -75.80 -4.81 -3.12
CA HIS B 298 -76.12 -3.41 -3.37
C HIS B 298 -76.12 -3.08 -4.88
N ALA B 299 -75.18 -3.63 -5.66
CA ALA B 299 -75.07 -3.18 -7.06
C ALA B 299 -76.26 -3.69 -7.84
N THR B 300 -76.69 -4.90 -7.52
CA THR B 300 -77.78 -5.59 -8.22
C THR B 300 -79.08 -4.83 -7.98
N ARG B 301 -79.23 -4.23 -6.81
CA ARG B 301 -80.41 -3.44 -6.49
C ARG B 301 -80.39 -2.25 -7.43
N LEU B 302 -79.23 -1.59 -7.50
CA LEU B 302 -79.04 -0.48 -8.41
C LEU B 302 -79.45 -0.81 -9.83
N LEU B 303 -79.02 -1.97 -10.31
CA LEU B 303 -79.47 -2.44 -11.60
C LEU B 303 -80.98 -2.46 -11.73
N GLU B 304 -81.62 -3.13 -10.77
CA GLU B 304 -83.09 -3.26 -10.78
C GLU B 304 -83.78 -1.92 -10.76
N GLN B 305 -83.26 -0.98 -9.97
CA GLN B 305 -83.81 0.37 -9.95
C GLN B 305 -83.63 1.09 -11.28
N ALA B 306 -82.48 0.92 -11.92
CA ALA B 306 -82.24 1.58 -13.19
C ALA B 306 -83.06 0.88 -14.27
N GLY B 307 -83.64 -0.26 -13.91
CA GLY B 307 -84.54 -0.93 -14.85
C GLY B 307 -83.95 -2.26 -15.25
N MET B 308 -82.66 -2.17 -15.59
CA MET B 308 -81.93 -3.13 -16.39
C MET B 308 -82.10 -4.59 -16.04
N LYS B 309 -82.36 -4.86 -14.75
CA LYS B 309 -82.51 -6.22 -14.26
C LYS B 309 -83.98 -6.47 -13.96
N ASP C 1 7.81 29.72 22.79
CA ASP C 1 7.30 30.51 21.64
C ASP C 1 5.96 31.16 21.97
N ILE C 2 5.54 32.19 21.21
CA ILE C 2 4.47 33.04 21.72
C ILE C 2 3.21 33.01 20.87
N THR C 3 2.10 33.17 21.59
CA THR C 3 0.78 33.34 20.98
C THR C 3 0.28 34.79 21.13
N VAL C 4 -0.41 35.30 20.11
CA VAL C 4 -0.91 36.66 20.11
C VAL C 4 -2.40 36.87 19.88
N TYR C 5 -3.11 37.41 20.87
CA TYR C 5 -4.52 37.66 20.65
C TYR C 5 -4.57 38.99 19.89
N ASN C 6 -5.18 38.96 18.72
CA ASN C 6 -5.03 39.98 17.69
C ASN C 6 -6.31 40.73 17.34
N GLY C 7 -6.34 42.06 17.47
CA GLY C 7 -7.49 42.86 17.07
C GLY C 7 -7.15 43.67 15.83
N GLN C 8 -5.93 43.50 15.32
CA GLN C 8 -5.42 44.31 14.23
C GLN C 8 -5.70 43.59 12.92
N HIS C 9 -5.55 44.30 11.80
CA HIS C 9 -5.81 43.61 10.54
C HIS C 9 -5.13 42.25 10.47
N LYS C 10 -5.78 41.30 9.80
CA LYS C 10 -5.35 39.91 9.71
C LYS C 10 -3.98 39.78 9.07
N GLU C 11 -3.69 40.57 8.04
CA GLU C 11 -2.47 40.34 7.27
C GLU C 11 -1.40 41.26 7.81
N ALA C 12 -1.83 42.31 8.48
CA ALA C 12 -0.87 43.20 9.09
C ALA C 12 -0.19 42.41 10.21
N ALA C 13 -1.00 41.77 11.04
CA ALA C 13 -0.49 40.95 12.13
C ALA C 13 0.54 39.96 11.59
N GLN C 14 0.21 39.32 10.47
CA GLN C 14 1.14 38.39 9.82
C GLN C 14 2.49 39.04 9.56
N ALA C 15 2.46 40.27 9.10
CA ALA C 15 3.69 40.97 8.68
C ALA C 15 4.69 41.06 9.83
N VAL C 16 4.28 41.69 10.93
CA VAL C 16 5.13 41.80 12.12
C VAL C 16 5.56 40.43 12.63
N ALA C 17 4.61 39.49 12.60
CA ALA C 17 4.87 38.17 13.18
C ALA C 17 6.09 37.56 12.49
N ASP C 18 5.93 37.32 11.19
CA ASP C 18 6.91 36.62 10.38
C ASP C 18 8.26 37.32 10.53
N ALA C 19 8.27 38.64 10.41
CA ALA C 19 9.51 39.40 10.55
C ALA C 19 10.16 39.32 11.94
N PHE C 20 9.31 39.20 12.97
CA PHE C 20 9.79 38.86 14.31
C PHE C 20 10.49 37.51 14.27
N THR C 21 9.76 36.47 13.89
CA THR C 21 10.39 35.17 13.69
C THR C 21 11.73 35.20 12.92
N ARG C 22 11.76 35.94 11.82
CA ARG C 22 12.93 35.97 10.96
C ARG C 22 14.12 36.64 11.66
N ALA C 23 13.88 37.48 12.66
CA ALA C 23 14.97 38.16 13.34
C ALA C 23 15.44 37.41 14.58
N THR C 24 14.52 36.70 15.22
CA THR C 24 14.80 36.16 16.54
C THR C 24 14.80 34.64 16.50
N GLY C 25 13.95 34.10 15.63
CA GLY C 25 13.66 32.66 15.58
C GLY C 25 12.48 32.20 16.40
N ILE C 26 11.85 33.13 17.10
CA ILE C 26 10.65 32.77 17.88
C ILE C 26 9.42 32.60 17.02
N LYS C 27 8.71 31.50 17.17
CA LYS C 27 7.45 31.29 16.45
C LYS C 27 6.33 32.10 17.06
N VAL C 28 5.23 32.20 16.32
CA VAL C 28 4.09 33.05 16.70
C VAL C 28 2.77 32.49 16.22
N LYS C 29 1.85 32.23 17.14
CA LYS C 29 0.54 31.75 16.72
C LYS C 29 -0.54 32.81 16.96
N LEU C 30 -1.35 33.06 15.94
CA LEU C 30 -2.24 34.21 15.89
C LEU C 30 -3.69 33.90 16.18
N ASN C 31 -4.20 34.46 17.28
CA ASN C 31 -5.62 34.31 17.56
C ASN C 31 -6.28 35.62 17.08
N SER C 32 -7.22 35.54 16.15
CA SER C 32 -7.79 36.75 15.54
C SER C 32 -9.29 36.97 15.71
N ALA C 33 -9.64 38.16 16.20
CA ALA C 33 -11.04 38.61 16.37
C ALA C 33 -11.00 40.12 16.61
N LYS C 34 -12.15 40.68 16.97
CA LYS C 34 -12.29 42.09 17.27
C LYS C 34 -11.81 42.32 18.67
N GLY C 35 -10.94 43.30 18.84
CA GLY C 35 -10.34 43.58 20.16
C GLY C 35 -11.23 43.50 21.39
N ASP C 36 -12.45 44.02 21.32
CA ASP C 36 -13.39 44.03 22.44
C ASP C 36 -13.68 42.60 22.92
N GLN C 37 -13.75 41.68 21.97
CA GLN C 37 -14.08 40.28 22.19
C GLN C 37 -12.88 39.51 22.72
N LEU C 38 -11.68 40.00 22.42
CA LEU C 38 -10.44 39.39 22.87
C LEU C 38 -10.20 39.79 24.31
N ALA C 39 -10.33 41.09 24.57
CA ALA C 39 -10.20 41.61 25.93
C ALA C 39 -11.12 40.88 26.92
N GLY C 40 -12.33 40.60 26.44
CA GLY C 40 -13.42 40.08 27.27
C GLY C 40 -13.07 38.65 27.64
N GLN C 41 -12.58 37.89 26.66
CA GLN C 41 -12.38 36.47 26.96
C GLN C 41 -11.12 36.25 27.78
N ILE C 42 -10.20 37.20 27.67
CA ILE C 42 -8.97 37.18 28.44
C ILE C 42 -9.31 37.24 29.93
N LYS C 43 -10.41 37.92 30.25
CA LYS C 43 -10.95 37.92 31.61
C LYS C 43 -11.78 36.66 31.83
N GLU C 44 -12.55 36.26 30.83
CA GLU C 44 -13.26 34.97 30.87
C GLU C 44 -12.28 33.85 31.21
N GLU C 45 -11.10 33.91 30.60
CA GLU C 45 -10.07 32.91 30.85
C GLU C 45 -9.38 33.35 32.15
N GLY C 46 -8.57 34.40 32.09
CA GLY C 46 -7.95 35.00 33.28
C GLY C 46 -7.06 34.02 34.05
N SER C 47 -7.70 33.26 34.94
CA SER C 47 -7.06 32.21 35.72
C SER C 47 -5.81 31.73 34.98
N ARG C 48 -5.97 30.94 33.92
CA ARG C 48 -4.86 30.68 33.03
C ARG C 48 -5.31 30.78 31.57
N SER C 49 -4.62 31.58 30.77
CA SER C 49 -5.06 31.97 29.43
C SER C 49 -4.04 31.53 28.40
N PRO C 50 -4.49 31.11 27.20
CA PRO C 50 -3.59 30.77 26.11
C PRO C 50 -2.79 31.97 25.60
N ALA C 51 -3.06 33.19 26.07
CA ALA C 51 -2.49 34.37 25.41
C ALA C 51 -1.23 34.89 26.06
N ASP C 52 -0.24 35.15 25.20
CA ASP C 52 1.00 35.78 25.63
C ASP C 52 1.04 37.28 25.40
N VAL C 53 0.45 37.69 24.28
CA VAL C 53 0.49 39.09 23.88
C VAL C 53 -0.90 39.46 23.43
N PHE C 54 -1.31 40.70 23.68
CA PHE C 54 -2.61 41.16 23.16
C PHE C 54 -2.28 42.31 22.25
N TYR C 55 -2.51 42.10 20.97
CA TYR C 55 -2.26 43.08 19.92
C TYR C 55 -3.61 43.72 19.53
N SER C 56 -3.80 44.96 19.98
CA SER C 56 -5.10 45.61 19.95
C SER C 56 -5.15 46.79 19.00
N GLU C 57 -6.24 46.85 18.24
CA GLU C 57 -6.53 48.04 17.42
C GLU C 57 -7.22 49.08 18.28
N GLN C 58 -7.64 48.66 19.47
CA GLN C 58 -8.33 49.52 20.43
C GLN C 58 -7.57 49.75 21.73
N ILE C 59 -7.08 50.97 21.92
CA ILE C 59 -6.54 51.41 23.20
C ILE C 59 -7.51 51.08 24.33
N PRO C 60 -8.80 51.44 24.16
CA PRO C 60 -9.70 51.19 25.30
C PRO C 60 -9.80 49.69 25.67
N ALA C 61 -9.54 48.79 24.73
CA ALA C 61 -9.50 47.38 25.11
C ALA C 61 -8.33 47.11 26.04
N LEU C 62 -7.19 47.71 25.76
CA LEU C 62 -6.03 47.55 26.63
C LEU C 62 -6.27 48.09 28.04
N ALA C 63 -6.80 49.31 28.13
CA ALA C 63 -7.05 49.97 29.43
C ALA C 63 -7.98 49.14 30.29
N THR C 64 -8.88 48.43 29.61
CA THR C 64 -9.84 47.60 30.32
C THR C 64 -9.06 46.48 31.04
N LEU C 65 -7.95 46.04 30.45
CA LEU C 65 -7.19 44.93 31.06
C LEU C 65 -6.22 45.53 32.05
N SER C 66 -5.65 46.68 31.71
CA SER C 66 -4.84 47.40 32.69
C SER C 66 -5.69 47.63 33.94
N ALA C 67 -6.86 48.21 33.74
CA ALA C 67 -7.81 48.51 34.81
C ALA C 67 -7.89 47.29 35.73
N ALA C 68 -8.03 46.14 35.10
CA ALA C 68 -8.17 44.88 35.83
C ALA C 68 -6.82 44.27 36.24
N ASN C 69 -5.76 45.07 36.20
CA ASN C 69 -4.41 44.58 36.52
C ASN C 69 -4.06 43.23 35.91
N LEU C 70 -4.28 43.10 34.59
CA LEU C 70 -4.08 41.79 33.98
C LEU C 70 -2.84 41.89 33.13
N LEU C 71 -2.28 43.09 33.06
CA LEU C 71 -1.18 43.32 32.15
C LEU C 71 0.17 43.34 32.83
N GLU C 72 1.24 43.05 32.09
CA GLU C 72 2.60 43.02 32.59
C GLU C 72 3.26 44.38 32.42
N PRO C 73 3.99 44.81 33.46
CA PRO C 73 4.62 46.15 33.38
C PRO C 73 5.79 46.17 32.39
N LEU C 74 5.74 47.08 31.44
CA LEU C 74 6.75 47.10 30.35
C LEU C 74 7.94 47.97 30.73
N PRO C 75 9.13 47.58 30.23
CA PRO C 75 10.36 48.35 30.29
C PRO C 75 10.20 49.67 29.56
N ALA C 76 10.79 50.72 30.16
CA ALA C 76 10.80 52.06 29.57
C ALA C 76 11.36 52.08 28.15
N SER C 77 12.45 51.34 27.92
CA SER C 77 13.05 51.28 26.58
C SER C 77 11.95 51.04 25.54
N THR C 78 11.11 50.03 25.77
CA THR C 78 10.00 49.72 24.86
C THR C 78 9.06 50.92 24.66
N ILE C 79 8.69 51.51 25.78
CA ILE C 79 7.73 52.60 25.79
C ILE C 79 8.24 53.90 25.20
N ASN C 80 9.52 54.19 25.39
CA ASN C 80 10.07 55.44 24.90
C ASN C 80 10.23 55.43 23.37
N GLU C 81 10.27 54.22 22.82
CA GLU C 81 10.38 54.00 21.40
C GLU C 81 9.31 54.73 20.57
N THR C 82 8.10 54.84 21.10
CA THR C 82 6.99 55.43 20.33
C THR C 82 6.55 56.70 21.00
N ARG C 83 7.21 57.07 22.10
CA ARG C 83 6.70 58.21 22.83
C ARG C 83 6.66 59.36 21.81
N GLY C 84 5.80 60.34 22.04
CA GLY C 84 5.75 61.52 21.17
C GLY C 84 4.52 62.31 21.57
N LYS C 85 4.57 63.62 21.29
CA LYS C 85 3.56 64.60 21.66
C LYS C 85 2.19 64.09 22.16
N GLY C 86 1.40 63.56 21.24
CA GLY C 86 0.02 63.18 21.53
C GLY C 86 -0.14 61.66 21.63
N VAL C 87 0.97 60.95 21.56
CA VAL C 87 0.93 59.49 21.72
C VAL C 87 0.39 59.04 23.06
N PRO C 88 -0.69 58.24 23.12
CA PRO C 88 -1.28 57.79 24.38
C PRO C 88 -0.23 57.16 25.29
N VAL C 89 -0.27 57.49 26.57
CA VAL C 89 0.67 56.96 27.55
C VAL C 89 -0.02 56.08 28.58
N ALA C 90 0.45 54.84 28.72
CA ALA C 90 -0.12 53.99 29.76
C ALA C 90 0.27 54.54 31.14
N ALA C 91 -0.71 54.96 31.93
CA ALA C 91 -0.41 55.49 33.27
C ALA C 91 0.35 54.43 34.07
N LYS C 92 -0.01 53.16 33.93
CA LYS C 92 0.64 52.10 34.70
C LYS C 92 1.83 51.50 33.96
N LYS C 93 2.08 51.95 32.74
CA LYS C 93 3.23 51.42 32.02
C LYS C 93 3.10 49.95 31.64
N ASP C 94 1.92 49.51 31.24
CA ASP C 94 1.72 48.07 30.98
C ASP C 94 1.14 47.80 29.59
N TRP C 95 1.12 48.82 28.73
CA TRP C 95 0.90 48.61 27.29
C TRP C 95 1.60 49.76 26.59
N VAL C 96 1.86 49.59 25.30
CA VAL C 96 2.50 50.67 24.55
C VAL C 96 1.70 50.85 23.25
N ALA C 97 1.64 52.06 22.75
CA ALA C 97 0.94 52.36 21.49
C ALA C 97 1.95 52.25 20.35
N LEU C 98 1.45 51.67 19.26
CA LEU C 98 2.31 51.28 18.15
C LEU C 98 2.03 52.06 16.86
N SER C 99 0.77 52.34 16.56
CA SER C 99 0.40 52.93 15.28
C SER C 99 -0.88 53.76 15.39
N GLY C 100 -1.21 54.48 14.32
CA GLY C 100 -2.41 55.29 14.28
C GLY C 100 -3.11 55.07 12.94
N ARG C 101 -4.42 55.31 12.97
CA ARG C 101 -5.26 55.34 11.77
C ARG C 101 -5.92 56.73 11.77
N SER C 102 -6.12 57.30 10.59
CA SER C 102 -6.59 58.66 10.49
C SER C 102 -7.99 58.81 9.85
N ARG C 103 -8.75 59.77 10.38
CA ARG C 103 -9.91 60.34 9.68
C ARG C 103 -9.52 61.23 8.53
N VAL C 104 -10.20 61.11 7.39
CA VAL C 104 -9.79 61.86 6.19
C VAL C 104 -11.02 62.14 5.30
N VAL C 105 -10.85 63.07 4.37
CA VAL C 105 -11.85 63.35 3.37
C VAL C 105 -11.21 62.87 2.09
N VAL C 106 -11.88 61.92 1.45
CA VAL C 106 -11.50 61.53 0.08
C VAL C 106 -12.38 62.32 -0.86
N TYR C 107 -11.81 62.91 -1.89
CA TYR C 107 -12.58 63.65 -2.88
C TYR C 107 -12.28 63.26 -4.32
N ASP C 108 -13.13 63.76 -5.20
CA ASP C 108 -13.05 63.40 -6.61
C ASP C 108 -12.26 64.50 -7.30
N THR C 109 -11.05 64.16 -7.71
CA THR C 109 -10.19 65.16 -8.31
C THR C 109 -10.62 65.46 -9.75
N ARG C 110 -11.64 64.77 -10.25
CA ARG C 110 -12.18 65.07 -11.59
C ARG C 110 -13.05 66.30 -11.45
N LYS C 111 -13.39 66.71 -10.22
CA LYS C 111 -14.07 67.98 -10.03
C LYS C 111 -13.54 68.93 -8.95
N LEU C 112 -13.01 68.40 -7.86
CA LEU C 112 -12.55 69.25 -6.78
C LEU C 112 -11.07 69.24 -6.68
N SER C 113 -10.50 70.25 -6.03
CA SER C 113 -9.09 70.32 -5.69
C SER C 113 -8.95 70.55 -4.20
N GLU C 114 -7.78 70.24 -3.64
CA GLU C 114 -7.42 70.54 -2.26
C GLU C 114 -7.41 72.03 -2.07
N LYS C 115 -8.53 72.66 -2.36
CA LYS C 115 -8.71 74.09 -2.10
C LYS C 115 -10.21 74.38 -1.97
N ASP C 116 -11.01 73.58 -2.67
CA ASP C 116 -12.46 73.62 -2.58
C ASP C 116 -12.93 72.97 -1.28
N LEU C 117 -12.00 72.33 -0.58
CA LEU C 117 -12.35 71.50 0.57
C LEU C 117 -12.39 72.35 1.84
N GLU C 118 -12.79 71.78 2.96
CA GLU C 118 -13.00 72.59 4.15
C GLU C 118 -11.76 72.62 5.04
N LYS C 119 -11.58 73.68 5.80
CA LYS C 119 -10.49 73.71 6.80
C LYS C 119 -11.01 73.05 8.09
N SER C 120 -12.27 72.62 8.07
CA SER C 120 -12.86 71.97 9.23
C SER C 120 -13.87 70.88 8.87
N VAL C 121 -13.78 69.70 9.48
CA VAL C 121 -14.79 68.67 9.22
C VAL C 121 -16.18 69.10 9.70
N LEU C 122 -16.18 70.13 10.54
CA LEU C 122 -17.47 70.60 11.09
C LEU C 122 -18.25 71.31 9.97
N ASN C 123 -17.53 71.75 8.94
CA ASN C 123 -18.16 72.65 7.99
C ASN C 123 -18.87 71.92 6.86
N TYR C 124 -18.63 70.62 6.79
CA TYR C 124 -19.32 69.77 5.82
C TYR C 124 -20.81 69.67 6.10
N ALA C 125 -21.20 69.97 7.34
CA ALA C 125 -22.59 69.85 7.77
C ALA C 125 -23.37 71.16 7.44
N THR C 126 -23.38 71.52 6.16
CA THR C 126 -23.99 72.77 5.74
C THR C 126 -24.57 72.59 4.34
N PRO C 127 -25.59 73.43 4.00
CA PRO C 127 -26.25 73.43 2.70
C PRO C 127 -25.28 73.39 1.52
N LYS C 128 -24.11 74.00 1.68
CA LYS C 128 -23.10 74.00 0.61
C LYS C 128 -22.72 72.59 0.19
N TRP C 129 -22.72 71.66 1.14
CA TRP C 129 -22.30 70.27 0.82
C TRP C 129 -23.46 69.35 0.56
N LYS C 130 -24.58 69.98 0.20
CA LYS C 130 -25.80 69.25 -0.04
C LYS C 130 -25.56 68.26 -1.16
N ASN C 131 -25.69 66.98 -0.78
CA ASN C 131 -25.52 65.89 -1.74
C ASN C 131 -24.12 65.84 -2.37
N ARG C 132 -23.11 66.36 -1.69
CA ARG C 132 -21.73 66.28 -2.18
C ARG C 132 -20.80 65.60 -1.12
N ILE C 133 -21.35 65.22 0.03
CA ILE C 133 -20.51 64.68 1.09
C ILE C 133 -21.10 63.42 1.61
N GLY C 134 -20.32 62.33 1.57
CA GLY C 134 -20.79 61.05 2.09
C GLY C 134 -20.30 60.78 3.52
N TYR C 135 -21.07 60.05 4.31
CA TYR C 135 -20.62 59.68 5.64
C TYR C 135 -21.22 58.30 5.89
N VAL C 136 -20.68 57.59 6.86
CA VAL C 136 -21.08 56.21 7.12
C VAL C 136 -21.58 56.06 8.56
N PRO C 137 -22.88 56.32 8.77
CA PRO C 137 -23.59 56.40 10.02
C PRO C 137 -23.44 55.16 10.88
N THR C 138 -23.23 54.00 10.26
CA THR C 138 -23.10 52.75 11.04
C THR C 138 -21.68 52.37 11.46
N SER C 139 -20.71 53.12 10.98
CA SER C 139 -19.29 52.83 11.18
C SER C 139 -18.84 53.19 12.59
N GLY C 140 -18.00 52.30 13.14
CA GLY C 140 -17.31 52.52 14.42
C GLY C 140 -16.45 53.75 14.40
N ALA C 141 -15.84 54.02 13.24
CA ALA C 141 -14.97 55.19 13.16
C ALA C 141 -15.74 56.52 13.09
N PHE C 142 -17.00 56.46 12.63
CA PHE C 142 -17.86 57.67 12.65
C PHE C 142 -18.31 57.99 14.09
N LEU C 143 -18.56 56.94 14.87
CA LEU C 143 -18.90 57.14 16.26
C LEU C 143 -17.69 57.73 16.99
N GLU C 144 -16.50 57.22 16.65
CA GLU C 144 -15.27 57.72 17.26
C GLU C 144 -15.15 59.22 17.03
N GLN C 145 -15.29 59.63 15.78
CA GLN C 145 -15.30 61.06 15.43
C GLN C 145 -16.32 61.86 16.25
N ILE C 146 -17.50 61.30 16.50
CA ILE C 146 -18.51 62.01 17.29
C ILE C 146 -17.98 62.23 18.70
N VAL C 147 -17.40 61.17 19.26
CA VAL C 147 -16.90 61.19 20.62
C VAL C 147 -15.88 62.30 20.68
N ALA C 148 -15.00 62.34 19.68
CA ALA C 148 -13.96 63.35 19.69
C ALA C 148 -14.59 64.73 19.70
N ILE C 149 -15.64 64.96 18.91
CA ILE C 149 -16.17 66.30 18.77
C ILE C 149 -16.72 66.72 20.12
N VAL C 150 -17.59 65.90 20.67
CA VAL C 150 -18.08 66.15 22.03
C VAL C 150 -16.97 66.54 22.99
N LYS C 151 -15.92 65.73 22.99
CA LYS C 151 -14.84 65.98 23.93
C LYS C 151 -14.16 67.31 23.68
N LEU C 152 -14.13 67.70 22.40
CA LEU C 152 -13.23 68.78 22.00
C LEU C 152 -13.94 70.12 21.90
N LYS C 153 -15.26 70.06 21.66
CA LYS C 153 -16.04 71.21 21.31
C LYS C 153 -17.36 71.28 22.07
N GLY C 154 -17.64 70.28 22.90
CA GLY C 154 -18.86 70.33 23.70
C GLY C 154 -19.93 69.56 22.94
N GLU C 155 -20.98 69.19 23.63
CA GLU C 155 -22.00 68.36 22.98
C GLU C 155 -22.77 69.10 21.86
N ALA C 156 -23.13 70.36 22.05
CA ALA C 156 -24.03 71.05 21.12
C ALA C 156 -23.36 70.98 19.74
N ALA C 157 -22.08 71.35 19.69
CA ALA C 157 -21.31 71.23 18.45
C ALA C 157 -21.49 69.85 17.79
N ALA C 158 -21.25 68.80 18.58
CA ALA C 158 -21.50 67.44 18.13
C ALA C 158 -22.86 67.30 17.50
N LEU C 159 -23.90 67.68 18.25
CA LEU C 159 -25.25 67.53 17.76
C LEU C 159 -25.50 68.30 16.47
N LYS C 160 -25.03 69.54 16.45
CA LYS C 160 -25.28 70.40 15.29
C LYS C 160 -24.65 69.77 14.04
N TRP C 161 -23.47 69.18 14.22
CA TRP C 161 -22.79 68.51 13.15
C TRP C 161 -23.65 67.40 12.58
N LEU C 162 -24.13 66.51 13.43
CA LEU C 162 -24.87 65.40 12.90
C LEU C 162 -26.16 65.82 12.20
N LYS C 163 -26.92 66.69 12.85
CA LYS C 163 -28.22 67.10 12.29
C LYS C 163 -27.97 67.68 10.91
N GLY C 164 -26.86 68.39 10.76
CA GLY C 164 -26.53 68.98 9.49
C GLY C 164 -26.23 67.96 8.40
N LEU C 165 -25.38 66.98 8.74
CA LEU C 165 -24.97 65.90 7.86
C LEU C 165 -26.20 65.09 7.52
N LYS C 166 -27.08 64.89 8.49
CA LYS C 166 -28.32 64.20 8.24
C LYS C 166 -29.11 64.91 7.13
N GLU C 167 -29.27 66.22 7.23
CA GLU C 167 -30.08 66.93 6.25
C GLU C 167 -29.39 66.85 4.89
N TYR C 168 -28.08 67.11 4.89
CA TYR C 168 -27.38 67.49 3.67
C TYR C 168 -26.54 66.42 3.02
N GLY C 169 -25.94 65.58 3.86
CA GLY C 169 -25.04 64.54 3.38
C GLY C 169 -25.80 63.37 2.79
N LYS C 170 -25.08 62.32 2.38
CA LYS C 170 -25.70 61.09 1.91
C LYS C 170 -25.08 59.94 2.65
N PRO C 171 -25.90 59.03 3.17
CA PRO C 171 -25.39 57.93 3.97
C PRO C 171 -24.95 56.75 3.13
N TYR C 172 -23.93 56.02 3.56
CA TYR C 172 -23.49 54.77 2.91
C TYR C 172 -23.28 53.66 3.90
N ALA C 173 -23.45 52.44 3.45
CA ALA C 173 -23.52 51.30 4.34
C ALA C 173 -22.14 51.02 4.95
N LYS C 174 -21.06 51.27 4.20
CA LYS C 174 -19.74 50.96 4.68
C LYS C 174 -18.70 51.92 4.16
N ASN C 175 -17.58 52.04 4.85
CA ASN C 175 -16.50 52.93 4.36
C ASN C 175 -16.03 52.59 2.92
N SER C 176 -15.90 51.31 2.60
CA SER C 176 -15.46 50.87 1.26
C SER C 176 -16.46 51.28 0.17
N VAL C 177 -17.72 51.27 0.53
CA VAL C 177 -18.80 51.59 -0.43
C VAL C 177 -18.85 53.10 -0.72
N ALA C 178 -18.54 53.91 0.28
CA ALA C 178 -18.46 55.35 0.09
C ALA C 178 -17.20 55.74 -0.71
N LEU C 179 -16.07 55.13 -0.42
CA LEU C 179 -14.89 55.26 -1.24
C LEU C 179 -15.18 55.00 -2.73
N GLN C 180 -15.82 53.86 -2.97
CA GLN C 180 -16.17 53.48 -4.33
C GLN C 180 -17.16 54.42 -4.98
N ALA C 181 -18.04 54.98 -4.18
CA ALA C 181 -19.03 55.94 -4.72
C ALA C 181 -18.33 57.20 -5.20
N VAL C 182 -17.30 57.67 -4.46
CA VAL C 182 -16.57 58.84 -4.89
C VAL C 182 -15.63 58.56 -6.05
N GLU C 183 -15.02 57.40 -5.98
CA GLU C 183 -14.24 56.90 -7.11
C GLU C 183 -15.04 56.76 -8.40
N ASN C 184 -16.32 56.44 -8.26
CA ASN C 184 -17.19 56.15 -9.40
C ASN C 184 -17.97 57.39 -9.83
N GLY C 185 -17.57 58.55 -9.32
CA GLY C 185 -18.22 59.76 -9.75
C GLY C 185 -19.55 60.09 -9.08
N GLU C 186 -19.92 59.28 -8.09
CA GLU C 186 -21.31 59.28 -7.64
C GLU C 186 -21.53 60.50 -6.73
N ILE C 187 -20.46 61.01 -6.14
CA ILE C 187 -20.58 62.09 -5.18
C ILE C 187 -19.16 62.60 -4.98
N ASP C 188 -19.06 63.89 -4.65
CA ASP C 188 -17.80 64.61 -4.67
C ASP C 188 -16.75 64.14 -3.64
N ALA C 189 -17.18 63.92 -2.41
CA ALA C 189 -16.25 63.70 -1.28
C ALA C 189 -16.95 62.84 -0.23
N ALA C 190 -16.16 62.25 0.66
CA ALA C 190 -16.68 61.35 1.67
C ALA C 190 -15.74 61.32 2.86
N LEU C 191 -16.36 61.21 4.03
CA LEU C 191 -15.61 61.07 5.27
C LEU C 191 -15.31 59.56 5.50
N ILE C 192 -14.04 59.20 5.44
CA ILE C 192 -13.66 57.83 5.71
C ILE C 192 -12.36 57.76 6.53
N ASN C 193 -11.79 56.55 6.63
CA ASN C 193 -10.47 56.30 7.22
C ASN C 193 -9.36 56.27 6.13
N ASN C 194 -8.20 56.80 6.47
CA ASN C 194 -7.13 56.99 5.48
C ASN C 194 -6.72 55.71 4.78
N TYR C 195 -6.72 54.60 5.53
CA TYR C 195 -6.14 53.34 5.01
C TYR C 195 -6.88 52.74 3.84
N TYR C 196 -8.20 52.87 3.76
CA TYR C 196 -8.93 52.25 2.61
C TYR C 196 -8.40 52.80 1.29
N TRP C 197 -8.08 54.10 1.28
CA TRP C 197 -7.68 54.78 0.07
C TRP C 197 -6.29 54.25 -0.35
N HIS C 198 -5.30 54.31 0.54
CA HIS C 198 -3.94 53.85 0.22
C HIS C 198 -3.93 52.39 -0.18
N ALA C 199 -4.68 51.53 0.54
CA ALA C 199 -4.81 50.15 0.12
C ALA C 199 -5.35 50.05 -1.33
N PHE C 200 -6.32 50.88 -1.68
CA PHE C 200 -7.00 50.81 -3.00
C PHE C 200 -6.08 51.32 -4.10
N ALA C 201 -5.45 52.46 -3.82
CA ALA C 201 -4.44 53.04 -4.68
C ALA C 201 -3.31 52.08 -4.93
N ARG C 202 -2.79 51.47 -3.87
CA ARG C 202 -1.68 50.54 -4.03
C ARG C 202 -2.01 49.45 -5.00
N GLU C 203 -3.24 48.96 -4.87
CA GLU C 203 -3.74 47.82 -5.64
C GLU C 203 -3.94 48.16 -7.11
N LYS C 204 -4.50 49.34 -7.37
CA LYS C 204 -4.91 49.72 -8.74
C LYS C 204 -3.75 50.38 -9.53
N GLY C 205 -2.85 51.10 -8.86
CA GLY C 205 -1.96 52.10 -9.42
C GLY C 205 -2.59 53.46 -9.22
N VAL C 206 -1.83 54.40 -8.68
CA VAL C 206 -2.35 55.70 -8.28
C VAL C 206 -2.71 56.47 -9.50
N GLN C 207 -2.01 56.14 -10.61
CA GLN C 207 -2.28 56.79 -11.89
C GLN C 207 -3.66 56.47 -12.43
N ASN C 208 -4.25 55.42 -11.88
CA ASN C 208 -5.54 54.87 -12.37
C ASN C 208 -6.74 55.25 -11.48
N VAL C 209 -6.48 55.82 -10.32
CA VAL C 209 -7.60 56.21 -9.45
C VAL C 209 -7.79 57.74 -9.38
N HIS C 210 -9.04 58.21 -9.38
CA HIS C 210 -9.31 59.65 -9.49
C HIS C 210 -9.54 60.36 -8.17
N THR C 211 -9.42 59.57 -7.12
CA THR C 211 -9.84 60.10 -5.83
C THR C 211 -8.55 60.46 -5.08
N ARG C 212 -8.57 61.53 -4.31
CA ARG C 212 -7.43 61.86 -3.45
C ARG C 212 -7.85 62.20 -2.02
N LEU C 213 -6.90 62.17 -1.08
CA LEU C 213 -7.17 62.33 0.33
C LEU C 213 -6.82 63.72 0.80
N ASN C 214 -7.67 64.23 1.70
CA ASN C 214 -7.46 65.50 2.37
C ASN C 214 -7.35 65.41 3.88
N PHE C 215 -6.48 66.23 4.44
CA PHE C 215 -6.20 66.22 5.89
C PHE C 215 -6.43 67.62 6.46
N VAL C 216 -7.40 67.77 7.33
CA VAL C 216 -7.69 69.08 7.90
C VAL C 216 -6.55 69.64 8.74
N ARG C 217 -5.93 68.79 9.54
CA ARG C 217 -4.83 69.21 10.43
C ARG C 217 -5.21 70.27 11.47
N HIS C 218 -4.20 71.06 11.82
CA HIS C 218 -4.34 72.03 12.92
C HIS C 218 -5.24 71.63 14.07
N ARG C 219 -5.02 70.43 14.62
CA ARG C 219 -5.83 69.92 15.72
C ARG C 219 -7.33 70.05 15.52
N ASP C 220 -7.80 69.96 14.28
CA ASP C 220 -9.24 69.96 14.15
C ASP C 220 -9.81 68.63 14.61
N PRO C 221 -11.05 68.62 15.08
CA PRO C 221 -11.76 67.36 15.33
C PRO C 221 -11.61 66.33 14.22
N GLY C 222 -11.45 66.75 12.98
CA GLY C 222 -11.33 65.84 11.84
C GLY C 222 -9.94 65.40 11.48
N ALA C 223 -8.95 65.90 12.19
CA ALA C 223 -7.60 65.37 12.16
C ALA C 223 -7.47 64.18 13.12
N LEU C 224 -8.56 63.77 13.78
CA LEU C 224 -8.53 62.67 14.75
C LEU C 224 -7.75 61.43 14.30
N VAL C 225 -6.80 61.01 15.13
CA VAL C 225 -6.07 59.77 14.91
C VAL C 225 -6.48 58.74 15.97
N THR C 226 -6.75 57.54 15.48
CA THR C 226 -7.07 56.45 16.40
C THR C 226 -5.87 55.47 16.48
N TYR C 227 -5.57 55.00 17.70
CA TYR C 227 -4.36 54.24 17.93
C TYR C 227 -4.51 52.78 18.16
N SER C 228 -3.40 52.07 17.94
CA SER C 228 -3.37 50.65 18.19
C SER C 228 -2.17 50.47 19.14
N GLY C 229 -2.18 49.40 19.93
CA GLY C 229 -1.11 49.09 20.85
C GLY C 229 -1.00 47.61 21.12
N ALA C 230 -0.15 47.26 22.08
CA ALA C 230 -0.09 45.86 22.47
C ALA C 230 0.34 45.77 23.94
N ALA C 231 0.16 44.60 24.54
CA ALA C 231 0.57 44.41 25.92
C ALA C 231 0.91 42.92 26.14
N VAL C 232 1.68 42.70 27.21
CA VAL C 232 2.03 41.37 27.68
C VAL C 232 1.11 41.07 28.86
N LEU C 233 0.51 39.88 28.88
CA LEU C 233 -0.42 39.49 29.95
C LEU C 233 0.37 38.99 31.16
N LYS C 234 -0.23 39.11 32.34
CA LYS C 234 0.31 38.53 33.57
C LYS C 234 0.50 37.02 33.51
N SER C 235 -0.49 36.31 32.99
CA SER C 235 -0.50 34.84 33.02
C SER C 235 0.19 34.26 31.80
N SER C 236 1.24 34.95 31.30
CA SER C 236 1.89 34.56 30.05
C SER C 236 2.66 33.24 30.02
N GLN C 237 3.65 33.06 30.90
CA GLN C 237 4.45 31.83 30.88
C GLN C 237 5.41 31.72 29.72
N ASN C 238 5.32 32.63 28.76
CA ASN C 238 6.33 32.83 27.73
C ASN C 238 6.73 34.27 27.73
N LYS C 239 7.05 34.80 28.92
CA LYS C 239 7.17 36.23 29.13
C LYS C 239 8.49 36.87 28.73
N ASP C 240 9.50 36.02 28.58
CA ASP C 240 10.78 36.35 28.01
C ASP C 240 10.56 36.93 26.61
N GLU C 241 9.96 36.09 25.78
CA GLU C 241 9.79 36.40 24.37
C GLU C 241 8.58 37.29 24.11
N ALA C 242 7.62 37.31 25.01
CA ALA C 242 6.47 38.20 24.91
C ALA C 242 6.96 39.64 25.05
N LYS C 243 7.78 39.89 26.06
CA LYS C 243 8.35 41.24 26.17
C LYS C 243 9.21 41.61 24.97
N LYS C 244 9.95 40.64 24.42
CA LYS C 244 10.81 40.90 23.28
C LYS C 244 9.96 41.33 22.07
N PHE C 245 8.88 40.60 21.81
CA PHE C 245 8.03 40.84 20.67
C PHE C 245 7.36 42.22 20.72
N VAL C 246 6.80 42.61 21.86
CA VAL C 246 6.25 43.95 22.00
C VAL C 246 7.39 44.93 21.76
N ALA C 247 8.54 44.59 22.33
CA ALA C 247 9.74 45.40 22.13
C ALA C 247 9.98 45.52 20.64
N PHE C 248 9.78 44.43 19.91
CA PHE C 248 10.05 44.42 18.49
C PHE C 248 9.04 45.34 17.78
N LEU C 249 7.76 45.09 18.05
CA LEU C 249 6.66 45.82 17.42
C LEU C 249 6.86 47.29 17.60
N ALA C 250 7.56 47.62 18.68
CA ALA C 250 7.87 48.99 19.06
C ALA C 250 9.06 49.61 18.32
N GLY C 251 9.99 48.76 17.94
CA GLY C 251 11.27 49.21 17.36
C GLY C 251 11.20 49.46 15.86
N LYS C 252 12.20 50.17 15.31
CA LYS C 252 12.40 50.34 13.87
C LYS C 252 12.02 49.16 12.97
N GLU C 253 12.51 47.97 13.29
CA GLU C 253 12.23 46.81 12.46
C GLU C 253 10.73 46.47 12.39
N GLY C 254 10.12 46.12 13.53
CA GLY C 254 8.70 45.76 13.52
C GLY C 254 7.81 46.88 12.97
N GLN C 255 8.09 48.12 13.37
CA GLN C 255 7.38 49.26 12.81
C GLN C 255 7.48 49.31 11.27
N ARG C 256 8.69 49.12 10.76
CA ARG C 256 8.92 49.08 9.32
C ARG C 256 8.13 47.92 8.71
N ALA C 257 8.13 46.75 9.32
CA ALA C 257 7.54 45.54 8.74
C ALA C 257 6.05 45.78 8.55
N LEU C 258 5.42 46.47 9.50
CA LEU C 258 3.98 46.68 9.45
C LEU C 258 3.67 47.76 8.38
N THR C 259 4.47 48.81 8.35
CA THR C 259 4.28 49.92 7.46
C THR C 259 4.63 49.57 6.02
N ALA C 260 5.20 48.40 5.82
CA ALA C 260 5.41 47.85 4.47
C ALA C 260 4.09 47.30 3.91
N VAL C 261 3.19 46.92 4.80
CA VAL C 261 1.99 46.21 4.36
C VAL C 261 0.68 46.97 4.67
N ARG C 262 0.64 47.68 5.78
CA ARG C 262 -0.60 48.34 6.19
C ARG C 262 -0.36 49.83 6.18
N ALA C 263 -1.37 50.58 5.74
CA ALA C 263 -1.29 52.04 5.76
C ALA C 263 -1.69 52.66 7.11
N GLU C 264 -1.07 52.20 8.20
CA GLU C 264 -1.09 52.90 9.46
C GLU C 264 0.14 53.76 9.73
N TYR C 265 -0.05 54.94 10.32
CA TYR C 265 1.09 55.76 10.70
C TYR C 265 1.90 55.10 11.84
N PRO C 266 3.20 54.90 11.59
CA PRO C 266 4.14 54.40 12.61
C PRO C 266 4.42 55.47 13.65
N LEU C 267 4.49 55.07 14.91
CA LEU C 267 4.73 56.01 16.03
C LEU C 267 6.24 56.18 16.35
N ASN C 268 7.03 55.17 16.01
CA ASN C 268 8.48 55.24 16.04
C ASN C 268 8.93 56.36 15.09
N PRO C 269 9.69 57.35 15.60
CA PRO C 269 10.25 58.47 14.82
C PRO C 269 11.20 58.09 13.67
N HIS C 270 11.84 56.92 13.75
CA HIS C 270 12.86 56.54 12.79
C HIS C 270 12.29 55.64 11.69
N VAL C 271 10.96 55.68 11.51
CA VAL C 271 10.32 54.89 10.46
C VAL C 271 9.71 55.71 9.34
N VAL C 272 10.16 55.45 8.13
CA VAL C 272 9.60 55.97 6.91
C VAL C 272 8.62 54.92 6.32
N SER C 273 7.41 55.39 6.04
CA SER C 273 6.37 54.54 5.52
C SER C 273 6.59 54.09 4.06
N THR C 274 6.05 52.93 3.74
CA THR C 274 5.98 52.39 2.38
C THR C 274 4.82 53.00 1.59
N PHE C 275 3.80 53.48 2.30
CA PHE C 275 2.74 54.29 1.69
C PHE C 275 3.11 55.74 1.79
N ASN C 276 2.45 56.58 0.99
CA ASN C 276 2.74 58.00 1.04
C ASN C 276 2.18 58.72 2.25
N LEU C 277 2.75 58.48 3.42
CA LEU C 277 2.30 59.09 4.66
C LEU C 277 3.23 60.21 5.12
N GLU C 278 2.65 61.25 5.70
CA GLU C 278 3.41 62.33 6.28
C GLU C 278 3.62 61.97 7.74
N PRO C 279 4.85 62.08 8.25
CA PRO C 279 5.09 61.95 9.70
C PRO C 279 3.83 62.29 10.50
N ILE C 280 3.45 61.40 11.41
CA ILE C 280 2.23 61.58 12.18
C ILE C 280 2.25 62.91 12.87
N ALA C 281 3.46 63.37 13.20
CA ALA C 281 3.59 64.71 13.76
C ALA C 281 2.86 65.67 12.85
N LYS C 282 3.22 65.60 11.57
CA LYS C 282 2.67 66.54 10.57
C LYS C 282 1.14 66.42 10.39
N LEU C 283 0.53 65.39 10.98
CA LEU C 283 -0.92 65.26 10.94
C LEU C 283 -1.58 66.34 11.79
N GLU C 284 -0.83 66.75 12.82
CA GLU C 284 -1.36 67.67 13.85
C GLU C 284 -2.72 67.19 14.35
N ALA C 285 -2.75 65.96 14.81
CA ALA C 285 -3.96 65.38 15.38
C ALA C 285 -4.30 66.01 16.71
N PRO C 286 -5.59 66.20 16.97
CA PRO C 286 -5.94 66.72 18.29
C PRO C 286 -5.69 65.64 19.33
N GLN C 287 -5.56 66.07 20.57
CA GLN C 287 -5.34 65.11 21.65
C GLN C 287 -6.70 64.78 22.28
N VAL C 288 -7.02 63.49 22.36
CA VAL C 288 -8.27 63.06 22.95
C VAL C 288 -7.99 61.92 23.90
N SER C 289 -8.73 61.84 25.00
CA SER C 289 -8.63 60.67 25.88
C SER C 289 -9.29 59.41 25.26
N ALA C 290 -8.88 58.25 25.74
CA ALA C 290 -9.42 56.99 25.28
C ALA C 290 -10.95 57.02 25.38
N THR C 291 -11.65 56.39 24.45
CA THR C 291 -13.10 56.32 24.51
C THR C 291 -13.61 55.38 25.60
N THR C 292 -14.69 55.80 26.25
CA THR C 292 -15.32 54.97 27.28
C THR C 292 -16.64 54.40 26.75
N VAL C 293 -17.22 53.50 27.52
CA VAL C 293 -18.51 52.92 27.18
C VAL C 293 -19.63 53.96 27.09
N SER C 294 -19.66 54.86 28.07
CA SER C 294 -20.62 55.94 28.17
C SER C 294 -20.51 56.97 27.08
N GLU C 295 -19.26 57.29 26.78
CA GLU C 295 -19.01 58.19 25.65
C GLU C 295 -19.47 57.53 24.36
N LYS C 296 -19.38 56.20 24.23
CA LYS C 296 -20.01 55.51 23.08
C LYS C 296 -21.56 55.63 23.15
N GLU C 297 -22.07 55.33 24.32
CA GLU C 297 -23.53 55.41 24.56
C GLU C 297 -24.01 56.81 24.24
N HIS C 298 -23.25 57.82 24.64
CA HIS C 298 -23.65 59.20 24.40
C HIS C 298 -23.72 59.45 22.88
N ALA C 299 -22.65 59.23 22.14
CA ALA C 299 -22.66 59.49 20.71
C ALA C 299 -23.77 58.71 19.98
N THR C 300 -24.04 57.49 20.44
CA THR C 300 -25.06 56.67 19.83
C THR C 300 -26.45 57.28 20.07
N ARG C 301 -26.62 58.03 21.16
CA ARG C 301 -27.87 58.80 21.36
C ARG C 301 -27.94 60.04 20.52
N LEU C 302 -26.83 60.80 20.52
CA LEU C 302 -26.69 61.91 19.58
C LEU C 302 -27.08 61.46 18.18
N LEU C 303 -26.52 60.33 17.77
CA LEU C 303 -26.87 59.68 16.49
C LEU C 303 -28.38 59.55 16.29
N GLU C 304 -29.15 59.35 17.36
CA GLU C 304 -30.59 59.19 17.15
C GLU C 304 -31.31 60.53 17.25
N GLN C 305 -30.86 61.40 18.16
CA GLN C 305 -31.37 62.75 18.17
C GLN C 305 -31.39 63.32 16.76
N ALA C 306 -30.25 63.15 16.07
CA ALA C 306 -30.16 63.68 14.72
C ALA C 306 -30.90 62.72 13.78
N GLY C 307 -31.13 61.51 14.26
CA GLY C 307 -32.00 60.52 13.65
C GLY C 307 -31.29 59.76 12.57
N MET C 308 -30.23 59.03 12.93
CA MET C 308 -29.34 58.38 11.97
C MET C 308 -29.08 56.88 12.22
N LYS C 309 -28.41 56.55 13.34
CA LYS C 309 -27.85 55.22 13.65
C LYS C 309 -27.46 54.34 12.47
N ASP D 1 61.71 44.30 16.87
CA ASP D 1 60.44 44.65 16.15
C ASP D 1 60.42 43.94 14.80
N ILE D 2 59.21 43.59 14.37
CA ILE D 2 59.07 43.04 13.04
C ILE D 2 57.84 43.67 12.43
N THR D 3 57.93 43.91 11.11
CA THR D 3 56.83 44.33 10.25
C THR D 3 56.23 43.10 9.50
N VAL D 4 54.91 43.06 9.53
CA VAL D 4 54.14 41.92 9.05
C VAL D 4 53.14 42.30 7.98
N TYR D 5 53.33 41.79 6.77
CA TYR D 5 52.39 41.90 5.68
C TYR D 5 51.28 40.88 5.82
N ASN D 6 50.07 41.40 5.99
CA ASN D 6 48.99 40.54 6.47
C ASN D 6 47.91 40.41 5.41
N GLY D 7 47.80 39.21 4.84
CA GLY D 7 46.67 38.93 3.96
C GLY D 7 45.48 38.28 4.63
N GLN D 8 45.60 38.03 5.91
CA GLN D 8 44.55 37.36 6.65
C GLN D 8 43.64 38.38 7.33
N HIS D 9 42.61 37.87 8.01
CA HIS D 9 41.69 38.69 8.77
C HIS D 9 42.38 39.61 9.77
N LYS D 10 42.07 40.91 9.72
CA LYS D 10 42.70 41.93 10.56
C LYS D 10 42.64 41.58 12.05
N GLU D 11 41.52 41.04 12.48
CA GLU D 11 41.29 40.66 13.87
C GLU D 11 42.05 39.40 14.29
N ALA D 12 42.09 38.40 13.41
CA ALA D 12 42.91 37.23 13.69
C ALA D 12 44.40 37.56 13.76
N ALA D 13 44.88 38.29 12.76
CA ALA D 13 46.26 38.75 12.76
C ALA D 13 46.55 39.58 14.01
N GLN D 14 45.67 40.54 14.27
CA GLN D 14 45.77 41.39 15.45
C GLN D 14 45.85 40.54 16.71
N ALA D 15 45.06 39.49 16.72
CA ALA D 15 45.06 38.62 17.88
C ALA D 15 46.48 38.06 18.06
N VAL D 16 46.97 37.34 17.05
CA VAL D 16 48.25 36.66 17.15
C VAL D 16 49.42 37.61 17.29
N ALA D 17 49.25 38.83 16.81
CA ALA D 17 50.28 39.84 16.88
C ALA D 17 50.49 40.19 18.34
N ASP D 18 49.37 40.33 19.05
CA ASP D 18 49.42 40.69 20.46
C ASP D 18 49.83 39.53 21.34
N ALA D 19 49.40 38.34 20.95
CA ALA D 19 49.70 37.15 21.76
C ALA D 19 51.23 36.96 21.77
N PHE D 20 51.86 37.20 20.63
CA PHE D 20 53.31 37.11 20.47
C PHE D 20 53.99 38.27 21.19
N THR D 21 53.49 39.49 21.01
CA THR D 21 54.08 40.67 21.66
C THR D 21 54.04 40.55 23.19
N ARG D 22 53.16 39.68 23.68
CA ARG D 22 52.93 39.50 25.11
C ARG D 22 54.05 38.70 25.75
N ALA D 23 54.09 37.40 25.44
CA ALA D 23 55.12 36.53 26.00
C ALA D 23 56.50 36.54 25.34
N THR D 24 56.82 37.57 24.54
CA THR D 24 58.16 37.76 23.99
C THR D 24 58.61 39.20 24.11
N GLY D 25 57.65 40.12 24.07
CA GLY D 25 57.96 41.53 24.13
C GLY D 25 58.19 42.19 22.80
N ILE D 26 58.41 41.41 21.75
CA ILE D 26 58.64 41.97 20.42
C ILE D 26 57.41 42.67 19.83
N LYS D 27 57.58 43.89 19.35
CA LYS D 27 56.54 44.66 18.67
C LYS D 27 56.19 44.06 17.30
N VAL D 28 54.98 44.33 16.83
CA VAL D 28 54.56 43.78 15.55
C VAL D 28 53.70 44.81 14.78
N LYS D 29 54.15 45.15 13.58
CA LYS D 29 53.45 46.17 12.82
C LYS D 29 52.77 45.40 11.69
N LEU D 30 51.46 45.58 11.58
CA LEU D 30 50.69 44.97 10.50
C LEU D 30 50.42 46.00 9.41
N ASN D 31 50.66 45.61 8.16
CA ASN D 31 50.00 46.27 7.03
C ASN D 31 49.16 45.23 6.31
N SER D 32 47.87 45.24 6.59
CA SER D 32 46.97 44.21 6.07
C SER D 32 46.59 44.60 4.65
N ALA D 33 46.36 43.58 3.84
CA ALA D 33 45.89 43.72 2.48
C ALA D 33 45.51 42.36 1.91
N LYS D 34 45.17 42.34 0.63
CA LYS D 34 44.88 41.12 -0.10
C LYS D 34 46.22 40.46 -0.41
N GLY D 35 46.26 39.13 -0.20
CA GLY D 35 47.52 38.42 -0.37
C GLY D 35 48.22 38.57 -1.71
N ASP D 36 47.44 38.49 -2.79
CA ASP D 36 47.90 38.63 -4.16
C ASP D 36 48.73 39.92 -4.32
N GLN D 37 48.12 41.06 -3.96
CA GLN D 37 48.78 42.34 -3.87
C GLN D 37 50.03 42.35 -2.99
N LEU D 38 49.91 41.81 -1.77
CA LEU D 38 51.02 41.79 -0.86
C LEU D 38 52.18 41.05 -1.52
N ALA D 39 51.88 39.91 -2.14
CA ALA D 39 52.85 39.10 -2.87
C ALA D 39 53.53 40.02 -3.89
N GLY D 40 52.72 40.84 -4.56
CA GLY D 40 53.26 41.73 -5.59
C GLY D 40 54.11 42.84 -5.03
N GLN D 41 53.63 43.42 -3.93
CA GLN D 41 54.40 44.47 -3.27
C GLN D 41 55.80 43.92 -2.96
N ILE D 42 55.84 42.80 -2.23
CA ILE D 42 57.09 42.18 -1.83
C ILE D 42 58.01 42.00 -3.02
N LYS D 43 57.45 41.59 -4.15
CA LYS D 43 58.25 41.46 -5.36
C LYS D 43 58.86 42.80 -5.82
N GLU D 44 58.06 43.86 -5.77
CA GLU D 44 58.46 45.21 -6.18
C GLU D 44 59.53 45.82 -5.29
N GLU D 45 59.28 45.95 -3.99
CA GLU D 45 60.24 46.53 -3.07
C GLU D 45 61.60 45.82 -3.12
N GLY D 46 61.59 44.56 -3.54
CA GLY D 46 62.80 43.71 -3.56
C GLY D 46 63.50 43.51 -2.23
N SER D 47 64.82 43.70 -2.25
CA SER D 47 65.64 43.57 -1.05
C SER D 47 65.52 44.83 -0.20
N ARG D 48 64.84 45.84 -0.74
CA ARG D 48 64.52 47.04 0.03
C ARG D 48 63.26 46.83 0.86
N SER D 49 62.68 45.63 0.78
CA SER D 49 61.36 45.37 1.36
C SER D 49 61.33 45.52 2.88
N PRO D 50 60.42 46.36 3.38
CA PRO D 50 60.02 46.59 4.76
C PRO D 50 59.63 45.32 5.51
N ALA D 51 58.84 44.46 4.89
CA ALA D 51 58.20 43.36 5.61
C ALA D 51 59.13 42.23 6.02
N ASP D 52 58.90 41.69 7.22
CA ASP D 52 59.74 40.63 7.75
C ASP D 52 59.11 39.26 7.56
N VAL D 53 57.78 39.19 7.68
CA VAL D 53 57.08 37.96 7.43
C VAL D 53 55.92 38.23 6.49
N PHE D 54 55.55 37.22 5.72
CA PHE D 54 54.31 37.30 4.98
C PHE D 54 53.35 36.31 5.63
N TYR D 55 52.15 36.77 5.87
CA TYR D 55 51.12 36.08 6.61
C TYR D 55 49.89 36.00 5.72
N SER D 56 49.64 34.85 5.12
CA SER D 56 48.76 34.80 3.96
C SER D 56 47.54 33.94 4.10
N GLU D 57 46.44 34.43 3.55
CA GLU D 57 45.21 33.65 3.50
C GLU D 57 45.29 32.65 2.33
N GLN D 58 46.33 32.76 1.50
CA GLN D 58 46.45 31.93 0.32
C GLN D 58 47.86 31.38 0.17
N ILE D 59 47.89 30.07 -0.02
CA ILE D 59 49.16 29.38 -0.24
C ILE D 59 49.68 29.69 -1.66
N PRO D 60 48.80 30.08 -2.58
CA PRO D 60 49.34 30.42 -3.88
C PRO D 60 50.19 31.68 -3.87
N ALA D 61 49.87 32.64 -3.01
CA ALA D 61 50.70 33.84 -2.93
C ALA D 61 52.04 33.61 -2.28
N LEU D 62 52.06 32.71 -1.31
CA LEU D 62 53.36 32.29 -0.78
C LEU D 62 54.23 31.55 -1.84
N ALA D 63 53.66 30.54 -2.51
CA ALA D 63 54.29 29.82 -3.62
C ALA D 63 54.87 30.73 -4.70
N THR D 64 54.28 31.89 -4.89
CA THR D 64 54.76 32.83 -5.88
C THR D 64 56.10 33.38 -5.45
N LEU D 65 56.16 33.96 -4.28
CA LEU D 65 57.39 34.54 -3.73
C LEU D 65 58.39 33.41 -3.56
N SER D 66 57.87 32.24 -3.21
CA SER D 66 58.71 31.06 -3.10
C SER D 66 59.41 30.75 -4.41
N ALA D 67 58.66 30.82 -5.49
CA ALA D 67 59.12 30.49 -6.83
C ALA D 67 60.23 31.45 -7.24
N ALA D 68 60.13 32.67 -6.75
CA ALA D 68 61.14 33.67 -7.04
C ALA D 68 62.17 33.78 -5.91
N ASN D 69 62.38 32.68 -5.18
CA ASN D 69 63.43 32.55 -4.17
C ASN D 69 63.49 33.72 -3.20
N LEU D 70 62.33 34.24 -2.80
CA LEU D 70 62.35 35.40 -1.93
C LEU D 70 62.18 35.06 -0.44
N LEU D 71 62.04 33.78 -0.15
CA LEU D 71 61.69 33.27 1.14
C LEU D 71 62.86 32.63 1.86
N GLU D 72 62.83 32.63 3.19
CA GLU D 72 63.90 32.06 4.03
C GLU D 72 63.54 30.68 4.55
N PRO D 73 64.46 29.74 4.36
CA PRO D 73 64.12 28.36 4.75
C PRO D 73 63.86 28.33 6.24
N LEU D 74 62.86 27.55 6.63
CA LEU D 74 62.45 27.49 8.03
C LEU D 74 63.03 26.24 8.68
N PRO D 75 63.26 26.26 10.01
CA PRO D 75 63.72 25.10 10.76
C PRO D 75 62.67 24.00 10.70
N ALA D 76 63.16 22.77 10.56
CA ALA D 76 62.28 21.61 10.52
C ALA D 76 61.35 21.52 11.74
N SER D 77 61.82 22.04 12.87
CA SER D 77 61.03 22.05 14.10
C SER D 77 59.76 22.87 13.82
N THR D 78 59.94 24.05 13.24
CA THR D 78 58.82 24.91 12.90
C THR D 78 57.83 24.11 12.06
N ILE D 79 58.26 23.62 10.91
CA ILE D 79 57.32 22.97 10.01
C ILE D 79 56.60 21.77 10.61
N ASN D 80 57.34 21.03 11.45
CA ASN D 80 56.79 19.81 12.05
C ASN D 80 55.58 20.04 12.94
N GLU D 81 55.37 21.26 13.41
CA GLU D 81 54.24 21.57 14.31
C GLU D 81 52.86 21.33 13.68
N THR D 82 52.80 21.57 12.37
CA THR D 82 51.49 21.56 11.71
C THR D 82 51.48 20.44 10.67
N ARG D 83 52.52 19.62 10.70
CA ARG D 83 52.58 18.40 9.89
C ARG D 83 51.27 17.63 9.96
N GLY D 84 50.85 17.09 8.82
CA GLY D 84 49.73 16.16 8.89
C GLY D 84 49.26 15.80 7.50
N LYS D 85 48.37 14.82 7.42
CA LYS D 85 47.85 14.39 6.11
C LYS D 85 46.98 15.44 5.44
N GLY D 86 47.23 15.66 4.16
CA GLY D 86 46.54 16.65 3.35
C GLY D 86 46.99 18.06 3.63
N VAL D 87 47.97 18.23 4.48
CA VAL D 87 48.49 19.54 4.77
C VAL D 87 49.53 19.95 3.73
N PRO D 88 49.36 21.16 3.15
CA PRO D 88 50.29 21.63 2.10
C PRO D 88 51.70 21.77 2.63
N VAL D 89 52.69 21.36 1.85
CA VAL D 89 54.10 21.33 2.27
C VAL D 89 54.93 22.14 1.30
N ALA D 90 55.78 22.99 1.85
CA ALA D 90 56.67 23.77 1.00
C ALA D 90 57.78 22.92 0.44
N ALA D 91 57.86 22.84 -0.89
CA ALA D 91 58.99 22.13 -1.49
C ALA D 91 60.30 22.70 -0.97
N LYS D 92 60.52 24.00 -1.17
CA LYS D 92 61.76 24.61 -0.76
C LYS D 92 61.81 24.84 0.75
N LYS D 93 60.90 24.21 1.48
CA LYS D 93 60.80 24.37 2.92
C LYS D 93 60.85 25.84 3.36
N ASP D 94 60.20 26.70 2.57
CA ASP D 94 60.26 28.13 2.89
C ASP D 94 58.96 28.78 3.40
N TRP D 95 57.90 28.00 3.62
CA TRP D 95 56.68 28.49 4.28
C TRP D 95 55.97 27.35 5.01
N VAL D 96 55.17 27.67 6.02
CA VAL D 96 54.45 26.69 6.78
C VAL D 96 52.95 26.93 6.71
N ALA D 97 52.18 25.85 6.60
CA ALA D 97 50.69 25.90 6.65
C ALA D 97 50.21 25.96 8.09
N LEU D 98 49.30 26.88 8.38
CA LEU D 98 48.89 27.17 9.74
C LEU D 98 47.47 26.76 10.13
N SER D 99 46.49 27.04 9.27
CA SER D 99 45.11 26.73 9.56
C SER D 99 44.35 26.52 8.28
N GLY D 100 43.15 25.98 8.44
CA GLY D 100 42.31 25.74 7.29
C GLY D 100 40.93 26.32 7.44
N ARG D 101 40.28 26.55 6.29
CA ARG D 101 38.93 27.10 6.21
C ARG D 101 38.15 26.05 5.43
N SER D 102 36.88 25.87 5.76
CA SER D 102 36.12 24.74 5.20
C SER D 102 34.89 25.20 4.41
N ARG D 103 34.68 24.64 3.21
CA ARG D 103 33.36 24.73 2.56
C ARG D 103 32.34 24.03 3.43
N VAL D 104 31.07 24.41 3.30
CA VAL D 104 30.05 23.67 4.01
C VAL D 104 28.64 23.85 3.45
N VAL D 105 27.73 22.99 3.89
CA VAL D 105 26.30 23.22 3.71
C VAL D 105 25.75 23.75 5.03
N VAL D 106 25.19 24.96 4.98
CA VAL D 106 24.43 25.47 6.14
C VAL D 106 22.96 25.18 5.85
N TYR D 107 22.26 24.59 6.82
CA TYR D 107 20.87 24.22 6.59
C TYR D 107 19.97 24.64 7.77
N ASP D 108 18.68 24.73 7.44
CA ASP D 108 17.61 25.01 8.39
C ASP D 108 17.09 23.75 9.06
N THR D 109 17.44 23.56 10.33
CA THR D 109 17.03 22.37 11.07
C THR D 109 15.51 22.29 11.25
N ARG D 110 14.83 23.44 11.11
CA ARG D 110 13.38 23.45 10.99
C ARG D 110 12.89 22.74 9.74
N LYS D 111 13.74 22.71 8.73
CA LYS D 111 13.43 22.07 7.46
C LYS D 111 14.21 20.78 7.22
N LEU D 112 15.37 20.61 7.86
CA LEU D 112 16.21 19.45 7.62
C LEU D 112 17.07 18.97 8.77
N SER D 113 17.26 17.66 8.85
CA SER D 113 18.35 17.15 9.64
C SER D 113 19.41 16.52 8.75
N GLU D 114 20.55 16.18 9.36
CA GLU D 114 21.70 15.62 8.62
C GLU D 114 21.28 14.55 7.62
N LYS D 115 20.69 13.47 8.14
CA LYS D 115 20.23 12.44 7.24
C LYS D 115 19.73 12.98 5.89
N ASP D 116 19.03 14.10 5.90
CA ASP D 116 18.39 14.66 4.71
C ASP D 116 19.39 15.28 3.72
N LEU D 117 20.58 15.65 4.19
CA LEU D 117 21.53 16.33 3.30
C LEU D 117 22.12 15.43 2.23
N GLU D 118 22.87 15.95 1.26
CA GLU D 118 23.53 15.09 0.27
C GLU D 118 24.86 14.62 0.84
N LYS D 119 25.35 13.49 0.32
CA LYS D 119 26.59 12.89 0.79
C LYS D 119 27.74 13.35 -0.11
N SER D 120 27.38 13.82 -1.30
CA SER D 120 28.32 14.57 -2.14
C SER D 120 27.80 15.99 -2.40
N VAL D 121 28.67 16.99 -2.58
CA VAL D 121 28.25 18.32 -3.00
C VAL D 121 27.68 18.33 -4.42
N LEU D 122 28.02 17.30 -5.18
CA LEU D 122 27.60 17.25 -6.57
C LEU D 122 26.12 16.93 -6.64
N ASN D 123 25.52 16.63 -5.48
CA ASN D 123 24.13 16.21 -5.43
C ASN D 123 23.12 17.35 -5.45
N TYR D 124 23.61 18.56 -5.17
CA TYR D 124 22.74 19.71 -5.14
C TYR D 124 22.32 20.21 -6.51
N ALA D 125 23.06 19.82 -7.57
CA ALA D 125 22.73 20.32 -8.89
C ALA D 125 21.53 19.60 -9.52
N THR D 126 20.47 19.37 -8.73
CA THR D 126 19.35 18.49 -9.11
C THR D 126 18.00 19.13 -8.80
N PRO D 127 16.93 18.64 -9.45
CA PRO D 127 15.55 19.09 -9.32
C PRO D 127 15.01 18.95 -7.89
N LYS D 128 15.49 17.94 -7.18
CA LYS D 128 15.21 17.75 -5.74
C LYS D 128 15.56 18.97 -4.88
N TRP D 129 16.44 19.86 -5.37
CA TRP D 129 16.92 21.00 -4.58
C TRP D 129 16.47 22.30 -5.25
N LYS D 130 15.51 22.17 -6.16
CA LYS D 130 14.99 23.33 -6.84
C LYS D 130 14.51 24.32 -5.79
N ASN D 131 15.09 25.51 -5.78
CA ASN D 131 14.67 26.53 -4.81
C ASN D 131 14.90 26.11 -3.36
N ARG D 132 15.80 25.14 -3.17
CA ARG D 132 16.12 24.59 -1.86
C ARG D 132 17.59 24.73 -1.46
N ILE D 133 18.47 24.95 -2.44
CA ILE D 133 19.88 25.16 -2.14
C ILE D 133 20.41 26.47 -2.72
N GLY D 134 20.99 27.31 -1.87
CA GLY D 134 21.63 28.51 -2.40
C GLY D 134 23.12 28.44 -2.65
N TYR D 135 23.62 29.31 -3.54
CA TYR D 135 25.03 29.26 -3.90
C TYR D 135 25.42 30.71 -4.16
N VAL D 136 26.73 30.99 -4.02
CA VAL D 136 27.25 32.34 -4.24
C VAL D 136 28.13 32.43 -5.47
N PRO D 137 27.51 32.77 -6.61
CA PRO D 137 28.09 32.88 -7.92
C PRO D 137 29.36 33.72 -8.03
N THR D 138 29.37 34.88 -7.39
CA THR D 138 30.51 35.81 -7.45
C THR D 138 31.50 35.54 -6.34
N SER D 139 31.37 34.43 -5.62
CA SER D 139 32.26 34.08 -4.52
C SER D 139 33.64 33.54 -4.94
N GLY D 140 34.71 34.09 -4.35
CA GLY D 140 36.08 33.60 -4.64
C GLY D 140 36.19 32.15 -4.14
N ALA D 141 35.49 31.85 -3.03
CA ALA D 141 35.48 30.52 -2.51
C ALA D 141 34.65 29.56 -3.38
N PHE D 142 33.60 30.11 -4.02
CA PHE D 142 32.85 29.34 -4.97
C PHE D 142 33.70 28.94 -6.16
N LEU D 143 34.51 29.89 -6.59
CA LEU D 143 35.38 29.65 -7.71
C LEU D 143 36.31 28.50 -7.37
N GLU D 144 36.96 28.63 -6.22
CA GLU D 144 37.85 27.59 -5.68
C GLU D 144 37.21 26.21 -5.60
N GLN D 145 35.93 26.21 -5.24
CA GLN D 145 35.15 24.96 -5.25
C GLN D 145 35.11 24.38 -6.65
N ILE D 146 34.86 25.22 -7.64
CA ILE D 146 34.86 24.79 -9.04
C ILE D 146 36.21 24.21 -9.45
N VAL D 147 37.25 24.96 -9.07
CA VAL D 147 38.59 24.52 -9.35
C VAL D 147 38.77 23.09 -8.84
N ALA D 148 38.20 22.80 -7.66
CA ALA D 148 38.48 21.57 -6.91
C ALA D 148 37.76 20.33 -7.49
N ILE D 149 36.51 20.53 -7.88
CA ILE D 149 35.80 19.48 -8.56
C ILE D 149 36.54 19.17 -9.87
N VAL D 150 37.08 20.18 -10.53
CA VAL D 150 37.75 19.93 -11.84
C VAL D 150 38.96 19.04 -11.70
N LYS D 151 39.80 19.34 -10.72
CA LYS D 151 40.89 18.45 -10.40
C LYS D 151 40.42 17.09 -9.91
N LEU D 152 39.51 17.08 -8.96
CA LEU D 152 38.99 15.81 -8.40
C LEU D 152 38.17 14.92 -9.33
N LYS D 153 37.49 15.54 -10.30
CA LYS D 153 36.41 14.87 -11.01
C LYS D 153 36.47 15.13 -12.51
N GLY D 154 37.10 16.22 -12.92
CA GLY D 154 37.28 16.52 -14.34
C GLY D 154 36.32 17.58 -14.82
N GLU D 155 36.57 18.13 -16.00
CA GLU D 155 35.75 19.22 -16.48
C GLU D 155 34.26 18.88 -16.48
N ALA D 156 33.82 18.11 -17.47
CA ALA D 156 32.43 17.70 -17.57
C ALA D 156 31.69 17.72 -16.22
N ALA D 157 32.20 17.01 -15.22
CA ALA D 157 31.54 16.94 -13.91
C ALA D 157 31.36 18.35 -13.33
N ALA D 158 32.38 19.20 -13.50
CA ALA D 158 32.31 20.57 -12.98
C ALA D 158 31.31 21.34 -13.82
N LEU D 159 31.26 21.05 -15.11
CA LEU D 159 30.27 21.73 -15.96
C LEU D 159 28.81 21.34 -15.67
N LYS D 160 28.62 20.06 -15.35
CA LYS D 160 27.28 19.57 -15.01
C LYS D 160 26.73 20.23 -13.72
N TRP D 161 27.61 20.35 -12.72
CA TRP D 161 27.25 20.93 -11.44
C TRP D 161 26.79 22.36 -11.60
N LEU D 162 27.57 23.20 -12.28
CA LEU D 162 27.24 24.59 -12.46
C LEU D 162 26.00 24.79 -13.31
N LYS D 163 25.79 23.84 -14.22
CA LYS D 163 24.56 23.88 -15.02
C LYS D 163 23.44 23.41 -14.12
N GLY D 164 23.72 22.35 -13.34
CA GLY D 164 22.78 21.88 -12.35
C GLY D 164 22.30 22.97 -11.42
N LEU D 165 23.22 23.87 -11.03
CA LEU D 165 22.95 24.88 -10.00
C LEU D 165 22.26 26.07 -10.62
N LYS D 166 22.66 26.46 -11.84
CA LYS D 166 22.02 27.58 -12.50
C LYS D 166 20.46 27.44 -12.46
N GLU D 167 19.94 26.32 -12.91
CA GLU D 167 18.47 26.22 -13.04
C GLU D 167 17.75 25.81 -11.76
N TYR D 168 18.47 25.09 -10.90
CA TYR D 168 17.87 24.58 -9.67
C TYR D 168 18.19 25.41 -8.43
N GLY D 169 19.34 26.07 -8.41
CA GLY D 169 19.77 26.84 -7.24
C GLY D 169 19.38 28.30 -7.28
N LYS D 170 19.32 28.91 -6.10
CA LYS D 170 19.11 30.32 -6.00
C LYS D 170 20.46 30.95 -5.72
N PRO D 171 20.81 31.97 -6.51
CA PRO D 171 22.07 32.68 -6.33
C PRO D 171 22.02 33.69 -5.21
N TYR D 172 23.15 33.90 -4.54
CA TYR D 172 23.19 35.04 -3.63
C TYR D 172 24.41 35.94 -3.88
N ALA D 173 24.29 37.19 -3.48
CA ALA D 173 25.34 38.17 -3.71
C ALA D 173 26.58 37.86 -2.89
N LYS D 174 26.39 37.37 -1.68
CA LYS D 174 27.50 37.20 -0.74
C LYS D 174 27.24 36.02 0.19
N ASN D 175 28.31 35.37 0.63
CA ASN D 175 28.18 34.34 1.66
C ASN D 175 27.26 34.73 2.81
N SER D 176 27.44 35.95 3.32
CA SER D 176 26.71 36.45 4.48
C SER D 176 25.22 36.51 4.17
N VAL D 177 24.95 37.02 2.97
CA VAL D 177 23.54 37.19 2.55
C VAL D 177 22.89 35.81 2.45
N ALA D 178 23.62 34.84 1.91
CA ALA D 178 23.08 33.48 1.85
C ALA D 178 22.81 32.88 3.22
N LEU D 179 23.71 33.11 4.14
CA LEU D 179 23.54 32.56 5.48
C LEU D 179 22.26 33.08 6.10
N GLN D 180 21.97 34.34 5.83
CA GLN D 180 20.84 35.00 6.45
C GLN D 180 19.57 34.50 5.81
N ALA D 181 19.61 34.30 4.51
CA ALA D 181 18.44 33.69 3.85
C ALA D 181 18.09 32.37 4.51
N VAL D 182 19.11 31.55 4.77
CA VAL D 182 18.85 30.25 5.39
C VAL D 182 18.24 30.50 6.79
N GLU D 183 18.94 31.27 7.61
CA GLU D 183 18.44 31.68 8.92
C GLU D 183 17.05 32.30 8.88
N ASN D 184 16.75 33.11 7.86
CA ASN D 184 15.40 33.60 7.65
C ASN D 184 14.39 32.55 7.14
N GLY D 185 14.89 31.36 6.86
CA GLY D 185 14.07 30.29 6.30
C GLY D 185 13.54 30.57 4.91
N GLU D 186 14.23 31.42 4.15
CA GLU D 186 13.82 31.71 2.77
C GLU D 186 14.25 30.54 1.86
N ILE D 187 15.17 29.72 2.36
CA ILE D 187 15.70 28.65 1.52
C ILE D 187 16.30 27.57 2.40
N ASP D 188 16.01 26.32 2.10
CA ASP D 188 16.44 25.21 2.94
C ASP D 188 17.92 25.21 3.27
N ALA D 189 18.78 25.21 2.26
CA ALA D 189 20.22 25.15 2.49
C ALA D 189 20.99 26.11 1.59
N ALA D 190 22.27 26.32 1.90
CA ALA D 190 23.17 27.13 1.10
C ALA D 190 24.60 26.62 1.22
N LEU D 191 25.43 26.87 0.20
CA LEU D 191 26.83 26.46 0.20
C LEU D 191 27.67 27.69 0.54
N ILE D 192 28.39 27.63 1.66
CA ILE D 192 29.16 28.76 2.14
C ILE D 192 30.51 28.26 2.74
N ASN D 193 31.19 29.13 3.47
CA ASN D 193 32.36 28.77 4.28
C ASN D 193 31.97 28.64 5.78
N ASN D 194 32.55 27.65 6.45
CA ASN D 194 32.19 27.29 7.80
C ASN D 194 32.21 28.48 8.75
N TYR D 195 33.23 29.32 8.63
CA TYR D 195 33.50 30.32 9.65
C TYR D 195 32.43 31.40 9.77
N TYR D 196 31.65 31.62 8.71
CA TYR D 196 30.62 32.65 8.70
C TYR D 196 29.56 32.29 9.71
N TRP D 197 29.28 31.01 9.80
CA TRP D 197 28.24 30.56 10.71
C TRP D 197 28.71 30.59 12.16
N HIS D 198 29.97 30.24 12.40
CA HIS D 198 30.56 30.33 13.74
C HIS D 198 30.71 31.75 14.24
N ALA D 199 30.92 32.73 13.37
CA ALA D 199 30.95 34.14 13.76
C ALA D 199 29.54 34.54 14.18
N PHE D 200 28.58 34.21 13.31
CA PHE D 200 27.17 34.59 13.55
C PHE D 200 26.64 34.10 14.91
N ALA D 201 26.89 32.83 15.19
CA ALA D 201 26.35 32.18 16.35
C ALA D 201 26.98 32.78 17.60
N ARG D 202 28.28 33.07 17.57
CA ARG D 202 28.92 33.44 18.81
C ARG D 202 28.27 34.78 19.22
N GLU D 203 28.20 35.76 18.32
CA GLU D 203 27.62 37.04 18.68
C GLU D 203 26.12 37.03 18.98
N LYS D 204 25.38 36.07 18.44
CA LYS D 204 23.94 36.02 18.74
C LYS D 204 23.58 35.07 19.90
N GLY D 205 24.46 34.12 20.17
CA GLY D 205 24.08 32.97 20.99
C GLY D 205 23.58 31.86 20.08
N VAL D 206 24.14 30.66 20.18
CA VAL D 206 23.75 29.59 19.27
C VAL D 206 22.36 29.10 19.63
N GLN D 207 21.90 29.43 20.84
CA GLN D 207 20.60 29.02 21.29
C GLN D 207 19.44 29.74 20.57
N ASN D 208 19.77 30.85 19.92
CA ASN D 208 18.79 31.66 19.22
C ASN D 208 18.85 31.42 17.70
N VAL D 209 19.82 30.61 17.28
CA VAL D 209 20.01 30.41 15.84
C VAL D 209 19.51 29.03 15.46
N HIS D 210 18.86 28.91 14.30
CA HIS D 210 18.20 27.65 14.00
C HIS D 210 18.86 26.81 12.90
N THR D 211 19.97 27.31 12.39
CA THR D 211 20.71 26.60 11.35
C THR D 211 21.93 25.89 11.96
N ARG D 212 22.41 24.85 11.30
CA ARG D 212 23.64 24.16 11.70
C ARG D 212 24.49 23.93 10.47
N LEU D 213 25.56 23.17 10.66
CA LEU D 213 26.41 22.88 9.54
C LEU D 213 26.50 21.39 9.28
N ASN D 214 26.51 21.06 8.00
CA ASN D 214 26.82 19.71 7.56
C ASN D 214 28.19 19.62 6.87
N PHE D 215 29.00 18.65 7.29
CA PHE D 215 30.27 18.35 6.66
C PHE D 215 30.16 17.03 5.86
N VAL D 216 30.55 17.06 4.59
CA VAL D 216 30.34 15.94 3.72
C VAL D 216 31.42 14.89 3.87
N ARG D 217 32.57 15.27 4.40
CA ARG D 217 33.69 14.32 4.58
C ARG D 217 33.94 13.40 3.40
N HIS D 218 34.58 12.27 3.70
CA HIS D 218 34.86 11.23 2.68
C HIS D 218 35.57 11.69 1.38
N ARG D 219 36.41 12.71 1.49
CA ARG D 219 37.14 13.33 0.40
C ARG D 219 36.29 13.88 -0.73
N ASP D 220 35.01 14.14 -0.49
CA ASP D 220 34.18 14.73 -1.53
C ASP D 220 34.72 16.11 -1.96
N PRO D 221 34.30 16.59 -3.13
CA PRO D 221 34.79 17.95 -3.41
C PRO D 221 34.13 18.97 -2.44
N GLY D 222 32.93 18.70 -1.92
CA GLY D 222 32.34 19.53 -0.88
C GLY D 222 33.15 19.57 0.41
N ALA D 223 34.12 18.68 0.52
CA ALA D 223 34.95 18.66 1.70
C ALA D 223 36.21 19.50 1.56
N LEU D 224 36.27 20.30 0.50
CA LEU D 224 37.39 21.19 0.23
C LEU D 224 37.79 22.08 1.40
N VAL D 225 39.06 22.03 1.75
CA VAL D 225 39.63 22.90 2.77
C VAL D 225 40.68 23.79 2.18
N THR D 226 40.57 25.08 2.51
CA THR D 226 41.53 26.05 1.98
C THR D 226 42.44 26.44 3.13
N TYR D 227 43.70 26.67 2.80
CA TYR D 227 44.70 26.89 3.82
C TYR D 227 45.32 28.28 3.82
N SER D 228 45.85 28.65 4.98
CA SER D 228 46.63 29.88 5.10
C SER D 228 47.95 29.51 5.73
N GLY D 229 48.92 30.41 5.64
CA GLY D 229 50.28 30.06 6.06
C GLY D 229 51.08 31.32 6.20
N ALA D 230 52.36 31.14 6.48
CA ALA D 230 53.21 32.33 6.63
C ALA D 230 54.60 31.90 6.20
N ALA D 231 55.46 32.88 6.03
CA ALA D 231 56.82 32.66 5.59
C ALA D 231 57.68 33.83 6.10
N VAL D 232 58.98 33.58 6.22
CA VAL D 232 59.92 34.63 6.52
C VAL D 232 60.52 34.98 5.16
N LEU D 233 60.83 36.26 5.02
CA LEU D 233 61.38 36.79 3.80
C LEU D 233 62.90 36.95 3.84
N LYS D 234 63.61 36.53 2.79
CA LYS D 234 65.06 36.69 2.68
C LYS D 234 65.55 38.12 2.93
N SER D 235 64.94 39.13 2.31
CA SER D 235 65.51 40.48 2.39
C SER D 235 65.60 40.94 3.83
N SER D 236 64.92 40.21 4.71
CA SER D 236 64.67 40.64 6.08
C SER D 236 65.90 41.04 6.90
N GLN D 237 65.79 42.17 7.59
CA GLN D 237 66.87 42.62 8.48
C GLN D 237 66.61 42.08 9.87
N ASN D 238 65.39 41.60 10.10
CA ASN D 238 65.02 41.12 11.43
C ASN D 238 64.81 39.60 11.50
N LYS D 239 65.70 38.87 10.85
CA LYS D 239 65.59 37.43 10.62
C LYS D 239 65.22 36.67 11.88
N ASP D 240 66.21 36.49 12.75
CA ASP D 240 66.02 36.04 14.12
C ASP D 240 64.55 36.19 14.55
N GLU D 241 64.12 37.44 14.62
CA GLU D 241 62.77 37.73 15.09
C GLU D 241 61.62 37.14 14.26
N ALA D 242 61.73 37.36 12.94
CA ALA D 242 60.69 36.85 12.07
C ALA D 242 60.59 35.36 12.34
N LYS D 243 61.74 34.75 12.56
CA LYS D 243 61.83 33.29 12.70
C LYS D 243 61.01 32.78 13.87
N LYS D 244 61.14 33.48 15.00
CA LYS D 244 60.39 33.15 16.22
C LYS D 244 58.88 33.24 15.99
N PHE D 245 58.47 34.40 15.47
CA PHE D 245 57.08 34.65 15.10
C PHE D 245 56.45 33.52 14.32
N VAL D 246 57.01 33.19 13.15
CA VAL D 246 56.60 32.04 12.40
C VAL D 246 56.63 30.74 13.20
N ALA D 247 57.63 30.62 14.07
CA ALA D 247 57.69 29.45 14.94
C ALA D 247 56.52 29.50 15.94
N PHE D 248 56.28 30.68 16.51
CA PHE D 248 55.13 30.95 17.37
C PHE D 248 53.78 30.58 16.74
N LEU D 249 53.61 30.92 15.46
CA LEU D 249 52.34 30.74 14.81
C LEU D 249 51.97 29.26 14.60
N ALA D 250 52.96 28.40 14.37
CA ALA D 250 52.69 26.96 14.24
C ALA D 250 52.48 26.27 15.59
N GLY D 251 53.04 26.84 16.65
CA GLY D 251 53.03 26.30 18.00
C GLY D 251 51.65 26.34 18.59
N LYS D 252 51.42 25.60 19.67
CA LYS D 252 50.09 25.54 20.28
C LYS D 252 49.67 26.85 20.97
N GLU D 253 50.63 27.71 21.27
CA GLU D 253 50.28 28.96 21.93
C GLU D 253 49.87 30.05 20.94
N GLY D 254 50.50 30.04 19.76
CA GLY D 254 50.10 30.95 18.69
C GLY D 254 48.85 30.47 17.97
N GLN D 255 48.73 29.15 17.80
CA GLN D 255 47.55 28.56 17.19
C GLN D 255 46.31 28.75 18.07
N ARG D 256 46.53 28.66 19.39
CA ARG D 256 45.44 28.95 20.34
C ARG D 256 45.08 30.44 20.31
N ALA D 257 46.06 31.33 20.23
CA ALA D 257 45.78 32.75 20.11
C ALA D 257 44.87 32.98 18.90
N LEU D 258 45.24 32.40 17.75
CA LEU D 258 44.41 32.59 16.56
C LEU D 258 43.00 31.99 16.75
N THR D 259 42.98 30.83 17.37
CA THR D 259 41.80 29.96 17.50
C THR D 259 40.81 30.51 18.51
N ALA D 260 41.21 31.53 19.26
CA ALA D 260 40.40 32.14 20.29
C ALA D 260 39.50 33.17 19.62
N VAL D 261 39.86 33.58 18.40
CA VAL D 261 39.18 34.71 17.77
C VAL D 261 38.60 34.43 16.39
N ARG D 262 39.21 33.48 15.66
CA ARG D 262 38.69 33.11 14.35
C ARG D 262 38.33 31.64 14.27
N ALA D 263 37.31 31.33 13.48
CA ALA D 263 36.82 29.95 13.37
C ALA D 263 37.34 29.16 12.13
N GLU D 264 38.63 28.89 12.14
CA GLU D 264 39.17 27.92 11.18
C GLU D 264 40.05 26.91 11.87
N TYR D 265 40.25 25.77 11.23
CA TYR D 265 40.84 24.63 11.93
C TYR D 265 42.33 24.87 12.16
N PRO D 266 42.77 24.73 13.42
CA PRO D 266 44.18 24.68 13.79
C PRO D 266 44.79 23.41 13.16
N LEU D 267 46.01 23.51 12.65
CA LEU D 267 46.64 22.35 12.07
C LEU D 267 47.47 21.64 13.13
N ASN D 268 47.82 22.37 14.19
CA ASN D 268 48.49 21.78 15.34
C ASN D 268 47.51 20.92 16.15
N PRO D 269 47.74 19.59 16.16
CA PRO D 269 46.76 18.57 16.57
C PRO D 269 46.53 18.57 18.08
N HIS D 270 47.15 19.54 18.75
CA HIS D 270 47.10 19.63 20.20
C HIS D 270 46.55 20.97 20.63
N VAL D 271 45.67 21.53 19.80
CA VAL D 271 45.01 22.78 20.16
C VAL D 271 43.53 22.60 20.29
N VAL D 272 42.97 23.28 21.29
CA VAL D 272 41.51 23.39 21.38
C VAL D 272 41.02 24.77 20.91
N SER D 273 40.33 24.77 19.77
CA SER D 273 39.61 25.95 19.30
C SER D 273 38.56 26.37 20.33
N THR D 274 38.23 27.64 20.38
CA THR D 274 37.17 28.11 21.27
C THR D 274 35.85 28.03 20.53
N PHE D 275 35.86 27.39 19.35
CA PHE D 275 34.65 27.16 18.61
C PHE D 275 34.47 25.67 18.60
N ASN D 276 33.26 25.19 18.37
CA ASN D 276 33.02 23.75 18.23
C ASN D 276 33.47 23.09 16.92
N LEU D 277 34.74 23.25 16.58
CA LEU D 277 35.31 22.60 15.39
C LEU D 277 35.92 21.26 15.81
N GLU D 278 35.61 20.21 15.07
CA GLU D 278 36.30 18.94 15.24
C GLU D 278 37.72 19.03 14.66
N PRO D 279 38.59 18.07 15.02
CA PRO D 279 39.96 18.16 14.52
C PRO D 279 39.96 18.08 12.99
N ILE D 280 40.78 18.89 12.34
CA ILE D 280 40.77 18.89 10.86
C ILE D 280 40.79 17.51 10.24
N ALA D 281 41.59 16.65 10.86
CA ALA D 281 41.76 15.27 10.41
C ALA D 281 40.40 14.64 10.16
N LYS D 282 39.43 14.92 11.02
CA LYS D 282 38.11 14.29 10.92
C LYS D 282 37.21 14.91 9.88
N LEU D 283 37.72 15.96 9.21
CA LEU D 283 36.92 16.57 8.12
C LEU D 283 36.99 15.77 6.85
N GLU D 284 38.10 15.03 6.75
CA GLU D 284 38.34 14.24 5.55
C GLU D 284 38.30 15.02 4.21
N ALA D 285 38.91 16.20 4.24
CA ALA D 285 39.00 17.11 3.06
C ALA D 285 39.75 16.38 1.97
N PRO D 286 39.50 16.72 0.70
CA PRO D 286 40.25 16.10 -0.36
C PRO D 286 41.66 16.64 -0.34
N GLN D 287 42.54 15.96 -1.07
CA GLN D 287 43.89 16.43 -1.31
C GLN D 287 43.78 17.12 -2.67
N VAL D 288 44.16 18.39 -2.73
CA VAL D 288 44.17 19.09 -4.00
C VAL D 288 45.43 19.93 -4.09
N SER D 289 46.00 20.03 -5.29
CA SER D 289 47.18 20.90 -5.52
C SER D 289 46.79 22.34 -5.31
N ALA D 290 47.78 23.20 -5.06
CA ALA D 290 47.51 24.62 -4.90
C ALA D 290 46.81 25.24 -6.13
N THR D 291 46.01 26.27 -5.90
CA THR D 291 45.35 26.87 -7.08
C THR D 291 46.28 27.84 -7.86
N THR D 292 46.21 27.78 -9.19
CA THR D 292 46.98 28.69 -10.06
C THR D 292 46.09 29.64 -10.84
N VAL D 293 46.72 30.56 -11.56
CA VAL D 293 46.01 31.62 -12.24
C VAL D 293 45.21 31.06 -13.41
N SER D 294 45.78 30.07 -14.12
CA SER D 294 45.14 29.49 -15.28
C SER D 294 44.00 28.57 -14.81
N GLU D 295 44.17 27.98 -13.64
CA GLU D 295 43.07 27.23 -13.01
C GLU D 295 41.87 28.14 -12.67
N LYS D 296 42.12 29.36 -12.21
CA LYS D 296 41.08 30.35 -12.02
C LYS D 296 40.35 30.79 -13.28
N GLU D 297 41.10 31.06 -14.34
CA GLU D 297 40.61 31.47 -15.65
C GLU D 297 39.73 30.40 -16.26
N HIS D 298 40.21 29.17 -16.17
CA HIS D 298 39.44 28.01 -16.65
C HIS D 298 38.13 27.85 -15.85
N ALA D 299 38.14 28.15 -14.57
CA ALA D 299 36.95 27.97 -13.73
C ALA D 299 35.98 29.11 -14.04
N THR D 300 36.54 30.26 -14.37
CA THR D 300 35.75 31.44 -14.73
C THR D 300 35.01 31.15 -16.03
N ARG D 301 35.73 30.62 -17.01
CA ARG D 301 35.10 30.25 -18.28
C ARG D 301 33.94 29.29 -18.08
N LEU D 302 34.16 28.27 -17.25
CA LEU D 302 33.08 27.34 -16.89
C LEU D 302 31.85 28.07 -16.33
N LEU D 303 32.09 29.18 -15.65
CA LEU D 303 30.94 29.91 -15.08
C LEU D 303 30.10 30.55 -16.19
N GLU D 304 30.78 31.21 -17.12
CA GLU D 304 30.09 31.87 -18.21
C GLU D 304 29.35 30.84 -19.03
N GLN D 305 30.02 29.71 -19.25
CA GLN D 305 29.45 28.57 -19.99
C GLN D 305 28.25 27.93 -19.30
N ALA D 306 28.02 28.34 -18.06
CA ALA D 306 26.92 27.76 -17.30
C ALA D 306 25.75 28.73 -17.19
N GLY D 307 26.02 30.03 -17.26
CA GLY D 307 24.94 31.02 -17.19
C GLY D 307 25.10 31.89 -15.94
N MET D 308 26.09 31.52 -15.11
CA MET D 308 26.20 32.15 -13.79
C MET D 308 27.01 33.44 -13.84
N LYS D 309 27.63 33.64 -15.01
CA LYS D 309 28.65 34.67 -15.23
C LYS D 309 28.60 35.11 -16.68
N ASP E 1 -9.45 66.02 -23.76
CA ASP E 1 -10.83 66.17 -24.27
C ASP E 1 -10.98 65.78 -25.74
N ILE E 2 -12.08 65.11 -26.06
CA ILE E 2 -12.27 64.49 -27.38
C ILE E 2 -13.54 64.96 -28.07
N THR E 3 -13.49 64.93 -29.39
CA THR E 3 -14.65 65.24 -30.21
C THR E 3 -15.17 64.02 -31.00
N VAL E 4 -16.39 63.62 -30.67
CA VAL E 4 -16.97 62.41 -31.27
C VAL E 4 -17.96 62.86 -32.33
N TYR E 5 -17.75 62.35 -33.53
CA TYR E 5 -18.72 62.55 -34.61
C TYR E 5 -19.80 61.50 -34.40
N ASN E 6 -21.01 61.99 -34.16
CA ASN E 6 -22.07 61.12 -33.67
C ASN E 6 -23.13 60.84 -34.70
N GLY E 7 -23.11 59.61 -35.20
CA GLY E 7 -24.19 59.17 -36.08
C GLY E 7 -25.39 58.55 -35.35
N GLN E 8 -25.31 58.51 -34.02
CA GLN E 8 -26.30 57.77 -33.25
C GLN E 8 -27.34 58.65 -32.60
N HIS E 9 -28.28 57.98 -31.93
CA HIS E 9 -29.40 58.71 -31.30
C HIS E 9 -28.85 59.67 -30.24
N LYS E 10 -29.21 60.93 -30.41
CA LYS E 10 -28.78 62.03 -29.56
C LYS E 10 -28.68 61.65 -28.08
N GLU E 11 -29.76 61.13 -27.51
CA GLU E 11 -29.84 60.92 -26.08
C GLU E 11 -28.93 59.75 -25.69
N ALA E 12 -28.96 58.65 -26.42
CA ALA E 12 -28.06 57.55 -26.17
C ALA E 12 -26.60 58.04 -26.19
N ALA E 13 -26.32 58.93 -27.13
CA ALA E 13 -24.98 59.47 -27.30
C ALA E 13 -24.58 60.30 -26.05
N GLN E 14 -25.45 61.20 -25.61
CA GLN E 14 -25.12 62.11 -24.55
C GLN E 14 -24.87 61.31 -23.28
N ALA E 15 -25.74 60.34 -23.01
CA ALA E 15 -25.65 59.52 -21.80
C ALA E 15 -24.31 58.79 -21.71
N VAL E 16 -23.84 58.30 -22.84
CA VAL E 16 -22.59 57.54 -22.85
C VAL E 16 -21.40 58.47 -22.65
N ALA E 17 -21.46 59.68 -23.17
CA ALA E 17 -20.38 60.62 -23.02
C ALA E 17 -20.47 61.30 -21.64
N ASP E 18 -21.68 61.44 -21.12
CA ASP E 18 -21.86 61.92 -19.78
C ASP E 18 -21.26 60.88 -18.84
N ALA E 19 -21.67 59.63 -18.98
CA ALA E 19 -21.05 58.53 -18.25
C ALA E 19 -19.53 58.50 -18.37
N PHE E 20 -19.02 58.67 -19.58
CA PHE E 20 -17.58 58.58 -19.83
C PHE E 20 -16.81 59.63 -19.05
N THR E 21 -17.36 60.82 -18.98
CA THR E 21 -16.69 62.00 -18.41
C THR E 21 -16.82 61.89 -16.88
N ARG E 22 -17.93 61.33 -16.39
CA ARG E 22 -18.01 61.07 -14.95
C ARG E 22 -16.83 60.19 -14.57
N ALA E 23 -16.63 59.10 -15.32
CA ALA E 23 -15.62 58.10 -14.99
C ALA E 23 -14.17 58.58 -15.19
N THR E 24 -13.96 59.65 -15.93
CA THR E 24 -12.62 59.89 -16.48
C THR E 24 -12.21 61.34 -16.45
N GLY E 25 -13.14 62.26 -16.17
CA GLY E 25 -12.83 63.68 -16.23
C GLY E 25 -12.65 64.25 -17.62
N ILE E 26 -12.55 63.36 -18.60
CA ILE E 26 -12.33 63.74 -20.01
C ILE E 26 -13.61 64.31 -20.66
N LYS E 27 -13.52 65.50 -21.23
CA LYS E 27 -14.70 66.14 -21.78
C LYS E 27 -14.95 65.69 -23.21
N VAL E 28 -16.22 65.64 -23.60
CA VAL E 28 -16.57 65.01 -24.87
C VAL E 28 -17.48 65.95 -25.68
N LYS E 29 -16.96 66.45 -26.81
CA LYS E 29 -17.80 67.23 -27.71
C LYS E 29 -18.46 66.26 -28.71
N LEU E 30 -19.74 66.49 -28.97
CA LEU E 30 -20.54 65.70 -29.89
C LEU E 30 -21.06 66.54 -31.06
N ASN E 31 -20.63 66.15 -32.26
CA ASN E 31 -21.29 66.58 -33.48
C ASN E 31 -22.12 65.48 -34.09
N SER E 32 -23.43 65.53 -33.88
CA SER E 32 -24.33 64.49 -34.35
C SER E 32 -24.93 64.90 -35.70
N ALA E 33 -24.96 63.96 -36.62
CA ALA E 33 -25.56 64.06 -37.93
C ALA E 33 -25.77 62.64 -38.46
N LYS E 34 -26.15 62.50 -39.72
CA LYS E 34 -26.42 61.20 -40.30
C LYS E 34 -25.08 60.56 -40.58
N GLY E 35 -24.98 59.25 -40.32
CA GLY E 35 -23.75 58.49 -40.44
C GLY E 35 -22.96 58.72 -41.73
N ASP E 36 -23.62 58.51 -42.87
CA ASP E 36 -22.98 58.59 -44.19
C ASP E 36 -22.33 59.95 -44.26
N GLN E 37 -23.13 60.98 -44.00
CA GLN E 37 -22.69 62.37 -44.09
C GLN E 37 -21.47 62.67 -43.24
N LEU E 38 -21.37 62.05 -42.06
CA LEU E 38 -20.23 62.26 -41.18
C LEU E 38 -19.08 61.45 -41.74
N ALA E 39 -19.42 60.28 -42.28
CA ALA E 39 -18.46 59.51 -43.04
C ALA E 39 -17.85 60.40 -44.13
N GLY E 40 -18.70 61.13 -44.84
CA GLY E 40 -18.30 61.96 -45.98
C GLY E 40 -17.52 63.16 -45.48
N GLN E 41 -17.94 63.72 -44.35
CA GLN E 41 -17.25 64.89 -43.80
C GLN E 41 -15.81 64.56 -43.45
N ILE E 42 -15.57 63.43 -42.81
CA ILE E 42 -14.28 63.09 -42.30
C ILE E 42 -13.28 62.96 -43.45
N LYS E 43 -13.69 62.30 -44.54
CA LYS E 43 -12.80 62.16 -45.68
C LYS E 43 -12.54 63.49 -46.37
N GLU E 44 -13.48 64.42 -46.25
CA GLU E 44 -13.24 65.82 -46.62
C GLU E 44 -12.10 66.37 -45.78
N GLU E 45 -12.45 66.92 -44.61
CA GLU E 45 -11.45 67.34 -43.65
C GLU E 45 -10.11 66.62 -43.86
N GLY E 46 -10.17 65.29 -43.85
CA GLY E 46 -9.00 64.46 -44.06
C GLY E 46 -8.10 64.60 -42.86
N SER E 47 -6.80 64.77 -43.09
CA SER E 47 -5.83 64.73 -42.00
C SER E 47 -6.11 65.70 -40.85
N ARG E 48 -6.79 66.80 -41.14
CA ARG E 48 -6.95 67.83 -40.11
C ARG E 48 -8.35 67.78 -39.51
N SER E 49 -9.10 66.72 -39.82
CA SER E 49 -10.40 66.47 -39.21
C SER E 49 -10.33 66.59 -37.68
N PRO E 50 -11.27 67.35 -37.10
CA PRO E 50 -11.45 67.51 -35.65
C PRO E 50 -11.86 66.18 -35.02
N ALA E 51 -12.43 65.29 -35.84
CA ALA E 51 -12.91 64.01 -35.36
C ALA E 51 -11.83 63.16 -34.68
N ASP E 52 -12.04 62.89 -33.40
CA ASP E 52 -11.28 61.85 -32.67
C ASP E 52 -11.89 60.46 -32.86
N VAL E 53 -13.21 60.39 -32.79
CA VAL E 53 -13.97 59.13 -32.77
C VAL E 53 -15.20 59.24 -33.67
N PHE E 54 -15.46 58.19 -34.43
CA PHE E 54 -16.72 58.08 -35.17
C PHE E 54 -17.63 57.01 -34.57
N TYR E 55 -18.74 57.49 -34.01
CA TYR E 55 -19.71 56.66 -33.32
C TYR E 55 -20.94 56.56 -34.20
N SER E 56 -21.09 55.43 -34.91
CA SER E 56 -22.08 55.45 -35.99
C SER E 56 -23.15 54.36 -35.92
N GLU E 57 -24.26 54.65 -36.59
CA GLU E 57 -25.41 53.74 -36.58
C GLU E 57 -25.38 52.81 -37.78
N GLN E 58 -24.46 53.03 -38.73
CA GLN E 58 -24.33 52.29 -39.97
C GLN E 58 -22.94 51.66 -40.11
N ILE E 59 -22.85 50.34 -40.05
CA ILE E 59 -21.58 49.62 -40.23
C ILE E 59 -20.94 49.97 -41.58
N PRO E 60 -21.73 50.12 -42.65
CA PRO E 60 -21.13 50.46 -43.94
C PRO E 60 -20.42 51.82 -43.91
N ALA E 61 -20.95 52.76 -43.12
CA ALA E 61 -20.26 54.03 -42.94
C ALA E 61 -18.83 53.75 -42.48
N LEU E 62 -18.68 52.83 -41.54
CA LEU E 62 -17.41 52.51 -40.94
C LEU E 62 -16.53 51.80 -41.98
N ALA E 63 -17.14 50.93 -42.79
CA ALA E 63 -16.38 50.07 -43.73
C ALA E 63 -15.79 50.97 -44.79
N THR E 64 -16.53 52.01 -45.17
CA THR E 64 -16.05 52.94 -46.19
C THR E 64 -14.82 53.66 -45.67
N LEU E 65 -14.88 54.15 -44.43
CA LEU E 65 -13.74 54.90 -43.89
C LEU E 65 -12.54 53.99 -43.73
N SER E 66 -12.79 52.79 -43.22
CA SER E 66 -11.75 51.79 -43.06
C SER E 66 -11.06 51.42 -44.40
N ALA E 67 -11.82 51.34 -45.48
CA ALA E 67 -11.31 50.96 -46.79
C ALA E 67 -10.34 52.03 -47.27
N ALA E 68 -10.51 53.26 -46.80
CA ALA E 68 -9.62 54.38 -47.14
C ALA E 68 -8.49 54.54 -46.13
N ASN E 69 -8.38 53.63 -45.17
CA ASN E 69 -7.30 53.64 -44.17
C ASN E 69 -7.31 54.88 -43.27
N LEU E 70 -8.51 55.32 -42.90
CA LEU E 70 -8.65 56.49 -42.07
C LEU E 70 -8.86 56.10 -40.60
N LEU E 71 -9.08 54.81 -40.36
CA LEU E 71 -9.40 54.31 -39.04
C LEU E 71 -8.18 53.65 -38.43
N GLU E 72 -7.90 53.98 -37.17
CA GLU E 72 -6.73 53.46 -36.48
C GLU E 72 -7.09 52.15 -35.80
N PRO E 73 -6.33 51.08 -36.04
CA PRO E 73 -6.45 49.75 -35.43
C PRO E 73 -6.61 49.74 -33.88
N LEU E 74 -7.45 48.84 -33.37
CA LEU E 74 -7.78 48.76 -31.95
C LEU E 74 -7.23 47.51 -31.26
N PRO E 75 -6.96 47.58 -29.94
CA PRO E 75 -6.57 46.41 -29.18
C PRO E 75 -7.60 45.28 -29.17
N ALA E 76 -7.14 44.05 -29.36
CA ALA E 76 -8.01 42.90 -29.35
C ALA E 76 -8.93 42.87 -28.13
N SER E 77 -8.44 43.29 -26.97
CA SER E 77 -9.24 43.35 -25.76
C SER E 77 -10.52 44.18 -25.91
N THR E 78 -10.38 45.36 -26.53
CA THR E 78 -11.51 46.22 -26.84
C THR E 78 -12.52 45.50 -27.71
N ILE E 79 -12.01 44.90 -28.77
CA ILE E 79 -12.87 44.16 -29.68
C ILE E 79 -13.49 42.91 -29.07
N ASN E 80 -12.76 42.29 -28.13
CA ASN E 80 -13.24 41.04 -27.52
C ASN E 80 -14.42 41.28 -26.57
N GLU E 81 -14.58 42.50 -26.08
CA GLU E 81 -15.70 42.80 -25.17
C GLU E 81 -17.05 42.41 -25.80
N THR E 82 -17.21 42.65 -27.10
CA THR E 82 -18.48 42.45 -27.77
C THR E 82 -18.38 41.34 -28.80
N ARG E 83 -17.34 40.52 -28.63
CA ARG E 83 -17.12 39.41 -29.57
C ARG E 83 -18.16 38.34 -29.39
N GLY E 84 -18.92 38.06 -30.44
CA GLY E 84 -20.04 37.13 -30.27
C GLY E 84 -20.45 36.56 -31.62
N LYS E 85 -21.30 35.54 -31.60
CA LYS E 85 -21.60 34.79 -32.80
C LYS E 85 -22.56 35.60 -33.66
N GLY E 86 -22.18 35.90 -34.89
CA GLY E 86 -23.03 36.73 -35.76
C GLY E 86 -22.63 38.19 -35.65
N VAL E 87 -21.95 38.56 -34.57
CA VAL E 87 -21.52 39.96 -34.44
C VAL E 87 -20.49 40.28 -35.52
N PRO E 88 -20.73 41.35 -36.32
CA PRO E 88 -19.81 41.78 -37.37
C PRO E 88 -18.44 42.05 -36.77
N VAL E 89 -17.40 41.86 -37.57
CA VAL E 89 -16.00 41.92 -37.18
C VAL E 89 -15.14 42.63 -38.22
N ALA E 90 -14.50 43.73 -37.83
CA ALA E 90 -13.62 44.47 -38.76
C ALA E 90 -12.45 43.62 -39.28
N ALA E 91 -12.44 43.35 -40.59
CA ALA E 91 -11.39 42.59 -41.20
C ALA E 91 -10.08 43.31 -40.83
N LYS E 92 -10.09 44.64 -40.71
CA LYS E 92 -8.93 45.43 -40.36
C LYS E 92 -8.82 45.72 -38.86
N LYS E 93 -9.79 45.29 -38.05
CA LYS E 93 -9.69 45.47 -36.59
C LYS E 93 -9.59 46.95 -36.29
N ASP E 94 -10.14 47.78 -37.17
CA ASP E 94 -10.07 49.21 -37.04
C ASP E 94 -11.39 49.76 -36.53
N TRP E 95 -12.35 48.91 -36.21
CA TRP E 95 -13.65 49.32 -35.64
C TRP E 95 -14.32 48.19 -34.86
N VAL E 96 -15.24 48.58 -33.98
CA VAL E 96 -15.94 47.61 -33.14
C VAL E 96 -17.43 47.74 -33.21
N ALA E 97 -18.09 46.60 -33.23
CA ALA E 97 -19.57 46.52 -33.21
C ALA E 97 -20.05 46.61 -31.76
N LEU E 98 -21.04 47.45 -31.50
CA LEU E 98 -21.42 47.80 -30.12
C LEU E 98 -22.82 47.38 -29.72
N SER E 99 -23.77 47.47 -30.66
CA SER E 99 -25.13 47.08 -30.34
C SER E 99 -25.97 46.91 -31.58
N GLY E 100 -27.21 46.48 -31.34
CA GLY E 100 -28.09 46.12 -32.44
C GLY E 100 -29.52 46.52 -32.19
N ARG E 101 -30.27 46.57 -33.30
CA ARG E 101 -31.68 46.94 -33.25
C ARG E 101 -32.29 45.97 -34.23
N SER E 102 -33.56 45.68 -34.05
CA SER E 102 -34.19 44.55 -34.75
C SER E 102 -35.47 45.00 -35.43
N ARG E 103 -35.70 44.52 -36.65
CA ARG E 103 -37.01 44.37 -37.25
C ARG E 103 -38.00 43.68 -36.31
N VAL E 104 -39.25 44.09 -36.33
CA VAL E 104 -40.30 43.50 -35.49
C VAL E 104 -41.64 43.66 -36.22
N VAL E 105 -42.64 42.92 -35.74
CA VAL E 105 -44.02 43.25 -36.08
C VAL E 105 -44.71 43.73 -34.80
N VAL E 106 -45.20 44.96 -34.82
CA VAL E 106 -46.03 45.41 -33.72
C VAL E 106 -47.47 45.06 -34.06
N TYR E 107 -48.19 44.52 -33.09
CA TYR E 107 -49.57 44.15 -33.36
C TYR E 107 -50.50 44.63 -32.23
N ASP E 108 -51.78 44.69 -32.54
CA ASP E 108 -52.84 45.16 -31.68
C ASP E 108 -53.38 43.95 -30.92
N THR E 109 -53.02 43.88 -29.64
CA THR E 109 -53.44 42.77 -28.79
C THR E 109 -54.93 42.76 -28.46
N ARG E 110 -55.59 43.89 -28.67
CA ARG E 110 -57.05 43.87 -28.48
C ARG E 110 -57.67 42.90 -29.48
N LYS E 111 -57.06 42.76 -30.66
CA LYS E 111 -57.55 41.88 -31.74
C LYS E 111 -56.71 40.61 -31.93
N LEU E 112 -55.38 40.72 -31.90
CA LEU E 112 -54.57 39.60 -32.28
C LEU E 112 -53.82 39.07 -31.09
N SER E 113 -53.53 37.78 -31.10
CA SER E 113 -52.60 37.17 -30.16
C SER E 113 -51.33 36.93 -30.95
N GLU E 114 -50.26 36.57 -30.25
CA GLU E 114 -49.00 36.18 -30.89
C GLU E 114 -49.12 35.01 -31.87
N LYS E 115 -50.01 34.07 -31.57
CA LYS E 115 -50.01 32.83 -32.34
C LYS E 115 -50.64 33.08 -33.70
N ASP E 116 -51.28 34.23 -33.84
CA ASP E 116 -51.96 34.57 -35.08
C ASP E 116 -51.04 35.21 -36.11
N LEU E 117 -49.86 35.56 -35.66
CA LEU E 117 -48.92 36.27 -36.51
C LEU E 117 -48.17 35.27 -37.37
N GLU E 118 -47.36 35.77 -38.29
CA GLU E 118 -46.65 34.89 -39.18
C GLU E 118 -45.32 34.39 -38.63
N LYS E 119 -44.87 33.20 -39.03
CA LYS E 119 -43.57 32.68 -38.63
C LYS E 119 -42.47 33.04 -39.61
N SER E 120 -42.87 33.61 -40.75
CA SER E 120 -41.94 34.13 -41.76
C SER E 120 -42.42 35.49 -42.20
N VAL E 121 -41.60 36.53 -42.09
CA VAL E 121 -41.94 37.86 -42.63
C VAL E 121 -42.49 37.78 -44.07
N LEU E 122 -41.94 36.85 -44.84
CA LEU E 122 -42.33 36.70 -46.24
C LEU E 122 -43.83 36.41 -46.42
N ASN E 123 -44.50 35.96 -45.35
CA ASN E 123 -45.88 35.50 -45.43
C ASN E 123 -46.93 36.58 -45.24
N TYR E 124 -46.53 37.83 -45.09
CA TYR E 124 -47.46 38.92 -44.89
C TYR E 124 -47.84 39.49 -46.26
N ALA E 125 -47.01 39.18 -47.26
CA ALA E 125 -47.26 39.65 -48.62
C ALA E 125 -48.37 38.82 -49.27
N THR E 126 -49.31 38.33 -48.49
CA THR E 126 -50.32 37.42 -48.99
C THR E 126 -51.71 38.00 -48.72
N PRO E 127 -52.73 37.46 -49.41
CA PRO E 127 -54.10 37.91 -49.26
C PRO E 127 -54.67 37.79 -47.86
N LYS E 128 -54.14 36.88 -47.04
CA LYS E 128 -54.56 36.80 -45.64
C LYS E 128 -54.39 38.15 -44.93
N TRP E 129 -53.45 38.99 -45.38
CA TRP E 129 -53.13 40.19 -44.60
C TRP E 129 -53.63 41.43 -45.30
N LYS E 130 -54.55 41.23 -46.25
CA LYS E 130 -55.18 42.36 -46.91
C LYS E 130 -55.72 43.36 -45.90
N ASN E 131 -55.17 44.57 -45.96
CA ASN E 131 -55.62 45.68 -45.12
C ASN E 131 -55.39 45.43 -43.64
N ARG E 132 -54.40 44.60 -43.30
CA ARG E 132 -54.17 44.23 -41.90
C ARG E 132 -52.68 44.37 -41.56
N ILE E 133 -51.83 44.62 -42.55
CA ILE E 133 -50.41 44.79 -42.30
C ILE E 133 -49.93 46.12 -42.82
N GLY E 134 -49.21 46.86 -41.97
CA GLY E 134 -48.67 48.12 -42.39
C GLY E 134 -47.17 47.99 -42.62
N TYR E 135 -46.61 48.89 -43.42
CA TYR E 135 -45.21 48.89 -43.76
C TYR E 135 -44.88 50.28 -44.24
N VAL E 136 -43.60 50.60 -44.30
CA VAL E 136 -43.13 51.94 -44.62
C VAL E 136 -42.11 51.86 -45.75
N PRO E 137 -42.56 52.16 -47.00
CA PRO E 137 -41.82 52.25 -48.24
C PRO E 137 -40.54 53.09 -48.18
N THR E 138 -40.69 54.36 -47.78
CA THR E 138 -39.55 55.28 -47.85
C THR E 138 -38.54 55.06 -46.72
N SER E 139 -38.90 54.19 -45.78
CA SER E 139 -38.02 53.87 -44.65
C SER E 139 -36.65 53.27 -44.95
N GLY E 140 -35.63 53.81 -44.29
CA GLY E 140 -34.24 53.30 -44.41
C GLY E 140 -34.09 51.83 -44.04
N ALA E 141 -34.62 51.42 -42.89
CA ALA E 141 -34.51 50.04 -42.43
C ALA E 141 -35.38 49.11 -43.30
N PHE E 142 -36.42 49.68 -43.93
CA PHE E 142 -37.24 48.86 -44.81
C PHE E 142 -36.44 48.45 -46.04
N LEU E 143 -35.69 49.44 -46.53
CA LEU E 143 -34.69 49.13 -47.55
C LEU E 143 -33.70 48.07 -47.09
N GLU E 144 -33.23 48.12 -45.85
CA GLU E 144 -32.24 47.13 -45.39
C GLU E 144 -32.89 45.73 -45.35
N GLN E 145 -34.17 45.72 -44.95
CA GLN E 145 -34.90 44.45 -44.92
C GLN E 145 -34.88 43.84 -46.33
N ILE E 146 -35.12 44.65 -47.32
CA ILE E 146 -35.12 44.19 -48.71
C ILE E 146 -33.78 43.58 -49.10
N VAL E 147 -32.71 44.37 -48.87
CA VAL E 147 -31.36 43.89 -49.07
C VAL E 147 -31.16 42.53 -48.40
N ALA E 148 -31.80 42.32 -47.24
CA ALA E 148 -31.51 41.05 -46.55
C ALA E 148 -32.28 39.89 -47.19
N ILE E 149 -33.50 40.17 -47.67
CA ILE E 149 -34.24 39.12 -48.39
C ILE E 149 -33.48 38.66 -49.62
N VAL E 150 -32.88 39.61 -50.32
CA VAL E 150 -32.08 39.25 -51.52
C VAL E 150 -30.90 38.32 -51.16
N LYS E 151 -30.11 38.72 -50.16
CA LYS E 151 -28.92 37.96 -49.79
C LYS E 151 -29.24 36.57 -49.29
N LEU E 152 -30.43 36.46 -48.68
CA LEU E 152 -30.81 35.23 -47.96
C LEU E 152 -31.67 34.37 -48.86
N LYS E 153 -32.42 35.01 -49.71
CA LYS E 153 -33.47 34.27 -50.42
C LYS E 153 -33.32 34.38 -51.91
N GLY E 154 -32.54 35.40 -52.31
CA GLY E 154 -32.26 35.66 -53.72
C GLY E 154 -33.25 36.74 -54.12
N GLU E 155 -32.92 37.37 -55.22
CA GLU E 155 -33.75 38.44 -55.76
C GLU E 155 -35.21 38.06 -55.90
N ALA E 156 -35.51 36.93 -56.54
CA ALA E 156 -36.90 36.61 -56.89
C ALA E 156 -37.81 36.79 -55.68
N ALA E 157 -37.49 36.06 -54.61
CA ALA E 157 -38.29 36.12 -53.38
C ALA E 157 -38.54 37.56 -52.94
N ALA E 158 -37.50 38.39 -53.06
CA ALA E 158 -37.61 39.74 -52.55
C ALA E 158 -38.68 40.51 -53.32
N LEU E 159 -38.61 40.39 -54.65
CA LEU E 159 -39.55 41.05 -55.51
C LEU E 159 -41.01 40.64 -55.22
N LYS E 160 -41.20 39.33 -55.09
CA LYS E 160 -42.52 38.78 -54.84
C LYS E 160 -43.10 39.39 -53.56
N TRP E 161 -42.26 39.48 -52.52
CA TRP E 161 -42.68 40.04 -51.26
C TRP E 161 -43.13 41.48 -51.37
N LEU E 162 -42.35 42.28 -52.10
CA LEU E 162 -42.63 43.67 -52.31
C LEU E 162 -43.93 43.80 -53.07
N LYS E 163 -44.15 42.88 -54.01
CA LYS E 163 -45.37 42.98 -54.85
C LYS E 163 -46.59 42.64 -54.00
N GLY E 164 -46.43 41.63 -53.15
CA GLY E 164 -47.46 41.17 -52.25
C GLY E 164 -47.85 42.26 -51.26
N LEU E 165 -46.86 43.07 -50.89
CA LEU E 165 -47.11 44.12 -49.90
C LEU E 165 -47.77 45.31 -50.59
N LYS E 166 -47.31 45.63 -51.79
CA LYS E 166 -47.96 46.70 -52.50
C LYS E 166 -49.46 46.34 -52.64
N GLU E 167 -49.77 45.07 -52.99
CA GLU E 167 -51.15 44.73 -53.27
C GLU E 167 -51.98 44.79 -51.99
N TYR E 168 -51.37 44.34 -50.90
CA TYR E 168 -52.15 43.97 -49.71
C TYR E 168 -51.96 44.91 -48.53
N GLY E 169 -50.78 45.48 -48.39
CA GLY E 169 -50.43 46.24 -47.19
C GLY E 169 -50.77 47.71 -47.32
N LYS E 170 -50.95 48.38 -46.19
CA LYS E 170 -51.06 49.84 -46.20
C LYS E 170 -49.69 50.44 -45.86
N PRO E 171 -49.27 51.42 -46.66
CA PRO E 171 -48.00 52.05 -46.39
C PRO E 171 -48.22 53.34 -45.56
N TYR E 172 -47.29 53.62 -44.66
CA TYR E 172 -47.35 54.82 -43.85
C TYR E 172 -46.05 55.56 -44.11
N ALA E 173 -45.99 56.81 -43.72
CA ALA E 173 -44.84 57.66 -44.12
C ALA E 173 -43.62 57.42 -43.24
N LYS E 174 -43.83 57.06 -41.95
CA LYS E 174 -42.71 56.93 -41.03
C LYS E 174 -43.03 55.77 -40.11
N ASN E 175 -42.01 55.22 -39.49
CA ASN E 175 -42.26 54.16 -38.55
C ASN E 175 -43.17 54.65 -37.40
N SER E 176 -43.02 55.91 -36.99
CA SER E 176 -43.80 56.48 -35.89
C SER E 176 -45.28 56.41 -36.24
N VAL E 177 -45.63 56.82 -37.47
CA VAL E 177 -47.02 56.83 -37.86
C VAL E 177 -47.64 55.44 -37.93
N ALA E 178 -46.82 54.50 -38.40
CA ALA E 178 -47.22 53.10 -38.46
C ALA E 178 -47.50 52.55 -37.04
N LEU E 179 -46.61 52.83 -36.09
CA LEU E 179 -46.85 52.38 -34.71
C LEU E 179 -48.17 52.90 -34.17
N GLN E 180 -48.40 54.20 -34.41
CA GLN E 180 -49.60 54.84 -33.86
C GLN E 180 -50.85 54.33 -34.56
N ALA E 181 -50.74 53.97 -35.84
CA ALA E 181 -51.88 53.36 -36.53
C ALA E 181 -52.38 52.14 -35.77
N VAL E 182 -51.44 51.24 -35.45
CA VAL E 182 -51.77 50.01 -34.73
C VAL E 182 -52.30 50.33 -33.33
N GLU E 183 -51.58 51.23 -32.68
CA GLU E 183 -51.92 51.62 -31.30
C GLU E 183 -53.36 52.15 -31.29
N ASN E 184 -53.66 53.05 -32.22
CA ASN E 184 -54.99 53.62 -32.25
C ASN E 184 -56.00 52.67 -32.87
N GLY E 185 -55.52 51.53 -33.38
CA GLY E 185 -56.44 50.46 -33.80
C GLY E 185 -56.85 50.60 -35.26
N GLU E 186 -56.08 51.34 -36.05
CA GLU E 186 -56.42 51.57 -37.45
C GLU E 186 -55.91 50.40 -38.35
N ILE E 187 -55.04 49.56 -37.78
CA ILE E 187 -54.56 48.40 -38.52
C ILE E 187 -54.01 47.35 -37.57
N ASP E 188 -54.20 46.09 -37.95
CA ASP E 188 -53.83 44.98 -37.10
C ASP E 188 -52.37 44.97 -36.70
N ALA E 189 -51.48 45.13 -37.64
CA ALA E 189 -50.03 45.00 -37.44
C ALA E 189 -49.24 45.86 -38.41
N ALA E 190 -47.97 46.04 -38.11
CA ALA E 190 -47.03 46.68 -38.98
C ALA E 190 -45.61 46.17 -38.76
N LEU E 191 -44.75 46.40 -39.75
CA LEU E 191 -43.34 46.04 -39.60
C LEU E 191 -42.64 47.36 -39.33
N ILE E 192 -42.03 47.47 -38.14
CA ILE E 192 -41.24 48.63 -37.77
C ILE E 192 -39.99 48.08 -37.14
N ASN E 193 -39.21 48.95 -36.49
CA ASN E 193 -38.06 48.53 -35.68
C ASN E 193 -38.39 48.55 -34.19
N ASN E 194 -37.74 47.73 -33.40
CA ASN E 194 -38.22 47.49 -32.02
C ASN E 194 -38.14 48.71 -31.11
N TYR E 195 -37.13 49.57 -31.33
CA TYR E 195 -36.88 50.66 -30.36
C TYR E 195 -38.04 51.60 -30.32
N TYR E 196 -38.71 51.78 -31.47
CA TYR E 196 -39.84 52.70 -31.53
C TYR E 196 -40.89 52.23 -30.51
N TRP E 197 -41.07 50.92 -30.34
CA TRP E 197 -42.15 50.47 -29.47
C TRP E 197 -41.68 50.66 -28.01
N HIS E 198 -40.44 50.27 -27.70
CA HIS E 198 -39.96 50.33 -26.31
C HIS E 198 -39.90 51.77 -25.79
N ALA E 199 -39.50 52.71 -26.66
CA ALA E 199 -39.47 54.11 -26.30
C ALA E 199 -40.84 54.57 -25.87
N PHE E 200 -41.84 54.27 -26.71
CA PHE E 200 -43.20 54.73 -26.49
C PHE E 200 -43.79 54.09 -25.22
N ALA E 201 -43.47 52.83 -24.96
CA ALA E 201 -44.08 52.13 -23.82
C ALA E 201 -43.56 52.65 -22.49
N ARG E 202 -42.25 52.96 -22.47
CA ARG E 202 -41.59 53.38 -21.24
C ARG E 202 -42.16 54.73 -20.84
N GLU E 203 -42.44 55.55 -21.84
CA GLU E 203 -43.07 56.83 -21.66
C GLU E 203 -44.49 56.78 -21.12
N LYS E 204 -45.36 55.96 -21.72
CA LYS E 204 -46.75 55.90 -21.27
C LYS E 204 -46.93 54.93 -20.08
N GLY E 205 -46.10 53.91 -19.93
CA GLY E 205 -46.45 52.83 -19.02
C GLY E 205 -47.13 51.70 -19.80
N VAL E 206 -46.53 50.53 -19.84
CA VAL E 206 -46.97 49.49 -20.76
C VAL E 206 -48.41 49.08 -20.53
N GLN E 207 -48.86 49.24 -19.28
CA GLN E 207 -50.21 48.86 -18.92
C GLN E 207 -51.23 49.73 -19.60
N ASN E 208 -50.75 50.83 -20.20
CA ASN E 208 -51.67 51.76 -20.91
C ASN E 208 -51.58 51.57 -22.42
N VAL E 209 -50.71 50.66 -22.89
CA VAL E 209 -50.51 50.49 -24.32
C VAL E 209 -51.22 49.19 -24.75
N HIS E 210 -51.70 49.16 -25.98
CA HIS E 210 -52.47 48.00 -26.48
C HIS E 210 -51.68 47.25 -27.54
N THR E 211 -50.46 47.71 -27.81
CA THR E 211 -49.61 47.08 -28.79
C THR E 211 -48.48 46.28 -28.12
N ARG E 212 -48.04 45.22 -28.79
CA ARG E 212 -46.93 44.40 -28.35
C ARG E 212 -46.05 44.06 -29.54
N LEU E 213 -44.91 43.45 -29.25
CA LEU E 213 -43.91 43.07 -30.24
C LEU E 213 -43.79 41.60 -30.52
N ASN E 214 -43.72 41.29 -31.82
CA ASN E 214 -43.42 39.92 -32.22
C ASN E 214 -42.08 39.78 -32.93
N PHE E 215 -41.34 38.72 -32.60
CA PHE E 215 -40.05 38.45 -33.26
C PHE E 215 -40.18 37.05 -33.90
N VAL E 216 -39.95 36.96 -35.20
CA VAL E 216 -40.14 35.64 -35.88
C VAL E 216 -39.04 34.66 -35.51
N ARG E 217 -37.90 35.21 -35.09
CA ARG E 217 -36.68 34.43 -34.78
C ARG E 217 -36.30 33.39 -35.85
N HIS E 218 -35.71 32.28 -35.38
CA HIS E 218 -35.13 31.24 -36.23
C HIS E 218 -34.51 31.65 -37.54
N ARG E 219 -33.68 32.70 -37.49
CA ARG E 219 -32.85 33.09 -38.63
C ARG E 219 -33.71 33.55 -39.82
N ASP E 220 -34.99 33.83 -39.59
CA ASP E 220 -35.85 34.36 -40.64
C ASP E 220 -35.42 35.76 -41.06
N PRO E 221 -35.41 36.05 -42.35
CA PRO E 221 -34.98 37.39 -42.72
C PRO E 221 -35.70 38.51 -41.94
N GLY E 222 -36.85 38.21 -41.32
CA GLY E 222 -37.53 39.19 -40.51
C GLY E 222 -36.90 39.34 -39.16
N ALA E 223 -35.86 38.57 -38.92
CA ALA E 223 -35.21 38.61 -37.64
C ALA E 223 -33.92 39.44 -37.76
N LEU E 224 -33.82 40.20 -38.85
CA LEU E 224 -32.65 41.06 -39.17
C LEU E 224 -32.31 42.05 -38.08
N VAL E 225 -31.07 42.01 -37.61
CA VAL E 225 -30.51 42.97 -36.66
C VAL E 225 -29.52 43.93 -37.28
N THR E 226 -29.74 45.22 -37.06
CA THR E 226 -28.83 46.21 -37.59
C THR E 226 -27.88 46.69 -36.48
N TYR E 227 -26.60 46.76 -36.81
CA TYR E 227 -25.60 47.05 -35.77
C TYR E 227 -25.07 48.46 -35.79
N SER E 228 -24.77 48.96 -34.58
CA SER E 228 -24.02 50.20 -34.42
C SER E 228 -22.56 49.85 -34.11
N GLY E 229 -21.67 50.82 -34.34
CA GLY E 229 -20.27 50.58 -34.07
C GLY E 229 -19.51 51.89 -33.88
N ALA E 230 -18.23 51.78 -33.57
CA ALA E 230 -17.44 52.97 -33.35
C ALA E 230 -15.97 52.71 -33.68
N ALA E 231 -15.24 53.81 -33.81
CA ALA E 231 -13.77 53.69 -33.95
C ALA E 231 -13.07 55.05 -33.88
N VAL E 232 -11.74 55.00 -33.78
CA VAL E 232 -10.88 56.18 -33.76
C VAL E 232 -10.17 56.32 -35.13
N LEU E 233 -10.12 57.54 -35.66
CA LEU E 233 -9.38 57.76 -36.89
C LEU E 233 -7.88 57.98 -36.66
N LYS E 234 -7.10 57.73 -37.70
CA LYS E 234 -5.66 57.89 -37.61
C LYS E 234 -5.38 59.38 -37.47
N SER E 235 -6.30 60.19 -37.99
CA SER E 235 -6.15 61.64 -37.94
C SER E 235 -6.10 62.18 -36.52
N SER E 236 -6.57 61.38 -35.56
CA SER E 236 -6.74 61.93 -34.19
C SER E 236 -5.49 62.34 -33.39
N GLN E 237 -5.54 63.51 -32.74
CA GLN E 237 -4.46 64.04 -31.93
C GLN E 237 -4.64 63.64 -30.48
N ASN E 238 -5.84 63.13 -30.18
CA ASN E 238 -6.16 62.65 -28.86
C ASN E 238 -6.35 61.13 -28.94
N LYS E 239 -5.43 60.46 -29.63
CA LYS E 239 -5.54 59.02 -29.84
C LYS E 239 -5.82 58.24 -28.56
N ASP E 240 -5.04 58.44 -27.51
CA ASP E 240 -5.14 57.55 -26.34
C ASP E 240 -6.49 57.76 -25.68
N GLU E 241 -6.95 59.00 -25.59
CA GLU E 241 -8.28 59.22 -25.02
C GLU E 241 -9.41 58.64 -25.87
N ALA E 242 -9.21 58.71 -27.18
CA ALA E 242 -10.17 58.17 -28.14
C ALA E 242 -10.30 56.66 -28.09
N LYS E 243 -9.18 55.94 -28.04
CA LYS E 243 -9.22 54.49 -27.81
C LYS E 243 -9.93 54.20 -26.48
N LYS E 244 -9.56 54.96 -25.44
CA LYS E 244 -10.23 54.86 -24.15
C LYS E 244 -11.76 55.05 -24.27
N PHE E 245 -12.17 56.00 -25.10
CA PHE E 245 -13.60 56.23 -25.29
C PHE E 245 -14.27 55.09 -26.05
N VAL E 246 -13.58 54.57 -27.06
CA VAL E 246 -14.10 53.42 -27.76
C VAL E 246 -14.14 52.21 -26.85
N ALA E 247 -13.16 52.02 -25.98
CA ALA E 247 -13.23 50.84 -25.08
C ALA E 247 -14.30 51.00 -23.98
N PHE E 248 -14.56 52.22 -23.53
CA PHE E 248 -15.65 52.50 -22.65
C PHE E 248 -16.97 52.04 -23.28
N LEU E 249 -17.09 52.26 -24.59
CA LEU E 249 -18.35 51.94 -25.27
C LEU E 249 -18.60 50.45 -25.35
N ALA E 250 -17.51 49.69 -25.45
CA ALA E 250 -17.65 48.24 -25.55
C ALA E 250 -17.71 47.61 -24.15
N GLY E 251 -17.19 48.31 -23.15
CA GLY E 251 -17.18 47.83 -21.78
C GLY E 251 -18.56 47.78 -21.14
N LYS E 252 -18.66 47.10 -20.01
CA LYS E 252 -19.89 46.94 -19.25
C LYS E 252 -20.47 48.31 -19.01
N GLU E 253 -19.60 49.19 -18.53
CA GLU E 253 -20.06 50.51 -18.06
C GLU E 253 -20.73 51.30 -19.16
N GLY E 254 -20.12 51.36 -20.34
CA GLY E 254 -20.65 52.09 -21.45
C GLY E 254 -21.86 51.37 -21.99
N GLN E 255 -21.84 50.06 -22.06
CA GLN E 255 -22.98 49.29 -22.54
C GLN E 255 -24.16 49.57 -21.64
N ARG E 256 -23.95 49.49 -20.34
CA ARG E 256 -25.01 49.78 -19.39
C ARG E 256 -25.50 51.22 -19.45
N ALA E 257 -24.59 52.15 -19.81
CA ALA E 257 -24.95 53.55 -19.90
C ALA E 257 -25.83 53.72 -21.15
N LEU E 258 -25.56 52.94 -22.19
CA LEU E 258 -26.37 53.06 -23.43
C LEU E 258 -27.77 52.50 -23.20
N THR E 259 -27.81 51.29 -22.64
CA THR E 259 -29.05 50.51 -22.56
C THR E 259 -29.96 50.94 -21.43
N ALA E 260 -29.55 51.98 -20.71
CA ALA E 260 -30.37 52.51 -19.64
C ALA E 260 -31.36 53.51 -20.25
N VAL E 261 -31.04 54.00 -21.43
CA VAL E 261 -31.87 55.01 -22.08
C VAL E 261 -32.32 54.60 -23.46
N ARG E 262 -31.59 53.68 -24.08
CA ARG E 262 -31.80 53.35 -25.48
C ARG E 262 -32.15 51.86 -25.63
N ALA E 263 -33.24 51.55 -26.32
CA ALA E 263 -33.67 50.16 -26.44
C ALA E 263 -32.94 49.42 -27.54
N GLU E 264 -31.60 49.38 -27.42
CA GLU E 264 -30.76 48.58 -28.33
C GLU E 264 -30.26 47.36 -27.64
N TYR E 265 -30.05 46.27 -28.40
CA TYR E 265 -29.47 45.06 -27.82
C TYR E 265 -27.99 45.25 -27.49
N PRO E 266 -27.57 44.98 -26.26
CA PRO E 266 -26.12 45.00 -26.00
C PRO E 266 -25.42 43.81 -26.63
N LEU E 267 -24.20 44.10 -27.11
CA LEU E 267 -23.42 42.99 -27.65
C LEU E 267 -22.51 42.45 -26.54
N ASN E 268 -22.35 43.26 -25.51
CA ASN E 268 -21.51 42.82 -24.39
C ASN E 268 -22.39 41.90 -23.53
N PRO E 269 -21.99 40.63 -23.41
CA PRO E 269 -22.77 39.55 -22.82
C PRO E 269 -23.06 39.67 -21.32
N HIS E 270 -22.24 40.45 -20.63
CA HIS E 270 -22.42 40.69 -19.19
C HIS E 270 -23.48 41.74 -18.82
N VAL E 271 -24.13 42.31 -19.83
CA VAL E 271 -25.01 43.46 -19.60
C VAL E 271 -26.47 43.12 -19.82
N VAL E 272 -27.33 43.50 -18.90
CA VAL E 272 -28.76 43.30 -19.01
C VAL E 272 -29.49 44.64 -19.26
N SER E 273 -30.13 44.75 -20.41
CA SER E 273 -30.86 45.97 -20.72
C SER E 273 -31.82 46.37 -19.60
N THR E 274 -32.08 47.67 -19.52
CA THR E 274 -33.14 48.19 -18.67
C THR E 274 -34.52 48.05 -19.33
N PHE E 275 -34.51 47.69 -20.61
CA PHE E 275 -35.72 47.37 -21.36
C PHE E 275 -35.85 45.87 -21.38
N ASN E 276 -37.09 45.42 -21.60
CA ASN E 276 -37.32 43.99 -21.69
C ASN E 276 -36.79 43.30 -22.95
N LEU E 277 -35.49 43.49 -23.18
CA LEU E 277 -34.82 42.81 -24.29
C LEU E 277 -34.35 41.43 -23.90
N GLU E 278 -34.48 40.45 -24.79
CA GLU E 278 -33.88 39.14 -24.58
C GLU E 278 -32.42 39.27 -24.94
N PRO E 279 -31.58 38.34 -24.49
CA PRO E 279 -30.19 38.35 -24.96
C PRO E 279 -30.16 38.33 -26.48
N ILE E 280 -29.25 39.08 -27.09
CA ILE E 280 -29.32 39.28 -28.54
C ILE E 280 -29.25 37.89 -29.20
N ALA E 281 -28.44 37.01 -28.64
CA ALA E 281 -28.27 35.68 -29.19
C ALA E 281 -29.61 35.01 -29.37
N LYS E 282 -30.58 35.39 -28.54
CA LYS E 282 -31.87 34.72 -28.59
C LYS E 282 -32.85 35.19 -29.69
N LEU E 283 -32.50 36.33 -30.27
CA LEU E 283 -33.20 36.84 -31.44
C LEU E 283 -33.10 35.89 -32.60
N GLU E 284 -32.14 34.98 -32.51
CA GLU E 284 -31.80 34.12 -33.62
C GLU E 284 -31.73 34.90 -34.92
N ALA E 285 -30.94 35.97 -34.89
CA ALA E 285 -30.74 36.82 -36.09
C ALA E 285 -29.97 36.14 -37.20
N PRO E 286 -30.43 36.23 -38.44
CA PRO E 286 -29.70 35.62 -39.55
C PRO E 286 -28.33 36.25 -39.66
N GLN E 287 -27.40 35.61 -40.37
CA GLN E 287 -26.20 36.36 -40.70
C GLN E 287 -26.27 36.94 -42.12
N VAL E 288 -25.97 38.21 -42.26
CA VAL E 288 -25.80 38.76 -43.62
C VAL E 288 -24.58 39.64 -43.65
N SER E 289 -23.95 39.77 -44.81
CA SER E 289 -22.84 40.72 -44.96
C SER E 289 -23.35 42.15 -44.87
N ALA E 290 -22.44 43.11 -44.70
CA ALA E 290 -22.79 44.52 -44.58
C ALA E 290 -23.21 45.07 -45.93
N THR E 291 -24.29 45.84 -45.88
CA THR E 291 -24.82 46.51 -47.07
C THR E 291 -23.80 47.40 -47.78
N THR E 292 -23.89 47.41 -49.11
CA THR E 292 -23.12 48.33 -49.93
C THR E 292 -24.09 49.26 -50.67
N VAL E 293 -23.51 50.30 -51.26
CA VAL E 293 -24.28 51.28 -52.03
C VAL E 293 -25.03 50.60 -53.20
N SER E 294 -24.39 49.65 -53.89
CA SER E 294 -24.99 48.97 -55.04
C SER E 294 -26.08 48.01 -54.55
N GLU E 295 -25.89 47.36 -53.40
CA GLU E 295 -26.99 46.60 -52.80
C GLU E 295 -28.18 47.52 -52.47
N LYS E 296 -27.89 48.75 -52.09
CA LYS E 296 -28.97 49.71 -51.86
C LYS E 296 -29.64 50.10 -53.17
N GLU E 297 -28.83 50.42 -54.17
CA GLU E 297 -29.37 50.80 -55.46
C GLU E 297 -30.24 49.63 -55.93
N HIS E 298 -29.66 48.42 -55.84
CA HIS E 298 -30.40 47.23 -56.29
C HIS E 298 -31.77 47.20 -55.64
N ALA E 299 -31.79 47.51 -54.34
CA ALA E 299 -33.05 47.37 -53.60
C ALA E 299 -33.94 48.53 -53.97
N THR E 300 -33.35 49.64 -54.36
CA THR E 300 -34.17 50.79 -54.70
C THR E 300 -34.88 50.54 -56.03
N ARG E 301 -34.20 49.85 -56.93
CA ARG E 301 -34.83 49.48 -58.20
C ARG E 301 -35.97 48.49 -57.98
N LEU E 302 -35.75 47.51 -57.12
CA LEU E 302 -36.81 46.55 -56.82
C LEU E 302 -38.00 47.31 -56.28
N LEU E 303 -37.68 48.35 -55.50
CA LEU E 303 -38.75 49.24 -55.05
C LEU E 303 -39.54 49.78 -56.22
N GLU E 304 -38.87 50.37 -57.19
CA GLU E 304 -39.59 50.91 -58.34
C GLU E 304 -40.40 49.86 -59.06
N GLN E 305 -39.75 48.74 -59.34
CA GLN E 305 -40.41 47.62 -60.01
C GLN E 305 -41.69 47.15 -59.35
N ALA E 306 -41.76 47.41 -58.05
CA ALA E 306 -42.86 46.95 -57.22
C ALA E 306 -44.04 47.92 -57.35
N GLY E 307 -43.75 49.16 -57.76
CA GLY E 307 -44.83 50.15 -57.78
C GLY E 307 -44.79 51.14 -56.64
N MET E 308 -43.96 50.81 -55.64
CA MET E 308 -43.98 51.56 -54.36
C MET E 308 -43.24 52.91 -54.45
N LYS E 309 -42.31 53.00 -55.39
CA LYS E 309 -41.57 54.22 -55.73
C LYS E 309 -41.84 54.60 -57.21
N ASP F 1 11.60 -15.53 -10.01
CA ASP F 1 10.25 -15.23 -10.61
C ASP F 1 10.30 -15.65 -12.08
N ILE F 2 9.14 -16.03 -12.61
CA ILE F 2 9.01 -16.63 -13.93
C ILE F 2 7.79 -16.12 -14.67
N THR F 3 7.84 -16.27 -15.99
CA THR F 3 6.72 -15.87 -16.84
C THR F 3 6.12 -17.10 -17.48
N VAL F 4 4.85 -17.37 -17.22
CA VAL F 4 4.20 -18.49 -17.86
C VAL F 4 3.15 -18.07 -18.88
N TYR F 5 3.33 -18.49 -20.12
CA TYR F 5 2.31 -18.23 -21.13
C TYR F 5 1.17 -19.25 -20.91
N ASN F 6 0.01 -18.73 -20.53
CA ASN F 6 -1.11 -19.57 -20.09
C ASN F 6 -2.18 -19.69 -21.15
N GLY F 7 -2.51 -20.93 -21.52
CA GLY F 7 -3.48 -21.18 -22.57
C GLY F 7 -4.67 -21.86 -21.90
N GLN F 8 -4.51 -22.23 -20.62
CA GLN F 8 -5.59 -22.96 -19.95
C GLN F 8 -6.61 -21.94 -19.39
N HIS F 9 -7.53 -22.37 -18.54
CA HIS F 9 -8.43 -21.51 -17.77
C HIS F 9 -7.65 -20.57 -16.82
N LYS F 10 -8.07 -19.31 -16.81
CA LYS F 10 -7.39 -18.26 -16.06
C LYS F 10 -7.50 -18.56 -14.55
N GLU F 11 -8.69 -19.04 -14.18
CA GLU F 11 -8.95 -19.46 -12.81
C GLU F 11 -7.99 -20.59 -12.39
N ALA F 12 -7.78 -21.56 -13.28
CA ALA F 12 -6.92 -22.71 -13.01
C ALA F 12 -5.46 -22.24 -12.89
N ALA F 13 -4.99 -21.54 -13.92
CA ALA F 13 -3.65 -21.03 -13.89
C ALA F 13 -3.33 -20.25 -12.63
N GLN F 14 -4.23 -19.34 -12.25
CA GLN F 14 -3.97 -18.47 -11.10
C GLN F 14 -3.89 -19.24 -9.79
N ALA F 15 -4.79 -20.20 -9.64
CA ALA F 15 -4.84 -21.04 -8.47
C ALA F 15 -3.56 -21.80 -8.25
N VAL F 16 -3.10 -22.42 -9.34
CA VAL F 16 -1.91 -23.23 -9.31
C VAL F 16 -0.69 -22.34 -9.18
N ALA F 17 -0.69 -21.19 -9.86
CA ALA F 17 0.38 -20.25 -9.69
C ALA F 17 0.45 -19.70 -8.28
N ASP F 18 -0.74 -19.45 -7.73
CA ASP F 18 -0.81 -19.11 -6.31
C ASP F 18 -0.13 -20.14 -5.36
N ALA F 19 -0.51 -21.39 -5.54
CA ALA F 19 -0.11 -22.47 -4.63
C ALA F 19 1.39 -22.61 -4.78
N PHE F 20 1.94 -22.16 -5.90
CA PHE F 20 3.35 -22.35 -6.24
C PHE F 20 4.16 -21.28 -5.52
N THR F 21 3.60 -20.07 -5.51
CA THR F 21 4.25 -19.01 -4.75
C THR F 21 4.14 -19.36 -3.26
N ARG F 22 2.99 -19.87 -2.82
CA ARG F 22 2.84 -20.26 -1.42
C ARG F 22 3.89 -21.28 -1.03
N ALA F 23 4.37 -22.09 -1.97
CA ALA F 23 5.30 -23.14 -1.62
C ALA F 23 6.76 -22.74 -1.75
N THR F 24 7.06 -21.75 -2.58
CA THR F 24 8.45 -21.62 -2.92
C THR F 24 8.86 -20.16 -2.77
N GLY F 25 7.90 -19.25 -2.61
CA GLY F 25 8.24 -17.84 -2.56
C GLY F 25 8.30 -17.29 -3.97
N ILE F 26 8.26 -18.16 -4.98
CA ILE F 26 8.60 -17.77 -6.35
C ILE F 26 7.40 -17.14 -7.02
N LYS F 27 7.60 -15.91 -7.54
CA LYS F 27 6.49 -15.14 -8.06
C LYS F 27 6.23 -15.51 -9.51
N VAL F 28 4.95 -15.56 -9.85
CA VAL F 28 4.63 -16.02 -11.22
C VAL F 28 3.91 -14.88 -11.96
N LYS F 29 4.45 -14.59 -13.14
CA LYS F 29 3.82 -13.62 -14.04
C LYS F 29 3.01 -14.39 -15.09
N LEU F 30 1.73 -14.09 -15.18
CA LEU F 30 0.88 -14.73 -16.18
C LEU F 30 0.68 -13.94 -17.48
N ASN F 31 0.72 -14.64 -18.60
CA ASN F 31 0.41 -14.03 -19.90
C ASN F 31 -0.60 -14.91 -20.62
N SER F 32 -1.90 -14.65 -20.40
CA SER F 32 -2.92 -15.63 -20.82
C SER F 32 -3.51 -15.37 -22.19
N ALA F 33 -3.86 -16.43 -22.91
CA ALA F 33 -4.61 -16.38 -24.19
C ALA F 33 -4.94 -17.77 -24.71
N LYS F 34 -5.00 -17.95 -26.02
CA LYS F 34 -5.26 -19.24 -26.66
C LYS F 34 -3.91 -19.82 -27.05
N GLY F 35 -3.75 -21.11 -26.82
CA GLY F 35 -2.45 -21.77 -26.95
C GLY F 35 -1.83 -21.76 -28.33
N ASP F 36 -2.69 -21.89 -29.35
CA ASP F 36 -2.24 -21.83 -30.73
C ASP F 36 -1.57 -20.47 -31.02
N GLN F 37 -2.19 -19.41 -30.49
CA GLN F 37 -1.68 -18.07 -30.57
C GLN F 37 -0.37 -17.93 -29.78
N LEU F 38 -0.46 -18.14 -28.46
CA LEU F 38 0.70 -18.11 -27.59
C LEU F 38 1.89 -18.86 -28.19
N ALA F 39 1.58 -20.00 -28.79
CA ALA F 39 2.64 -20.79 -29.46
C ALA F 39 3.26 -20.05 -30.66
N GLY F 40 2.41 -19.50 -31.51
CA GLY F 40 2.86 -18.72 -32.67
C GLY F 40 3.61 -17.52 -32.19
N GLN F 41 3.18 -16.90 -31.07
CA GLN F 41 3.92 -15.80 -30.45
C GLN F 41 5.26 -16.28 -29.89
N ILE F 42 5.26 -17.39 -29.17
CA ILE F 42 6.52 -17.96 -28.69
C ILE F 42 7.42 -18.10 -29.92
N LYS F 43 6.86 -18.57 -31.02
CA LYS F 43 7.67 -18.82 -32.21
C LYS F 43 8.26 -17.56 -32.82
N GLU F 44 7.63 -16.41 -32.59
CA GLU F 44 8.15 -15.14 -33.07
C GLU F 44 9.27 -14.58 -32.18
N GLU F 45 9.02 -14.34 -30.89
CA GLU F 45 10.11 -13.94 -30.00
C GLU F 45 11.28 -14.90 -30.15
N GLY F 46 10.96 -16.19 -30.29
CA GLY F 46 11.97 -17.24 -30.45
C GLY F 46 13.06 -17.17 -29.39
N SER F 47 14.23 -16.71 -29.86
CA SER F 47 15.45 -16.63 -29.09
C SER F 47 15.25 -15.79 -27.84
N ARG F 48 14.40 -14.78 -27.96
CA ARG F 48 14.19 -13.87 -26.84
C ARG F 48 12.73 -13.83 -26.41
N SER F 49 12.14 -14.98 -26.15
CA SER F 49 10.80 -14.95 -25.60
C SER F 49 10.89 -14.71 -24.12
N PRO F 50 9.95 -13.95 -23.56
CA PRO F 50 9.64 -13.77 -22.14
C PRO F 50 9.27 -15.09 -21.45
N ALA F 51 8.62 -16.02 -22.16
CA ALA F 51 8.03 -17.20 -21.56
C ALA F 51 9.04 -18.17 -20.98
N ASP F 52 8.86 -18.51 -19.71
CA ASP F 52 9.69 -19.54 -19.18
C ASP F 52 9.04 -20.93 -19.33
N VAL F 53 7.73 -20.93 -19.12
CA VAL F 53 6.92 -22.12 -19.18
C VAL F 53 5.73 -21.88 -20.11
N PHE F 54 5.33 -22.94 -20.79
CA PHE F 54 4.14 -22.88 -21.63
C PHE F 54 3.13 -23.87 -21.06
N TYR F 55 1.98 -23.35 -20.65
CA TYR F 55 1.01 -24.13 -19.89
C TYR F 55 -0.15 -24.25 -20.87
N SER F 56 -0.16 -25.35 -21.61
CA SER F 56 -1.02 -25.46 -22.76
C SER F 56 -2.31 -26.24 -22.49
N GLU F 57 -3.42 -25.74 -22.99
CA GLU F 57 -4.69 -26.46 -22.95
C GLU F 57 -4.76 -27.42 -24.13
N GLN F 58 -3.85 -27.32 -25.10
CA GLN F 58 -3.85 -28.31 -26.18
C GLN F 58 -2.46 -28.89 -26.45
N ILE F 59 -2.38 -30.21 -26.65
CA ILE F 59 -1.12 -30.86 -26.88
C ILE F 59 -0.51 -30.52 -28.27
N PRO F 60 -1.33 -30.33 -29.31
CA PRO F 60 -0.77 -29.92 -30.60
C PRO F 60 0.08 -28.65 -30.57
N ALA F 61 -0.25 -27.65 -29.78
CA ALA F 61 0.59 -26.47 -29.66
C ALA F 61 1.91 -26.81 -28.97
N LEU F 62 1.87 -27.69 -27.96
CA LEU F 62 3.10 -28.24 -27.41
C LEU F 62 3.90 -29.08 -28.43
N ALA F 63 3.20 -29.90 -29.21
CA ALA F 63 3.84 -30.70 -30.27
C ALA F 63 4.54 -29.77 -31.26
N THR F 64 3.93 -28.65 -31.61
CA THR F 64 4.49 -27.69 -32.55
C THR F 64 5.86 -27.21 -32.07
N LEU F 65 5.85 -26.56 -30.91
CA LEU F 65 7.05 -25.95 -30.37
C LEU F 65 8.20 -26.97 -30.28
N SER F 66 7.87 -28.21 -29.94
CA SER F 66 8.88 -29.21 -29.63
C SER F 66 9.48 -29.65 -30.95
N ALA F 67 8.63 -29.70 -31.99
CA ALA F 67 9.12 -29.93 -33.35
C ALA F 67 10.20 -28.91 -33.77
N ALA F 68 9.94 -27.64 -33.48
CA ALA F 68 10.82 -26.53 -33.74
C ALA F 68 12.00 -26.45 -32.76
N ASN F 69 12.26 -27.57 -32.09
CA ASN F 69 13.30 -27.62 -31.05
C ASN F 69 13.33 -26.40 -30.14
N LEU F 70 12.22 -26.12 -29.45
CA LEU F 70 12.12 -24.90 -28.67
C LEU F 70 11.92 -25.23 -27.20
N LEU F 71 11.71 -26.51 -26.91
CA LEU F 71 11.42 -26.90 -25.53
C LEU F 71 12.58 -27.58 -24.81
N GLU F 72 12.71 -27.34 -23.52
CA GLU F 72 13.76 -27.95 -22.74
C GLU F 72 13.37 -29.37 -22.32
N PRO F 73 14.27 -30.33 -22.58
CA PRO F 73 14.03 -31.69 -22.07
C PRO F 73 13.74 -31.63 -20.58
N LEU F 74 12.82 -32.47 -20.10
CA LEU F 74 12.40 -32.55 -18.69
C LEU F 74 12.92 -33.81 -17.97
N PRO F 75 13.27 -33.67 -16.69
CA PRO F 75 13.75 -34.81 -15.89
C PRO F 75 12.73 -35.95 -15.90
N ALA F 76 13.21 -37.18 -15.66
CA ALA F 76 12.33 -38.33 -15.76
C ALA F 76 11.33 -38.34 -14.62
N SER F 77 11.75 -37.83 -13.45
CA SER F 77 10.91 -37.79 -12.26
C SER F 77 9.67 -36.93 -12.51
N THR F 78 9.84 -35.86 -13.26
CA THR F 78 8.69 -35.02 -13.63
C THR F 78 7.71 -35.81 -14.48
N ILE F 79 8.22 -36.32 -15.58
CA ILE F 79 7.36 -37.05 -16.48
C ILE F 79 6.65 -38.25 -15.83
N ASN F 80 7.32 -38.90 -14.88
CA ASN F 80 6.75 -40.13 -14.33
C ASN F 80 5.46 -39.91 -13.51
N GLU F 81 5.28 -38.68 -13.02
CA GLU F 81 4.16 -38.37 -12.14
C GLU F 81 2.79 -38.56 -12.74
N THR F 82 2.69 -38.30 -14.04
CA THR F 82 1.41 -38.40 -14.68
C THR F 82 1.37 -39.50 -15.73
N ARG F 83 2.41 -40.29 -15.79
CA ARG F 83 2.42 -41.43 -16.68
C ARG F 83 1.32 -42.43 -16.32
N GLY F 84 0.57 -42.83 -17.30
CA GLY F 84 -0.47 -43.80 -17.12
C GLY F 84 -1.06 -44.35 -18.40
N LYS F 85 -2.03 -45.11 -18.49
CA LYS F 85 -2.81 -45.69 -19.57
C LYS F 85 -2.71 -45.30 -20.99
N GLY F 86 -3.45 -44.36 -21.15
CA GLY F 86 -3.14 -43.91 -22.46
C GLY F 86 -2.90 -42.45 -22.42
N VAL F 87 -2.06 -42.01 -21.51
CA VAL F 87 -1.69 -40.61 -21.42
C VAL F 87 -0.64 -40.24 -22.46
N PRO F 88 -0.80 -39.08 -23.11
CA PRO F 88 0.16 -38.63 -24.15
C PRO F 88 1.55 -38.43 -23.56
N VAL F 89 2.58 -38.79 -24.30
CA VAL F 89 3.96 -38.69 -23.83
C VAL F 89 4.81 -38.10 -24.93
N ALA F 90 5.63 -37.11 -24.58
CA ALA F 90 6.46 -36.46 -25.58
C ALA F 90 7.57 -37.43 -26.00
N ALA F 91 7.70 -37.62 -27.30
CA ALA F 91 8.75 -38.41 -27.89
C ALA F 91 10.12 -37.88 -27.44
N LYS F 92 10.30 -36.55 -27.42
CA LYS F 92 11.57 -35.92 -27.05
C LYS F 92 11.61 -35.57 -25.57
N LYS F 93 10.63 -36.00 -24.81
CA LYS F 93 10.62 -35.77 -23.37
C LYS F 93 10.66 -34.30 -22.95
N ASP F 94 10.01 -33.44 -23.73
CA ASP F 94 10.17 -31.98 -23.53
C ASP F 94 8.87 -31.26 -23.17
N TRP F 95 7.83 -32.03 -22.83
CA TRP F 95 6.61 -31.50 -22.24
C TRP F 95 5.99 -32.64 -21.47
N VAL F 96 5.00 -32.32 -20.66
CA VAL F 96 4.37 -33.38 -19.82
C VAL F 96 2.87 -33.12 -19.86
N ALA F 97 2.10 -34.17 -20.04
CA ALA F 97 0.64 -34.07 -19.94
C ALA F 97 0.19 -33.98 -18.46
N LEU F 98 -0.90 -33.26 -18.23
CA LEU F 98 -1.25 -32.86 -16.86
C LEU F 98 -2.69 -33.16 -16.41
N SER F 99 -3.66 -33.01 -17.32
CA SER F 99 -5.06 -33.37 -17.01
C SER F 99 -5.82 -33.60 -18.30
N GLY F 100 -7.06 -34.06 -18.16
CA GLY F 100 -7.92 -34.33 -19.30
C GLY F 100 -9.31 -33.77 -19.11
N ARG F 101 -9.95 -33.44 -20.22
CA ARG F 101 -11.34 -32.98 -20.26
C ARG F 101 -12.10 -34.01 -21.05
N SER F 102 -13.36 -34.24 -20.69
CA SER F 102 -14.12 -35.33 -21.31
C SER F 102 -15.33 -34.85 -22.10
N ARG F 103 -15.54 -35.47 -23.25
CA ARG F 103 -16.79 -35.40 -23.94
C ARG F 103 -17.83 -36.09 -23.06
N VAL F 104 -19.01 -35.50 -22.99
CA VAL F 104 -20.12 -36.10 -22.20
C VAL F 104 -21.46 -35.80 -22.86
N VAL F 105 -22.49 -36.54 -22.50
CA VAL F 105 -23.88 -36.24 -22.80
C VAL F 105 -24.66 -35.73 -21.57
N VAL F 106 -24.91 -34.44 -21.50
CA VAL F 106 -25.76 -33.93 -20.45
C VAL F 106 -27.21 -34.22 -20.79
N TYR F 107 -28.01 -34.51 -19.76
CA TYR F 107 -29.40 -34.85 -20.04
C TYR F 107 -30.32 -34.37 -18.93
N ASP F 108 -31.56 -34.08 -19.32
CA ASP F 108 -32.62 -33.70 -18.40
C ASP F 108 -33.17 -34.95 -17.71
N THR F 109 -32.79 -35.11 -16.45
CA THR F 109 -33.15 -36.28 -15.67
C THR F 109 -34.64 -36.22 -15.31
N ARG F 110 -35.29 -35.08 -15.44
CA ARG F 110 -36.72 -34.98 -15.22
C ARG F 110 -37.38 -35.91 -16.23
N LYS F 111 -36.84 -35.92 -17.44
CA LYS F 111 -37.46 -36.70 -18.50
C LYS F 111 -36.71 -38.00 -18.79
N LEU F 112 -35.41 -38.10 -18.50
CA LEU F 112 -34.62 -39.23 -18.91
C LEU F 112 -33.82 -39.93 -17.79
N SER F 113 -33.67 -41.25 -17.89
CA SER F 113 -32.81 -42.05 -17.03
C SER F 113 -31.53 -42.41 -17.79
N GLU F 114 -30.63 -43.13 -17.14
CA GLU F 114 -29.34 -43.53 -17.68
C GLU F 114 -29.56 -44.81 -18.47
N LYS F 115 -30.58 -45.58 -18.09
CA LYS F 115 -30.90 -46.78 -18.83
C LYS F 115 -31.34 -46.34 -20.22
N ASP F 116 -31.26 -47.28 -21.17
CA ASP F 116 -31.65 -47.11 -22.56
C ASP F 116 -30.94 -45.96 -23.30
N LEU F 117 -30.42 -44.98 -22.57
CA LEU F 117 -29.64 -43.89 -23.12
C LEU F 117 -28.43 -44.46 -23.85
N GLU F 118 -27.97 -43.79 -24.90
CA GLU F 118 -27.14 -44.49 -25.89
C GLU F 118 -25.82 -45.03 -25.39
N LYS F 119 -25.51 -46.25 -25.86
CA LYS F 119 -24.25 -46.88 -25.49
C LYS F 119 -23.08 -46.29 -26.29
N SER F 120 -23.31 -45.91 -27.54
CA SER F 120 -22.28 -45.29 -28.38
C SER F 120 -22.78 -43.92 -28.84
N VAL F 121 -21.92 -42.91 -28.74
CA VAL F 121 -22.20 -41.58 -29.26
C VAL F 121 -22.66 -41.62 -30.72
N LEU F 122 -22.29 -42.70 -31.42
CA LEU F 122 -22.69 -42.86 -32.82
C LEU F 122 -24.19 -43.17 -32.95
N ASN F 123 -24.84 -43.51 -31.83
CA ASN F 123 -26.22 -43.97 -31.85
C ASN F 123 -27.16 -42.81 -31.75
N TYR F 124 -26.66 -41.63 -31.36
CA TYR F 124 -27.51 -40.44 -31.32
C TYR F 124 -27.94 -39.93 -32.67
N ALA F 125 -27.20 -40.27 -33.72
CA ALA F 125 -27.45 -39.75 -35.07
C ALA F 125 -28.49 -40.70 -35.68
N THR F 126 -29.68 -40.65 -35.11
CA THR F 126 -30.82 -41.49 -35.49
C THR F 126 -32.16 -40.77 -35.38
N PRO F 127 -33.24 -41.36 -35.93
CA PRO F 127 -34.61 -40.86 -35.74
C PRO F 127 -35.09 -40.90 -34.29
N LYS F 128 -34.55 -41.85 -33.54
CA LYS F 128 -34.82 -41.98 -32.10
C LYS F 128 -34.58 -40.67 -31.36
N TRP F 129 -33.60 -39.89 -31.83
CA TRP F 129 -33.21 -38.67 -31.12
C TRP F 129 -33.62 -37.43 -31.85
N LYS F 130 -34.57 -37.60 -32.76
CA LYS F 130 -35.07 -36.47 -33.53
C LYS F 130 -35.60 -35.48 -32.48
N ASN F 131 -35.01 -34.29 -32.49
CA ASN F 131 -35.36 -33.25 -31.52
C ASN F 131 -35.07 -33.55 -30.04
N ARG F 132 -34.23 -34.56 -29.76
CA ARG F 132 -33.87 -34.87 -28.39
C ARG F 132 -32.37 -34.65 -28.09
N ILE F 133 -31.55 -34.46 -29.13
CA ILE F 133 -30.11 -34.32 -28.91
C ILE F 133 -29.60 -33.04 -29.52
N GLY F 134 -28.82 -32.30 -28.76
CA GLY F 134 -28.23 -31.04 -29.22
C GLY F 134 -26.75 -31.13 -29.58
N TYR F 135 -26.29 -30.37 -30.58
CA TYR F 135 -24.87 -30.34 -30.87
C TYR F 135 -24.42 -28.90 -31.04
N VAL F 136 -23.11 -28.71 -30.95
CA VAL F 136 -22.57 -27.38 -31.04
C VAL F 136 -21.56 -27.42 -32.20
N PRO F 137 -22.07 -27.19 -33.42
CA PRO F 137 -21.33 -27.36 -34.62
C PRO F 137 -20.15 -26.42 -34.79
N THR F 138 -20.19 -25.23 -34.20
CA THR F 138 -19.13 -24.27 -34.30
C THR F 138 -18.07 -24.53 -33.22
N SER F 139 -18.33 -25.56 -32.42
CA SER F 139 -17.47 -25.87 -31.27
C SER F 139 -16.18 -26.65 -31.61
N GLY F 140 -15.06 -26.17 -31.11
CA GLY F 140 -13.77 -26.80 -31.35
C GLY F 140 -13.73 -28.22 -30.86
N ALA F 141 -14.31 -28.48 -29.69
CA ALA F 141 -14.41 -29.81 -29.12
C ALA F 141 -15.34 -30.69 -29.98
N PHE F 142 -16.33 -30.04 -30.60
CA PHE F 142 -17.15 -30.81 -31.53
C PHE F 142 -16.33 -31.33 -32.74
N LEU F 143 -15.42 -30.48 -33.20
CA LEU F 143 -14.47 -30.90 -34.26
C LEU F 143 -13.60 -32.06 -33.79
N GLU F 144 -13.05 -31.96 -32.58
CA GLU F 144 -12.23 -33.03 -32.03
C GLU F 144 -12.95 -34.37 -32.02
N GLN F 145 -14.23 -34.34 -31.67
CA GLN F 145 -15.08 -35.53 -31.74
C GLN F 145 -15.08 -36.11 -33.17
N ILE F 146 -15.20 -35.22 -34.12
CA ILE F 146 -15.15 -35.60 -35.55
C ILE F 146 -13.82 -36.27 -35.91
N VAL F 147 -12.77 -35.52 -35.62
CA VAL F 147 -11.39 -36.01 -35.83
C VAL F 147 -11.25 -37.39 -35.16
N ALA F 148 -11.75 -37.48 -33.93
CA ALA F 148 -11.62 -38.76 -33.20
C ALA F 148 -12.37 -39.87 -33.92
N ILE F 149 -13.58 -39.57 -34.38
CA ILE F 149 -14.36 -40.58 -35.08
C ILE F 149 -13.69 -41.05 -36.37
N VAL F 150 -13.02 -40.13 -37.04
CA VAL F 150 -12.34 -40.46 -38.29
C VAL F 150 -11.20 -41.42 -37.98
N LYS F 151 -10.46 -41.17 -36.92
CA LYS F 151 -9.26 -41.97 -36.66
C LYS F 151 -9.64 -43.36 -36.14
N LEU F 152 -10.72 -43.43 -35.41
CA LEU F 152 -11.14 -44.68 -34.79
C LEU F 152 -11.98 -45.56 -35.72
N LYS F 153 -12.82 -44.92 -36.52
CA LYS F 153 -13.79 -45.67 -37.30
C LYS F 153 -13.60 -45.43 -38.79
N GLY F 154 -12.85 -44.43 -39.16
CA GLY F 154 -12.75 -44.13 -40.61
C GLY F 154 -13.63 -42.96 -41.02
N GLU F 155 -13.53 -42.54 -42.28
CA GLU F 155 -14.31 -41.39 -42.75
C GLU F 155 -15.81 -41.65 -42.81
N ALA F 156 -16.21 -42.76 -43.44
CA ALA F 156 -17.62 -43.07 -43.64
C ALA F 156 -18.42 -42.97 -42.33
N ALA F 157 -17.91 -43.59 -41.28
CA ALA F 157 -18.57 -43.58 -39.99
C ALA F 157 -18.77 -42.14 -39.57
N ALA F 158 -17.69 -41.34 -39.66
CA ALA F 158 -17.79 -39.96 -39.25
C ALA F 158 -18.87 -39.21 -40.04
N LEU F 159 -19.09 -39.68 -41.26
CA LEU F 159 -19.93 -39.00 -42.23
C LEU F 159 -21.38 -39.43 -41.97
N LYS F 160 -21.63 -40.70 -41.73
CA LYS F 160 -22.97 -41.13 -41.32
C LYS F 160 -23.44 -40.40 -40.04
N TRP F 161 -22.52 -40.18 -39.12
CA TRP F 161 -22.81 -39.51 -37.86
C TRP F 161 -23.19 -38.06 -38.09
N LEU F 162 -22.44 -37.33 -38.90
CA LEU F 162 -22.69 -35.90 -39.12
C LEU F 162 -23.97 -35.70 -39.93
N LYS F 163 -24.18 -36.56 -40.92
CA LYS F 163 -25.48 -36.61 -41.64
C LYS F 163 -26.69 -36.81 -40.72
N GLY F 164 -26.60 -37.76 -39.81
CA GLY F 164 -27.69 -38.10 -38.90
C GLY F 164 -27.98 -36.98 -37.91
N LEU F 165 -26.94 -36.33 -37.41
CA LEU F 165 -27.12 -35.16 -36.55
C LEU F 165 -27.67 -33.96 -37.30
N LYS F 166 -27.27 -33.80 -38.55
CA LYS F 166 -27.75 -32.66 -39.32
C LYS F 166 -29.25 -32.80 -39.45
N GLU F 167 -29.67 -34.04 -39.65
CA GLU F 167 -31.09 -34.30 -39.93
C GLU F 167 -31.97 -34.35 -38.69
N TYR F 168 -31.43 -34.84 -37.56
CA TYR F 168 -32.25 -35.18 -36.39
C TYR F 168 -32.04 -34.33 -35.13
N GLY F 169 -30.89 -33.67 -35.05
CA GLY F 169 -30.55 -33.04 -33.79
C GLY F 169 -30.77 -31.54 -33.90
N LYS F 170 -30.55 -30.83 -32.80
CA LYS F 170 -30.61 -29.38 -32.84
C LYS F 170 -29.23 -28.81 -32.57
N PRO F 171 -28.85 -27.74 -33.28
CA PRO F 171 -27.55 -27.11 -33.00
C PRO F 171 -27.70 -25.96 -32.01
N TYR F 172 -26.60 -25.58 -31.36
CA TYR F 172 -26.60 -24.41 -30.47
C TYR F 172 -25.30 -23.66 -30.64
N ALA F 173 -25.33 -22.35 -30.49
CA ALA F 173 -24.18 -21.49 -30.78
C ALA F 173 -22.96 -21.93 -29.98
N LYS F 174 -23.16 -22.49 -28.79
CA LYS F 174 -22.03 -22.88 -27.96
C LYS F 174 -22.46 -23.85 -26.89
N ASN F 175 -21.43 -24.50 -26.33
CA ASN F 175 -21.62 -25.45 -25.25
C ASN F 175 -22.44 -24.88 -24.09
N SER F 176 -21.97 -23.77 -23.52
CA SER F 176 -22.66 -23.13 -22.39
C SER F 176 -24.13 -23.00 -22.72
N VAL F 177 -24.46 -22.70 -23.97
CA VAL F 177 -25.82 -22.39 -24.36
C VAL F 177 -26.66 -23.68 -24.51
N ALA F 178 -26.00 -24.77 -24.86
CA ALA F 178 -26.66 -26.05 -25.02
C ALA F 178 -26.97 -26.65 -23.66
N LEU F 179 -26.18 -26.30 -22.64
CA LEU F 179 -26.42 -26.86 -21.30
C LEU F 179 -27.75 -26.26 -20.81
N GLN F 180 -27.78 -24.93 -20.84
CA GLN F 180 -28.96 -24.13 -20.49
C GLN F 180 -30.19 -24.77 -21.09
N ALA F 181 -30.23 -24.96 -22.41
CA ALA F 181 -31.39 -25.61 -23.04
C ALA F 181 -31.83 -26.85 -22.31
N VAL F 182 -30.88 -27.74 -22.04
CA VAL F 182 -31.21 -29.04 -21.48
C VAL F 182 -31.88 -28.90 -20.13
N GLU F 183 -31.39 -27.92 -19.40
CA GLU F 183 -31.93 -27.65 -18.05
C GLU F 183 -33.44 -27.37 -18.10
N ASN F 184 -34.08 -27.58 -19.26
CA ASN F 184 -35.51 -27.34 -19.47
C ASN F 184 -36.09 -28.42 -20.38
N GLY F 185 -35.34 -29.52 -20.50
CA GLY F 185 -35.72 -30.75 -21.21
C GLY F 185 -36.37 -30.55 -22.55
N GLU F 186 -36.67 -29.28 -22.90
CA GLU F 186 -37.00 -28.97 -24.29
C GLU F 186 -36.15 -29.84 -25.17
N ILE F 187 -34.85 -29.60 -25.05
CA ILE F 187 -33.92 -30.57 -25.60
C ILE F 187 -33.59 -31.50 -24.43
N ASP F 188 -33.86 -32.78 -24.63
CA ASP F 188 -33.64 -33.77 -23.58
C ASP F 188 -32.15 -33.92 -23.22
N ALA F 189 -31.30 -34.09 -24.23
CA ALA F 189 -29.86 -34.33 -24.07
C ALA F 189 -29.04 -33.41 -24.96
N ALA F 190 -27.75 -33.40 -24.69
CA ALA F 190 -26.81 -32.67 -25.54
C ALA F 190 -25.38 -33.21 -25.29
N LEU F 191 -24.53 -33.01 -26.30
CA LEU F 191 -23.10 -33.42 -26.20
C LEU F 191 -22.29 -32.21 -25.98
N ILE F 192 -21.57 -32.18 -24.87
CA ILE F 192 -20.73 -31.06 -24.48
C ILE F 192 -19.43 -31.58 -23.84
N ASN F 193 -18.73 -30.69 -23.13
CA ASN F 193 -17.59 -31.03 -22.29
C ASN F 193 -18.05 -31.18 -20.84
N ASN F 194 -17.38 -32.00 -20.03
CA ASN F 194 -17.87 -32.33 -18.68
C ASN F 194 -17.79 -31.14 -17.73
N TYR F 195 -16.80 -30.30 -17.92
CA TYR F 195 -16.50 -29.21 -16.99
C TYR F 195 -17.59 -28.14 -17.08
N TYR F 196 -18.14 -27.95 -18.28
CA TYR F 196 -19.17 -26.96 -18.61
C TYR F 196 -20.37 -27.34 -17.78
N TRP F 197 -20.30 -28.34 -16.90
CA TRP F 197 -21.48 -28.75 -16.17
C TRP F 197 -21.14 -28.68 -14.68
N HIS F 198 -19.96 -29.20 -14.36
CA HIS F 198 -19.51 -29.29 -12.95
C HIS F 198 -19.36 -27.92 -12.37
N ALA F 199 -18.88 -26.96 -13.16
CA ALA F 199 -18.83 -25.57 -12.79
C ALA F 199 -20.25 -25.10 -12.43
N PHE F 200 -21.23 -25.49 -13.24
CA PHE F 200 -22.61 -25.03 -13.10
C PHE F 200 -23.27 -25.54 -11.80
N ALA F 201 -23.13 -26.83 -11.55
CA ALA F 201 -23.74 -27.51 -10.42
C ALA F 201 -23.04 -27.10 -9.13
N ARG F 202 -21.78 -26.65 -9.24
CA ARG F 202 -21.10 -26.14 -8.06
C ARG F 202 -21.62 -24.77 -7.65
N GLU F 203 -21.82 -23.91 -8.63
CA GLU F 203 -22.27 -22.55 -8.34
C GLU F 203 -23.73 -22.58 -7.89
N LYS F 204 -24.53 -23.42 -8.53
CA LYS F 204 -25.93 -23.51 -8.21
C LYS F 204 -26.14 -24.29 -6.93
N GLY F 205 -25.50 -25.45 -6.82
CA GLY F 205 -25.94 -26.45 -5.83
C GLY F 205 -26.64 -27.52 -6.63
N VAL F 206 -26.14 -28.75 -6.59
CA VAL F 206 -26.64 -29.81 -7.46
C VAL F 206 -28.09 -30.12 -7.24
N GLN F 207 -28.63 -29.78 -6.07
CA GLN F 207 -29.97 -30.25 -5.72
C GLN F 207 -30.95 -29.37 -6.49
N ASN F 208 -30.46 -28.20 -6.91
CA ASN F 208 -31.20 -27.25 -7.73
C ASN F 208 -30.92 -27.47 -9.20
N VAL F 209 -30.50 -28.68 -9.57
CA VAL F 209 -30.02 -28.98 -10.91
C VAL F 209 -30.67 -30.25 -11.37
N HIS F 210 -31.43 -30.21 -12.45
CA HIS F 210 -32.05 -31.43 -12.92
C HIS F 210 -31.20 -32.24 -13.91
N THR F 211 -30.35 -31.56 -14.68
CA THR F 211 -29.50 -32.31 -15.60
C THR F 211 -28.44 -33.13 -14.86
N ARG F 212 -28.08 -34.30 -15.37
CA ARG F 212 -26.87 -35.03 -14.99
C ARG F 212 -25.96 -35.38 -16.16
N LEU F 213 -24.80 -35.98 -15.88
CA LEU F 213 -23.86 -36.41 -16.93
C LEU F 213 -23.84 -37.89 -17.22
N ASN F 214 -23.70 -38.25 -18.50
CA ASN F 214 -23.47 -39.64 -18.86
C ASN F 214 -22.15 -39.85 -19.59
N PHE F 215 -21.46 -40.95 -19.23
CA PHE F 215 -20.19 -41.27 -19.88
C PHE F 215 -20.35 -42.64 -20.53
N VAL F 216 -20.09 -42.74 -21.82
CA VAL F 216 -20.25 -44.02 -22.53
C VAL F 216 -19.13 -45.04 -22.32
N ARG F 217 -17.92 -44.54 -22.02
CA ARG F 217 -16.77 -45.39 -21.71
C ARG F 217 -16.46 -46.31 -22.85
N HIS F 218 -15.91 -47.48 -22.51
CA HIS F 218 -15.72 -48.55 -23.47
C HIS F 218 -14.88 -48.17 -24.69
N ARG F 219 -14.01 -47.18 -24.56
CA ARG F 219 -13.14 -46.77 -25.67
C ARG F 219 -13.97 -46.25 -26.83
N ASP F 220 -15.21 -45.86 -26.58
CA ASP F 220 -16.05 -45.38 -27.63
C ASP F 220 -15.48 -44.04 -28.09
N PRO F 221 -15.70 -43.66 -29.36
CA PRO F 221 -15.26 -42.32 -29.69
C PRO F 221 -15.91 -41.23 -28.85
N GLY F 222 -16.99 -41.53 -28.12
CA GLY F 222 -17.65 -40.57 -27.20
C GLY F 222 -17.02 -40.51 -25.80
N ALA F 223 -16.02 -41.34 -25.57
CA ALA F 223 -15.30 -41.33 -24.31
C ALA F 223 -14.02 -40.47 -24.52
N LEU F 224 -13.91 -39.82 -25.68
CA LEU F 224 -12.72 -39.01 -26.00
C LEU F 224 -12.29 -38.04 -24.90
N VAL F 225 -11.04 -38.17 -24.47
CA VAL F 225 -10.50 -37.21 -23.51
C VAL F 225 -9.48 -36.34 -24.23
N THR F 226 -9.50 -35.05 -23.90
CA THR F 226 -8.55 -34.09 -24.41
C THR F 226 -7.59 -33.59 -23.34
N TYR F 227 -6.28 -33.72 -23.58
CA TYR F 227 -5.32 -33.40 -22.56
C TYR F 227 -4.74 -31.99 -22.56
N SER F 228 -4.30 -31.57 -21.39
CA SER F 228 -3.50 -30.38 -21.21
C SER F 228 -2.07 -30.82 -20.89
N GLY F 229 -1.14 -29.88 -20.91
CA GLY F 229 0.23 -30.21 -20.57
C GLY F 229 1.06 -28.95 -20.37
N ALA F 230 2.31 -29.11 -19.99
CA ALA F 230 3.17 -27.94 -19.84
C ALA F 230 4.56 -28.35 -20.31
N ALA F 231 5.36 -27.33 -20.54
CA ALA F 231 6.75 -27.44 -20.91
C ALA F 231 7.53 -26.19 -20.53
N VAL F 232 8.84 -26.38 -20.36
CA VAL F 232 9.79 -25.30 -20.20
C VAL F 232 10.37 -24.93 -21.59
N LEU F 233 10.75 -23.67 -21.76
CA LEU F 233 11.38 -23.24 -23.00
C LEU F 233 12.89 -23.32 -22.92
N LYS F 234 13.55 -23.69 -24.01
CA LYS F 234 15.02 -23.63 -24.08
C LYS F 234 15.59 -22.22 -23.85
N SER F 235 14.90 -21.23 -24.41
CA SER F 235 15.36 -19.86 -24.46
C SER F 235 15.35 -19.27 -23.04
N SER F 236 14.71 -20.02 -22.15
CA SER F 236 14.54 -19.60 -20.76
C SER F 236 15.85 -19.33 -20.02
N GLN F 237 15.81 -18.31 -19.17
CA GLN F 237 16.96 -17.90 -18.40
C GLN F 237 16.64 -18.11 -16.93
N ASN F 238 15.55 -18.86 -16.68
CA ASN F 238 15.04 -19.15 -15.35
C ASN F 238 14.60 -20.60 -15.39
N LYS F 239 15.37 -21.41 -16.10
CA LYS F 239 15.04 -22.80 -16.29
C LYS F 239 14.83 -23.55 -15.00
N ASP F 240 15.71 -23.27 -14.03
CA ASP F 240 15.65 -24.01 -12.80
C ASP F 240 14.31 -23.82 -12.10
N GLU F 241 13.86 -22.58 -12.03
CA GLU F 241 12.58 -22.22 -11.45
C GLU F 241 11.44 -22.71 -12.33
N ALA F 242 11.70 -22.66 -13.63
CA ALA F 242 10.69 -23.01 -14.62
C ALA F 242 10.52 -24.53 -14.53
N LYS F 243 11.62 -25.26 -14.42
CA LYS F 243 11.55 -26.69 -14.26
C LYS F 243 10.92 -27.07 -12.89
N LYS F 244 11.24 -26.31 -11.87
CA LYS F 244 10.60 -26.44 -10.54
C LYS F 244 9.09 -26.27 -10.69
N PHE F 245 8.69 -25.31 -11.51
CA PHE F 245 7.29 -25.03 -11.73
C PHE F 245 6.53 -26.17 -12.41
N VAL F 246 7.11 -26.73 -13.45
CA VAL F 246 6.51 -27.90 -14.13
C VAL F 246 6.42 -29.16 -13.29
N ALA F 247 7.44 -29.40 -12.48
CA ALA F 247 7.39 -30.48 -11.51
C ALA F 247 6.21 -30.35 -10.54
N PHE F 248 5.97 -29.13 -10.07
CA PHE F 248 4.82 -28.79 -9.24
C PHE F 248 3.49 -29.07 -9.92
N LEU F 249 3.36 -28.71 -11.19
CA LEU F 249 2.07 -28.87 -11.91
C LEU F 249 1.75 -30.33 -12.00
N ALA F 250 2.78 -31.17 -12.12
CA ALA F 250 2.60 -32.61 -12.30
C ALA F 250 2.40 -33.36 -10.98
N GLY F 251 2.87 -32.72 -9.91
CA GLY F 251 2.88 -33.35 -8.59
C GLY F 251 1.54 -33.24 -7.91
N LYS F 252 1.42 -33.93 -6.77
CA LYS F 252 0.17 -34.02 -6.04
C LYS F 252 -0.34 -32.64 -5.64
N GLU F 253 0.52 -31.82 -5.08
CA GLU F 253 0.05 -30.53 -4.60
C GLU F 253 -0.34 -29.62 -5.77
N GLY F 254 0.45 -29.59 -6.83
CA GLY F 254 0.10 -28.92 -8.06
C GLY F 254 -1.24 -29.42 -8.59
N GLN F 255 -1.40 -30.75 -8.56
CA GLN F 255 -2.62 -31.35 -9.08
C GLN F 255 -3.84 -31.08 -8.17
N ARG F 256 -3.65 -30.97 -6.86
CA ARG F 256 -4.75 -30.60 -5.96
C ARG F 256 -5.10 -29.12 -6.11
N ALA F 257 -4.09 -28.28 -6.34
CA ALA F 257 -4.36 -26.85 -6.53
C ALA F 257 -5.29 -26.64 -7.74
N LEU F 258 -5.15 -27.51 -8.74
CA LEU F 258 -5.91 -27.38 -9.95
C LEU F 258 -7.30 -27.96 -9.84
N THR F 259 -7.36 -29.11 -9.18
CA THR F 259 -8.61 -29.83 -9.08
C THR F 259 -9.51 -29.23 -7.99
N ALA F 260 -9.04 -28.13 -7.38
CA ALA F 260 -9.88 -27.50 -6.39
C ALA F 260 -10.82 -26.52 -7.08
N VAL F 261 -10.42 -26.15 -8.29
CA VAL F 261 -11.03 -24.98 -8.96
C VAL F 261 -11.63 -25.35 -10.29
N ARG F 262 -11.05 -26.35 -10.97
CA ARG F 262 -11.50 -26.74 -12.29
C ARG F 262 -11.75 -28.24 -12.40
N ALA F 263 -12.88 -28.58 -13.02
CA ALA F 263 -13.29 -29.96 -13.15
C ALA F 263 -12.61 -30.74 -14.30
N GLU F 264 -11.27 -30.70 -14.35
CA GLU F 264 -10.53 -31.67 -15.18
C GLU F 264 -10.05 -32.90 -14.39
N TYR F 265 -9.85 -34.01 -15.09
CA TYR F 265 -9.40 -35.24 -14.48
C TYR F 265 -7.89 -35.10 -14.28
N PRO F 266 -7.43 -35.18 -13.02
CA PRO F 266 -5.99 -35.18 -12.76
C PRO F 266 -5.37 -36.43 -13.31
N LEU F 267 -4.19 -36.28 -13.91
CA LEU F 267 -3.38 -37.45 -14.32
C LEU F 267 -2.52 -38.11 -13.22
N ASN F 268 -2.32 -37.34 -12.16
CA ASN F 268 -1.60 -37.86 -11.00
C ASN F 268 -2.45 -38.78 -10.15
N PRO F 269 -2.09 -40.06 -10.04
CA PRO F 269 -2.96 -41.09 -9.46
C PRO F 269 -3.12 -40.85 -7.98
N HIS F 270 -2.47 -39.84 -7.42
CA HIS F 270 -2.45 -39.66 -5.99
C HIS F 270 -3.40 -38.56 -5.52
N VAL F 271 -4.31 -38.13 -6.41
CA VAL F 271 -5.13 -36.98 -6.12
C VAL F 271 -6.62 -37.31 -6.18
N VAL F 272 -7.38 -36.67 -5.30
CA VAL F 272 -8.84 -36.75 -5.30
C VAL F 272 -9.38 -35.36 -5.61
N SER F 273 -10.14 -35.27 -6.72
CA SER F 273 -10.70 -34.04 -7.17
C SER F 273 -11.68 -33.54 -6.08
N THR F 274 -11.99 -32.24 -6.03
CA THR F 274 -13.14 -31.76 -5.21
C THR F 274 -14.45 -31.84 -5.99
N PHE F 275 -14.36 -32.15 -7.28
CA PHE F 275 -15.52 -32.46 -8.10
C PHE F 275 -15.62 -33.96 -8.13
N ASN F 276 -16.82 -34.45 -8.42
CA ASN F 276 -17.04 -35.90 -8.39
C ASN F 276 -16.69 -36.60 -9.70
N LEU F 277 -15.40 -36.62 -10.00
CA LEU F 277 -14.94 -37.33 -11.18
C LEU F 277 -14.39 -38.68 -10.69
N GLU F 278 -14.49 -39.70 -11.53
CA GLU F 278 -13.85 -40.98 -11.24
C GLU F 278 -12.37 -40.97 -11.58
N PRO F 279 -11.71 -42.10 -11.33
CA PRO F 279 -10.33 -42.19 -11.84
C PRO F 279 -10.36 -41.91 -13.34
N ILE F 280 -9.37 -41.20 -13.85
CA ILE F 280 -9.25 -40.90 -15.27
C ILE F 280 -9.27 -42.22 -16.06
N ALA F 281 -8.68 -43.27 -15.50
CA ALA F 281 -8.62 -44.54 -16.19
C ALA F 281 -10.01 -45.16 -16.31
N LYS F 282 -10.93 -44.85 -15.40
CA LYS F 282 -12.24 -45.52 -15.46
C LYS F 282 -13.14 -44.99 -16.58
N LEU F 283 -12.70 -43.94 -17.27
CA LEU F 283 -13.40 -43.37 -18.41
C LEU F 283 -13.28 -44.23 -19.67
N GLU F 284 -12.32 -45.14 -19.64
CA GLU F 284 -12.00 -45.95 -20.84
C GLU F 284 -12.03 -45.12 -22.13
N ALA F 285 -11.33 -44.00 -22.15
CA ALA F 285 -11.25 -43.17 -23.36
C ALA F 285 -10.46 -43.98 -24.41
N PRO F 286 -10.81 -43.78 -25.69
CA PRO F 286 -10.03 -44.41 -26.73
C PRO F 286 -8.60 -43.86 -26.77
N GLN F 287 -7.69 -44.53 -27.49
CA GLN F 287 -6.37 -43.99 -27.67
C GLN F 287 -6.39 -43.32 -29.02
N VAL F 288 -6.02 -42.04 -29.04
CA VAL F 288 -6.07 -41.26 -30.27
C VAL F 288 -4.80 -40.44 -30.40
N SER F 289 -4.27 -40.36 -31.60
CA SER F 289 -3.06 -39.64 -31.91
C SER F 289 -3.47 -38.17 -31.92
N ALA F 290 -2.53 -37.28 -31.58
CA ALA F 290 -2.80 -35.86 -31.47
C ALA F 290 -3.33 -35.29 -32.79
N THR F 291 -4.10 -34.22 -32.69
CA THR F 291 -4.78 -33.67 -33.85
C THR F 291 -3.84 -32.84 -34.67
N THR F 292 -3.99 -32.92 -36.00
CA THR F 292 -3.22 -32.11 -36.91
C THR F 292 -4.08 -31.07 -37.64
N VAL F 293 -3.44 -30.30 -38.49
CA VAL F 293 -4.14 -29.18 -39.14
C VAL F 293 -5.07 -29.67 -40.24
N SER F 294 -4.59 -30.67 -41.00
CA SER F 294 -5.37 -31.21 -42.09
C SER F 294 -6.46 -32.13 -41.60
N GLU F 295 -6.35 -32.68 -40.39
CA GLU F 295 -7.52 -33.39 -39.83
C GLU F 295 -8.61 -32.47 -39.31
N LYS F 296 -8.27 -31.27 -38.90
CA LYS F 296 -9.29 -30.25 -38.60
C LYS F 296 -9.84 -29.68 -39.91
N GLU F 297 -9.01 -29.68 -40.94
CA GLU F 297 -9.43 -29.28 -42.28
C GLU F 297 -10.37 -30.32 -42.78
N HIS F 298 -9.91 -31.55 -42.70
CA HIS F 298 -10.67 -32.71 -43.08
C HIS F 298 -12.02 -32.70 -42.33
N ALA F 299 -11.94 -32.45 -41.03
CA ALA F 299 -13.12 -32.53 -40.21
C ALA F 299 -14.10 -31.46 -40.67
N THR F 300 -13.59 -30.24 -40.89
CA THR F 300 -14.46 -29.13 -41.26
C THR F 300 -15.15 -29.43 -42.60
N ARG F 301 -14.37 -29.90 -43.58
CA ARG F 301 -14.95 -30.21 -44.89
C ARG F 301 -16.00 -31.28 -44.71
N LEU F 302 -15.79 -32.20 -43.77
CA LEU F 302 -16.85 -33.17 -43.45
C LEU F 302 -18.09 -32.45 -42.93
N LEU F 303 -17.89 -31.42 -42.11
CA LEU F 303 -19.04 -30.63 -41.66
C LEU F 303 -19.86 -30.15 -42.87
N GLU F 304 -19.16 -29.82 -43.95
CA GLU F 304 -19.82 -29.31 -45.15
C GLU F 304 -20.60 -30.40 -45.84
N GLN F 305 -19.94 -31.53 -46.09
CA GLN F 305 -20.57 -32.63 -46.80
C GLN F 305 -21.86 -33.05 -46.14
N ALA F 306 -21.94 -32.71 -44.87
CA ALA F 306 -23.12 -33.06 -44.06
C ALA F 306 -24.23 -32.01 -44.20
N GLY F 307 -23.91 -30.81 -44.69
CA GLY F 307 -24.88 -29.72 -44.89
C GLY F 307 -25.14 -29.13 -43.52
N MET F 308 -24.08 -29.19 -42.69
CA MET F 308 -24.22 -28.83 -41.29
C MET F 308 -23.34 -27.64 -40.91
N LYS F 309 -23.08 -26.76 -41.89
CA LYS F 309 -22.17 -25.65 -41.68
C LYS F 309 -22.74 -24.35 -42.24
N ASP G 1 -29.55 -10.77 -22.41
CA ASP G 1 -29.45 -9.30 -22.62
C ASP G 1 -29.49 -8.59 -21.26
N ILE G 2 -28.68 -7.55 -21.15
CA ILE G 2 -28.53 -6.80 -19.92
C ILE G 2 -28.74 -5.29 -20.10
N THR G 3 -29.32 -4.68 -19.07
CA THR G 3 -29.53 -3.24 -19.07
C THR G 3 -28.44 -2.66 -18.19
N VAL G 4 -27.70 -1.73 -18.78
CA VAL G 4 -26.58 -1.16 -18.06
C VAL G 4 -26.94 0.25 -17.66
N TYR G 5 -26.89 0.52 -16.35
CA TYR G 5 -27.01 1.90 -15.89
C TYR G 5 -25.58 2.44 -15.99
N ASN G 6 -25.37 3.27 -17.02
CA ASN G 6 -24.07 3.75 -17.39
C ASN G 6 -23.76 5.16 -16.94
N GLY G 7 -22.69 5.30 -16.17
CA GLY G 7 -22.27 6.59 -15.66
C GLY G 7 -21.02 7.11 -16.35
N GLN G 8 -20.48 6.32 -17.27
CA GLN G 8 -19.20 6.60 -17.91
C GLN G 8 -19.38 7.55 -19.09
N HIS G 9 -18.34 7.71 -19.92
CA HIS G 9 -18.53 8.39 -21.18
C HIS G 9 -19.28 7.43 -22.12
N LYS G 10 -20.33 7.93 -22.76
CA LYS G 10 -21.14 7.12 -23.70
C LYS G 10 -20.29 6.38 -24.74
N GLU G 11 -19.39 7.10 -25.40
CA GLU G 11 -18.49 6.49 -26.39
C GLU G 11 -17.85 5.23 -25.80
N ALA G 12 -17.19 5.38 -24.65
CA ALA G 12 -16.54 4.24 -24.01
C ALA G 12 -17.48 3.07 -23.70
N ALA G 13 -18.62 3.46 -23.12
CA ALA G 13 -19.64 2.49 -22.77
C ALA G 13 -19.96 1.63 -24.00
N GLN G 14 -20.35 2.32 -25.06
CA GLN G 14 -20.70 1.66 -26.33
C GLN G 14 -19.68 0.61 -26.78
N ALA G 15 -18.41 0.99 -26.70
CA ALA G 15 -17.38 0.13 -27.29
C ALA G 15 -17.10 -1.09 -26.42
N VAL G 16 -17.34 -1.00 -25.11
CA VAL G 16 -17.14 -2.17 -24.26
C VAL G 16 -18.34 -3.11 -24.26
N ALA G 17 -19.51 -2.52 -24.50
CA ALA G 17 -20.73 -3.32 -24.66
C ALA G 17 -20.60 -4.19 -25.90
N ASP G 18 -20.31 -3.56 -27.05
CA ASP G 18 -20.12 -4.28 -28.31
C ASP G 18 -19.02 -5.32 -28.21
N ALA G 19 -17.92 -4.95 -27.56
CA ALA G 19 -16.81 -5.88 -27.41
C ALA G 19 -17.37 -7.09 -26.71
N PHE G 20 -18.00 -6.87 -25.55
CA PHE G 20 -18.70 -7.93 -24.82
C PHE G 20 -19.62 -8.75 -25.72
N THR G 21 -20.59 -8.08 -26.35
CA THR G 21 -21.56 -8.76 -27.19
C THR G 21 -20.88 -9.57 -28.30
N ARG G 22 -19.84 -8.98 -28.89
CA ARG G 22 -19.08 -9.65 -29.93
C ARG G 22 -18.01 -10.49 -29.24
N ALA G 23 -18.46 -11.25 -28.25
CA ALA G 23 -17.64 -12.25 -27.59
C ALA G 23 -18.60 -13.15 -26.83
N THR G 24 -19.90 -12.82 -26.89
CA THR G 24 -20.87 -13.60 -26.14
C THR G 24 -22.22 -13.73 -26.83
N GLY G 25 -22.64 -12.67 -27.52
CA GLY G 25 -23.98 -12.61 -28.11
C GLY G 25 -24.96 -11.76 -27.31
N ILE G 26 -24.95 -11.90 -25.99
CA ILE G 26 -25.63 -11.03 -25.03
C ILE G 26 -25.60 -9.55 -25.42
N LYS G 27 -26.76 -9.05 -25.84
CA LYS G 27 -26.92 -7.62 -26.16
C LYS G 27 -27.05 -6.81 -24.86
N VAL G 28 -26.88 -5.49 -24.99
CA VAL G 28 -26.83 -4.61 -23.83
C VAL G 28 -27.69 -3.37 -24.05
N LYS G 29 -28.40 -2.92 -23.03
CA LYS G 29 -29.18 -1.69 -23.09
C LYS G 29 -28.61 -0.69 -22.11
N LEU G 30 -28.07 0.42 -22.64
CA LEU G 30 -27.39 1.40 -21.83
C LEU G 30 -28.37 2.46 -21.41
N ASN G 31 -28.45 2.67 -20.09
CA ASN G 31 -29.13 3.85 -19.54
C ASN G 31 -28.07 4.77 -18.94
N SER G 32 -27.68 5.79 -19.68
CA SER G 32 -26.52 6.61 -19.32
C SER G 32 -26.87 7.94 -18.68
N ALA G 33 -26.15 8.31 -17.61
CA ALA G 33 -26.37 9.56 -16.85
C ALA G 33 -25.45 9.50 -15.64
N LYS G 34 -25.13 10.64 -15.04
CA LYS G 34 -24.13 10.68 -13.98
C LYS G 34 -24.34 9.54 -12.97
N GLY G 35 -23.26 9.16 -12.26
CA GLY G 35 -23.38 8.13 -11.22
C GLY G 35 -24.19 8.43 -9.98
N ASP G 36 -24.14 9.65 -9.44
CA ASP G 36 -24.88 10.07 -8.24
C ASP G 36 -26.36 9.98 -8.62
N GLN G 37 -26.60 10.14 -9.91
CA GLN G 37 -27.90 10.10 -10.55
C GLN G 37 -28.51 8.71 -10.60
N LEU G 38 -27.96 7.86 -11.47
CA LEU G 38 -28.35 6.46 -11.54
C LEU G 38 -28.56 5.93 -10.13
N ALA G 39 -27.60 6.16 -9.25
CA ALA G 39 -27.65 5.59 -7.90
C ALA G 39 -28.94 6.04 -7.21
N GLY G 40 -29.35 7.30 -7.38
CA GLY G 40 -30.56 7.86 -6.76
C GLY G 40 -31.76 7.19 -7.42
N GLN G 41 -31.59 6.80 -8.67
CA GLN G 41 -32.69 6.18 -9.39
C GLN G 41 -32.89 4.73 -8.93
N ILE G 42 -31.79 4.00 -8.75
CA ILE G 42 -31.78 2.64 -8.28
C ILE G 42 -32.44 2.47 -6.92
N LYS G 43 -32.18 3.44 -6.06
CA LYS G 43 -32.74 3.38 -4.72
C LYS G 43 -34.24 3.57 -4.73
N GLU G 44 -34.74 4.54 -5.50
CA GLU G 44 -36.15 4.68 -5.79
C GLU G 44 -36.78 3.39 -6.34
N GLU G 45 -36.25 2.93 -7.46
CA GLU G 45 -36.77 1.73 -8.14
C GLU G 45 -36.66 0.47 -7.29
N GLY G 46 -35.59 0.35 -6.49
CA GLY G 46 -35.36 -0.78 -5.58
C GLY G 46 -35.29 -2.09 -6.34
N SER G 47 -36.05 -3.08 -5.89
CA SER G 47 -36.13 -4.40 -6.53
C SER G 47 -36.95 -4.47 -7.82
N ARG G 48 -37.41 -3.31 -8.26
CA ARG G 48 -38.16 -3.19 -9.48
C ARG G 48 -37.33 -2.40 -10.48
N SER G 49 -36.06 -2.20 -10.14
CA SER G 49 -35.13 -1.63 -11.10
C SER G 49 -34.89 -2.62 -12.25
N PRO G 50 -34.91 -2.12 -13.51
CA PRO G 50 -34.52 -2.92 -14.68
C PRO G 50 -33.00 -3.08 -14.81
N ALA G 51 -32.24 -2.23 -14.14
CA ALA G 51 -30.78 -2.23 -14.24
C ALA G 51 -30.18 -3.58 -13.80
N ASP G 52 -29.32 -4.13 -14.66
CA ASP G 52 -28.70 -5.41 -14.42
C ASP G 52 -27.31 -5.14 -13.85
N VAL G 53 -26.67 -4.06 -14.34
CA VAL G 53 -25.32 -3.64 -13.98
C VAL G 53 -25.26 -2.13 -13.79
N PHE G 54 -24.49 -1.72 -12.79
CA PHE G 54 -24.17 -0.32 -12.59
C PHE G 54 -22.70 -0.11 -12.94
N TYR G 55 -22.42 0.54 -14.05
CA TYR G 55 -21.07 0.94 -14.50
C TYR G 55 -21.00 2.42 -14.20
N SER G 56 -20.21 2.77 -13.18
CA SER G 56 -20.16 4.14 -12.66
C SER G 56 -18.78 4.80 -12.71
N GLU G 57 -18.81 6.08 -13.06
CA GLU G 57 -17.60 6.94 -12.98
C GLU G 57 -17.36 7.46 -11.55
N GLN G 58 -18.04 6.88 -10.57
CA GLN G 58 -18.04 7.38 -9.21
C GLN G 58 -18.13 6.24 -8.21
N ILE G 59 -17.03 6.03 -7.48
CA ILE G 59 -16.99 5.05 -6.41
C ILE G 59 -17.94 5.30 -5.21
N PRO G 60 -18.23 6.57 -4.89
CA PRO G 60 -19.16 6.87 -3.81
C PRO G 60 -20.58 6.48 -4.21
N ALA G 61 -20.85 6.55 -5.51
CA ALA G 61 -22.15 6.12 -6.01
C ALA G 61 -22.26 4.60 -5.93
N LEU G 62 -21.11 3.93 -5.88
CA LEU G 62 -21.16 2.50 -5.52
C LEU G 62 -21.33 2.27 -4.03
N ALA G 63 -20.60 3.05 -3.24
CA ALA G 63 -20.57 2.88 -1.78
C ALA G 63 -21.97 3.03 -1.20
N THR G 64 -22.70 4.00 -1.72
CA THR G 64 -24.05 4.25 -1.25
C THR G 64 -24.89 3.04 -1.53
N LEU G 65 -24.92 2.57 -2.78
CA LEU G 65 -25.78 1.41 -3.07
C LEU G 65 -25.30 0.15 -2.34
N SER G 66 -23.98 0.03 -2.19
CA SER G 66 -23.46 -1.09 -1.41
C SER G 66 -23.95 -1.00 0.04
N ALA G 67 -23.92 0.20 0.61
CA ALA G 67 -24.41 0.36 1.98
C ALA G 67 -25.90 0.02 2.07
N ALA G 68 -26.65 0.54 1.10
CA ALA G 68 -28.04 0.14 1.00
C ALA G 68 -28.22 -1.36 0.79
N ASN G 69 -27.14 -2.04 0.36
CA ASN G 69 -27.17 -3.45 0.02
C ASN G 69 -28.04 -3.83 -1.17
N LEU G 70 -27.98 -3.03 -2.21
CA LEU G 70 -28.72 -3.28 -3.43
C LEU G 70 -27.82 -4.08 -4.39
N LEU G 71 -26.55 -4.20 -3.98
CA LEU G 71 -25.52 -4.73 -4.84
C LEU G 71 -25.16 -6.18 -4.54
N GLU G 72 -24.92 -6.96 -5.58
CA GLU G 72 -24.62 -8.38 -5.45
C GLU G 72 -23.11 -8.61 -5.29
N PRO G 73 -22.66 -9.24 -4.17
CA PRO G 73 -21.30 -9.72 -3.96
C PRO G 73 -20.65 -10.37 -5.17
N LEU G 74 -19.41 -9.99 -5.48
CA LEU G 74 -18.67 -10.49 -6.64
C LEU G 74 -17.74 -11.63 -6.22
N PRO G 75 -17.27 -12.43 -7.21
CA PRO G 75 -16.28 -13.47 -6.93
C PRO G 75 -14.89 -12.84 -6.95
N ALA G 76 -14.04 -13.22 -6.01
CA ALA G 76 -12.72 -12.63 -5.88
C ALA G 76 -11.99 -12.72 -7.21
N SER G 77 -12.33 -13.77 -7.96
CA SER G 77 -11.79 -13.90 -9.30
C SER G 77 -11.82 -12.54 -10.01
N THR G 78 -13.01 -11.95 -10.15
CA THR G 78 -13.25 -10.69 -10.83
C THR G 78 -12.58 -9.54 -10.06
N ILE G 79 -12.79 -9.46 -8.75
CA ILE G 79 -12.22 -8.42 -7.92
C ILE G 79 -10.68 -8.39 -7.98
N ASN G 80 -10.06 -9.48 -8.42
CA ASN G 80 -8.61 -9.57 -8.39
C ASN G 80 -7.89 -8.94 -9.57
N GLU G 81 -8.57 -8.95 -10.71
CA GLU G 81 -7.98 -8.48 -11.98
C GLU G 81 -7.33 -7.11 -11.84
N THR G 82 -7.97 -6.24 -11.06
CA THR G 82 -7.57 -4.85 -10.98
C THR G 82 -6.96 -4.47 -9.64
N ARG G 83 -6.89 -5.46 -8.74
CA ARG G 83 -6.24 -5.21 -7.46
C ARG G 83 -4.83 -4.67 -7.65
N GLY G 84 -4.42 -3.73 -6.81
CA GLY G 84 -3.14 -3.04 -6.96
C GLY G 84 -3.00 -2.04 -5.83
N LYS G 85 -1.88 -1.31 -5.83
CA LYS G 85 -1.59 -0.32 -4.80
C LYS G 85 -2.53 0.91 -4.82
N GLY G 86 -3.20 1.18 -3.72
CA GLY G 86 -4.01 2.38 -3.64
C GLY G 86 -5.25 2.37 -4.53
N VAL G 87 -5.60 1.21 -5.03
CA VAL G 87 -6.84 1.02 -5.76
C VAL G 87 -7.95 0.62 -4.80
N PRO G 88 -9.01 1.44 -4.78
CA PRO G 88 -10.10 1.29 -3.82
C PRO G 88 -10.65 -0.14 -3.81
N VAL G 89 -11.01 -0.61 -2.61
CA VAL G 89 -11.53 -1.99 -2.43
C VAL G 89 -12.86 -1.92 -1.74
N ALA G 90 -13.87 -2.64 -2.24
CA ALA G 90 -15.17 -2.74 -1.57
C ALA G 90 -15.08 -3.68 -0.37
N ALA G 91 -15.29 -3.15 0.84
CA ALA G 91 -15.27 -3.97 2.05
C ALA G 91 -16.25 -5.10 1.85
N LYS G 92 -17.42 -4.74 1.31
CA LYS G 92 -18.51 -5.70 1.16
C LYS G 92 -18.32 -6.46 -0.15
N LYS G 93 -17.25 -6.11 -0.86
CA LYS G 93 -16.86 -6.87 -2.06
C LYS G 93 -17.98 -7.03 -3.07
N ASP G 94 -18.74 -5.96 -3.26
CA ASP G 94 -19.92 -5.99 -4.12
C ASP G 94 -19.76 -4.95 -5.23
N TRP G 95 -18.57 -4.41 -5.35
CA TRP G 95 -18.22 -3.63 -6.54
C TRP G 95 -16.74 -3.82 -6.85
N VAL G 96 -16.36 -3.43 -8.07
CA VAL G 96 -14.95 -3.50 -8.45
C VAL G 96 -14.48 -2.29 -9.24
N ALA G 97 -13.28 -1.82 -8.90
CA ALA G 97 -12.66 -0.69 -9.50
C ALA G 97 -12.06 -1.14 -10.82
N LEU G 98 -12.17 -0.32 -11.86
CA LEU G 98 -11.72 -0.69 -13.20
C LEU G 98 -10.61 0.18 -13.76
N SER G 99 -10.75 1.50 -13.62
CA SER G 99 -9.81 2.45 -14.22
C SER G 99 -9.89 3.83 -13.56
N GLY G 100 -8.87 4.66 -13.81
CA GLY G 100 -8.78 5.96 -13.14
C GLY G 100 -8.49 7.11 -14.07
N ARG G 101 -8.87 8.31 -13.66
CA ARG G 101 -8.64 9.55 -14.41
C ARG G 101 -7.82 10.44 -13.47
N SER G 102 -7.03 11.32 -14.08
CA SER G 102 -6.05 12.09 -13.33
C SER G 102 -6.25 13.59 -13.46
N ARG G 103 -6.07 14.27 -12.35
CA ARG G 103 -6.07 15.72 -12.36
C ARG G 103 -4.83 16.06 -13.15
N VAL G 104 -4.86 17.19 -13.86
CA VAL G 104 -3.71 17.46 -14.69
C VAL G 104 -3.50 18.97 -14.79
N VAL G 105 -2.28 19.37 -15.09
CA VAL G 105 -2.02 20.73 -15.51
C VAL G 105 -1.75 20.71 -17.00
N VAL G 106 -2.63 21.37 -17.77
CA VAL G 106 -2.43 21.57 -19.19
C VAL G 106 -1.71 22.91 -19.40
N TYR G 107 -0.77 22.96 -20.33
CA TYR G 107 0.02 24.18 -20.51
C TYR G 107 0.43 24.46 -21.98
N ASP G 108 0.36 25.74 -22.32
CA ASP G 108 0.82 26.17 -23.64
C ASP G 108 2.34 26.06 -23.76
N THR G 109 2.81 25.34 -24.80
CA THR G 109 4.21 25.04 -24.97
C THR G 109 4.96 26.27 -25.46
N ARG G 110 4.26 27.20 -26.10
CA ARG G 110 4.83 28.42 -26.64
C ARG G 110 5.13 29.42 -25.54
N LYS G 111 4.62 29.16 -24.34
CA LYS G 111 4.68 30.16 -23.26
C LYS G 111 5.29 29.64 -21.98
N LEU G 112 5.50 28.32 -21.86
CA LEU G 112 6.29 27.74 -20.78
C LEU G 112 6.56 26.23 -20.90
N SER G 113 7.63 25.76 -20.27
CA SER G 113 7.95 24.32 -20.40
C SER G 113 7.83 23.70 -19.03
N GLU G 114 8.16 22.41 -18.96
CA GLU G 114 8.08 21.62 -17.73
C GLU G 114 8.93 22.26 -16.62
N LYS G 115 10.07 22.85 -17.01
CA LYS G 115 10.95 23.60 -16.12
C LYS G 115 10.17 24.52 -15.20
N ASP G 116 9.25 25.23 -15.83
CA ASP G 116 8.53 26.33 -15.19
C ASP G 116 7.34 25.96 -14.32
N LEU G 117 6.83 24.73 -14.46
CA LEU G 117 5.56 24.43 -13.82
C LEU G 117 5.79 24.03 -12.37
N GLU G 118 4.74 24.05 -11.55
CA GLU G 118 4.93 23.90 -10.12
C GLU G 118 5.14 22.45 -9.84
N LYS G 119 5.84 22.17 -8.74
CA LYS G 119 6.05 20.82 -8.27
C LYS G 119 4.87 20.37 -7.41
N SER G 120 3.94 21.28 -7.10
CA SER G 120 2.72 20.98 -6.31
C SER G 120 1.60 21.96 -6.71
N VAL G 121 0.35 21.50 -6.73
CA VAL G 121 -0.77 22.30 -7.17
C VAL G 121 -1.03 23.42 -6.18
N LEU G 122 -0.65 23.18 -4.94
CA LEU G 122 -0.83 24.21 -3.92
C LEU G 122 -0.18 25.52 -4.35
N ASN G 123 0.97 25.41 -5.02
CA ASN G 123 1.78 26.54 -5.44
C ASN G 123 1.24 27.51 -6.50
N TYR G 124 0.17 27.09 -7.16
CA TYR G 124 -0.49 27.94 -8.13
C TYR G 124 -1.34 29.04 -7.50
N ALA G 125 -1.87 28.84 -6.31
CA ALA G 125 -2.64 29.88 -5.60
C ALA G 125 -1.70 30.95 -5.05
N THR G 126 -0.75 31.38 -5.86
CA THR G 126 0.20 32.42 -5.47
C THR G 126 0.32 33.51 -6.54
N PRO G 127 0.84 34.68 -6.13
CA PRO G 127 0.83 35.84 -7.02
C PRO G 127 1.60 35.57 -8.31
N LYS G 128 2.60 34.71 -8.20
CA LYS G 128 3.40 34.31 -9.33
C LYS G 128 2.60 33.93 -10.58
N TRP G 129 1.47 33.26 -10.41
CA TRP G 129 0.58 32.80 -11.48
C TRP G 129 -0.69 33.66 -11.69
N LYS G 130 -0.67 34.93 -11.26
CA LYS G 130 -1.82 35.80 -11.50
C LYS G 130 -2.09 35.89 -13.00
N ASN G 131 -3.34 35.58 -13.33
CA ASN G 131 -3.78 35.46 -14.71
C ASN G 131 -2.94 34.50 -15.57
N ARG G 132 -2.30 33.52 -14.96
CA ARG G 132 -1.56 32.51 -15.70
C ARG G 132 -2.05 31.08 -15.49
N ILE G 133 -2.93 30.88 -14.51
CA ILE G 133 -3.44 29.54 -14.20
C ILE G 133 -4.96 29.52 -14.23
N GLY G 134 -5.53 28.47 -14.82
CA GLY G 134 -6.97 28.36 -14.97
C GLY G 134 -7.59 27.35 -14.00
N TYR G 135 -8.83 27.61 -13.58
CA TYR G 135 -9.64 26.64 -12.85
C TYR G 135 -11.15 26.76 -13.19
N VAL G 136 -11.88 25.72 -12.81
CA VAL G 136 -13.31 25.59 -13.11
C VAL G 136 -14.03 25.40 -11.77
N PRO G 137 -14.46 26.50 -11.16
CA PRO G 137 -14.96 26.55 -9.78
C PRO G 137 -16.35 25.94 -9.68
N THR G 138 -16.63 24.91 -10.46
CA THR G 138 -17.97 24.35 -10.49
C THR G 138 -17.89 22.91 -10.93
N SER G 139 -16.65 22.49 -11.19
CA SER G 139 -16.37 21.12 -11.61
C SER G 139 -16.47 20.12 -10.47
N GLY G 140 -17.01 18.95 -10.78
CA GLY G 140 -17.03 17.82 -9.84
C GLY G 140 -15.61 17.41 -9.48
N ALA G 141 -14.73 17.35 -10.48
CA ALA G 141 -13.33 17.09 -10.27
C ALA G 141 -12.68 18.15 -9.40
N PHE G 142 -13.09 19.39 -9.61
CA PHE G 142 -12.47 20.45 -8.85
C PHE G 142 -12.87 20.31 -7.38
N LEU G 143 -14.14 20.10 -7.10
CA LEU G 143 -14.57 19.84 -5.72
C LEU G 143 -13.75 18.66 -5.20
N GLU G 144 -13.83 17.55 -5.91
CA GLU G 144 -13.11 16.34 -5.54
C GLU G 144 -11.67 16.66 -5.18
N GLN G 145 -11.02 17.55 -5.95
CA GLN G 145 -9.70 18.04 -5.59
C GLN G 145 -9.63 18.81 -4.27
N ILE G 146 -10.63 19.64 -4.01
CA ILE G 146 -10.72 20.42 -2.77
C ILE G 146 -10.78 19.43 -1.62
N VAL G 147 -11.55 18.37 -1.87
CA VAL G 147 -11.77 17.32 -0.90
C VAL G 147 -10.44 16.62 -0.58
N ALA G 148 -9.66 16.35 -1.61
CA ALA G 148 -8.40 15.64 -1.47
C ALA G 148 -7.39 16.42 -0.66
N ILE G 149 -7.35 17.73 -0.87
CA ILE G 149 -6.47 18.58 -0.10
C ILE G 149 -6.86 18.56 1.39
N VAL G 150 -8.12 18.79 1.68
CA VAL G 150 -8.56 18.74 3.09
C VAL G 150 -7.98 17.51 3.79
N LYS G 151 -8.04 16.34 3.16
CA LYS G 151 -7.75 15.08 3.84
C LYS G 151 -6.25 14.86 4.03
N LEU G 152 -5.51 15.20 2.99
CA LEU G 152 -4.07 14.97 3.01
C LEU G 152 -3.32 16.05 3.75
N LYS G 153 -3.90 17.24 3.78
CA LYS G 153 -3.21 18.44 4.24
C LYS G 153 -3.89 19.25 5.33
N GLY G 154 -5.16 19.01 5.63
CA GLY G 154 -5.84 19.75 6.68
C GLY G 154 -6.63 20.89 6.08
N GLU G 155 -7.72 21.30 6.75
CA GLU G 155 -8.62 22.33 6.22
C GLU G 155 -7.87 23.62 5.84
N ALA G 156 -7.06 24.13 6.76
CA ALA G 156 -6.36 25.39 6.56
C ALA G 156 -5.82 25.55 5.12
N ALA G 157 -4.97 24.61 4.70
CA ALA G 157 -4.37 24.63 3.37
C ALA G 157 -5.37 24.67 2.22
N ALA G 158 -6.47 23.91 2.34
CA ALA G 158 -7.54 23.90 1.34
C ALA G 158 -8.22 25.27 1.28
N LEU G 159 -8.51 25.84 2.45
CA LEU G 159 -8.98 27.22 2.52
C LEU G 159 -7.98 28.15 1.81
N LYS G 160 -6.71 28.08 2.18
CA LYS G 160 -5.70 28.97 1.64
C LYS G 160 -5.66 28.88 0.12
N TRP G 161 -5.68 27.65 -0.40
CA TRP G 161 -5.45 27.41 -1.81
C TRP G 161 -6.56 28.08 -2.59
N LEU G 162 -7.78 27.81 -2.13
CA LEU G 162 -8.98 28.36 -2.73
C LEU G 162 -8.98 29.90 -2.72
N LYS G 163 -8.53 30.43 -1.59
CA LYS G 163 -8.51 31.88 -1.39
C LYS G 163 -7.57 32.44 -2.44
N GLY G 164 -6.48 31.73 -2.68
CA GLY G 164 -5.47 32.21 -3.63
C GLY G 164 -5.95 32.13 -5.07
N LEU G 165 -6.76 31.12 -5.36
CA LEU G 165 -7.26 30.94 -6.72
C LEU G 165 -8.35 31.95 -7.12
N LYS G 166 -9.14 32.40 -6.14
CA LYS G 166 -10.13 33.45 -6.37
C LYS G 166 -9.38 34.72 -6.74
N GLU G 167 -8.32 35.03 -5.99
CA GLU G 167 -7.55 36.26 -6.17
C GLU G 167 -6.59 36.26 -7.38
N TYR G 168 -5.79 35.20 -7.51
CA TYR G 168 -4.76 35.14 -8.53
C TYR G 168 -5.26 34.47 -9.80
N GLY G 169 -6.27 33.61 -9.64
CA GLY G 169 -6.72 32.76 -10.74
C GLY G 169 -7.69 33.36 -11.74
N LYS G 170 -7.82 32.66 -12.87
CA LYS G 170 -8.87 32.93 -13.85
C LYS G 170 -9.87 31.76 -13.89
N PRO G 171 -11.12 31.98 -13.47
CA PRO G 171 -12.20 30.98 -13.51
C PRO G 171 -12.64 30.64 -14.94
N TYR G 172 -12.98 29.40 -15.21
CA TYR G 172 -13.64 29.02 -16.45
C TYR G 172 -14.88 28.16 -16.17
N ALA G 173 -15.85 28.19 -17.08
CA ALA G 173 -17.12 27.53 -16.82
C ALA G 173 -17.00 26.02 -16.96
N LYS G 174 -16.26 25.54 -17.97
CA LYS G 174 -16.07 24.11 -18.11
C LYS G 174 -14.60 23.75 -18.33
N ASN G 175 -14.29 22.47 -18.28
CA ASN G 175 -12.94 22.01 -18.51
C ASN G 175 -12.55 22.20 -19.98
N SER G 176 -13.52 21.92 -20.85
CA SER G 176 -13.26 22.01 -22.29
C SER G 176 -12.92 23.46 -22.66
N VAL G 177 -13.46 24.36 -21.87
CA VAL G 177 -13.36 25.78 -22.11
C VAL G 177 -11.97 26.22 -21.76
N ALA G 178 -11.56 25.85 -20.55
CA ALA G 178 -10.19 26.08 -20.11
C ALA G 178 -9.18 25.49 -21.08
N LEU G 179 -9.39 24.23 -21.44
CA LEU G 179 -8.58 23.59 -22.45
C LEU G 179 -8.41 24.54 -23.63
N GLN G 180 -9.52 24.93 -24.24
CA GLN G 180 -9.48 25.83 -25.40
C GLN G 180 -8.68 27.11 -25.09
N ALA G 181 -8.88 27.66 -23.90
CA ALA G 181 -8.20 28.93 -23.57
C ALA G 181 -6.68 28.82 -23.63
N VAL G 182 -6.13 27.72 -23.12
CA VAL G 182 -4.69 27.53 -23.18
C VAL G 182 -4.23 27.32 -24.61
N GLU G 183 -4.91 26.41 -25.32
CA GLU G 183 -4.56 26.16 -26.72
C GLU G 183 -4.53 27.46 -27.55
N ASN G 184 -5.48 28.34 -27.23
CA ASN G 184 -5.68 29.55 -28.02
C ASN G 184 -4.74 30.64 -27.57
N GLY G 185 -3.91 30.36 -26.58
CA GLY G 185 -2.99 31.37 -26.08
C GLY G 185 -3.65 32.36 -25.15
N GLU G 186 -4.89 32.07 -24.75
CA GLU G 186 -5.67 32.92 -23.88
C GLU G 186 -5.10 32.91 -22.46
N ILE G 187 -4.62 31.75 -22.02
CA ILE G 187 -3.98 31.57 -20.72
C ILE G 187 -2.89 30.49 -20.76
N ASP G 188 -1.84 30.67 -19.97
CA ASP G 188 -0.70 29.76 -20.03
C ASP G 188 -1.02 28.33 -19.60
N ALA G 189 -1.85 28.21 -18.56
CA ALA G 189 -2.06 26.91 -17.89
C ALA G 189 -3.47 26.77 -17.33
N ALA G 190 -3.85 25.52 -17.08
CA ALA G 190 -5.14 25.24 -16.45
C ALA G 190 -5.10 23.94 -15.66
N LEU G 191 -5.90 23.86 -14.62
CA LEU G 191 -6.10 22.61 -13.92
C LEU G 191 -7.36 21.90 -14.45
N ILE G 192 -7.18 20.68 -14.94
CA ILE G 192 -8.26 19.94 -15.58
C ILE G 192 -8.00 18.48 -15.41
N ASN G 193 -8.73 17.70 -16.21
CA ASN G 193 -8.59 16.26 -16.16
C ASN G 193 -7.83 15.77 -17.38
N ASN G 194 -7.00 14.74 -17.20
CA ASN G 194 -6.13 14.34 -18.31
C ASN G 194 -6.83 14.06 -19.64
N TYR G 195 -7.87 13.22 -19.63
CA TYR G 195 -8.46 12.69 -20.87
C TYR G 195 -8.94 13.75 -21.85
N TYR G 196 -9.31 14.92 -21.32
CA TYR G 196 -9.70 16.04 -22.17
C TYR G 196 -8.67 16.34 -23.27
N TRP G 197 -7.42 16.45 -22.82
CA TRP G 197 -6.33 16.75 -23.71
C TRP G 197 -6.12 15.55 -24.63
N HIS G 198 -6.12 14.35 -24.07
CA HIS G 198 -5.68 13.19 -24.85
C HIS G 198 -6.62 12.98 -26.00
N ALA G 199 -7.92 13.22 -25.78
CA ALA G 199 -8.90 13.06 -26.83
C ALA G 199 -8.75 14.14 -27.90
N PHE G 200 -8.46 15.35 -27.41
CA PHE G 200 -8.36 16.49 -28.28
C PHE G 200 -7.17 16.29 -29.21
N ALA G 201 -6.03 15.98 -28.61
CA ALA G 201 -4.82 15.68 -29.37
C ALA G 201 -4.89 14.49 -30.36
N ARG G 202 -5.67 13.46 -30.03
CA ARG G 202 -5.81 12.33 -30.95
C ARG G 202 -6.62 12.72 -32.19
N GLU G 203 -7.60 13.60 -31.98
CA GLU G 203 -8.42 14.14 -33.06
C GLU G 203 -7.65 15.08 -33.99
N LYS G 204 -6.95 16.06 -33.40
CA LYS G 204 -6.28 17.05 -34.21
C LYS G 204 -4.95 16.53 -34.73
N GLY G 205 -4.33 15.66 -33.95
CA GLY G 205 -2.99 15.25 -34.21
C GLY G 205 -2.08 16.04 -33.32
N VAL G 206 -1.30 15.36 -32.48
CA VAL G 206 -0.52 16.06 -31.46
C VAL G 206 0.43 17.06 -32.11
N GLN G 207 0.77 16.85 -33.38
CA GLN G 207 1.74 17.75 -34.04
C GLN G 207 1.17 19.15 -34.20
N ASN G 208 -0.16 19.26 -34.03
CA ASN G 208 -0.84 20.52 -34.35
C ASN G 208 -1.25 21.19 -33.05
N VAL G 209 -1.06 20.49 -31.95
CA VAL G 209 -1.56 20.98 -30.66
C VAL G 209 -0.43 21.73 -29.96
N HIS G 210 -0.78 22.85 -29.31
CA HIS G 210 0.22 23.70 -28.68
C HIS G 210 0.39 23.34 -27.23
N THR G 211 -0.51 22.52 -26.71
CA THR G 211 -0.60 22.28 -25.30
C THR G 211 -0.03 20.93 -25.01
N ARG G 212 0.56 20.76 -23.84
CA ARG G 212 0.93 19.46 -23.36
C ARG G 212 0.45 19.26 -21.94
N LEU G 213 0.64 18.06 -21.41
CA LEU G 213 0.21 17.74 -20.07
C LEU G 213 1.40 17.65 -19.12
N ASN G 214 1.22 18.17 -17.91
CA ASN G 214 2.18 18.05 -16.83
C ASN G 214 1.56 17.25 -15.70
N PHE G 215 2.37 16.35 -15.16
CA PHE G 215 1.88 15.55 -14.02
C PHE G 215 2.80 15.84 -12.86
N VAL G 216 2.22 15.96 -11.68
CA VAL G 216 2.95 16.47 -10.52
C VAL G 216 3.47 15.29 -9.70
N ARG G 217 2.71 14.21 -9.68
CA ARG G 217 3.10 12.99 -9.02
C ARG G 217 3.65 13.26 -7.62
N HIS G 218 4.42 12.32 -7.07
CA HIS G 218 4.99 12.49 -5.74
C HIS G 218 4.00 12.39 -4.58
N ARG G 219 2.87 11.74 -4.80
CA ARG G 219 1.77 11.77 -3.82
C ARG G 219 1.21 13.17 -3.56
N ASP G 220 1.54 14.11 -4.42
CA ASP G 220 0.96 15.45 -4.33
C ASP G 220 -0.56 15.39 -4.39
N PRO G 221 -1.24 16.30 -3.66
CA PRO G 221 -2.70 16.33 -3.82
C PRO G 221 -3.18 16.43 -5.27
N GLY G 222 -2.45 17.11 -6.14
CA GLY G 222 -2.81 17.34 -7.55
C GLY G 222 -2.39 16.19 -8.46
N ALA G 223 -1.87 15.11 -7.90
CA ALA G 223 -1.67 13.87 -8.67
C ALA G 223 -2.81 12.92 -8.35
N LEU G 224 -3.88 13.47 -7.77
CA LEU G 224 -5.07 12.70 -7.40
C LEU G 224 -5.69 12.01 -8.60
N VAL G 225 -6.21 10.81 -8.37
CA VAL G 225 -6.85 10.01 -9.42
C VAL G 225 -8.24 9.54 -8.99
N THR G 226 -9.19 9.74 -9.88
CA THR G 226 -10.55 9.30 -9.63
C THR G 226 -10.76 7.95 -10.32
N TYR G 227 -11.49 7.03 -9.67
CA TYR G 227 -11.66 5.70 -10.20
C TYR G 227 -13.08 5.48 -10.65
N SER G 228 -13.22 4.53 -11.56
CA SER G 228 -14.50 4.01 -12.03
C SER G 228 -14.70 2.58 -11.53
N GLY G 229 -15.95 2.14 -11.36
CA GLY G 229 -16.24 0.78 -10.97
C GLY G 229 -17.54 0.30 -11.58
N ALA G 230 -17.76 -1.01 -11.41
CA ALA G 230 -19.05 -1.58 -11.84
C ALA G 230 -19.55 -2.62 -10.87
N ALA G 231 -20.87 -2.77 -10.81
CA ALA G 231 -21.49 -3.69 -9.88
C ALA G 231 -22.77 -4.25 -10.51
N VAL G 232 -23.10 -5.48 -10.12
CA VAL G 232 -24.38 -6.07 -10.50
C VAL G 232 -25.33 -5.96 -9.32
N LEU G 233 -26.61 -5.75 -9.63
CA LEU G 233 -27.61 -5.51 -8.57
C LEU G 233 -28.25 -6.80 -8.10
N LYS G 234 -28.56 -6.87 -6.80
CA LYS G 234 -29.38 -7.92 -6.19
C LYS G 234 -30.69 -8.12 -6.92
N SER G 235 -31.27 -7.02 -7.41
CA SER G 235 -32.55 -7.03 -8.14
C SER G 235 -32.45 -7.68 -9.52
N SER G 236 -31.25 -7.69 -10.09
CA SER G 236 -31.05 -8.14 -11.45
C SER G 236 -31.76 -9.47 -11.68
N GLN G 237 -32.40 -9.59 -12.83
CA GLN G 237 -33.04 -10.83 -13.22
C GLN G 237 -32.18 -11.59 -14.21
N ASN G 238 -31.06 -10.98 -14.62
CA ASN G 238 -30.10 -11.64 -15.51
C ASN G 238 -28.74 -11.57 -14.81
N LYS G 239 -28.67 -12.04 -13.57
CA LYS G 239 -27.49 -11.91 -12.73
C LYS G 239 -26.18 -12.41 -13.36
N ASP G 240 -26.13 -13.67 -13.73
CA ASP G 240 -24.88 -14.30 -14.17
C ASP G 240 -24.45 -13.89 -15.58
N GLU G 241 -25.37 -13.36 -16.37
CA GLU G 241 -25.01 -12.59 -17.58
C GLU G 241 -24.42 -11.22 -17.25
N ALA G 242 -24.84 -10.67 -16.11
CA ALA G 242 -24.34 -9.38 -15.65
C ALA G 242 -23.04 -9.53 -14.89
N LYS G 243 -22.88 -10.65 -14.18
CA LYS G 243 -21.61 -10.97 -13.54
C LYS G 243 -20.57 -11.24 -14.61
N LYS G 244 -21.01 -11.66 -15.80
CA LYS G 244 -20.12 -11.89 -16.94
C LYS G 244 -19.62 -10.57 -17.53
N PHE G 245 -20.55 -9.64 -17.76
CA PHE G 245 -20.22 -8.31 -18.17
C PHE G 245 -19.19 -7.61 -17.31
N VAL G 246 -19.40 -7.67 -16.01
CA VAL G 246 -18.55 -7.03 -15.01
C VAL G 246 -17.15 -7.65 -14.96
N ALA G 247 -17.06 -8.97 -15.10
CA ALA G 247 -15.78 -9.66 -15.23
C ALA G 247 -15.15 -9.22 -16.54
N PHE G 248 -15.95 -9.18 -17.61
CA PHE G 248 -15.44 -8.61 -18.88
C PHE G 248 -14.81 -7.22 -18.69
N LEU G 249 -15.48 -6.37 -17.91
CA LEU G 249 -15.01 -5.01 -17.73
C LEU G 249 -13.65 -5.02 -17.03
N ALA G 250 -13.49 -5.90 -16.07
CA ALA G 250 -12.23 -5.95 -15.34
C ALA G 250 -11.09 -6.68 -16.05
N GLY G 251 -11.48 -7.52 -17.02
CA GLY G 251 -10.51 -8.38 -17.71
C GLY G 251 -9.74 -7.72 -18.85
N LYS G 252 -8.73 -8.45 -19.31
CA LYS G 252 -7.93 -7.99 -20.44
C LYS G 252 -8.69 -7.44 -21.65
N GLU G 253 -9.53 -8.25 -22.28
CA GLU G 253 -10.29 -7.81 -23.45
C GLU G 253 -11.18 -6.59 -23.17
N GLY G 254 -11.81 -6.55 -22.00
CA GLY G 254 -12.61 -5.39 -21.58
C GLY G 254 -11.80 -4.12 -21.46
N GLN G 255 -10.65 -4.22 -20.80
CA GLN G 255 -9.80 -3.07 -20.48
C GLN G 255 -9.19 -2.62 -21.79
N ARG G 256 -8.75 -3.55 -22.63
CA ARG G 256 -8.24 -3.17 -23.95
C ARG G 256 -9.25 -2.42 -24.83
N ALA G 257 -10.51 -2.82 -24.70
CA ALA G 257 -11.53 -2.20 -25.55
C ALA G 257 -11.69 -0.74 -25.12
N LEU G 258 -11.64 -0.55 -23.80
CA LEU G 258 -11.82 0.75 -23.17
C LEU G 258 -10.63 1.66 -23.50
N THR G 259 -9.42 1.14 -23.31
CA THR G 259 -8.21 1.95 -23.51
C THR G 259 -7.92 2.25 -24.98
N ALA G 260 -8.73 1.69 -25.87
CA ALA G 260 -8.58 2.01 -27.28
C ALA G 260 -9.41 3.24 -27.54
N VAL G 261 -10.38 3.53 -26.68
CA VAL G 261 -11.35 4.56 -27.01
C VAL G 261 -11.27 5.76 -26.08
N ARG G 262 -10.93 5.53 -24.83
CA ARG G 262 -10.92 6.65 -23.88
C ARG G 262 -9.64 6.65 -23.04
N ALA G 263 -9.20 7.86 -22.70
CA ALA G 263 -7.90 8.09 -22.07
C ALA G 263 -7.96 7.84 -20.58
N GLU G 264 -8.59 6.74 -20.20
CA GLU G 264 -8.56 6.30 -18.82
C GLU G 264 -7.36 5.35 -18.60
N TYR G 265 -6.88 5.33 -17.37
CA TYR G 265 -5.80 4.43 -17.02
C TYR G 265 -6.36 3.09 -16.61
N PRO G 266 -5.83 1.99 -17.19
CA PRO G 266 -6.26 0.63 -16.87
C PRO G 266 -5.82 0.27 -15.46
N LEU G 267 -6.57 -0.60 -14.80
CA LEU G 267 -6.12 -1.18 -13.53
C LEU G 267 -5.58 -2.60 -13.70
N ASN G 268 -5.91 -3.20 -14.85
CA ASN G 268 -5.40 -4.49 -15.28
C ASN G 268 -4.01 -4.19 -15.77
N PRO G 269 -2.99 -4.81 -15.14
CA PRO G 269 -1.56 -4.69 -15.40
C PRO G 269 -0.98 -5.02 -16.79
N HIS G 270 -1.70 -5.82 -17.54
CA HIS G 270 -1.16 -6.32 -18.81
C HIS G 270 -1.55 -5.43 -19.97
N VAL G 271 -2.56 -4.59 -19.72
CA VAL G 271 -3.06 -3.71 -20.77
C VAL G 271 -2.26 -2.42 -20.98
N VAL G 272 -1.92 -2.16 -22.23
CA VAL G 272 -1.29 -0.92 -22.63
C VAL G 272 -2.30 0.02 -23.29
N SER G 273 -2.28 1.27 -22.86
CA SER G 273 -3.14 2.26 -23.47
C SER G 273 -2.74 2.52 -24.91
N THR G 274 -3.74 2.86 -25.71
CA THR G 274 -3.61 3.33 -27.07
C THR G 274 -3.22 4.81 -27.09
N PHE G 275 -3.49 5.52 -25.99
CA PHE G 275 -3.01 6.87 -25.80
C PHE G 275 -1.64 6.78 -25.09
N ASN G 276 -0.90 7.89 -25.05
CA ASN G 276 0.35 7.94 -24.28
C ASN G 276 0.21 8.12 -22.77
N LEU G 277 -0.46 7.16 -22.12
CA LEU G 277 -0.60 7.16 -20.69
C LEU G 277 0.50 6.32 -20.11
N GLU G 278 1.09 6.82 -19.03
CA GLU G 278 2.06 5.98 -18.33
C GLU G 278 1.35 4.99 -17.39
N PRO G 279 1.99 3.83 -17.13
CA PRO G 279 1.51 2.85 -16.15
C PRO G 279 1.13 3.55 -14.86
N ILE G 280 -0.13 3.37 -14.48
CA ILE G 280 -0.76 4.04 -13.34
C ILE G 280 0.15 4.21 -12.13
N ALA G 281 0.86 3.14 -11.77
CA ALA G 281 1.74 3.16 -10.59
C ALA G 281 2.73 4.33 -10.61
N LYS G 282 3.06 4.80 -11.81
CA LYS G 282 4.10 5.81 -11.99
C LYS G 282 3.57 7.23 -11.74
N LEU G 283 2.26 7.37 -11.63
CA LEU G 283 1.62 8.66 -11.37
C LEU G 283 1.78 9.06 -9.89
N GLU G 284 2.13 8.11 -9.04
CA GLU G 284 2.37 8.38 -7.63
C GLU G 284 1.18 9.12 -7.00
N ALA G 285 -0.02 8.74 -7.44
CA ALA G 285 -1.20 9.37 -6.89
C ALA G 285 -1.20 9.15 -5.38
N PRO G 286 -1.55 10.20 -4.63
CA PRO G 286 -1.74 10.07 -3.19
C PRO G 286 -2.78 9.00 -2.87
N GLN G 287 -2.86 8.54 -1.63
CA GLN G 287 -3.92 7.60 -1.27
C GLN G 287 -5.02 8.28 -0.48
N VAL G 288 -6.25 8.25 -1.00
CA VAL G 288 -7.36 8.93 -0.33
C VAL G 288 -8.60 8.05 -0.27
N SER G 289 -9.37 8.22 0.80
CA SER G 289 -10.57 7.41 0.95
C SER G 289 -11.70 7.99 0.09
N ALA G 290 -12.65 7.14 -0.25
CA ALA G 290 -13.78 7.48 -1.11
C ALA G 290 -14.36 8.76 -0.54
N THR G 291 -14.97 9.56 -1.40
CA THR G 291 -15.51 10.83 -0.97
C THR G 291 -16.96 10.69 -0.50
N THR G 292 -17.23 11.27 0.66
CA THR G 292 -18.57 11.21 1.24
C THR G 292 -19.36 12.50 1.04
N VAL G 293 -20.66 12.39 1.26
CA VAL G 293 -21.57 13.51 1.18
C VAL G 293 -21.14 14.63 2.11
N SER G 294 -20.64 14.30 3.29
CA SER G 294 -20.34 15.29 4.33
C SER G 294 -19.09 16.02 3.89
N GLU G 295 -18.26 15.36 3.11
CA GLU G 295 -16.99 15.91 2.70
C GLU G 295 -17.15 16.80 1.48
N LYS G 296 -18.10 16.45 0.62
CA LYS G 296 -18.49 17.33 -0.45
C LYS G 296 -19.17 18.57 0.12
N GLU G 297 -20.04 18.34 1.08
CA GLU G 297 -20.62 19.37 1.94
C GLU G 297 -19.56 20.25 2.57
N HIS G 298 -18.59 19.64 3.26
CA HIS G 298 -17.48 20.43 3.79
C HIS G 298 -16.83 21.24 2.67
N ALA G 299 -16.54 20.58 1.55
CA ALA G 299 -15.86 21.20 0.43
C ALA G 299 -16.62 22.33 -0.30
N THR G 300 -17.93 22.17 -0.49
CA THR G 300 -18.78 23.19 -1.10
C THR G 300 -18.69 24.45 -0.27
N ARG G 301 -18.60 24.25 1.04
CA ARG G 301 -18.62 25.35 2.00
C ARG G 301 -17.30 26.11 2.03
N LEU G 302 -16.20 25.42 1.73
CA LEU G 302 -14.94 26.16 1.51
C LEU G 302 -15.02 26.95 0.21
N LEU G 303 -15.60 26.35 -0.82
CA LEU G 303 -15.81 27.05 -2.09
C LEU G 303 -16.57 28.35 -1.81
N GLU G 304 -17.61 28.22 -1.01
CA GLU G 304 -18.37 29.37 -0.59
C GLU G 304 -17.43 30.36 0.08
N GLN G 305 -16.96 30.00 1.27
CA GLN G 305 -16.08 30.86 2.05
C GLN G 305 -15.12 31.65 1.17
N ALA G 306 -14.30 30.95 0.41
CA ALA G 306 -13.26 31.57 -0.39
C ALA G 306 -13.77 32.60 -1.40
N GLY G 307 -15.10 32.63 -1.58
CA GLY G 307 -15.71 33.78 -2.24
C GLY G 307 -16.09 33.55 -3.70
N MET G 308 -15.88 32.32 -4.14
CA MET G 308 -16.24 31.89 -5.50
C MET G 308 -17.75 31.76 -5.66
N LYS G 309 -18.36 31.13 -4.64
CA LYS G 309 -19.79 31.19 -4.38
C LYS G 309 -20.03 32.49 -3.60
N ASP H 1 44.37 -29.84 19.63
CA ASP H 1 44.61 -28.38 19.38
C ASP H 1 44.13 -27.57 20.59
N ILE H 2 45.02 -26.73 21.13
CA ILE H 2 44.79 -25.94 22.35
C ILE H 2 44.48 -24.49 21.97
N THR H 3 44.02 -23.71 22.94
CA THR H 3 43.62 -22.31 22.72
C THR H 3 44.42 -21.36 23.59
N VAL H 4 45.08 -20.39 22.95
CA VAL H 4 46.06 -19.52 23.63
C VAL H 4 45.67 -18.07 23.76
N TYR H 5 45.45 -17.68 25.00
CA TYR H 5 45.37 -16.26 25.35
C TYR H 5 46.79 -15.71 25.33
N ASN H 6 47.11 -14.96 24.27
CA ASN H 6 48.47 -14.51 24.02
C ASN H 6 48.71 -13.12 24.56
N GLY H 7 49.70 -13.00 25.44
CA GLY H 7 50.06 -11.69 25.96
C GLY H 7 51.21 -11.12 25.14
N GLN H 8 52.00 -11.98 24.49
CA GLN H 8 53.32 -11.59 23.97
C GLN H 8 53.29 -10.59 22.83
N HIS H 9 53.36 -11.11 21.61
CA HIS H 9 53.44 -10.27 20.42
C HIS H 9 52.74 -10.97 19.25
N LYS H 10 52.02 -10.18 18.46
CA LYS H 10 51.22 -10.66 17.32
C LYS H 10 52.02 -11.64 16.46
N GLU H 11 52.95 -11.13 15.66
CA GLU H 11 53.88 -11.97 14.91
C GLU H 11 54.53 -13.05 15.78
N ALA H 12 55.53 -12.66 16.56
CA ALA H 12 56.24 -13.60 17.43
C ALA H 12 55.46 -14.89 17.65
N ALA H 13 54.34 -14.78 18.38
CA ALA H 13 53.52 -15.91 18.77
C ALA H 13 52.99 -16.70 17.57
N GLN H 14 52.59 -15.96 16.53
CA GLN H 14 52.14 -16.59 15.29
C GLN H 14 53.06 -17.71 14.81
N ALA H 15 54.35 -17.41 14.72
CA ALA H 15 55.35 -18.42 14.38
C ALA H 15 55.44 -19.50 15.45
N VAL H 16 55.47 -19.09 16.71
CA VAL H 16 55.57 -20.02 17.83
C VAL H 16 54.51 -21.12 17.75
N ALA H 17 53.37 -20.71 17.19
CA ALA H 17 52.26 -21.61 16.91
C ALA H 17 52.69 -22.56 15.79
N ASP H 18 52.74 -22.01 14.58
CA ASP H 18 53.19 -22.75 13.40
C ASP H 18 54.33 -23.71 13.74
N ALA H 19 55.34 -23.16 14.39
CA ALA H 19 56.51 -23.94 14.78
C ALA H 19 56.11 -25.19 15.54
N PHE H 20 55.27 -25.01 16.57
CA PHE H 20 54.94 -26.05 17.54
C PHE H 20 54.24 -27.27 16.92
N THR H 21 53.08 -26.96 16.35
CA THR H 21 52.32 -27.82 15.46
C THR H 21 53.19 -28.75 14.63
N ARG H 22 53.98 -28.18 13.72
CA ARG H 22 54.93 -28.95 12.93
C ARG H 22 55.66 -30.05 13.72
N ALA H 23 56.08 -29.75 14.94
CA ALA H 23 56.66 -30.74 15.85
C ALA H 23 55.64 -31.76 16.41
N THR H 24 54.36 -31.40 16.33
CA THR H 24 53.33 -32.10 17.10
C THR H 24 52.10 -32.58 16.33
N GLY H 25 51.51 -31.69 15.52
CA GLY H 25 50.16 -31.84 14.96
C GLY H 25 49.11 -31.04 15.73
N ILE H 26 49.52 -30.51 16.87
CA ILE H 26 48.63 -29.80 17.77
C ILE H 26 48.52 -28.34 17.35
N LYS H 27 47.53 -28.01 16.54
CA LYS H 27 47.28 -26.63 16.14
C LYS H 27 46.78 -25.72 17.29
N VAL H 28 46.35 -24.51 16.96
CA VAL H 28 46.24 -23.44 17.96
C VAL H 28 45.37 -22.26 17.57
N LYS H 29 44.72 -21.69 18.57
CA LYS H 29 43.95 -20.45 18.44
C LYS H 29 44.62 -19.37 19.32
N LEU H 30 44.30 -18.12 19.02
CA LEU H 30 44.98 -17.00 19.67
C LEU H 30 44.07 -15.83 20.05
N ASN H 31 43.59 -15.85 21.29
CA ASN H 31 42.92 -14.69 21.85
C ASN H 31 44.10 -13.84 22.29
N SER H 32 44.01 -12.53 22.05
CA SER H 32 45.10 -11.62 22.34
C SER H 32 44.61 -10.32 22.97
N ALA H 33 45.07 -10.06 24.19
CA ALA H 33 44.90 -8.76 24.86
C ALA H 33 46.22 -8.48 25.56
N LYS H 34 46.24 -7.49 26.45
CA LYS H 34 47.38 -7.30 27.34
C LYS H 34 47.42 -8.45 28.36
N GLY H 35 48.61 -8.77 28.86
CA GLY H 35 48.76 -9.99 29.67
C GLY H 35 48.04 -9.88 30.99
N ASP H 36 47.59 -8.68 31.35
CA ASP H 36 46.82 -8.51 32.58
C ASP H 36 45.34 -8.67 32.23
N GLN H 37 44.94 -8.07 31.11
CA GLN H 37 43.63 -8.30 30.51
C GLN H 37 43.27 -9.78 30.60
N LEU H 38 43.99 -10.59 29.83
CA LEU H 38 43.81 -12.04 29.89
C LEU H 38 43.85 -12.54 31.33
N ALA H 39 44.71 -11.92 32.13
CA ALA H 39 44.98 -12.46 33.46
C ALA H 39 43.70 -12.36 34.28
N GLY H 40 43.14 -11.16 34.31
CA GLY H 40 41.92 -10.87 35.06
C GLY H 40 40.73 -11.38 34.29
N GLN H 41 40.89 -12.50 33.61
CA GLN H 41 39.88 -13.05 32.70
C GLN H 41 39.85 -14.57 32.75
N ILE H 42 40.96 -15.21 33.07
CA ILE H 42 40.83 -16.56 33.61
C ILE H 42 40.11 -16.43 34.97
N LYS H 43 40.28 -15.27 35.59
CA LYS H 43 39.56 -15.00 36.82
C LYS H 43 38.08 -14.77 36.48
N GLU H 44 37.81 -13.75 35.68
CA GLU H 44 36.44 -13.43 35.31
C GLU H 44 35.74 -14.68 34.82
N GLU H 45 36.52 -15.60 34.27
CA GLU H 45 35.94 -16.80 33.64
C GLU H 45 35.97 -18.02 34.55
N GLY H 46 36.94 -18.08 35.46
CA GLY H 46 37.13 -19.28 36.24
C GLY H 46 37.37 -20.45 35.31
N SER H 47 36.79 -21.60 35.66
CA SER H 47 36.96 -22.84 34.88
C SER H 47 35.98 -23.00 33.72
N ARG H 48 35.25 -21.92 33.40
CA ARG H 48 34.45 -21.81 32.18
C ARG H 48 35.30 -21.17 31.10
N SER H 49 36.53 -20.87 31.50
CA SER H 49 37.55 -20.32 30.60
C SER H 49 37.86 -21.29 29.46
N PRO H 50 37.79 -20.78 28.24
CA PRO H 50 38.17 -21.55 27.05
C PRO H 50 39.68 -21.55 26.86
N ALA H 51 40.42 -21.22 27.92
CA ALA H 51 41.87 -21.11 27.83
C ALA H 51 42.62 -22.25 28.52
N ASP H 52 43.68 -22.71 27.88
CA ASP H 52 44.51 -23.75 28.46
C ASP H 52 45.91 -23.18 28.52
N VAL H 53 46.19 -22.22 27.63
CA VAL H 53 47.51 -21.60 27.49
C VAL H 53 47.44 -20.08 27.67
N PHE H 54 48.08 -19.66 28.76
CA PHE H 54 48.41 -18.26 29.03
C PHE H 54 49.89 -17.94 28.73
N TYR H 55 50.09 -17.21 27.63
CA TYR H 55 51.42 -16.90 27.14
C TYR H 55 51.71 -15.49 27.62
N SER H 56 52.40 -15.41 28.76
CA SER H 56 52.61 -14.13 29.44
C SER H 56 53.92 -13.40 29.15
N GLU H 57 53.79 -12.12 28.82
CA GLU H 57 54.94 -11.21 28.72
C GLU H 57 55.12 -10.40 30.00
N GLN H 58 54.37 -10.74 31.05
CA GLN H 58 54.34 -10.03 32.32
C GLN H 58 54.28 -11.04 33.45
N ILE H 59 55.29 -11.04 34.30
CA ILE H 59 55.27 -11.98 35.42
C ILE H 59 54.12 -11.73 36.39
N PRO H 60 53.80 -10.47 36.69
CA PRO H 60 52.78 -10.22 37.70
C PRO H 60 51.38 -10.66 37.23
N ALA H 61 51.29 -10.81 35.92
CA ALA H 61 50.05 -11.37 35.38
C ALA H 61 50.07 -12.83 35.80
N LEU H 62 51.27 -13.41 35.88
CA LEU H 62 51.43 -14.81 36.29
C LEU H 62 51.26 -15.06 37.77
N ALA H 63 52.10 -14.46 38.60
CA ALA H 63 52.18 -14.87 40.01
C ALA H 63 50.87 -14.51 40.67
N THR H 64 50.08 -13.66 40.03
CA THR H 64 48.82 -13.25 40.61
C THR H 64 47.95 -14.49 40.66
N LEU H 65 48.11 -15.31 39.62
CA LEU H 65 47.28 -16.48 39.40
C LEU H 65 47.97 -17.66 40.07
N SER H 66 49.27 -17.56 40.25
CA SER H 66 49.97 -18.55 41.05
C SER H 66 50.06 -18.08 42.50
N ALA H 67 49.24 -17.09 42.87
CA ALA H 67 49.17 -16.61 44.24
C ALA H 67 47.69 -16.66 44.60
N ALA H 68 46.87 -16.85 43.57
CA ALA H 68 45.46 -17.16 43.76
C ALA H 68 45.22 -18.60 43.28
N ASN H 69 46.28 -19.41 43.43
CA ASN H 69 46.23 -20.81 43.04
C ASN H 69 45.16 -21.15 42.00
N LEU H 70 45.33 -20.58 40.81
CA LEU H 70 44.44 -20.86 39.69
C LEU H 70 45.18 -21.53 38.53
N LEU H 71 46.45 -21.84 38.71
CA LEU H 71 47.27 -22.35 37.60
C LEU H 71 47.78 -23.76 37.88
N GLU H 72 47.83 -24.59 36.86
CA GLU H 72 48.31 -25.96 36.91
C GLU H 72 49.84 -25.98 37.07
N PRO H 73 50.38 -26.58 38.15
CA PRO H 73 51.76 -26.55 38.64
C PRO H 73 52.78 -27.10 37.64
N LEU H 74 54.08 -26.93 37.88
CA LEU H 74 55.08 -27.33 36.89
C LEU H 74 56.26 -28.18 37.38
N PRO H 75 56.82 -29.02 36.49
CA PRO H 75 57.92 -30.00 36.64
C PRO H 75 59.35 -29.46 36.67
N ALA H 76 60.17 -30.02 37.54
CA ALA H 76 61.52 -29.52 37.80
C ALA H 76 62.43 -29.56 36.57
N SER H 77 61.87 -30.06 35.47
CA SER H 77 62.54 -30.12 34.16
C SER H 77 62.24 -28.91 33.29
N THR H 78 60.96 -28.72 32.98
CA THR H 78 60.54 -27.45 32.38
C THR H 78 61.26 -26.29 33.05
N ILE H 79 61.33 -26.30 34.38
CA ILE H 79 61.97 -25.25 35.17
C ILE H 79 63.48 -25.22 34.95
N ASN H 80 64.17 -26.31 35.30
CA ASN H 80 65.62 -26.33 35.28
C ASN H 80 66.16 -26.00 33.89
N GLU H 81 65.26 -25.98 32.91
CA GLU H 81 65.62 -25.50 31.58
C GLU H 81 66.29 -24.14 31.77
N THR H 82 65.49 -23.07 31.76
CA THR H 82 65.99 -21.71 31.67
C THR H 82 66.37 -21.17 33.03
N ARG H 83 67.49 -21.66 33.55
CA ARG H 83 68.08 -21.15 34.79
C ARG H 83 68.81 -19.84 34.50
N GLY H 84 69.78 -19.53 35.36
CA GLY H 84 70.64 -18.37 35.18
C GLY H 84 70.43 -17.34 36.26
N LYS H 85 71.49 -16.60 36.56
CA LYS H 85 71.42 -15.52 37.52
C LYS H 85 70.35 -14.54 37.08
N GLY H 86 69.92 -13.65 37.98
CA GLY H 86 68.98 -12.59 37.60
C GLY H 86 67.59 -13.08 37.29
N VAL H 87 67.51 -14.29 36.72
CA VAL H 87 66.24 -14.86 36.25
C VAL H 87 65.24 -15.03 37.39
N PRO H 88 63.93 -14.76 37.15
CA PRO H 88 62.88 -14.96 38.14
C PRO H 88 62.46 -16.43 38.26
N VAL H 89 63.00 -17.14 39.26
CA VAL H 89 62.59 -18.50 39.57
C VAL H 89 61.29 -18.49 40.37
N ALA H 90 60.36 -19.36 40.03
CA ALA H 90 59.05 -19.36 40.69
C ALA H 90 59.05 -19.84 42.14
N ALA H 91 57.87 -20.04 42.71
CA ALA H 91 57.73 -20.49 44.09
C ALA H 91 56.54 -21.45 44.23
N LYS H 92 55.56 -21.28 43.35
CA LYS H 92 54.44 -22.21 43.23
C LYS H 92 54.36 -22.80 41.81
N LYS H 93 55.46 -22.71 41.06
CA LYS H 93 55.72 -23.54 39.87
C LYS H 93 54.61 -23.51 38.83
N ASP H 94 53.69 -22.56 38.91
CA ASP H 94 52.55 -22.47 37.99
C ASP H 94 52.97 -21.86 36.65
N TRP H 95 54.17 -21.28 36.59
CA TRP H 95 54.58 -20.51 35.42
C TRP H 95 56.08 -20.60 35.18
N VAL H 96 56.51 -20.50 33.93
CA VAL H 96 57.95 -20.59 33.70
C VAL H 96 58.41 -19.45 32.80
N ALA H 97 59.60 -18.94 33.11
CA ALA H 97 60.14 -17.75 32.44
C ALA H 97 60.78 -18.13 31.11
N LEU H 98 60.51 -17.36 30.05
CA LEU H 98 61.00 -17.67 28.70
C LEU H 98 62.10 -16.75 28.16
N SER H 99 61.85 -15.45 28.15
CA SER H 99 62.88 -14.54 27.63
C SER H 99 62.87 -13.18 28.30
N GLY H 100 63.67 -12.26 27.77
CA GLY H 100 63.86 -10.94 28.34
C GLY H 100 63.87 -9.92 27.21
N ARG H 101 63.42 -8.72 27.53
CA ARG H 101 63.57 -7.57 26.66
C ARG H 101 64.06 -6.39 27.53
N SER H 102 64.69 -5.40 26.91
CA SER H 102 65.39 -4.41 27.73
C SER H 102 65.08 -2.95 27.47
N ARG H 103 65.10 -2.15 28.54
CA ARG H 103 65.21 -0.70 28.42
C ARG H 103 66.47 -0.39 27.59
N VAL H 104 66.39 0.56 26.66
CA VAL H 104 67.59 0.98 25.93
C VAL H 104 67.64 2.52 25.95
N VAL H 105 68.69 3.10 25.35
CA VAL H 105 68.61 4.48 24.85
C VAL H 105 68.91 4.44 23.36
N VAL H 106 67.92 4.75 22.54
CA VAL H 106 68.13 4.90 21.11
C VAL H 106 68.48 6.38 20.83
N TYR H 107 69.28 6.57 19.80
CA TYR H 107 69.89 7.87 19.55
C TYR H 107 70.29 8.03 18.10
N ASP H 108 70.06 9.22 17.57
CA ASP H 108 70.51 9.61 16.23
C ASP H 108 72.03 9.66 16.21
N THR H 109 72.71 9.00 15.26
CA THR H 109 74.18 8.95 15.25
C THR H 109 74.79 10.17 14.57
N ARG H 110 74.02 10.85 13.73
CA ARG H 110 74.51 12.07 13.07
C ARG H 110 74.72 13.15 14.12
N LYS H 111 74.13 12.94 15.29
CA LYS H 111 74.01 13.93 16.35
C LYS H 111 74.84 13.54 17.57
N LEU H 112 74.98 12.25 17.84
CA LEU H 112 75.73 11.73 18.98
C LEU H 112 76.73 10.62 18.63
N SER H 113 77.48 10.20 19.62
CA SER H 113 78.30 9.01 19.55
C SER H 113 78.16 8.32 20.91
N GLU H 114 78.43 7.02 20.98
CA GLU H 114 78.43 6.31 22.25
C GLU H 114 79.10 7.07 23.39
N LYS H 115 80.20 7.74 23.09
CA LYS H 115 81.01 8.43 24.10
C LYS H 115 80.14 9.46 24.83
N ASP H 116 79.09 9.91 24.14
CA ASP H 116 78.30 11.04 24.57
C ASP H 116 77.18 10.69 25.54
N LEU H 117 76.68 9.47 25.42
CA LEU H 117 75.55 9.01 26.22
C LEU H 117 75.87 8.96 27.72
N GLU H 118 74.85 8.73 28.54
CA GLU H 118 74.98 8.85 30.00
C GLU H 118 75.17 7.46 30.60
N LYS H 119 75.97 7.38 31.65
CA LYS H 119 76.38 6.12 32.26
C LYS H 119 75.34 5.64 33.27
N SER H 120 74.34 6.48 33.54
CA SER H 120 73.22 6.17 34.39
C SER H 120 72.02 6.98 33.89
N VAL H 121 70.89 6.32 33.64
CA VAL H 121 69.76 7.06 33.07
C VAL H 121 69.13 8.00 34.07
N LEU H 122 69.67 8.03 35.27
CA LEU H 122 69.19 8.97 36.27
C LEU H 122 69.76 10.31 35.85
N ASN H 123 70.92 10.28 35.20
CA ASN H 123 71.64 11.49 34.73
C ASN H 123 70.91 12.14 33.57
N TYR H 124 70.06 11.34 32.92
CA TYR H 124 69.23 11.90 31.84
C TYR H 124 68.29 12.97 32.40
N ALA H 125 68.07 12.99 33.70
CA ALA H 125 67.01 13.81 34.29
C ALA H 125 67.58 15.16 34.71
N THR H 126 68.16 15.87 33.75
CA THR H 126 68.91 17.07 34.02
C THR H 126 68.77 18.08 32.89
N PRO H 127 69.42 19.26 33.02
CA PRO H 127 69.44 20.30 32.00
C PRO H 127 70.37 20.04 30.83
N LYS H 128 71.40 19.22 31.04
CA LYS H 128 72.27 18.89 29.93
C LYS H 128 71.53 18.22 28.73
N TRP H 129 70.41 17.59 29.01
CA TRP H 129 69.62 16.89 27.99
C TRP H 129 68.29 17.57 27.72
N LYS H 130 68.16 18.84 28.10
CA LYS H 130 66.94 19.64 27.82
C LYS H 130 66.53 19.52 26.37
N ASN H 131 65.30 19.08 26.13
CA ASN H 131 64.77 18.83 24.79
C ASN H 131 65.73 17.99 23.92
N ARG H 132 66.58 17.22 24.59
CA ARG H 132 67.47 16.26 23.92
C ARG H 132 67.21 14.78 24.29
N ILE H 133 66.24 14.55 25.18
CA ILE H 133 65.79 13.22 25.57
C ILE H 133 64.28 13.13 25.42
N GLY H 134 63.80 12.07 24.75
CA GLY H 134 62.39 11.65 24.79
C GLY H 134 62.03 10.53 25.79
N TYR H 135 60.79 10.57 26.26
CA TYR H 135 60.23 9.58 27.18
C TYR H 135 58.74 9.40 27.00
N VAL H 136 58.24 8.19 27.23
CA VAL H 136 56.82 7.91 27.16
C VAL H 136 56.20 7.74 28.55
N PRO H 137 55.70 8.83 29.16
CA PRO H 137 55.29 8.85 30.55
C PRO H 137 54.02 8.06 30.80
N THR H 138 53.65 7.27 29.79
CA THR H 138 52.39 6.56 29.76
C THR H 138 52.65 5.13 29.30
N SER H 139 53.92 4.86 28.98
CA SER H 139 54.40 3.51 28.68
C SER H 139 54.37 2.68 29.95
N GLY H 140 54.00 1.41 29.79
CA GLY H 140 53.93 0.52 30.93
C GLY H 140 55.32 0.05 31.24
N ALA H 141 56.23 0.15 30.29
CA ALA H 141 57.64 -0.11 30.49
C ALA H 141 58.23 1.09 31.22
N PHE H 142 57.68 2.26 30.92
CA PHE H 142 58.20 3.46 31.56
C PHE H 142 57.92 3.38 33.04
N LEU H 143 56.68 3.04 33.37
CA LEU H 143 56.29 2.86 34.76
C LEU H 143 57.11 1.76 35.41
N GLU H 144 57.33 0.70 34.66
CA GLU H 144 58.22 -0.35 35.13
C GLU H 144 59.57 0.22 35.56
N GLN H 145 60.12 1.15 34.79
CA GLN H 145 61.37 1.81 35.11
C GLN H 145 61.26 2.50 36.46
N ILE H 146 60.18 3.23 36.67
CA ILE H 146 59.99 3.92 37.92
C ILE H 146 60.08 2.95 39.07
N VAL H 147 59.30 1.88 38.96
CA VAL H 147 59.30 0.85 39.97
C VAL H 147 60.70 0.39 40.41
N ALA H 148 61.52 -0.01 39.44
CA ALA H 148 62.90 -0.43 39.64
C ALA H 148 63.77 0.62 40.35
N ILE H 149 63.73 1.86 39.89
CA ILE H 149 64.49 2.92 40.51
C ILE H 149 64.19 3.01 42.00
N VAL H 150 62.91 2.98 42.34
CA VAL H 150 62.52 2.99 43.74
C VAL H 150 63.17 1.86 44.52
N LYS H 151 62.98 0.62 44.06
CA LYS H 151 63.55 -0.59 44.66
C LYS H 151 65.07 -0.53 44.71
N LEU H 152 65.67 0.11 43.73
CA LEU H 152 67.11 0.14 43.55
C LEU H 152 67.79 1.27 44.31
N LYS H 153 67.25 2.50 44.19
CA LYS H 153 67.95 3.67 44.70
C LYS H 153 67.07 4.58 45.55
N GLY H 154 65.97 4.02 46.03
CA GLY H 154 65.08 4.74 46.92
C GLY H 154 64.04 5.60 46.21
N GLU H 155 63.11 6.04 47.05
CA GLU H 155 61.93 6.73 46.55
C GLU H 155 62.22 8.11 46.03
N ALA H 156 62.89 8.87 46.89
CA ALA H 156 63.27 10.26 46.58
C ALA H 156 64.14 10.31 45.34
N ALA H 157 64.93 9.27 45.11
CA ALA H 157 65.75 9.17 43.92
C ALA H 157 64.86 9.00 42.68
N ALA H 158 63.64 8.50 42.86
CA ALA H 158 62.77 8.23 41.70
C ALA H 158 61.89 9.42 41.36
N LEU H 159 61.41 10.13 42.38
CA LEU H 159 60.57 11.30 42.13
C LEU H 159 61.44 12.35 41.51
N LYS H 160 62.62 12.52 42.09
CA LYS H 160 63.70 13.31 41.52
C LYS H 160 63.81 13.10 40.01
N TRP H 161 64.02 11.85 39.63
CA TRP H 161 64.22 11.50 38.23
C TRP H 161 63.01 11.89 37.42
N LEU H 162 61.81 11.68 37.97
CA LEU H 162 60.58 11.90 37.20
C LEU H 162 60.32 13.39 36.99
N LYS H 163 60.44 14.16 38.07
CA LYS H 163 60.18 15.61 38.00
C LYS H 163 61.16 16.25 36.99
N GLY H 164 62.34 15.63 36.87
CA GLY H 164 63.37 16.06 35.93
C GLY H 164 63.06 15.89 34.45
N LEU H 165 62.27 14.85 34.13
CA LEU H 165 61.92 14.51 32.77
C LEU H 165 60.72 15.33 32.30
N LYS H 166 59.95 15.85 33.25
CA LYS H 166 58.84 16.75 32.98
C LYS H 166 59.47 18.08 32.67
N GLU H 167 60.44 18.48 33.50
CA GLU H 167 61.09 19.75 33.28
C GLU H 167 61.82 19.85 31.94
N TYR H 168 62.89 19.07 31.81
CA TYR H 168 63.78 19.19 30.67
C TYR H 168 63.44 18.19 29.57
N GLY H 169 62.43 17.36 29.80
CA GLY H 169 62.16 16.24 28.91
C GLY H 169 60.97 16.41 27.98
N LYS H 170 61.07 15.82 26.78
CA LYS H 170 60.01 15.76 25.78
C LYS H 170 59.23 14.46 25.76
N PRO H 171 57.97 14.49 26.21
CA PRO H 171 57.10 13.33 26.29
C PRO H 171 56.65 12.94 24.91
N TYR H 172 56.56 11.64 24.62
CA TYR H 172 55.99 11.17 23.36
C TYR H 172 54.82 10.20 23.59
N ALA H 173 53.99 10.04 22.57
CA ALA H 173 52.78 9.24 22.69
C ALA H 173 53.08 7.78 22.96
N LYS H 174 53.99 7.23 22.16
CA LYS H 174 54.37 5.83 22.30
C LYS H 174 55.83 5.57 21.90
N ASN H 175 56.35 4.45 22.37
CA ASN H 175 57.73 4.12 22.08
C ASN H 175 57.96 4.16 20.56
N SER H 176 57.00 3.66 19.79
CA SER H 176 57.13 3.54 18.36
C SER H 176 57.27 4.85 17.60
N VAL H 177 56.57 5.88 18.08
CA VAL H 177 56.73 7.17 17.40
C VAL H 177 57.96 7.91 17.91
N ALA H 178 58.21 7.86 19.21
CA ALA H 178 59.41 8.50 19.75
C ALA H 178 60.65 7.85 19.15
N LEU H 179 60.56 6.55 18.83
CA LEU H 179 61.65 5.88 18.12
C LEU H 179 61.73 6.58 16.78
N GLN H 180 60.60 6.89 16.16
CA GLN H 180 60.55 7.48 14.82
C GLN H 180 61.03 8.93 14.81
N ALA H 181 60.93 9.59 15.95
CA ALA H 181 61.29 10.98 16.08
C ALA H 181 62.82 11.13 16.14
N VAL H 182 63.49 10.07 16.55
CA VAL H 182 64.94 10.05 16.63
C VAL H 182 65.53 9.73 15.25
N GLU H 183 64.89 8.80 14.57
CA GLU H 183 65.38 8.41 13.26
C GLU H 183 65.08 9.55 12.31
N ASN H 184 64.10 10.39 12.67
CA ASN H 184 63.76 11.53 11.82
C ASN H 184 64.41 12.89 12.19
N GLY H 185 65.26 12.90 13.21
CA GLY H 185 66.06 14.07 13.53
C GLY H 185 65.49 15.12 14.47
N GLU H 186 64.29 14.88 14.99
CA GLU H 186 63.54 15.83 15.81
C GLU H 186 64.06 15.95 17.25
N ILE H 187 64.53 14.82 17.78
CA ILE H 187 65.27 14.86 19.02
C ILE H 187 66.46 13.91 18.97
N ASP H 188 67.46 14.20 19.80
CA ASP H 188 68.72 13.45 19.86
C ASP H 188 68.54 11.99 20.37
N ALA H 189 67.96 11.86 21.56
CA ALA H 189 67.89 10.58 22.28
C ALA H 189 66.55 10.34 22.94
N ALA H 190 66.26 9.06 23.19
CA ALA H 190 65.01 8.66 23.84
C ALA H 190 65.14 7.37 24.67
N LEU H 191 64.24 7.23 25.63
CA LEU H 191 64.26 6.06 26.50
C LEU H 191 63.18 5.08 26.07
N ILE H 192 63.58 4.00 25.41
CA ILE H 192 62.62 2.96 25.06
C ILE H 192 63.06 1.53 25.39
N ASN H 193 62.50 0.55 24.69
CA ASN H 193 62.82 -0.86 24.78
C ASN H 193 63.56 -1.29 23.53
N ASN H 194 64.53 -2.18 23.69
CA ASN H 194 65.44 -2.58 22.61
C ASN H 194 64.75 -3.05 21.34
N TYR H 195 63.65 -3.76 21.51
CA TYR H 195 63.03 -4.50 20.39
C TYR H 195 62.39 -3.60 19.32
N TYR H 196 61.82 -2.47 19.70
CA TYR H 196 61.26 -1.54 18.74
C TYR H 196 62.31 -1.21 17.70
N TRP H 197 63.54 -1.07 18.15
CA TRP H 197 64.65 -0.71 17.26
C TRP H 197 65.16 -1.86 16.39
N HIS H 198 65.56 -2.96 17.00
CA HIS H 198 66.07 -4.08 16.18
C HIS H 198 65.17 -4.49 15.03
N ALA H 199 63.86 -4.40 15.26
CA ALA H 199 62.85 -4.80 14.24
C ALA H 199 62.85 -3.87 13.04
N PHE H 200 62.77 -2.57 13.35
CA PHE H 200 62.81 -1.56 12.31
C PHE H 200 64.12 -1.62 11.52
N ALA H 201 65.20 -1.85 12.27
CA ALA H 201 66.51 -1.94 11.66
C ALA H 201 66.58 -3.17 10.79
N ARG H 202 65.86 -4.22 11.18
CA ARG H 202 65.83 -5.41 10.32
C ARG H 202 64.96 -5.24 9.06
N GLU H 203 63.87 -4.47 9.17
CA GLU H 203 63.08 -4.06 8.00
C GLU H 203 63.94 -3.22 7.07
N LYS H 204 64.29 -2.02 7.53
CA LYS H 204 64.85 -0.97 6.65
C LYS H 204 66.28 -1.24 6.25
N GLY H 205 66.87 -2.31 6.77
CA GLY H 205 68.30 -2.55 6.65
C GLY H 205 69.14 -1.62 7.51
N VAL H 206 70.16 -2.19 8.16
CA VAL H 206 70.87 -1.46 9.19
C VAL H 206 71.66 -0.26 8.67
N GLN H 207 72.07 -0.33 7.41
CA GLN H 207 72.88 0.75 6.86
C GLN H 207 72.07 1.97 6.45
N ASN H 208 70.75 1.94 6.70
CA ASN H 208 69.88 2.99 6.17
C ASN H 208 69.23 3.69 7.35
N VAL H 209 69.70 3.33 8.54
CA VAL H 209 69.09 3.75 9.80
C VAL H 209 70.05 4.70 10.52
N HIS H 210 69.62 5.91 10.83
CA HIS H 210 70.49 6.89 11.48
C HIS H 210 70.66 6.64 12.98
N THR H 211 69.86 5.74 13.52
CA THR H 211 69.93 5.53 14.95
C THR H 211 70.58 4.21 15.40
N ARG H 212 71.00 4.15 16.66
CA ARG H 212 71.64 3.00 17.28
C ARG H 212 71.18 2.89 18.72
N LEU H 213 71.47 1.75 19.36
CA LEU H 213 71.05 1.56 20.74
C LEU H 213 72.20 1.70 21.73
N ASN H 214 71.90 2.21 22.91
CA ASN H 214 72.84 2.23 24.04
C ASN H 214 72.35 1.33 25.18
N PHE H 215 73.29 0.64 25.80
CA PHE H 215 72.97 -0.20 26.94
C PHE H 215 73.88 0.21 28.09
N VAL H 216 73.29 0.63 29.22
CA VAL H 216 74.10 1.10 30.34
C VAL H 216 74.85 -0.05 31.01
N ARG H 217 74.16 -1.12 31.39
CA ARG H 217 74.81 -2.26 32.04
C ARG H 217 75.17 -1.94 33.49
N HIS H 218 76.10 -2.71 34.04
CA HIS H 218 76.50 -2.63 35.46
C HIS H 218 75.34 -2.36 36.44
N ARG H 219 74.30 -3.19 36.32
CA ARG H 219 73.17 -3.19 37.23
C ARG H 219 72.54 -1.82 37.43
N ASP H 220 72.71 -0.94 36.46
CA ASP H 220 72.03 0.37 36.55
C ASP H 220 70.53 0.08 36.46
N PRO H 221 69.71 0.98 37.02
CA PRO H 221 68.25 0.92 36.82
C PRO H 221 67.85 0.99 35.33
N GLY H 222 68.58 1.75 34.53
CA GLY H 222 68.32 1.81 33.09
C GLY H 222 68.69 0.54 32.34
N ALA H 223 69.30 -0.43 33.00
CA ALA H 223 69.65 -1.70 32.36
C ALA H 223 68.53 -2.73 32.61
N LEU H 224 67.48 -2.24 33.25
CA LEU H 224 66.26 -3.00 33.48
C LEU H 224 65.89 -3.92 32.32
N VAL H 225 65.75 -5.20 32.62
CA VAL H 225 65.28 -6.20 31.67
C VAL H 225 63.93 -6.73 32.13
N THR H 226 62.96 -6.83 31.23
CA THR H 226 61.66 -7.36 31.58
C THR H 226 61.58 -8.79 31.06
N TYR H 227 60.98 -9.65 31.87
CA TYR H 227 60.94 -11.06 31.53
C TYR H 227 59.57 -11.56 31.05
N SER H 228 59.57 -12.75 30.46
CA SER H 228 58.37 -13.41 29.93
C SER H 228 58.30 -14.79 30.54
N GLY H 229 57.12 -15.38 30.44
CA GLY H 229 56.83 -16.66 31.07
C GLY H 229 55.57 -17.30 30.53
N ALA H 230 55.51 -18.62 30.62
CA ALA H 230 54.43 -19.42 30.04
C ALA H 230 53.45 -19.90 31.11
N ALA H 231 52.18 -20.04 30.74
CA ALA H 231 51.19 -20.53 31.69
C ALA H 231 50.24 -21.57 31.11
N VAL H 232 50.03 -22.63 31.89
CA VAL H 232 48.90 -23.53 31.69
C VAL H 232 47.79 -23.37 32.74
N LEU H 233 46.57 -23.12 32.29
CA LEU H 233 45.45 -22.95 33.21
C LEU H 233 44.94 -24.27 33.78
N LYS H 234 44.38 -24.20 34.98
CA LYS H 234 43.85 -25.38 35.65
C LYS H 234 42.62 -25.85 34.88
N SER H 235 41.95 -24.93 34.19
CA SER H 235 40.82 -25.21 33.29
C SER H 235 41.33 -25.55 31.89
N SER H 236 42.31 -26.44 31.84
CA SER H 236 42.85 -26.96 30.58
C SER H 236 42.20 -28.31 30.26
N GLN H 237 41.20 -28.25 29.39
CA GLN H 237 40.59 -29.42 28.76
C GLN H 237 41.55 -30.12 27.80
N ASN H 238 42.60 -29.39 27.43
CA ASN H 238 43.67 -29.87 26.55
C ASN H 238 44.94 -29.70 27.36
N LYS H 239 45.11 -30.57 28.34
CA LYS H 239 46.20 -30.40 29.32
C LYS H 239 47.60 -30.78 28.87
N ASP H 240 47.86 -32.04 28.52
CA ASP H 240 49.23 -32.37 28.12
C ASP H 240 49.49 -31.91 26.68
N GLU H 241 48.45 -31.45 25.98
CA GLU H 241 48.63 -30.61 24.79
C GLU H 241 49.19 -29.22 25.10
N ALA H 242 48.65 -28.65 26.17
CA ALA H 242 49.09 -27.34 26.66
C ALA H 242 50.43 -27.50 27.38
N LYS H 243 50.57 -28.57 28.18
CA LYS H 243 51.83 -28.86 28.86
C LYS H 243 52.93 -29.06 27.84
N LYS H 244 52.62 -29.76 26.74
CA LYS H 244 53.58 -29.90 25.65
C LYS H 244 54.00 -28.56 25.06
N PHE H 245 53.01 -27.70 24.78
CA PHE H 245 53.25 -26.40 24.17
C PHE H 245 54.22 -25.57 25.00
N VAL H 246 54.36 -25.86 26.28
CA VAL H 246 55.32 -25.20 27.17
C VAL H 246 56.62 -26.01 27.28
N ALA H 247 56.63 -27.20 26.70
CA ALA H 247 57.86 -27.97 26.55
C ALA H 247 58.60 -27.46 25.30
N PHE H 248 57.79 -27.03 24.33
CA PHE H 248 58.28 -26.52 23.05
C PHE H 248 58.58 -25.03 23.27
N LEU H 249 57.83 -24.43 24.18
CA LEU H 249 57.91 -23.00 24.48
C LEU H 249 59.12 -22.72 25.36
N ALA H 250 59.44 -23.66 26.23
CA ALA H 250 60.59 -23.48 27.09
C ALA H 250 61.90 -23.86 26.38
N GLY H 251 61.77 -24.54 25.24
CA GLY H 251 62.89 -25.22 24.59
C GLY H 251 63.61 -24.47 23.48
N LYS H 252 64.85 -24.89 23.22
CA LYS H 252 65.65 -24.29 22.13
C LYS H 252 64.92 -24.28 20.79
N GLU H 253 64.19 -25.34 20.48
CA GLU H 253 63.44 -25.38 19.24
C GLU H 253 62.48 -24.19 19.20
N GLY H 254 61.79 -23.98 20.32
CA GLY H 254 60.90 -22.83 20.52
C GLY H 254 61.73 -21.56 20.60
N GLN H 255 62.70 -21.53 21.53
CA GLN H 255 63.53 -20.36 21.69
C GLN H 255 64.03 -19.96 20.32
N ARG H 256 64.75 -20.88 19.68
CA ARG H 256 65.34 -20.65 18.37
C ARG H 256 64.26 -20.07 17.49
N ALA H 257 63.04 -20.63 17.59
CA ALA H 257 61.93 -20.16 16.76
C ALA H 257 61.61 -18.71 17.08
N LEU H 258 61.47 -18.42 18.37
CA LEU H 258 61.17 -17.08 18.88
C LEU H 258 62.21 -16.01 18.49
N THR H 259 63.48 -16.32 18.72
CA THR H 259 64.58 -15.40 18.53
C THR H 259 64.98 -15.47 17.06
N ALA H 260 64.06 -16.02 16.27
CA ALA H 260 64.22 -16.01 14.82
C ALA H 260 63.38 -14.88 14.25
N VAL H 261 62.54 -14.32 15.11
CA VAL H 261 61.58 -13.34 14.63
C VAL H 261 61.45 -12.15 15.57
N ARG H 262 61.80 -12.35 16.84
CA ARG H 262 61.76 -11.23 17.81
C ARG H 262 63.07 -11.05 18.55
N ALA H 263 63.47 -9.79 18.71
CA ALA H 263 64.71 -9.46 19.40
C ALA H 263 64.37 -9.44 20.89
N GLU H 264 63.85 -10.55 21.37
CA GLU H 264 63.82 -10.82 22.82
C GLU H 264 65.05 -11.67 23.15
N TYR H 265 65.55 -11.51 24.36
CA TYR H 265 66.80 -12.12 24.75
C TYR H 265 66.54 -13.55 25.18
N PRO H 266 67.17 -14.53 24.49
CA PRO H 266 67.04 -15.93 24.81
C PRO H 266 67.40 -16.18 26.25
N LEU H 267 66.65 -17.06 26.91
CA LEU H 267 66.97 -17.49 28.27
C LEU H 267 67.63 -18.86 28.32
N ASN H 268 68.17 -19.27 27.18
CA ASN H 268 68.81 -20.57 27.01
C ASN H 268 70.10 -20.31 26.27
N PRO H 269 71.24 -20.21 26.99
CA PRO H 269 72.40 -19.53 26.40
C PRO H 269 72.84 -20.21 25.12
N HIS H 270 72.63 -21.52 25.03
CA HIS H 270 72.91 -22.29 23.80
C HIS H 270 72.38 -21.61 22.53
N VAL H 271 71.13 -21.16 22.66
CA VAL H 271 70.46 -20.47 21.56
C VAL H 271 71.12 -19.11 21.32
N VAL H 272 71.08 -18.65 20.07
CA VAL H 272 71.77 -17.44 19.61
C VAL H 272 70.79 -16.71 18.73
N SER H 273 70.57 -15.43 19.03
CA SER H 273 69.60 -14.61 18.32
C SER H 273 70.00 -14.54 16.85
N THR H 274 69.00 -14.28 16.01
CA THR H 274 69.25 -13.84 14.64
C THR H 274 69.43 -12.32 14.65
N PHE H 275 69.43 -11.73 15.84
CA PHE H 275 69.68 -10.30 15.95
C PHE H 275 71.03 -10.05 16.64
N ASN H 276 71.58 -8.85 16.49
CA ASN H 276 72.77 -8.42 17.21
C ASN H 276 72.36 -8.26 18.67
N LEU H 277 71.95 -9.36 19.30
CA LEU H 277 71.70 -9.37 20.74
C LEU H 277 72.86 -9.99 21.51
N GLU H 278 73.13 -9.42 22.67
CA GLU H 278 74.19 -9.94 23.50
C GLU H 278 73.55 -11.09 24.26
N PRO H 279 74.41 -12.03 24.71
CA PRO H 279 73.94 -12.97 25.71
C PRO H 279 73.31 -12.20 26.86
N ILE H 280 72.13 -12.66 27.28
CA ILE H 280 71.42 -12.01 28.36
C ILE H 280 72.30 -11.51 29.51
N ALA H 281 73.22 -12.37 29.94
CA ALA H 281 74.18 -12.09 31.00
C ALA H 281 75.05 -10.86 30.74
N LYS H 282 75.37 -10.67 29.46
CA LYS H 282 76.13 -9.52 29.03
C LYS H 282 75.51 -8.17 29.42
N LEU H 283 74.20 -8.11 29.50
CA LEU H 283 73.54 -6.88 29.88
C LEU H 283 73.82 -6.34 31.29
N GLU H 284 74.18 -7.21 32.22
CA GLU H 284 74.35 -6.82 33.61
C GLU H 284 73.11 -6.06 34.11
N ALA H 285 71.94 -6.66 33.94
CA ALA H 285 70.71 -6.03 34.42
C ALA H 285 70.56 -6.23 35.91
N PRO H 286 70.02 -5.20 36.59
CA PRO H 286 69.83 -5.21 38.03
C PRO H 286 68.89 -6.34 38.48
N GLN H 287 69.20 -7.02 39.57
CA GLN H 287 68.22 -7.95 40.17
C GLN H 287 67.06 -7.20 40.80
N VAL H 288 65.87 -7.43 40.25
CA VAL H 288 64.67 -6.82 40.78
C VAL H 288 63.64 -7.90 41.14
N SER H 289 62.88 -7.62 42.19
CA SER H 289 61.65 -8.37 42.46
C SER H 289 60.53 -8.06 41.46
N ALA H 290 59.51 -8.91 41.43
CA ALA H 290 58.42 -8.73 40.48
C ALA H 290 57.57 -7.56 40.94
N THR H 291 57.20 -6.69 39.99
CA THR H 291 56.44 -5.50 40.37
C THR H 291 55.06 -5.88 40.92
N THR H 292 54.65 -5.19 41.99
CA THR H 292 53.38 -5.58 42.61
C THR H 292 52.31 -4.52 42.30
N VAL H 293 51.10 -4.77 42.81
CA VAL H 293 49.97 -3.87 42.63
C VAL H 293 50.18 -2.53 43.34
N SER H 294 50.54 -2.56 44.62
CA SER H 294 50.91 -1.37 45.36
C SER H 294 52.05 -0.68 44.66
N GLU H 295 53.08 -1.47 44.34
CA GLU H 295 54.21 -0.97 43.57
C GLU H 295 53.81 -0.13 42.36
N LYS H 296 52.81 -0.58 41.60
CA LYS H 296 52.28 0.19 40.47
C LYS H 296 51.61 1.48 40.88
N GLU H 297 50.67 1.40 41.81
CA GLU H 297 50.04 2.62 42.35
C GLU H 297 51.10 3.62 42.79
N HIS H 298 52.08 3.13 43.55
CA HIS H 298 53.06 4.04 44.14
C HIS H 298 53.72 4.80 42.99
N ALA H 299 54.18 4.09 41.96
CA ALA H 299 54.80 4.76 40.81
C ALA H 299 53.79 5.65 40.08
N THR H 300 52.56 5.15 39.97
CA THR H 300 51.48 5.80 39.26
C THR H 300 51.29 7.17 39.92
N ARG H 301 51.40 7.19 41.24
CA ARG H 301 51.18 8.39 42.01
C ARG H 301 52.44 9.22 42.08
N LEU H 302 53.60 8.59 41.93
CA LEU H 302 54.86 9.35 41.90
C LEU H 302 54.82 10.15 40.59
N LEU H 303 54.18 9.54 39.60
CA LEU H 303 54.02 10.11 38.27
C LEU H 303 53.12 11.33 38.36
N GLU H 304 52.05 11.16 39.13
CA GLU H 304 51.07 12.23 39.28
C GLU H 304 51.80 13.39 39.94
N GLN H 305 52.53 13.06 41.01
CA GLN H 305 53.31 14.01 41.80
C GLN H 305 54.34 14.77 40.98
N ALA H 306 54.69 14.23 39.83
CA ALA H 306 55.75 14.79 39.01
C ALA H 306 55.21 15.64 37.86
N GLY H 307 53.92 15.49 37.55
CA GLY H 307 53.22 16.34 36.58
C GLY H 307 53.05 15.73 35.20
N MET H 308 53.14 14.40 35.17
CA MET H 308 53.03 13.62 33.94
C MET H 308 51.73 12.84 33.86
N LYS H 309 51.22 12.53 35.05
CA LYS H 309 49.85 12.06 35.21
C LYS H 309 49.02 13.17 35.87
N ASP I 1 -1.66 -38.40 6.08
CA ASP I 1 -2.24 -39.73 6.43
C ASP I 1 -1.42 -40.77 5.68
N ILE I 2 -1.73 -42.05 5.88
CA ILE I 2 -0.97 -43.09 5.21
C ILE I 2 -1.86 -44.30 4.99
N THR I 3 -1.54 -45.02 3.91
CA THR I 3 -2.19 -46.28 3.59
C THR I 3 -1.20 -47.43 3.81
N VAL I 4 -1.68 -48.46 4.48
CA VAL I 4 -0.82 -49.57 4.90
C VAL I 4 -1.23 -50.86 4.25
N TYR I 5 -0.39 -51.39 3.35
CA TYR I 5 -0.60 -52.74 2.79
C TYR I 5 -0.15 -53.73 3.87
N ASN I 6 -1.12 -54.42 4.45
CA ASN I 6 -0.88 -55.21 5.66
C ASN I 6 -1.02 -56.71 5.40
N GLY I 7 0.06 -57.44 5.71
CA GLY I 7 0.01 -58.90 5.72
C GLY I 7 -0.19 -59.42 7.13
N GLN I 8 0.05 -58.57 8.12
CA GLN I 8 -0.01 -58.92 9.53
C GLN I 8 -1.47 -59.12 9.93
N HIS I 9 -1.68 -59.63 11.13
CA HIS I 9 -3.05 -59.87 11.59
C HIS I 9 -3.90 -58.58 11.61
N LYS I 10 -5.16 -58.70 11.19
CA LYS I 10 -6.00 -57.51 11.07
C LYS I 10 -6.46 -56.91 12.41
N GLU I 11 -6.84 -57.78 13.34
CA GLU I 11 -7.13 -57.33 14.69
C GLU I 11 -5.85 -56.76 15.27
N ALA I 12 -4.73 -57.37 14.89
CA ALA I 12 -3.41 -56.99 15.37
C ALA I 12 -2.83 -55.72 14.72
N ALA I 13 -3.16 -55.53 13.44
CA ALA I 13 -2.78 -54.31 12.74
C ALA I 13 -3.55 -53.10 13.26
N GLN I 14 -4.81 -53.34 13.63
CA GLN I 14 -5.66 -52.23 14.02
C GLN I 14 -5.30 -51.66 15.39
N ALA I 15 -4.53 -52.44 16.14
CA ALA I 15 -4.16 -52.03 17.48
C ALA I 15 -2.94 -51.13 17.46
N VAL I 16 -2.02 -51.40 16.54
CA VAL I 16 -0.86 -50.54 16.43
C VAL I 16 -1.23 -49.32 15.57
N ALA I 17 -2.36 -49.44 14.88
CA ALA I 17 -2.84 -48.37 14.02
C ALA I 17 -3.60 -47.32 14.84
N ASP I 18 -4.36 -47.78 15.84
CA ASP I 18 -5.21 -46.93 16.67
C ASP I 18 -4.35 -46.21 17.71
N ALA I 19 -3.47 -47.01 18.30
CA ALA I 19 -2.53 -46.46 19.27
C ALA I 19 -1.68 -45.41 18.56
N PHE I 20 -1.43 -45.63 17.27
CA PHE I 20 -0.55 -44.76 16.48
C PHE I 20 -1.19 -43.41 16.18
N THR I 21 -2.49 -43.50 15.86
CA THR I 21 -3.34 -42.33 15.71
C THR I 21 -3.48 -41.62 17.04
N ARG I 22 -3.78 -42.39 18.09
CA ARG I 22 -3.75 -41.90 19.46
C ARG I 22 -2.31 -41.71 19.93
N ALA I 23 -1.49 -41.17 19.04
CA ALA I 23 -0.10 -40.91 19.37
C ALA I 23 0.33 -39.62 18.66
N THR I 24 -0.31 -39.37 17.51
CA THR I 24 0.11 -38.30 16.60
C THR I 24 -1.07 -37.84 15.74
N GLY I 25 -2.22 -38.46 15.96
CA GLY I 25 -3.45 -38.12 15.25
C GLY I 25 -3.52 -38.53 13.78
N ILE I 26 -2.36 -38.91 13.22
CA ILE I 26 -2.25 -39.34 11.83
C ILE I 26 -3.11 -40.58 11.64
N LYS I 27 -4.08 -40.48 10.73
CA LYS I 27 -5.05 -41.53 10.47
C LYS I 27 -4.40 -42.67 9.66
N VAL I 28 -4.87 -43.90 9.88
CA VAL I 28 -4.34 -45.00 9.07
C VAL I 28 -5.51 -45.78 8.49
N LYS I 29 -5.40 -46.13 7.21
CA LYS I 29 -6.25 -47.12 6.55
C LYS I 29 -5.53 -48.38 6.04
N LEU I 30 -6.06 -49.55 6.39
CA LEU I 30 -5.39 -50.79 6.00
C LEU I 30 -6.01 -51.50 4.80
N ASN I 31 -5.17 -51.85 3.85
CA ASN I 31 -5.48 -52.77 2.78
C ASN I 31 -4.79 -54.07 3.17
N SER I 32 -5.59 -55.12 3.33
CA SER I 32 -5.12 -56.37 3.93
C SER I 32 -5.20 -57.58 3.01
N ALA I 33 -4.05 -58.22 2.82
CA ALA I 33 -3.91 -59.49 2.14
C ALA I 33 -2.63 -60.16 2.68
N LYS I 34 -2.16 -61.19 2.01
CA LYS I 34 -0.94 -61.87 2.43
C LYS I 34 0.24 -61.01 1.96
N GLY I 35 1.41 -61.25 2.52
CA GLY I 35 2.57 -60.38 2.30
C GLY I 35 3.00 -60.58 0.87
N ASP I 36 3.16 -61.85 0.51
CA ASP I 36 3.68 -62.22 -0.81
C ASP I 36 2.78 -61.71 -1.93
N GLN I 37 1.51 -61.50 -1.62
CA GLN I 37 0.52 -61.05 -2.57
C GLN I 37 0.49 -59.52 -2.62
N LEU I 38 0.60 -58.87 -1.46
CA LEU I 38 0.67 -57.43 -1.42
C LEU I 38 1.97 -56.97 -2.05
N ALA I 39 2.99 -57.82 -1.97
CA ALA I 39 4.27 -57.50 -2.58
C ALA I 39 4.14 -57.50 -4.09
N GLY I 40 3.31 -58.42 -4.59
CA GLY I 40 3.04 -58.45 -6.03
C GLY I 40 2.28 -57.23 -6.54
N GLN I 41 1.17 -56.90 -5.88
CA GLN I 41 0.43 -55.67 -6.18
C GLN I 41 1.40 -54.49 -6.26
N ILE I 42 2.25 -54.31 -5.26
CA ILE I 42 3.17 -53.18 -5.24
C ILE I 42 4.18 -53.10 -6.37
N LYS I 43 4.69 -54.24 -6.83
CA LYS I 43 5.71 -54.23 -7.88
C LYS I 43 5.14 -53.81 -9.22
N GLU I 44 3.83 -54.03 -9.39
CA GLU I 44 3.20 -53.68 -10.66
C GLU I 44 2.65 -52.26 -10.59
N GLU I 45 2.19 -51.87 -9.40
CA GLU I 45 1.62 -50.55 -9.17
C GLU I 45 2.72 -49.50 -9.30
N GLY I 46 3.93 -49.91 -8.93
CA GLY I 46 5.09 -49.05 -9.09
C GLY I 46 4.87 -47.69 -8.46
N SER I 47 5.19 -46.65 -9.22
CA SER I 47 5.00 -45.26 -8.84
C SER I 47 3.54 -44.97 -8.55
N ARG I 48 2.62 -45.68 -9.22
CA ARG I 48 1.21 -45.34 -9.10
C ARG I 48 0.56 -45.87 -7.83
N SER I 49 1.33 -46.58 -7.01
CA SER I 49 0.83 -47.22 -5.81
C SER I 49 0.30 -46.20 -4.76
N PRO I 50 -0.83 -46.52 -4.09
CA PRO I 50 -1.40 -45.69 -3.04
C PRO I 50 -0.70 -46.01 -1.73
N ALA I 51 0.10 -47.08 -1.70
CA ALA I 51 0.71 -47.62 -0.46
C ALA I 51 1.86 -46.82 0.15
N ASP I 52 1.79 -46.54 1.46
CA ASP I 52 2.89 -45.78 2.08
C ASP I 52 3.80 -46.77 2.80
N VAL I 53 3.21 -47.87 3.24
CA VAL I 53 3.84 -48.79 4.19
C VAL I 53 3.47 -50.24 3.85
N PHE I 54 4.50 -51.08 3.84
CA PHE I 54 4.30 -52.52 3.64
C PHE I 54 4.52 -53.25 4.95
N TYR I 55 3.41 -53.66 5.55
CA TYR I 55 3.49 -54.38 6.81
C TYR I 55 3.35 -55.89 6.54
N SER I 56 4.44 -56.64 6.69
CA SER I 56 4.41 -58.02 6.26
C SER I 56 4.73 -59.08 7.29
N GLU I 57 3.94 -60.16 7.28
CA GLU I 57 4.21 -61.36 8.06
C GLU I 57 5.41 -62.12 7.50
N GLN I 58 5.72 -61.92 6.21
CA GLN I 58 6.80 -62.65 5.55
C GLN I 58 8.00 -61.74 5.22
N ILE I 59 9.14 -62.08 5.81
CA ILE I 59 10.37 -61.38 5.47
C ILE I 59 10.75 -61.50 3.98
N PRO I 60 10.59 -62.66 3.35
CA PRO I 60 11.01 -62.79 1.91
C PRO I 60 10.14 -61.88 1.01
N ALA I 61 8.90 -61.61 1.41
CA ALA I 61 8.09 -60.57 0.77
C ALA I 61 8.81 -59.20 0.74
N LEU I 62 9.37 -58.77 1.88
CA LEU I 62 10.29 -57.61 1.97
C LEU I 62 11.55 -57.69 1.13
N ALA I 63 12.16 -58.87 1.16
CA ALA I 63 13.38 -59.12 0.43
C ALA I 63 13.25 -58.86 -1.06
N THR I 64 12.05 -59.12 -1.60
CA THR I 64 11.86 -59.00 -3.05
C THR I 64 11.53 -57.59 -3.46
N LEU I 65 10.79 -56.93 -2.57
CA LEU I 65 10.58 -55.48 -2.69
C LEU I 65 11.91 -54.76 -2.57
N SER I 66 12.83 -55.28 -1.76
CA SER I 66 14.15 -54.67 -1.58
C SER I 66 15.02 -54.86 -2.78
N ALA I 67 15.11 -56.09 -3.29
CA ALA I 67 15.89 -56.37 -4.51
C ALA I 67 15.35 -55.65 -5.75
N ALA I 68 14.07 -55.30 -5.71
CA ALA I 68 13.44 -54.59 -6.81
C ALA I 68 13.53 -53.07 -6.60
N ASN I 69 14.41 -52.64 -5.71
CA ASN I 69 14.61 -51.24 -5.33
C ASN I 69 13.29 -50.48 -5.24
N LEU I 70 12.46 -50.81 -4.25
CA LEU I 70 11.15 -50.18 -4.13
C LEU I 70 10.86 -49.74 -2.69
N LEU I 71 11.89 -49.74 -1.84
CA LEU I 71 11.72 -49.53 -0.39
C LEU I 71 12.53 -48.32 0.11
N GLU I 72 11.83 -47.37 0.75
CA GLU I 72 12.51 -46.22 1.38
C GLU I 72 13.36 -46.64 2.58
N PRO I 73 14.70 -46.42 2.52
CA PRO I 73 15.66 -46.72 3.59
C PRO I 73 15.29 -46.11 4.94
N LEU I 74 15.60 -46.82 6.03
CA LEU I 74 15.21 -46.43 7.39
C LEU I 74 16.42 -45.93 8.17
N PRO I 75 16.22 -45.09 9.20
CA PRO I 75 17.34 -44.70 10.07
C PRO I 75 17.82 -45.88 10.90
N ALA I 76 19.10 -45.89 11.26
CA ALA I 76 19.59 -46.92 12.20
C ALA I 76 18.68 -46.95 13.42
N SER I 77 18.18 -45.78 13.81
CA SER I 77 17.20 -45.62 14.88
C SER I 77 16.07 -46.61 14.85
N THR I 78 15.38 -46.72 13.71
CA THR I 78 14.29 -47.70 13.56
C THR I 78 14.73 -49.16 13.74
N ILE I 79 15.85 -49.48 13.11
CA ILE I 79 16.32 -50.87 13.13
C ILE I 79 17.01 -51.34 14.42
N ASN I 80 17.68 -50.45 15.15
CA ASN I 80 18.39 -50.93 16.33
C ASN I 80 17.45 -51.19 17.50
N GLU I 81 16.19 -50.79 17.35
CA GLU I 81 15.17 -51.08 18.33
C GLU I 81 14.94 -52.58 18.53
N THR I 82 14.97 -53.35 17.44
CA THR I 82 14.71 -54.80 17.53
C THR I 82 15.86 -55.58 16.92
N ARG I 83 17.06 -55.03 17.00
CA ARG I 83 18.16 -55.54 16.22
C ARG I 83 18.91 -56.61 17.02
N GLY I 84 18.19 -57.34 17.87
CA GLY I 84 18.81 -58.34 18.73
C GLY I 84 19.44 -59.52 18.00
N LYS I 85 19.98 -60.45 18.78
CA LYS I 85 20.69 -61.62 18.26
C LYS I 85 19.76 -62.57 17.51
N GLY I 86 20.21 -63.09 16.36
CA GLY I 86 19.37 -64.00 15.57
C GLY I 86 18.23 -63.33 14.83
N VAL I 87 18.17 -62.01 14.93
CA VAL I 87 17.20 -61.21 14.18
C VAL I 87 17.64 -60.94 12.74
N PRO I 88 16.70 -61.06 11.79
CA PRO I 88 16.80 -60.71 10.39
C PRO I 88 17.11 -59.23 10.10
N VAL I 89 18.20 -58.97 9.37
CA VAL I 89 18.59 -57.59 9.09
C VAL I 89 18.72 -57.38 7.59
N ALA I 90 18.07 -56.32 7.12
CA ALA I 90 18.14 -55.94 5.73
C ALA I 90 19.53 -55.43 5.36
N ALA I 91 20.04 -55.90 4.22
CA ALA I 91 21.36 -55.49 3.77
C ALA I 91 21.21 -54.11 3.14
N LYS I 92 20.07 -53.87 2.50
CA LYS I 92 19.78 -52.58 1.92
C LYS I 92 19.28 -51.68 3.06
N LYS I 93 18.96 -52.27 4.21
CA LYS I 93 18.55 -51.52 5.38
C LYS I 93 17.18 -50.85 5.27
N ASP I 94 16.30 -51.33 4.39
CA ASP I 94 15.00 -50.71 4.18
C ASP I 94 13.80 -51.37 4.88
N TRP I 95 14.05 -52.50 5.53
CA TRP I 95 13.00 -53.09 6.33
C TRP I 95 13.49 -53.54 7.70
N VAL I 96 12.56 -53.69 8.64
CA VAL I 96 12.93 -54.06 9.99
C VAL I 96 12.05 -55.20 10.45
N ALA I 97 12.69 -56.20 11.07
CA ALA I 97 11.96 -57.35 11.61
C ALA I 97 11.31 -56.79 12.83
N LEU I 98 10.15 -57.33 13.20
CA LEU I 98 9.35 -56.74 14.28
C LEU I 98 8.94 -57.72 15.38
N SER I 99 8.59 -58.93 14.97
CA SER I 99 8.21 -59.96 15.91
C SER I 99 8.41 -61.37 15.37
N GLY I 100 7.97 -62.35 16.17
CA GLY I 100 8.24 -63.74 15.91
C GLY I 100 7.05 -64.66 16.09
N ARG I 101 6.93 -65.60 15.17
CA ARG I 101 5.87 -66.60 15.12
C ARG I 101 6.66 -67.88 15.45
N SER I 102 6.06 -68.79 16.23
CA SER I 102 6.78 -70.00 16.63
C SER I 102 6.10 -71.34 16.29
N ARG I 103 6.88 -72.25 15.72
CA ARG I 103 6.41 -73.63 15.54
C ARG I 103 6.31 -74.25 16.95
N VAL I 104 5.35 -75.13 17.14
CA VAL I 104 5.13 -75.77 18.43
C VAL I 104 4.50 -77.15 18.24
N VAL I 105 4.55 -77.96 19.30
CA VAL I 105 3.77 -79.18 19.36
C VAL I 105 2.74 -78.95 20.44
N VAL I 106 1.46 -78.95 20.07
CA VAL I 106 0.39 -78.85 21.05
C VAL I 106 -0.07 -80.24 21.45
N TYR I 107 -0.45 -80.39 22.71
CA TYR I 107 -0.74 -81.72 23.26
C TYR I 107 -1.82 -81.70 24.32
N ASP I 108 -2.56 -82.81 24.43
CA ASP I 108 -3.66 -82.91 25.37
C ASP I 108 -3.14 -83.27 26.76
N THR I 109 -3.31 -82.34 27.70
CA THR I 109 -2.90 -82.52 29.08
C THR I 109 -3.92 -83.38 29.81
N ARG I 110 -4.48 -84.32 29.05
CA ARG I 110 -5.43 -85.29 29.62
C ARG I 110 -4.83 -86.65 29.27
N LYS I 111 -3.83 -86.67 28.39
CA LYS I 111 -3.28 -87.92 27.87
C LYS I 111 -1.75 -87.87 27.74
N LEU I 112 -1.12 -86.80 28.22
CA LEU I 112 0.30 -86.56 27.99
C LEU I 112 0.97 -85.52 28.88
N SER I 113 2.30 -85.60 28.99
CA SER I 113 3.14 -84.59 29.62
C SER I 113 4.43 -84.42 28.80
N GLU I 114 5.13 -83.30 28.98
CA GLU I 114 6.28 -83.01 28.13
C GLU I 114 7.39 -84.08 28.15
N LYS I 115 7.39 -84.92 29.18
CA LYS I 115 8.27 -86.10 29.24
C LYS I 115 7.85 -87.30 28.36
N ASP I 116 6.63 -87.23 27.82
CA ASP I 116 6.14 -88.14 26.78
C ASP I 116 6.43 -87.67 25.36
N LEU I 117 6.76 -86.39 25.25
CA LEU I 117 6.94 -85.74 23.96
C LEU I 117 8.34 -85.91 23.45
N GLU I 118 8.55 -85.60 22.17
CA GLU I 118 9.83 -85.91 21.58
C GLU I 118 10.82 -84.78 21.77
N LYS I 119 12.10 -85.14 21.94
CA LYS I 119 13.18 -84.18 22.10
C LYS I 119 13.38 -83.47 20.77
N SER I 120 13.14 -84.16 19.66
CA SER I 120 13.27 -83.59 18.31
C SER I 120 12.00 -83.74 17.49
N VAL I 121 11.74 -82.75 16.63
CA VAL I 121 10.52 -82.80 15.83
C VAL I 121 10.68 -83.93 14.81
N LEU I 122 11.91 -84.23 14.44
CA LEU I 122 12.15 -85.29 13.46
C LEU I 122 12.05 -86.69 14.03
N ASN I 123 11.46 -86.83 15.21
CA ASN I 123 11.18 -88.10 15.87
C ASN I 123 9.69 -88.42 15.74
N TYR I 124 8.92 -87.41 15.33
CA TYR I 124 7.48 -87.62 15.25
C TYR I 124 7.05 -88.45 14.06
N ALA I 125 8.00 -88.83 13.21
CA ALA I 125 7.71 -89.57 11.96
C ALA I 125 8.13 -91.04 12.12
N THR I 126 7.62 -91.63 13.21
CA THR I 126 7.92 -93.02 13.59
C THR I 126 6.66 -93.71 14.13
N PRO I 127 6.66 -95.05 14.17
CA PRO I 127 5.52 -95.80 14.69
C PRO I 127 5.02 -95.33 16.05
N LYS I 128 5.93 -94.97 16.95
CA LYS I 128 5.57 -94.57 18.31
C LYS I 128 4.39 -93.58 18.37
N TRP I 129 4.20 -92.86 17.28
CA TRP I 129 3.14 -91.85 17.28
C TRP I 129 1.93 -92.28 16.45
N LYS I 130 2.20 -93.02 15.36
CA LYS I 130 1.17 -93.37 14.39
C LYS I 130 -0.22 -93.07 14.93
N ASN I 131 -0.92 -92.13 14.29
CA ASN I 131 -2.28 -91.76 14.67
C ASN I 131 -2.39 -91.04 16.03
N ARG I 132 -1.33 -90.31 16.40
CA ARG I 132 -1.38 -89.52 17.62
C ARG I 132 -0.90 -88.10 17.31
N ILE I 133 0.08 -88.00 16.42
CA ILE I 133 0.63 -86.69 16.02
C ILE I 133 -0.04 -86.19 14.74
N GLY I 134 -0.64 -84.99 14.77
CA GLY I 134 -1.17 -84.39 13.55
C GLY I 134 -0.26 -83.40 12.84
N TYR I 135 -0.31 -83.39 11.52
CA TYR I 135 0.29 -82.35 10.68
C TYR I 135 -0.66 -81.56 9.76
N VAL I 136 -0.15 -80.48 9.17
CA VAL I 136 -0.93 -79.63 8.26
C VAL I 136 -0.10 -79.44 6.99
N PRO I 137 -0.16 -80.45 6.10
CA PRO I 137 0.73 -80.54 4.94
C PRO I 137 0.50 -79.38 3.99
N THR I 138 -0.68 -78.78 4.08
CA THR I 138 -1.10 -77.68 3.22
C THR I 138 -0.62 -76.34 3.77
N SER I 139 -0.44 -76.28 5.08
CA SER I 139 0.08 -75.08 5.76
C SER I 139 1.37 -74.63 5.11
N GLY I 140 1.51 -73.33 4.91
CA GLY I 140 2.76 -72.77 4.45
C GLY I 140 3.76 -72.91 5.59
N ALA I 141 3.29 -72.75 6.82
CA ALA I 141 4.18 -72.87 8.00
C ALA I 141 4.83 -74.25 7.99
N PHE I 142 4.11 -75.24 7.47
CA PHE I 142 4.64 -76.59 7.37
C PHE I 142 5.72 -76.56 6.31
N LEU I 143 5.41 -75.96 5.17
CA LEU I 143 6.35 -75.82 4.05
C LEU I 143 7.59 -75.08 4.53
N GLU I 144 7.46 -74.12 5.43
CA GLU I 144 8.66 -73.44 5.91
C GLU I 144 9.42 -74.38 6.84
N GLN I 145 8.70 -75.21 7.60
CA GLN I 145 9.33 -76.15 8.51
C GLN I 145 10.19 -77.15 7.74
N ILE I 146 9.75 -77.53 6.54
CA ILE I 146 10.51 -78.43 5.72
C ILE I 146 11.78 -77.73 5.28
N VAL I 147 11.62 -76.59 4.60
CA VAL I 147 12.74 -75.76 4.18
C VAL I 147 13.89 -75.65 5.20
N ALA I 148 13.49 -75.44 6.45
CA ALA I 148 14.47 -75.21 7.51
C ALA I 148 15.19 -76.51 7.87
N ILE I 149 14.48 -77.63 7.81
CA ILE I 149 15.15 -78.89 8.11
C ILE I 149 16.23 -79.20 7.07
N VAL I 150 15.91 -78.81 5.84
CA VAL I 150 16.86 -78.99 4.76
C VAL I 150 18.06 -78.10 5.00
N LYS I 151 17.79 -76.89 5.45
CA LYS I 151 18.88 -75.97 5.73
C LYS I 151 19.84 -76.48 6.80
N LEU I 152 19.25 -77.00 7.87
CA LEU I 152 19.99 -77.26 9.10
C LEU I 152 20.44 -78.71 9.23
N LYS I 153 19.61 -79.60 8.68
CA LYS I 153 19.84 -81.04 8.84
C LYS I 153 20.36 -81.75 7.58
N GLY I 154 19.99 -81.24 6.41
CA GLY I 154 20.41 -81.86 5.15
C GLY I 154 19.20 -82.35 4.39
N GLU I 155 19.32 -82.41 3.07
CA GLU I 155 18.18 -82.86 2.25
C GLU I 155 17.61 -84.24 2.58
N ALA I 156 18.50 -85.16 2.91
CA ALA I 156 18.13 -86.53 3.26
C ALA I 156 17.17 -86.59 4.44
N ALA I 157 17.56 -85.88 5.50
CA ALA I 157 16.73 -85.77 6.68
C ALA I 157 15.32 -85.26 6.41
N ALA I 158 15.21 -84.34 5.45
CA ALA I 158 13.91 -83.70 5.18
C ALA I 158 12.90 -84.66 4.56
N LEU I 159 13.20 -85.20 3.38
CA LEU I 159 12.37 -86.23 2.77
C LEU I 159 12.17 -87.39 3.74
N LYS I 160 13.27 -87.85 4.35
CA LYS I 160 13.10 -88.82 5.41
C LYS I 160 11.89 -88.49 6.30
N TRP I 161 11.98 -87.37 7.01
CA TRP I 161 10.98 -87.00 8.02
C TRP I 161 9.58 -86.95 7.42
N LEU I 162 9.50 -86.62 6.14
CA LEU I 162 8.21 -86.38 5.48
C LEU I 162 7.44 -87.68 5.20
N LYS I 163 8.14 -88.66 4.64
CA LYS I 163 7.51 -89.95 4.33
C LYS I 163 6.97 -90.51 5.64
N GLY I 164 7.66 -90.17 6.72
CA GLY I 164 7.24 -90.62 8.04
C GLY I 164 5.88 -90.04 8.37
N LEU I 165 5.73 -88.72 8.27
CA LEU I 165 4.48 -88.12 8.64
C LEU I 165 3.34 -88.52 7.69
N LYS I 166 3.68 -88.85 6.44
CA LYS I 166 2.67 -89.36 5.51
C LYS I 166 2.25 -90.70 6.09
N GLU I 167 3.26 -91.58 6.20
CA GLU I 167 3.10 -92.95 6.68
C GLU I 167 2.45 -93.11 8.04
N TYR I 168 2.98 -92.43 9.06
CA TYR I 168 2.53 -92.57 10.45
C TYR I 168 1.65 -91.44 10.98
N GLY I 169 1.57 -90.34 10.24
CA GLY I 169 0.86 -89.12 10.65
C GLY I 169 -0.60 -89.04 10.30
N LYS I 170 -1.30 -88.07 10.88
CA LYS I 170 -2.69 -87.75 10.54
C LYS I 170 -2.90 -86.33 10.00
N PRO I 171 -2.82 -86.16 8.66
CA PRO I 171 -2.88 -84.88 7.99
C PRO I 171 -4.12 -84.05 8.33
N TYR I 172 -3.98 -82.73 8.20
CA TYR I 172 -5.12 -81.85 8.40
C TYR I 172 -4.98 -80.68 7.44
N ALA I 173 -5.95 -79.77 7.48
CA ALA I 173 -6.03 -78.77 6.42
C ALA I 173 -5.83 -77.35 6.92
N LYS I 174 -5.79 -77.19 8.25
CA LYS I 174 -5.63 -75.90 8.88
C LYS I 174 -5.07 -76.08 10.28
N ASN I 175 -4.31 -75.09 10.73
CA ASN I 175 -3.85 -75.10 12.10
C ASN I 175 -4.99 -75.15 13.12
N SER I 176 -6.04 -74.37 12.91
CA SER I 176 -7.10 -74.31 13.91
C SER I 176 -7.91 -75.60 13.97
N VAL I 177 -7.81 -76.38 12.89
CA VAL I 177 -8.57 -77.61 12.77
C VAL I 177 -7.95 -78.57 13.77
N ALA I 178 -6.62 -78.69 13.68
CA ALA I 178 -5.82 -79.51 14.58
C ALA I 178 -6.02 -79.11 16.06
N LEU I 179 -5.97 -77.81 16.30
CA LEU I 179 -6.08 -77.31 17.66
C LEU I 179 -7.30 -77.89 18.36
N GLN I 180 -8.41 -77.94 17.63
CA GLN I 180 -9.63 -78.46 18.25
C GLN I 180 -9.69 -79.98 18.13
N ALA I 181 -9.12 -80.54 17.06
CA ALA I 181 -8.96 -81.99 16.93
C ALA I 181 -8.16 -82.57 18.11
N VAL I 182 -7.53 -81.70 18.90
CA VAL I 182 -6.65 -82.16 19.98
C VAL I 182 -7.17 -81.70 21.34
N GLU I 183 -8.02 -80.68 21.31
CA GLU I 183 -8.63 -80.26 22.54
C GLU I 183 -9.73 -81.28 22.84
N ASN I 184 -10.35 -81.78 21.77
CA ASN I 184 -11.52 -82.66 21.85
C ASN I 184 -11.18 -84.14 22.00
N GLY I 185 -9.90 -84.42 22.21
CA GLY I 185 -9.54 -85.81 22.49
C GLY I 185 -9.46 -86.69 21.26
N GLU I 186 -9.62 -86.09 20.09
CA GLU I 186 -9.62 -86.78 18.80
C GLU I 186 -8.23 -87.27 18.36
N ILE I 187 -7.21 -86.85 19.10
CA ILE I 187 -5.84 -87.23 18.77
C ILE I 187 -4.93 -86.78 19.93
N ASP I 188 -3.67 -87.17 19.93
CA ASP I 188 -2.77 -86.85 21.04
C ASP I 188 -2.08 -85.48 20.98
N ALA I 189 -1.40 -85.19 19.86
CA ALA I 189 -0.71 -83.91 19.67
C ALA I 189 -0.64 -83.51 18.20
N ALA I 190 -0.32 -82.25 17.93
CA ALA I 190 -0.03 -81.79 16.57
C ALA I 190 1.12 -80.79 16.48
N LEU I 191 1.58 -80.58 15.24
CA LEU I 191 2.59 -79.59 14.94
C LEU I 191 1.92 -78.35 14.37
N ILE I 192 1.87 -77.28 15.16
CA ILE I 192 1.29 -76.03 14.66
C ILE I 192 2.11 -74.83 15.11
N ASN I 193 1.48 -73.66 15.17
CA ASN I 193 2.13 -72.41 15.59
C ASN I 193 1.50 -71.93 16.85
N ASN I 194 2.22 -71.11 17.60
CA ASN I 194 1.86 -70.80 18.97
C ASN I 194 0.70 -69.85 19.19
N TYR I 195 0.55 -68.86 18.33
CA TYR I 195 -0.52 -67.86 18.49
C TYR I 195 -1.88 -68.53 18.57
N TYR I 196 -2.09 -69.45 17.65
CA TYR I 196 -3.34 -70.20 17.62
C TYR I 196 -3.75 -70.70 19.00
N TRP I 197 -2.78 -71.20 19.79
CA TRP I 197 -3.11 -71.70 21.12
C TRP I 197 -3.42 -70.56 22.08
N HIS I 198 -2.53 -69.58 22.18
CA HIS I 198 -2.71 -68.52 23.18
C HIS I 198 -4.04 -67.84 22.90
N ALA I 199 -4.31 -67.63 21.62
CA ALA I 199 -5.57 -66.99 21.22
C ALA I 199 -6.70 -67.70 21.93
N PHE I 200 -6.74 -69.00 21.73
CA PHE I 200 -7.74 -69.88 22.30
C PHE I 200 -7.74 -69.79 23.80
N ALA I 201 -6.56 -69.94 24.41
CA ALA I 201 -6.40 -69.96 25.87
C ALA I 201 -6.96 -68.68 26.44
N ARG I 202 -6.42 -67.57 25.94
CA ARG I 202 -6.90 -66.25 26.32
C ARG I 202 -8.42 -66.24 26.18
N GLU I 203 -8.93 -66.90 25.14
CA GLU I 203 -10.38 -66.96 24.88
C GLU I 203 -11.11 -67.81 25.94
N LYS I 204 -11.14 -69.13 25.76
CA LYS I 204 -11.80 -70.09 26.64
C LYS I 204 -11.38 -69.97 28.12
N GLY I 205 -10.32 -69.21 28.40
CA GLY I 205 -9.70 -69.20 29.72
C GLY I 205 -8.80 -70.42 29.81
N VAL I 206 -7.60 -70.21 30.32
CA VAL I 206 -6.58 -71.24 30.38
C VAL I 206 -7.04 -72.51 31.13
N GLN I 207 -7.65 -72.29 32.28
CA GLN I 207 -8.10 -73.39 33.12
C GLN I 207 -8.92 -74.48 32.41
N ASN I 208 -9.70 -74.07 31.41
CA ASN I 208 -10.69 -74.94 30.81
C ASN I 208 -10.18 -75.50 29.50
N VAL I 209 -8.93 -75.18 29.20
CA VAL I 209 -8.26 -75.75 28.03
C VAL I 209 -7.63 -77.12 28.31
N HIS I 210 -7.88 -78.12 27.47
CA HIS I 210 -7.30 -79.45 27.67
C HIS I 210 -5.87 -79.58 27.15
N THR I 211 -5.48 -78.79 26.15
CA THR I 211 -4.19 -78.90 25.52
C THR I 211 -3.17 -77.93 26.12
N ARG I 212 -1.90 -78.21 25.85
CA ARG I 212 -0.83 -77.30 26.23
C ARG I 212 0.26 -77.33 25.16
N LEU I 213 1.28 -76.48 25.28
CA LEU I 213 2.28 -76.34 24.23
C LEU I 213 3.66 -76.83 24.60
N ASN I 214 4.28 -77.57 23.68
CA ASN I 214 5.64 -78.04 23.94
C ASN I 214 6.60 -77.29 23.01
N PHE I 215 7.66 -76.78 23.61
CA PHE I 215 8.73 -76.14 22.86
C PHE I 215 10.00 -77.00 22.87
N VAL I 216 10.43 -77.52 21.73
CA VAL I 216 11.63 -78.33 21.65
C VAL I 216 12.93 -77.63 22.04
N ARG I 217 13.01 -76.34 21.74
CA ARG I 217 14.21 -75.56 22.00
C ARG I 217 15.44 -76.22 21.46
N HIS I 218 16.61 -75.98 22.06
CA HIS I 218 17.88 -76.53 21.62
C HIS I 218 18.26 -76.38 20.14
N ARG I 219 18.01 -75.22 19.54
CA ARG I 219 18.30 -74.99 18.13
C ARG I 219 17.76 -76.08 17.23
N ASP I 220 16.73 -76.81 17.64
CA ASP I 220 16.18 -77.89 16.80
C ASP I 220 15.34 -77.31 15.65
N PRO I 221 15.29 -78.01 14.52
CA PRO I 221 14.45 -77.54 13.43
C PRO I 221 13.02 -77.26 13.86
N GLY I 222 12.56 -77.95 14.90
CA GLY I 222 11.19 -77.84 15.34
C GLY I 222 10.96 -76.65 16.22
N ALA I 223 12.04 -75.88 16.41
CA ALA I 223 11.93 -74.70 17.26
C ALA I 223 11.83 -73.44 16.38
N LEU I 224 11.74 -73.70 15.09
CA LEU I 224 11.84 -72.68 14.04
C LEU I 224 10.90 -71.50 14.27
N VAL I 225 11.48 -70.29 14.23
CA VAL I 225 10.73 -69.04 14.39
C VAL I 225 10.65 -68.25 13.09
N THR I 226 9.45 -67.79 12.74
CA THR I 226 9.29 -67.00 11.51
C THR I 226 8.98 -65.55 11.87
N TYR I 227 9.70 -64.63 11.24
CA TYR I 227 9.68 -63.25 11.70
C TYR I 227 8.82 -62.36 10.85
N SER I 228 8.24 -61.34 11.49
CA SER I 228 7.49 -60.27 10.82
C SER I 228 8.39 -59.06 10.54
N GLY I 229 8.00 -58.22 9.58
CA GLY I 229 8.77 -57.05 9.21
C GLY I 229 7.95 -55.92 8.61
N ALA I 230 8.59 -54.76 8.43
CA ALA I 230 7.92 -53.61 7.80
C ALA I 230 8.92 -52.70 7.08
N ALA I 231 8.43 -52.03 6.04
CA ALA I 231 9.21 -51.03 5.30
C ALA I 231 8.32 -49.93 4.76
N VAL I 232 8.94 -48.82 4.38
CA VAL I 232 8.25 -47.73 3.70
C VAL I 232 8.61 -47.87 2.21
N LEU I 233 7.65 -47.56 1.35
CA LEU I 233 7.88 -47.54 -0.09
C LEU I 233 8.41 -46.18 -0.54
N LYS I 234 9.36 -46.20 -1.46
CA LYS I 234 9.90 -44.98 -2.08
C LYS I 234 8.81 -44.24 -2.85
N SER I 235 7.76 -44.99 -3.24
CA SER I 235 6.65 -44.40 -4.00
C SER I 235 5.80 -43.52 -3.09
N SER I 236 5.74 -43.86 -1.81
CA SER I 236 4.92 -43.17 -0.81
C SER I 236 4.79 -41.67 -1.06
N GLN I 237 3.54 -41.20 -1.01
CA GLN I 237 3.24 -39.77 -1.09
C GLN I 237 2.99 -39.18 0.31
N ASN I 238 3.45 -39.92 1.31
CA ASN I 238 3.35 -39.55 2.72
C ASN I 238 4.54 -40.16 3.43
N LYS I 239 5.74 -39.84 2.95
CA LYS I 239 6.95 -40.49 3.45
C LYS I 239 7.14 -40.25 4.94
N ASP I 240 7.20 -38.97 5.31
CA ASP I 240 7.50 -38.55 6.68
C ASP I 240 6.71 -39.39 7.68
N GLU I 241 5.43 -39.50 7.37
CA GLU I 241 4.43 -40.09 8.28
C GLU I 241 4.55 -41.61 8.24
N ALA I 242 4.96 -42.18 7.12
CA ALA I 242 5.14 -43.63 7.03
C ALA I 242 6.41 -44.01 7.80
N LYS I 243 7.47 -43.20 7.66
CA LYS I 243 8.75 -43.41 8.32
C LYS I 243 8.65 -43.34 9.83
N LYS I 244 7.59 -42.70 10.33
CA LYS I 244 7.36 -42.57 11.77
C LYS I 244 6.59 -43.80 12.22
N PHE I 245 5.53 -44.12 11.51
CA PHE I 245 4.78 -45.32 11.81
C PHE I 245 5.70 -46.54 11.95
N VAL I 246 6.57 -46.75 10.97
CA VAL I 246 7.49 -47.88 11.02
C VAL I 246 8.38 -47.84 12.26
N ALA I 247 8.95 -46.67 12.57
CA ALA I 247 9.65 -46.43 13.83
C ALA I 247 8.76 -46.79 14.99
N PHE I 248 7.48 -46.42 14.88
CA PHE I 248 6.50 -46.62 15.94
C PHE I 248 6.37 -48.12 16.18
N LEU I 249 6.10 -48.85 15.11
CA LEU I 249 6.00 -50.31 15.11
C LEU I 249 7.15 -50.97 15.86
N ALA I 250 8.34 -50.42 15.69
CA ALA I 250 9.51 -51.07 16.24
C ALA I 250 9.74 -50.62 17.68
N GLY I 251 9.01 -49.58 18.09
CA GLY I 251 9.20 -48.95 19.41
C GLY I 251 8.56 -49.71 20.57
N LYS I 252 8.88 -49.31 21.80
CA LYS I 252 8.28 -49.94 22.99
C LYS I 252 6.78 -49.71 22.86
N GLU I 253 6.42 -48.48 22.49
CA GLU I 253 5.01 -48.12 22.29
C GLU I 253 4.24 -49.03 21.32
N GLY I 254 4.82 -49.22 20.16
CA GLY I 254 4.18 -50.06 19.13
C GLY I 254 4.19 -51.53 19.51
N GLN I 255 5.33 -52.02 19.96
CA GLN I 255 5.48 -53.43 20.31
C GLN I 255 4.42 -53.82 21.34
N ARG I 256 4.38 -53.04 22.42
CA ARG I 256 3.42 -53.30 23.50
C ARG I 256 1.99 -53.26 23.00
N ALA I 257 1.75 -52.44 21.99
CA ALA I 257 0.42 -52.41 21.40
C ALA I 257 0.16 -53.72 20.66
N LEU I 258 1.24 -54.28 20.08
CA LEU I 258 1.22 -55.59 19.41
C LEU I 258 1.09 -56.78 20.37
N THR I 259 2.04 -56.86 21.29
CA THR I 259 2.02 -57.88 22.35
C THR I 259 0.73 -57.76 23.17
N ALA I 260 -0.05 -56.72 22.86
CA ALA I 260 -1.28 -56.45 23.58
C ALA I 260 -2.31 -57.53 23.29
N VAL I 261 -2.44 -57.87 22.02
CA VAL I 261 -3.51 -58.75 21.57
C VAL I 261 -3.02 -59.85 20.65
N ARG I 262 -1.72 -59.93 20.43
CA ARG I 262 -1.13 -61.00 19.58
C ARG I 262 -0.05 -61.77 20.32
N ALA I 263 -0.19 -63.09 20.38
CA ALA I 263 0.82 -63.95 21.00
C ALA I 263 2.05 -64.02 20.11
N GLU I 264 2.67 -62.88 19.88
CA GLU I 264 3.90 -62.89 19.11
C GLU I 264 5.11 -62.45 19.94
N TYR I 265 6.25 -63.08 19.68
CA TYR I 265 7.44 -62.76 20.45
C TYR I 265 8.00 -61.44 19.92
N PRO I 266 8.12 -60.45 20.83
CA PRO I 266 8.60 -59.12 20.60
C PRO I 266 10.12 -59.11 20.42
N LEU I 267 10.59 -58.39 19.42
CA LEU I 267 12.02 -58.32 19.18
C LEU I 267 12.64 -57.18 19.97
N ASN I 268 11.77 -56.29 20.44
CA ASN I 268 12.18 -55.17 21.28
C ASN I 268 12.48 -55.73 22.68
N PRO I 269 13.75 -55.80 23.07
CA PRO I 269 14.15 -56.54 24.26
C PRO I 269 13.59 -55.96 25.57
N HIS I 270 12.91 -54.83 25.49
CA HIS I 270 12.37 -54.17 26.67
C HIS I 270 10.91 -54.56 26.90
N VAL I 271 10.22 -55.05 25.86
CA VAL I 271 8.78 -55.28 25.95
C VAL I 271 8.44 -56.59 26.67
N VAL I 272 7.51 -56.51 27.62
CA VAL I 272 6.98 -57.72 28.24
C VAL I 272 5.64 -58.08 27.60
N SER I 273 5.59 -59.24 26.95
CA SER I 273 4.38 -59.73 26.30
C SER I 273 3.27 -59.83 27.33
N THR I 274 2.08 -59.50 26.89
CA THR I 274 0.89 -59.61 27.72
C THR I 274 0.43 -61.07 27.77
N PHE I 275 0.95 -61.90 26.87
CA PHE I 275 0.76 -63.36 26.95
C PHE I 275 1.89 -64.07 27.68
N ASN I 276 1.70 -65.33 28.03
CA ASN I 276 2.74 -66.07 28.73
C ASN I 276 3.87 -66.50 27.77
N LEU I 277 4.52 -65.53 27.13
CA LEU I 277 5.71 -65.83 26.32
C LEU I 277 7.02 -65.55 27.04
N GLU I 278 7.98 -66.46 26.92
CA GLU I 278 9.35 -66.22 27.36
C GLU I 278 10.20 -65.36 26.43
N PRO I 279 11.11 -64.53 26.97
CA PRO I 279 12.08 -63.80 26.13
C PRO I 279 12.56 -64.66 24.96
N ILE I 280 12.75 -64.03 23.80
CA ILE I 280 12.85 -64.80 22.55
C ILE I 280 14.20 -65.51 22.43
N ALA I 281 15.15 -65.05 23.25
CA ALA I 281 16.46 -65.70 23.26
C ALA I 281 16.40 -67.15 23.72
N LYS I 282 15.73 -67.39 24.85
CA LYS I 282 15.74 -68.74 25.40
C LYS I 282 14.73 -69.67 24.74
N LEU I 283 14.17 -69.26 23.60
CA LEU I 283 13.54 -70.23 22.68
C LEU I 283 14.63 -71.00 21.93
N GLU I 284 15.75 -70.35 21.62
CA GLU I 284 16.88 -71.04 21.05
C GLU I 284 16.46 -71.67 19.74
N ALA I 285 15.72 -70.90 18.93
CA ALA I 285 15.37 -71.39 17.59
C ALA I 285 16.63 -71.49 16.73
N PRO I 286 16.62 -72.31 15.67
CA PRO I 286 17.78 -72.37 14.77
C PRO I 286 17.88 -71.09 13.94
N GLN I 287 19.03 -70.45 13.96
CA GLN I 287 19.24 -69.29 13.11
C GLN I 287 19.42 -69.81 11.68
N VAL I 288 18.65 -69.22 10.76
CA VAL I 288 18.67 -69.71 9.40
C VAL I 288 18.40 -68.56 8.43
N SER I 289 18.75 -68.74 7.16
CA SER I 289 18.61 -67.62 6.25
C SER I 289 17.17 -67.47 5.74
N ALA I 290 16.94 -66.39 5.00
CA ALA I 290 15.64 -66.10 4.42
C ALA I 290 15.33 -67.21 3.40
N THR I 291 14.05 -67.51 3.25
CA THR I 291 13.61 -68.52 2.30
C THR I 291 13.54 -67.91 0.89
N THR I 292 14.12 -68.63 -0.06
CA THR I 292 14.13 -68.14 -1.43
C THR I 292 13.10 -68.95 -2.20
N VAL I 293 12.87 -68.55 -3.44
CA VAL I 293 11.86 -69.22 -4.23
C VAL I 293 12.34 -70.62 -4.56
N SER I 294 13.63 -70.75 -4.85
CA SER I 294 14.24 -72.07 -5.12
C SER I 294 14.16 -73.03 -3.94
N GLU I 295 14.18 -72.50 -2.72
CA GLU I 295 14.01 -73.34 -1.55
C GLU I 295 12.56 -73.71 -1.33
N LYS I 296 11.65 -72.79 -1.59
CA LYS I 296 10.23 -73.12 -1.60
C LYS I 296 9.97 -74.18 -2.66
N GLU I 297 10.42 -73.86 -3.88
CA GLU I 297 10.38 -74.77 -5.02
C GLU I 297 10.86 -76.16 -4.58
N HIS I 298 12.16 -76.26 -4.33
CA HIS I 298 12.84 -77.51 -3.95
C HIS I 298 12.19 -78.31 -2.83
N ALA I 299 11.49 -77.60 -1.94
CA ALA I 299 10.74 -78.29 -0.89
C ALA I 299 9.33 -78.76 -1.26
N THR I 300 8.57 -77.88 -1.91
CA THR I 300 7.22 -78.18 -2.41
C THR I 300 7.29 -79.39 -3.34
N ARG I 301 8.50 -79.67 -3.84
CA ARG I 301 8.81 -80.83 -4.68
C ARG I 301 9.37 -81.99 -3.84
N LEU I 302 9.65 -81.72 -2.57
CA LEU I 302 9.84 -82.81 -1.61
C LEU I 302 8.50 -83.32 -1.08
N LEU I 303 7.48 -82.45 -1.11
CA LEU I 303 6.14 -82.91 -0.78
C LEU I 303 5.66 -84.03 -1.69
N GLU I 304 5.69 -83.79 -3.00
CA GLU I 304 5.22 -84.78 -3.97
C GLU I 304 6.01 -86.08 -3.85
N GLN I 305 7.33 -85.91 -4.02
CA GLN I 305 8.32 -86.97 -3.97
C GLN I 305 8.04 -88.00 -2.90
N ALA I 306 7.42 -87.56 -1.81
CA ALA I 306 7.04 -88.41 -0.71
C ALA I 306 5.71 -89.01 -1.10
N GLY I 307 4.64 -88.24 -0.89
CA GLY I 307 3.28 -88.63 -1.25
C GLY I 307 2.28 -87.59 -0.78
N MET I 308 2.82 -86.43 -0.43
CA MET I 308 2.12 -85.35 0.27
C MET I 308 1.35 -84.37 -0.60
N LYS I 309 1.98 -83.93 -1.68
CA LYS I 309 1.39 -83.07 -2.69
C LYS I 309 1.94 -83.57 -4.02
#